data_3VI3
#
_entry.id   3VI3
#
_cell.length_a   92.956
_cell.length_b   102.805
_cell.length_c   125.079
_cell.angle_alpha   76.10
_cell.angle_beta   70.19
_cell.angle_gamma   71.28
#
_symmetry.space_group_name_H-M   'P 1'
#
loop_
_entity.id
_entity.type
_entity.pdbx_description
1 polymer 'Integrin alpha-5'
2 polymer 'Integrin beta-1'
3 polymer 'SG/19 Fab fragment (Light chain)'
4 polymer 'SG/19 Fab fragment (Heavy chain)'
5 branched alpha-D-mannopyranose-(1-3)-alpha-D-mannopyranose-(1-6)-[alpha-D-mannopyranose-(1-3)]beta-D-mannopyranose-(1-4)-2-acetamido-2-deoxy-beta-D-glucopyranose-(1-4)-2-acetamido-2-deoxy-beta-D-glucopyranose
6 branched 2-acetamido-2-deoxy-beta-D-glucopyranose-(1-4)-2-acetamido-2-deoxy-beta-D-glucopyranose
7 non-polymer 'CALCIUM ION'
8 non-polymer 2-acetamido-2-deoxy-beta-D-glucopyranose
9 non-polymer 'MAGNESIUM ION'
#
loop_
_entity_poly.entity_id
_entity_poly.type
_entity_poly.pdbx_seq_one_letter_code
_entity_poly.pdbx_strand_id
1 'polypeptide(L)'
;FNLDAEAPAVLSGPPGSFFGFSVEFYRPGTDGVSVLVGAPKANTSQPGVLQGGAVYLCPWGASPTQCTPIEFDSKGSRLL
ESSLSSSEGEEPVEYKSLQWFGATVRAHGSSILACAPLYSWRTEKEPLSDPVGTCYLSTDNFTRILEYAPCRSDFSWAAG
QGYCQGGFSAEFTKTGRVVLGGPGSYFWQGQILSATQEQIAESYYPEYLINLVQGQLQTRQASSIYDDSYLGYSVAVGEF
SGDDTEDFVAGVPKGNLTYGYVTILNGSDIRSLYNFSGEQMASYFGYAVAATDVNGDGLDDLLVGAPLLMDRTPDGRPQE
VGRVYVYLQHPAGIEPTPTLTLTGHDEFGRFGSSLTPLGDLDQDGYNDVAIGAPFGGETQQGVVFVFPGGPGGLGSKPSQ
VLQPLWAASHTPDFFGSALRGGRDLDGNGYPDLIVGSFGVDKAVVYRGRPIVSASASLTIFPAMFNPEERSCSLEGNPVA
CINLSFCLNASGKHVADSIGFTVELQLDWQKQKGGVRRALFLASRQATLTQTLLIQNGAREDCREMKIYLRNESEFRDKL
SPIHIALNFSLDPQAPVDSHGLRPALHYQSKSRIEDKAQILLDCGEDNICVPDLQLEVFGEQNGGLENLYFQ
;
A,C
2 'polypeptide(L)'
;QTDENRCLKANAKSCGECIQAGPNCGWCTNSTFLQEGMPTSARCDDLEALKKKGCPPDDIENPRGSKDIKKNKNVTNRSK
GTAEKLKPEDIHQIQPQQLVLRLRSGEPQTFTLKFKRAEDYPIDLYYLMDLSYSMKDDLENVKSLGTDLMNEMRRITSDF
RIGFGSFVEKTVMPYISTTPAKLRNPCTSEQNCTTPFSYKNVLSLTNKGEVFNELVGKQRISGNLDSPEGGFDAIMQVAV
CGSLIGWRNVTRLLVFSTDAGFHFAGDGKLGGIVLPNDGQCHLENNMYTMSHYYDYPSIAHLVQKLSENNIQTIFAVTEE
FQPVYKELKNLIPKSAVGTLSANSSNVIQLIIDAYNSLSSEVILENGKLSEGVTISYKSYCKNGVNGTGENGRKCSNISI
GDEVQFEISITSNKCPKKDSDSFKIRPLGFTEEVEVILQYICECEGGLENLYFQ
;
B,D
3 'polypeptide(L)'
;DIVMTQATPSIPVTPGESVSISCRSNKSLLHSNGNTYLYWFLQRPGQSPRLLIFRMSNLASGVPDRFSGSGSGTAFTLRI
SRVEAADVGIYFCLQHLEYPFTFGAGTKLELKRADAAPTVSIFPPSSEQLTSGGASVVCFLNNFYPKDINVKWKIDGSER
QNGVLNSWTDQDSKDSTYSMSSTLTLTKDEYERHNSYTCEATHKTSTSPIVKSFNRNEC
;
L,E
4 'polypeptide(L)'
;QVHLQQSGAELMKPGASVKISCKATGYTFTSYWIEWVKQRPGHGLEWLGEILPGSGYIHYNEKFKGKATFTTDTSSNTAY
MQLSSLTSEDSAVYYCSRALALYAMDYWGQGTSVTVSSAKTTPPSVYPLAPGSAAQTNSMVTLGCLVKGYFPEPVTVTWN
SGSLSSGVHTFPAVLQSDLYTLSSSVTVPSSTWPSETVTCNVAHPASSTKVDKKIVPR
;
H,F
#
# COMPACT_ATOMS: atom_id res chain seq x y z
N PHE A 1 -2.18 -44.87 -42.00
CA PHE A 1 -2.96 -46.15 -41.98
C PHE A 1 -2.06 -47.37 -42.12
N ASN A 2 -0.80 -47.12 -42.45
CA ASN A 2 0.13 -48.18 -42.79
C ASN A 2 1.14 -48.48 -41.69
N LEU A 3 1.02 -47.80 -40.56
CA LEU A 3 1.91 -48.04 -39.43
C LEU A 3 1.64 -49.41 -38.82
N ASP A 4 2.70 -50.20 -38.62
CA ASP A 4 2.54 -51.56 -38.11
C ASP A 4 2.13 -51.56 -36.66
N ALA A 5 0.85 -51.27 -36.44
CA ALA A 5 0.28 -51.22 -35.11
C ALA A 5 0.15 -52.62 -34.53
N GLU A 6 0.26 -53.61 -35.39
CA GLU A 6 0.10 -55.02 -35.03
C GLU A 6 1.18 -55.49 -34.07
N ALA A 7 2.44 -55.26 -34.44
CA ALA A 7 3.57 -55.59 -33.59
C ALA A 7 4.69 -54.54 -33.71
N PRO A 8 4.53 -53.41 -32.98
CA PRO A 8 5.57 -52.39 -32.98
C PRO A 8 6.63 -52.69 -31.93
N ALA A 9 7.73 -51.93 -31.94
CA ALA A 9 8.82 -52.14 -30.98
C ALA A 9 8.59 -51.37 -29.68
N VAL A 10 8.74 -52.07 -28.56
CA VAL A 10 8.48 -51.48 -27.25
C VAL A 10 9.76 -51.39 -26.41
N LEU A 11 10.37 -50.21 -26.47
CA LEU A 11 11.47 -49.85 -25.57
C LEU A 11 10.89 -49.49 -24.21
N SER A 12 11.58 -49.83 -23.13
CA SER A 12 11.08 -49.51 -21.80
C SER A 12 12.19 -49.41 -20.75
N GLY A 13 12.38 -48.20 -20.24
CA GLY A 13 13.37 -47.95 -19.20
C GLY A 13 12.84 -48.17 -17.79
N PRO A 14 13.60 -47.69 -16.78
CA PRO A 14 13.40 -48.08 -15.37
C PRO A 14 12.06 -47.64 -14.80
N PRO A 15 11.53 -48.41 -13.82
CA PRO A 15 10.24 -48.07 -13.23
C PRO A 15 10.26 -46.69 -12.56
N GLY A 16 9.23 -45.90 -12.85
CA GLY A 16 9.04 -44.60 -12.21
C GLY A 16 9.98 -43.49 -12.68
N SER A 17 10.58 -43.65 -13.85
CA SER A 17 11.58 -42.70 -14.33
C SER A 17 10.98 -41.70 -15.31
N PHE A 18 9.76 -41.97 -15.74
CA PHE A 18 9.09 -41.21 -16.81
C PHE A 18 9.84 -41.40 -18.13
N PHE A 19 10.30 -42.63 -18.36
CA PHE A 19 10.90 -43.03 -19.61
C PHE A 19 9.84 -42.86 -20.68
N GLY A 20 10.10 -41.96 -21.63
CA GLY A 20 9.19 -41.69 -22.73
C GLY A 20 8.57 -40.30 -22.68
N PHE A 21 9.13 -39.41 -21.86
CA PHE A 21 8.59 -38.06 -21.72
C PHE A 21 8.82 -37.21 -22.96
N SER A 22 9.90 -37.50 -23.68
CA SER A 22 10.16 -36.88 -24.98
C SER A 22 10.96 -37.86 -25.80
N VAL A 23 10.77 -37.82 -27.11
CA VAL A 23 11.34 -38.84 -27.98
C VAL A 23 11.95 -38.20 -29.20
N GLU A 24 13.07 -38.75 -29.66
CA GLU A 24 13.79 -38.16 -30.79
C GLU A 24 14.52 -39.20 -31.63
N PHE A 25 14.51 -38.97 -32.95
CA PHE A 25 15.36 -39.71 -33.88
C PHE A 25 16.80 -39.22 -33.81
N TYR A 26 17.74 -40.16 -33.75
CA TYR A 26 19.16 -39.82 -33.86
C TYR A 26 19.79 -40.53 -35.05
N ARG A 27 20.62 -39.78 -35.78
CA ARG A 27 21.45 -40.34 -36.85
C ARG A 27 22.80 -39.63 -36.91
N PRO A 28 23.82 -40.17 -36.21
CA PRO A 28 25.17 -39.58 -36.24
C PRO A 28 25.81 -39.70 -37.63
N GLY A 29 25.92 -38.57 -38.32
CA GLY A 29 26.42 -38.56 -39.70
C GLY A 29 25.35 -39.07 -40.64
N THR A 30 25.49 -40.33 -41.07
CA THR A 30 24.49 -40.98 -41.94
C THR A 30 24.23 -42.44 -41.54
N ASP A 31 22.98 -42.69 -41.11
CA ASP A 31 22.47 -44.04 -40.81
C ASP A 31 23.19 -44.88 -39.74
N GLY A 32 23.58 -44.22 -38.65
CA GLY A 32 23.85 -44.90 -37.39
C GLY A 32 22.60 -44.71 -36.53
N VAL A 33 21.45 -45.02 -37.13
CA VAL A 33 20.13 -44.66 -36.59
C VAL A 33 19.83 -45.27 -35.22
N SER A 34 19.35 -44.42 -34.32
CA SER A 34 18.96 -44.84 -32.99
C SER A 34 17.84 -43.93 -32.49
N VAL A 35 17.14 -44.39 -31.46
CA VAL A 35 16.07 -43.62 -30.85
C VAL A 35 16.57 -43.02 -29.54
N LEU A 36 16.33 -41.72 -29.36
CA LEU A 36 16.61 -41.06 -28.09
C LEU A 36 15.34 -40.99 -27.27
N VAL A 37 15.46 -41.31 -25.99
CA VAL A 37 14.35 -41.27 -25.05
C VAL A 37 14.84 -40.57 -23.80
N GLY A 38 14.14 -39.49 -23.42
CA GLY A 38 14.38 -38.81 -22.15
C GLY A 38 13.56 -39.45 -21.05
N ALA A 39 14.11 -39.47 -19.83
CA ALA A 39 13.44 -40.05 -18.67
C ALA A 39 13.85 -39.22 -17.45
N PRO A 40 13.15 -38.09 -17.24
CA PRO A 40 13.66 -37.00 -16.38
C PRO A 40 13.54 -37.23 -14.88
N LYS A 41 12.94 -38.36 -14.48
CA LYS A 41 12.85 -38.71 -13.08
C LYS A 41 13.81 -39.85 -12.73
N ALA A 42 14.59 -40.27 -13.72
CA ALA A 42 15.55 -41.35 -13.58
C ALA A 42 16.68 -41.03 -12.62
N ASN A 43 17.11 -42.06 -11.88
CA ASN A 43 18.29 -41.96 -11.02
C ASN A 43 19.55 -42.10 -11.83
N THR A 44 20.59 -41.37 -11.44
CA THR A 44 21.90 -41.45 -12.07
C THR A 44 22.97 -41.76 -11.02
N SER A 45 24.22 -41.79 -11.46
CA SER A 45 25.33 -42.02 -10.55
C SER A 45 26.13 -40.74 -10.34
N GLN A 46 25.46 -39.59 -10.44
CA GLN A 46 26.08 -38.31 -10.09
C GLN A 46 26.11 -38.21 -8.57
N PRO A 47 27.26 -37.83 -8.01
CA PRO A 47 27.40 -37.60 -6.56
C PRO A 47 26.33 -36.68 -5.98
N GLY A 48 25.57 -37.20 -5.03
CA GLY A 48 24.56 -36.45 -4.26
C GLY A 48 23.47 -35.77 -5.07
N VAL A 49 22.98 -36.46 -6.09
CA VAL A 49 22.00 -35.92 -7.03
C VAL A 49 20.84 -36.90 -7.16
N LEU A 50 19.80 -36.66 -6.36
CA LEU A 50 18.57 -37.45 -6.38
C LEU A 50 17.77 -37.20 -7.67
N GLN A 51 17.43 -38.30 -8.35
CA GLN A 51 16.65 -38.27 -9.59
C GLN A 51 17.02 -37.10 -10.48
N GLY A 52 18.26 -37.09 -10.96
CA GLY A 52 18.72 -35.99 -11.79
C GLY A 52 18.09 -36.00 -13.16
N GLY A 53 17.67 -37.20 -13.60
CA GLY A 53 17.12 -37.37 -14.94
C GLY A 53 18.20 -37.76 -15.94
N ALA A 54 17.83 -38.61 -16.90
CA ALA A 54 18.75 -39.13 -17.89
C ALA A 54 18.13 -39.15 -19.29
N VAL A 55 18.98 -39.23 -20.31
CA VAL A 55 18.52 -39.44 -21.68
C VAL A 55 19.10 -40.76 -22.19
N TYR A 56 18.24 -41.64 -22.68
CA TYR A 56 18.66 -42.97 -23.15
C TYR A 56 18.92 -43.02 -24.63
N LEU A 57 20.03 -43.68 -25.00
CA LEU A 57 20.33 -43.97 -26.41
C LEU A 57 19.97 -45.42 -26.70
N CYS A 58 19.14 -45.61 -27.73
CA CYS A 58 18.66 -46.93 -28.10
C CYS A 58 18.94 -47.13 -29.58
N PRO A 59 20.07 -47.79 -29.90
CA PRO A 59 20.40 -48.04 -31.31
C PRO A 59 19.37 -48.98 -31.92
N TRP A 60 19.20 -48.89 -33.24
CA TRP A 60 18.07 -49.56 -33.87
C TRP A 60 18.17 -51.06 -34.06
N GLY A 61 19.24 -51.54 -34.67
CA GLY A 61 19.46 -52.98 -34.91
C GLY A 61 19.30 -53.84 -33.66
N ALA A 62 18.70 -55.02 -33.82
CA ALA A 62 18.37 -55.92 -32.70
C ALA A 62 19.54 -56.16 -31.76
N SER A 63 19.27 -56.06 -30.45
CA SER A 63 20.33 -56.09 -29.43
C SER A 63 19.90 -56.81 -28.13
N PRO A 64 20.89 -57.35 -27.37
CA PRO A 64 20.62 -57.85 -26.01
C PRO A 64 20.20 -56.74 -25.03
N THR A 65 21.13 -55.87 -24.64
CA THR A 65 20.80 -54.69 -23.81
C THR A 65 20.21 -53.57 -24.68
N GLN A 66 19.08 -53.06 -24.23
CA GLN A 66 18.24 -52.18 -25.02
C GLN A 66 18.82 -50.77 -25.14
N CYS A 67 18.79 -50.03 -24.04
CA CYS A 67 19.16 -48.63 -24.05
C CYS A 67 20.18 -48.31 -22.96
N THR A 68 21.22 -47.60 -23.35
CA THR A 68 22.20 -47.11 -22.38
C THR A 68 22.10 -45.60 -22.22
N PRO A 69 22.06 -45.13 -20.97
CA PRO A 69 22.02 -43.70 -20.66
C PRO A 69 23.25 -42.96 -21.18
N ILE A 70 23.06 -41.93 -21.99
CA ILE A 70 24.17 -41.09 -22.42
C ILE A 70 24.62 -40.19 -21.28
N GLU A 71 25.92 -40.19 -20.99
CA GLU A 71 26.49 -39.30 -19.98
C GLU A 71 26.71 -37.92 -20.60
N PHE A 72 25.87 -36.95 -20.24
CA PHE A 72 26.12 -35.57 -20.62
C PHE A 72 26.90 -34.91 -19.50
N ASP A 73 26.52 -35.25 -18.26
CA ASP A 73 27.13 -34.70 -17.07
C ASP A 73 27.16 -35.76 -15.98
N SER A 74 28.32 -36.35 -15.77
CA SER A 74 28.49 -37.40 -14.76
C SER A 74 28.87 -36.83 -13.40
N LYS A 75 29.09 -35.52 -13.37
CA LYS A 75 29.45 -34.82 -12.15
C LYS A 75 28.23 -34.37 -11.37
N GLY A 76 28.37 -34.32 -10.04
CA GLY A 76 27.33 -33.79 -9.18
C GLY A 76 27.27 -32.28 -9.27
N SER A 77 27.06 -31.63 -8.14
CA SER A 77 26.66 -30.24 -8.11
C SER A 77 27.82 -29.30 -7.80
N ARG A 78 28.31 -28.54 -8.80
CA ARG A 78 29.34 -27.51 -8.58
C ARG A 78 29.14 -26.76 -7.25
N LEU A 79 30.24 -26.49 -6.54
CA LEU A 79 30.17 -25.83 -5.24
C LEU A 79 30.41 -24.32 -5.32
N LEU A 80 29.75 -23.58 -4.44
CA LEU A 80 29.90 -22.13 -4.35
C LEU A 80 31.33 -21.77 -3.97
N GLU A 81 32.02 -21.06 -4.86
CA GLU A 81 33.42 -20.74 -4.67
C GLU A 81 33.62 -19.67 -3.60
N SER A 82 32.81 -18.61 -3.66
CA SER A 82 32.91 -17.45 -2.75
C SER A 82 33.19 -17.85 -1.28
N SER A 83 32.57 -18.94 -0.84
CA SER A 83 32.90 -19.53 0.45
C SER A 83 33.08 -21.04 0.32
N LEU A 84 34.25 -21.44 -0.18
CA LEU A 84 34.60 -22.85 -0.28
C LEU A 84 34.62 -23.52 1.08
N SER A 85 35.24 -22.86 2.05
CA SER A 85 35.11 -23.23 3.46
C SER A 85 35.08 -22.00 4.38
N SER A 86 36.00 -21.07 4.14
CA SER A 86 36.17 -19.82 4.92
C SER A 86 35.91 -19.96 6.44
N SER A 87 34.64 -19.99 6.82
CA SER A 87 34.25 -20.30 8.20
C SER A 87 33.24 -21.46 8.23
N GLU A 88 32.25 -21.38 7.35
CA GLU A 88 31.28 -22.46 7.13
C GLU A 88 31.04 -22.58 5.63
N GLY A 89 31.40 -23.72 5.05
CA GLY A 89 31.37 -23.88 3.60
C GLY A 89 31.18 -25.29 3.07
N GLU A 90 29.97 -25.55 2.56
CA GLU A 90 29.63 -26.80 1.88
C GLU A 90 28.65 -26.50 0.74
N GLU A 91 28.30 -25.22 0.61
CA GLU A 91 27.26 -24.71 -0.31
C GLU A 91 27.38 -25.20 -1.77
N PRO A 92 26.43 -26.05 -2.19
CA PRO A 92 26.33 -26.21 -3.65
C PRO A 92 25.79 -24.91 -4.22
N VAL A 93 26.28 -24.52 -5.41
CA VAL A 93 25.83 -23.29 -6.05
C VAL A 93 24.67 -23.59 -7.02
N GLU A 94 24.46 -24.85 -7.33
CA GLU A 94 23.37 -25.28 -8.22
C GLU A 94 22.65 -26.43 -7.55
N TYR A 95 21.49 -26.79 -8.09
CA TYR A 95 20.69 -27.89 -7.55
C TYR A 95 20.19 -28.76 -8.68
N LYS A 96 20.82 -29.92 -8.81
CA LYS A 96 20.59 -30.80 -9.94
C LYS A 96 19.56 -31.85 -9.61
N SER A 97 19.33 -32.05 -8.32
CA SER A 97 18.31 -33.00 -7.87
C SER A 97 16.94 -32.54 -8.36
N LEU A 98 16.18 -33.50 -8.88
CA LEU A 98 14.80 -33.26 -9.34
C LEU A 98 14.73 -32.17 -10.43
N GLN A 99 15.82 -32.01 -11.17
CA GLN A 99 15.92 -30.98 -12.20
C GLN A 99 15.20 -31.33 -13.48
N TRP A 100 14.72 -32.57 -13.59
CA TRP A 100 13.98 -33.05 -14.77
C TRP A 100 14.77 -33.00 -16.04
N PHE A 101 16.02 -33.43 -15.99
CA PHE A 101 16.86 -33.50 -17.18
C PHE A 101 16.37 -34.60 -18.11
N GLY A 102 16.13 -34.24 -19.36
CA GLY A 102 15.57 -35.18 -20.33
C GLY A 102 14.10 -34.91 -20.62
N ALA A 103 13.55 -33.88 -19.99
CA ALA A 103 12.18 -33.45 -20.26
C ALA A 103 11.98 -33.16 -21.74
N THR A 104 12.95 -32.49 -22.34
CA THR A 104 12.94 -32.30 -23.79
C THR A 104 14.25 -32.80 -24.39
N VAL A 105 14.15 -33.56 -25.48
CA VAL A 105 15.29 -34.11 -26.19
C VAL A 105 15.12 -33.81 -27.68
N ARG A 106 16.13 -33.16 -28.26
CA ARG A 106 16.15 -32.87 -29.69
C ARG A 106 17.48 -33.30 -30.29
N ALA A 107 17.52 -33.44 -31.62
CA ALA A 107 18.73 -33.88 -32.34
C ALA A 107 18.78 -33.32 -33.75
N HIS A 108 19.97 -32.88 -34.16
CA HIS A 108 20.22 -32.45 -35.52
C HIS A 108 21.61 -32.88 -35.88
N GLY A 109 21.70 -33.71 -36.92
CA GLY A 109 22.95 -34.34 -37.31
C GLY A 109 23.53 -35.18 -36.18
N SER A 110 24.78 -34.87 -35.83
CA SER A 110 25.47 -35.56 -34.75
C SER A 110 25.25 -34.85 -33.42
N SER A 111 24.73 -33.63 -33.48
CA SER A 111 24.39 -32.85 -32.28
C SER A 111 23.08 -33.32 -31.65
N ILE A 112 23.09 -33.53 -30.33
CA ILE A 112 21.86 -33.72 -29.58
C ILE A 112 21.75 -32.79 -28.36
N LEU A 113 20.55 -32.26 -28.17
CA LEU A 113 20.26 -31.29 -27.11
C LEU A 113 19.27 -31.86 -26.12
N ALA A 114 19.62 -31.80 -24.85
CA ALA A 114 18.79 -32.34 -23.79
C ALA A 114 18.69 -31.31 -22.69
N CYS A 115 17.48 -31.08 -22.19
CA CYS A 115 17.26 -29.99 -21.25
C CYS A 115 16.67 -30.45 -19.91
N ALA A 116 16.96 -29.66 -18.88
CA ALA A 116 16.41 -29.82 -17.54
C ALA A 116 15.68 -28.53 -17.21
N PRO A 117 14.38 -28.47 -17.51
CA PRO A 117 13.60 -27.27 -17.23
C PRO A 117 13.40 -26.96 -15.73
N LEU A 118 13.63 -27.95 -14.86
CA LEU A 118 13.58 -27.71 -13.40
C LEU A 118 14.95 -27.52 -12.74
N TYR A 119 16.01 -27.36 -13.54
CA TYR A 119 17.32 -27.06 -12.99
C TYR A 119 17.26 -25.71 -12.27
N SER A 120 17.79 -25.66 -11.06
CA SER A 120 17.81 -24.42 -10.29
C SER A 120 19.18 -24.18 -9.65
N TRP A 121 19.53 -22.90 -9.47
CA TRP A 121 20.81 -22.54 -8.83
C TRP A 121 20.69 -21.45 -7.81
N ARG A 122 21.36 -21.66 -6.67
CA ARG A 122 21.61 -20.61 -5.70
C ARG A 122 22.38 -19.56 -6.47
N THR A 123 22.21 -18.29 -6.16
CA THR A 123 23.07 -17.38 -6.87
C THR A 123 24.43 -17.21 -6.17
N GLU A 124 25.40 -16.63 -6.85
CA GLU A 124 26.72 -16.39 -6.26
C GLU A 124 26.68 -15.23 -5.27
N LYS A 125 25.57 -14.49 -5.28
CA LYS A 125 25.35 -13.36 -4.38
C LYS A 125 24.33 -13.77 -3.31
N GLU A 126 23.28 -12.98 -3.10
CA GLU A 126 22.21 -13.34 -2.15
C GLU A 126 21.61 -14.71 -2.51
N PRO A 127 21.27 -15.53 -1.50
CA PRO A 127 20.82 -16.92 -1.80
C PRO A 127 19.42 -16.99 -2.41
N LEU A 128 19.32 -17.63 -3.57
CA LEU A 128 18.02 -17.80 -4.19
C LEU A 128 17.75 -19.27 -4.51
N SER A 129 16.59 -19.53 -5.10
CA SER A 129 16.31 -20.84 -5.70
C SER A 129 15.69 -20.60 -7.08
N ASP A 130 16.54 -20.15 -8.00
CA ASP A 130 16.10 -19.73 -9.32
C ASP A 130 16.09 -20.90 -10.31
N PRO A 131 14.91 -21.35 -10.73
CA PRO A 131 14.84 -22.43 -11.70
C PRO A 131 15.05 -21.85 -13.10
N VAL A 132 16.31 -21.56 -13.40
CA VAL A 132 16.70 -20.97 -14.66
C VAL A 132 16.67 -21.99 -15.80
N GLY A 133 16.71 -23.27 -15.43
CA GLY A 133 16.79 -24.36 -16.39
C GLY A 133 18.14 -24.42 -17.07
N THR A 134 18.45 -25.57 -17.66
CA THR A 134 19.68 -25.73 -18.44
C THR A 134 19.56 -26.83 -19.49
N CYS A 135 20.25 -26.62 -20.61
CA CYS A 135 20.38 -27.65 -21.62
C CYS A 135 21.83 -28.11 -21.71
N TYR A 136 22.01 -29.35 -22.16
CA TYR A 136 23.33 -29.87 -22.51
C TYR A 136 23.37 -30.21 -24.00
N LEU A 137 24.28 -29.56 -24.70
CA LEU A 137 24.56 -29.85 -26.10
C LEU A 137 25.76 -30.78 -26.19
N SER A 138 25.65 -31.85 -26.99
CA SER A 138 26.80 -32.68 -27.29
C SER A 138 27.04 -32.67 -28.80
N THR A 139 28.26 -32.30 -29.22
CA THR A 139 28.58 -32.08 -30.64
C THR A 139 29.47 -33.17 -31.26
N ASP A 140 29.42 -33.25 -32.59
CA ASP A 140 30.19 -34.23 -33.39
C ASP A 140 30.25 -35.59 -32.73
N ASN A 141 29.10 -36.26 -32.69
CA ASN A 141 28.97 -37.57 -32.08
C ASN A 141 29.69 -37.69 -30.74
N PHE A 142 29.24 -36.91 -29.75
CA PHE A 142 29.72 -36.96 -28.35
C PHE A 142 31.19 -36.60 -28.09
N THR A 143 31.89 -36.04 -29.08
CA THR A 143 33.32 -35.73 -28.90
C THR A 143 33.55 -34.50 -28.02
N ARG A 144 32.50 -33.70 -27.85
CA ARG A 144 32.52 -32.47 -27.06
C ARG A 144 31.15 -32.25 -26.45
N ILE A 145 31.11 -31.91 -25.17
CA ILE A 145 29.85 -31.63 -24.47
C ILE A 145 29.77 -30.20 -23.92
N LEU A 146 28.84 -29.42 -24.45
CA LEU A 146 28.62 -28.02 -24.06
C LEU A 146 27.39 -27.84 -23.15
N GLU A 147 27.50 -26.99 -22.13
CA GLU A 147 26.33 -26.60 -21.37
C GLU A 147 25.78 -25.28 -21.92
N TYR A 148 24.46 -25.23 -22.14
CA TYR A 148 23.81 -24.01 -22.59
C TYR A 148 22.63 -23.62 -21.68
N ALA A 149 22.82 -22.53 -20.95
CA ALA A 149 21.84 -22.04 -20.00
C ALA A 149 21.78 -20.51 -20.06
N PRO A 150 21.14 -19.98 -21.10
CA PRO A 150 21.11 -18.52 -21.35
C PRO A 150 20.42 -17.71 -20.26
N CYS A 151 19.46 -18.33 -19.56
CA CYS A 151 18.68 -17.68 -18.52
C CYS A 151 19.41 -17.62 -17.18
N ARG A 152 20.54 -18.30 -17.09
CA ARG A 152 21.40 -18.21 -15.91
C ARG A 152 22.34 -16.99 -16.06
N SER A 153 21.81 -15.81 -15.75
CA SER A 153 22.49 -14.56 -16.07
C SER A 153 22.67 -13.63 -14.88
N ASP A 154 22.94 -12.36 -15.17
CA ASP A 154 23.08 -11.33 -14.14
C ASP A 154 21.74 -10.72 -13.74
N PHE A 155 20.66 -11.27 -14.26
CA PHE A 155 19.30 -10.83 -13.90
C PHE A 155 18.58 -11.98 -13.22
N SER A 156 18.53 -11.92 -11.90
CA SER A 156 18.33 -13.12 -11.13
C SER A 156 17.18 -13.11 -10.12
N TRP A 157 15.95 -13.15 -10.61
CA TRP A 157 14.78 -13.43 -9.77
C TRP A 157 13.61 -13.52 -10.70
N ALA A 158 12.44 -13.91 -10.19
CA ALA A 158 11.23 -13.86 -10.98
C ALA A 158 11.17 -12.59 -11.84
N ALA A 159 11.69 -11.49 -11.30
CA ALA A 159 11.66 -10.18 -11.96
C ALA A 159 12.52 -10.11 -13.21
N GLY A 160 13.57 -10.92 -13.25
CA GLY A 160 14.43 -11.05 -14.43
C GLY A 160 14.27 -12.44 -15.01
N GLN A 161 15.38 -13.15 -15.15
CA GLN A 161 15.37 -14.47 -15.80
C GLN A 161 15.40 -15.63 -14.80
N GLY A 162 15.49 -15.28 -13.52
CA GLY A 162 15.61 -16.26 -12.46
C GLY A 162 14.70 -17.48 -12.57
N TYR A 163 13.46 -17.25 -12.99
CA TYR A 163 12.46 -18.31 -12.99
C TYR A 163 12.09 -18.79 -14.40
N CYS A 164 12.97 -18.47 -15.34
CA CYS A 164 12.79 -18.69 -16.76
C CYS A 164 12.53 -20.14 -17.19
N GLN A 165 13.20 -21.09 -16.56
CA GLN A 165 13.14 -22.51 -16.95
C GLN A 165 13.40 -22.74 -18.45
N GLY A 166 14.48 -22.14 -18.96
CA GLY A 166 14.84 -22.26 -20.36
C GLY A 166 15.17 -23.69 -20.75
N GLY A 167 14.42 -24.24 -21.69
CA GLY A 167 14.57 -25.63 -22.07
C GLY A 167 13.25 -26.34 -22.01
N PHE A 168 12.29 -25.73 -21.31
CA PHE A 168 10.94 -26.25 -21.17
C PHE A 168 10.40 -26.74 -22.52
N SER A 169 10.70 -25.99 -23.57
CA SER A 169 10.57 -26.51 -24.91
C SER A 169 11.80 -26.09 -25.69
N ALA A 170 12.11 -26.81 -26.75
CA ALA A 170 13.33 -26.60 -27.52
C ALA A 170 13.22 -27.30 -28.86
N GLU A 171 13.89 -26.75 -29.87
CA GLU A 171 14.05 -27.42 -31.15
C GLU A 171 15.22 -26.87 -31.96
N PHE A 172 15.76 -27.73 -32.83
CA PHE A 172 16.83 -27.39 -33.77
C PHE A 172 16.21 -26.85 -35.01
N THR A 173 16.91 -25.93 -35.68
CA THR A 173 16.51 -25.51 -37.02
C THR A 173 17.15 -26.45 -38.04
N LYS A 174 16.89 -26.20 -39.33
CA LYS A 174 17.51 -26.99 -40.41
C LYS A 174 19.04 -26.80 -40.49
N THR A 175 19.54 -25.69 -39.94
CA THR A 175 20.97 -25.44 -39.89
C THR A 175 21.60 -25.83 -38.55
N GLY A 176 20.81 -26.38 -37.63
CA GLY A 176 21.35 -26.81 -36.34
C GLY A 176 21.34 -25.74 -35.27
N ARG A 177 20.69 -24.60 -35.56
CA ARG A 177 20.48 -23.54 -34.58
C ARG A 177 19.62 -24.03 -33.41
N VAL A 178 20.02 -23.63 -32.21
CA VAL A 178 19.30 -24.00 -30.99
C VAL A 178 18.22 -22.95 -30.70
N VAL A 179 16.98 -23.42 -30.57
CA VAL A 179 15.83 -22.58 -30.23
C VAL A 179 15.27 -23.01 -28.87
N LEU A 180 15.17 -22.05 -27.95
CA LEU A 180 14.84 -22.38 -26.57
C LEU A 180 13.56 -21.70 -26.09
N GLY A 181 12.73 -22.47 -25.39
CA GLY A 181 11.55 -21.95 -24.74
C GLY A 181 11.80 -21.76 -23.25
N GLY A 182 11.51 -20.57 -22.75
CA GLY A 182 11.57 -20.27 -21.32
C GLY A 182 10.32 -19.55 -20.86
N PRO A 183 9.32 -20.31 -20.37
CA PRO A 183 8.01 -19.74 -20.01
C PRO A 183 8.00 -18.76 -18.83
N GLY A 184 9.02 -18.80 -17.97
CA GLY A 184 9.01 -18.05 -16.71
C GLY A 184 9.72 -16.70 -16.66
N SER A 185 10.28 -16.26 -17.77
CA SER A 185 11.07 -15.02 -17.78
C SER A 185 10.23 -13.77 -17.53
N TYR A 186 10.82 -12.83 -16.78
CA TYR A 186 10.21 -11.53 -16.45
C TYR A 186 8.78 -11.68 -15.90
N PHE A 187 8.69 -12.34 -14.75
CA PHE A 187 7.39 -12.68 -14.14
C PHE A 187 6.50 -13.42 -15.13
N TRP A 188 7.03 -14.51 -15.68
CA TRP A 188 6.26 -15.40 -16.55
C TRP A 188 5.71 -14.77 -17.81
N GLN A 189 6.31 -13.66 -18.25
CA GLN A 189 6.01 -13.11 -19.57
C GLN A 189 6.31 -14.17 -20.62
N GLY A 190 7.43 -14.86 -20.41
CA GLY A 190 7.90 -15.87 -21.35
C GLY A 190 9.01 -15.36 -22.23
N GLN A 191 9.85 -16.27 -22.72
CA GLN A 191 11.01 -15.88 -23.52
C GLN A 191 11.45 -16.98 -24.48
N ILE A 192 11.75 -16.55 -25.71
CA ILE A 192 12.44 -17.37 -26.70
C ILE A 192 13.90 -16.92 -26.78
N LEU A 193 14.82 -17.84 -26.51
CA LEU A 193 16.26 -17.59 -26.61
C LEU A 193 16.87 -18.51 -27.66
N SER A 194 17.68 -17.95 -28.55
CA SER A 194 18.32 -18.73 -29.61
C SER A 194 19.76 -18.32 -29.89
N ALA A 195 20.57 -19.32 -30.26
CA ALA A 195 21.98 -19.12 -30.59
C ALA A 195 22.50 -20.26 -31.44
N THR A 196 23.47 -19.96 -32.30
CA THR A 196 24.09 -20.98 -33.14
C THR A 196 25.03 -21.82 -32.29
N GLN A 197 25.21 -23.07 -32.70
CA GLN A 197 26.05 -24.02 -31.97
C GLN A 197 27.44 -23.46 -31.75
N GLU A 198 28.01 -22.86 -32.80
CA GLU A 198 29.34 -22.26 -32.73
C GLU A 198 29.44 -21.19 -31.64
N GLN A 199 28.44 -20.30 -31.59
CA GLN A 199 28.34 -19.28 -30.54
C GLN A 199 28.36 -19.89 -29.14
N ILE A 200 27.58 -20.93 -28.91
CA ILE A 200 27.56 -21.63 -27.63
C ILE A 200 28.96 -22.15 -27.26
N ALA A 201 29.59 -22.85 -28.20
CA ALA A 201 30.95 -23.35 -28.02
C ALA A 201 32.00 -22.23 -27.89
N GLU A 202 31.81 -21.12 -28.62
CA GLU A 202 32.68 -19.94 -28.48
C GLU A 202 32.65 -19.45 -27.07
N SER A 203 31.52 -19.66 -26.41
CA SER A 203 31.18 -18.93 -25.21
C SER A 203 31.07 -19.82 -23.96
N TYR A 204 31.25 -21.13 -24.14
CA TYR A 204 31.19 -22.09 -23.02
C TYR A 204 32.45 -22.08 -22.17
N TYR A 205 32.35 -21.54 -20.97
CA TYR A 205 33.44 -21.52 -19.99
C TYR A 205 32.89 -21.93 -18.64
N PRO A 206 32.89 -23.26 -18.37
CA PRO A 206 32.17 -23.87 -17.25
C PRO A 206 32.76 -23.55 -15.89
N GLU A 207 33.89 -22.85 -15.84
CA GLU A 207 34.47 -22.41 -14.59
C GLU A 207 33.74 -21.21 -14.02
N TYR A 208 32.86 -20.63 -14.84
CA TYR A 208 31.98 -19.56 -14.41
C TYR A 208 30.56 -19.92 -14.81
N LEU A 209 29.62 -19.79 -13.89
CA LEU A 209 28.26 -20.20 -14.17
C LEU A 209 27.53 -19.30 -15.17
N ILE A 210 27.88 -18.03 -15.20
CA ILE A 210 27.29 -17.12 -16.16
C ILE A 210 28.15 -17.00 -17.43
N ASN A 211 27.65 -17.55 -18.55
CA ASN A 211 28.33 -17.46 -19.85
C ASN A 211 27.54 -16.65 -20.88
N LEU A 212 27.71 -15.32 -20.88
CA LEU A 212 27.06 -14.49 -21.90
C LEU A 212 27.43 -14.93 -23.32
N VAL A 213 26.47 -15.55 -23.99
CA VAL A 213 26.63 -15.98 -25.38
C VAL A 213 26.58 -14.74 -26.29
N GLN A 214 27.63 -14.57 -27.09
CA GLN A 214 27.70 -13.42 -28.00
C GLN A 214 26.82 -13.64 -29.24
N GLY A 215 26.05 -12.62 -29.61
CA GLY A 215 25.18 -12.67 -30.78
C GLY A 215 23.98 -13.55 -30.59
N GLN A 216 23.61 -13.75 -29.32
CA GLN A 216 22.47 -14.60 -28.97
C GLN A 216 21.19 -13.83 -29.22
N LEU A 217 20.12 -14.56 -29.52
CA LEU A 217 18.84 -13.95 -29.82
C LEU A 217 17.84 -14.14 -28.69
N GLN A 218 16.96 -13.16 -28.53
CA GLN A 218 16.17 -13.00 -27.32
C GLN A 218 14.94 -12.14 -27.54
N THR A 219 13.79 -12.63 -27.07
CA THR A 219 12.62 -11.78 -26.92
C THR A 219 12.86 -10.84 -25.73
N ARG A 220 12.30 -9.63 -25.81
CA ARG A 220 12.63 -8.55 -24.89
C ARG A 220 11.57 -8.39 -23.79
N GLN A 221 12.00 -7.99 -22.60
CA GLN A 221 11.11 -7.70 -21.48
C GLN A 221 10.10 -6.58 -21.79
N ALA A 222 8.82 -6.91 -21.64
CA ALA A 222 7.73 -5.99 -21.92
C ALA A 222 7.19 -5.36 -20.62
N SER A 223 6.22 -4.46 -20.74
CA SER A 223 5.58 -3.89 -19.54
C SER A 223 4.81 -4.98 -18.80
N SER A 224 4.56 -4.77 -17.51
CA SER A 224 4.05 -5.83 -16.65
C SER A 224 2.62 -6.29 -16.98
N ILE A 225 1.99 -5.63 -17.95
CA ILE A 225 0.65 -6.03 -18.38
C ILE A 225 0.70 -7.31 -19.21
N TYR A 226 1.90 -7.89 -19.30
CA TYR A 226 2.16 -9.09 -20.10
C TYR A 226 2.63 -10.22 -19.21
N ASP A 227 2.75 -9.96 -17.91
CA ASP A 227 3.09 -10.99 -16.92
C ASP A 227 2.16 -12.19 -17.00
N ASP A 228 2.65 -13.35 -16.61
CA ASP A 228 1.88 -14.62 -16.64
C ASP A 228 1.28 -14.92 -18.01
N SER A 229 2.12 -14.90 -19.04
CA SER A 229 1.72 -15.25 -20.39
C SER A 229 2.25 -16.60 -20.85
N TYR A 230 3.35 -17.05 -20.25
CA TYR A 230 3.99 -18.35 -20.57
C TYR A 230 4.51 -18.44 -22.01
N LEU A 231 5.03 -17.34 -22.55
CA LEU A 231 5.63 -17.38 -23.88
C LEU A 231 6.74 -18.40 -23.90
N GLY A 232 6.65 -19.35 -24.83
CA GLY A 232 7.68 -20.36 -24.95
C GLY A 232 7.28 -21.63 -24.25
N TYR A 233 5.98 -21.80 -24.01
CA TYR A 233 5.49 -23.06 -23.44
C TYR A 233 5.77 -24.19 -24.45
N SER A 234 5.68 -23.86 -25.73
CA SER A 234 6.02 -24.79 -26.79
C SER A 234 6.74 -24.03 -27.92
N VAL A 235 7.58 -24.72 -28.70
CA VAL A 235 8.15 -24.16 -29.94
C VAL A 235 8.13 -25.10 -31.13
N ALA A 236 8.08 -24.51 -32.32
CA ALA A 236 8.25 -25.22 -33.55
C ALA A 236 9.06 -24.33 -34.49
N VAL A 237 9.56 -24.90 -35.58
CA VAL A 237 10.30 -24.12 -36.56
C VAL A 237 9.67 -24.27 -37.94
N GLY A 238 9.78 -23.25 -38.78
CA GLY A 238 9.26 -23.31 -40.14
C GLY A 238 9.49 -22.00 -40.89
N GLU A 239 9.39 -22.05 -42.22
CA GLU A 239 9.56 -20.83 -43.01
C GLU A 239 8.23 -20.12 -43.19
N PHE A 240 8.17 -18.88 -42.68
CA PHE A 240 6.93 -18.11 -42.66
C PHE A 240 7.12 -16.70 -43.17
N SER A 241 8.38 -16.26 -43.22
CA SER A 241 8.77 -15.04 -43.91
C SER A 241 9.32 -15.40 -45.28
N GLY A 242 9.54 -14.41 -46.13
CA GLY A 242 10.03 -14.65 -47.50
C GLY A 242 11.29 -15.47 -47.66
N ASP A 243 12.25 -15.26 -46.76
CA ASP A 243 13.64 -15.73 -46.92
C ASP A 243 13.86 -17.23 -46.72
N ASP A 244 15.08 -17.59 -46.33
CA ASP A 244 15.50 -18.97 -46.24
C ASP A 244 15.96 -19.37 -44.83
N THR A 245 16.03 -18.39 -43.93
CA THR A 245 16.34 -18.68 -42.53
C THR A 245 15.04 -19.03 -41.79
N GLU A 246 14.99 -20.24 -41.22
CA GLU A 246 13.77 -20.74 -40.55
C GLU A 246 13.29 -19.83 -39.41
N ASP A 247 11.97 -19.78 -39.23
CA ASP A 247 11.34 -18.88 -38.27
C ASP A 247 10.80 -19.62 -37.03
N PHE A 248 10.49 -18.86 -35.96
CA PHE A 248 10.15 -19.46 -34.66
C PHE A 248 8.68 -19.41 -34.28
N VAL A 249 8.11 -20.57 -34.04
CA VAL A 249 6.72 -20.69 -33.61
C VAL A 249 6.70 -20.92 -32.12
N ALA A 250 5.96 -20.08 -31.39
CA ALA A 250 6.00 -20.13 -29.94
C ALA A 250 4.62 -20.09 -29.31
N GLY A 251 4.39 -20.96 -28.33
CA GLY A 251 3.14 -20.96 -27.60
C GLY A 251 3.11 -19.80 -26.62
N VAL A 252 1.97 -19.13 -26.52
CA VAL A 252 1.75 -18.13 -25.47
C VAL A 252 0.38 -18.44 -24.87
N PRO A 253 0.27 -19.53 -24.09
CA PRO A 253 -1.03 -20.10 -23.75
C PRO A 253 -1.88 -19.29 -22.75
N LYS A 254 -1.24 -18.48 -21.91
CA LYS A 254 -1.95 -17.66 -20.94
C LYS A 254 -1.95 -16.18 -21.35
N GLY A 255 -1.73 -15.91 -22.63
CA GLY A 255 -1.27 -14.60 -23.10
C GLY A 255 -2.25 -13.43 -23.14
N ASN A 256 -3.45 -13.66 -23.68
CA ASN A 256 -4.40 -12.58 -23.93
C ASN A 256 -5.65 -12.76 -23.07
N LEU A 257 -5.54 -12.32 -21.83
CA LEU A 257 -6.52 -12.62 -20.78
C LEU A 257 -6.88 -14.10 -20.84
N THR A 258 -5.84 -14.94 -20.92
CA THR A 258 -5.92 -16.41 -20.86
C THR A 258 -6.63 -17.16 -21.99
N TYR A 259 -7.24 -16.45 -22.93
CA TYR A 259 -7.40 -16.97 -24.29
C TYR A 259 -5.95 -16.95 -24.73
N GLY A 260 -5.47 -18.01 -25.36
CA GLY A 260 -4.04 -18.04 -25.69
C GLY A 260 -3.69 -17.23 -26.92
N TYR A 261 -2.42 -17.20 -27.28
CA TYR A 261 -2.05 -16.91 -28.65
C TYR A 261 -0.78 -17.65 -29.08
N VAL A 262 -0.55 -17.66 -30.39
CA VAL A 262 0.66 -18.24 -30.94
C VAL A 262 1.34 -17.14 -31.70
N THR A 263 2.62 -16.94 -31.40
CA THR A 263 3.39 -15.94 -32.09
C THR A 263 4.34 -16.63 -33.06
N ILE A 264 4.66 -15.97 -34.16
CA ILE A 264 5.73 -16.40 -35.04
C ILE A 264 6.76 -15.27 -35.13
N LEU A 265 8.00 -15.59 -34.78
CA LEU A 265 9.08 -14.62 -34.75
C LEU A 265 9.97 -14.77 -35.98
N ASN A 266 10.66 -13.69 -36.35
CA ASN A 266 11.55 -13.69 -37.52
C ASN A 266 12.87 -14.36 -37.20
N GLY A 267 13.16 -15.47 -37.87
CA GLY A 267 14.39 -16.26 -37.67
C GLY A 267 15.71 -15.52 -37.59
N SER A 268 15.86 -14.43 -38.36
CA SER A 268 17.13 -13.71 -38.40
C SER A 268 17.29 -12.74 -37.22
N ASP A 269 16.22 -12.05 -36.85
CA ASP A 269 16.23 -11.18 -35.68
C ASP A 269 14.91 -11.33 -34.92
N ILE A 270 14.95 -12.04 -33.78
CA ILE A 270 13.71 -12.31 -33.03
C ILE A 270 12.84 -11.06 -33.07
N ARG A 271 11.75 -11.16 -33.82
CA ARG A 271 10.83 -10.05 -34.02
C ARG A 271 9.49 -10.56 -34.49
N SER A 272 8.46 -9.95 -33.96
CA SER A 272 7.10 -10.43 -34.12
C SER A 272 6.63 -10.24 -35.57
N LEU A 273 6.23 -11.35 -36.19
CA LEU A 273 5.72 -11.31 -37.54
C LEU A 273 4.23 -11.60 -37.53
N TYR A 274 3.84 -12.65 -36.83
CA TYR A 274 2.44 -13.06 -36.74
C TYR A 274 1.97 -13.32 -35.32
N ASN A 275 0.66 -13.15 -35.12
CA ASN A 275 -0.03 -13.60 -33.93
C ASN A 275 -1.33 -14.26 -34.34
N PHE A 276 -1.74 -15.28 -33.59
CA PHE A 276 -3.02 -15.94 -33.83
C PHE A 276 -3.67 -16.19 -32.47
N SER A 277 -4.85 -15.60 -32.25
CA SER A 277 -5.48 -15.72 -30.95
C SER A 277 -6.26 -17.04 -30.79
N GLY A 278 -6.41 -17.49 -29.54
CA GLY A 278 -7.26 -18.65 -29.22
C GLY A 278 -8.72 -18.27 -29.33
N GLU A 279 -9.62 -19.20 -29.00
CA GLU A 279 -11.06 -18.93 -29.16
C GLU A 279 -11.88 -19.00 -27.87
N GLN A 280 -11.26 -19.48 -26.79
CA GLN A 280 -11.97 -19.77 -25.55
C GLN A 280 -11.02 -19.56 -24.38
N MET A 281 -11.52 -18.95 -23.31
CA MET A 281 -10.69 -18.73 -22.13
C MET A 281 -10.24 -20.05 -21.51
N ALA A 282 -8.97 -20.08 -21.09
CA ALA A 282 -8.33 -21.23 -20.42
C ALA A 282 -8.36 -22.58 -21.15
N SER A 283 -8.87 -22.56 -22.37
CA SER A 283 -8.50 -23.52 -23.40
C SER A 283 -7.03 -23.25 -23.54
N TYR A 284 -6.22 -24.28 -23.68
CA TYR A 284 -4.80 -24.03 -23.56
C TYR A 284 -4.11 -23.74 -24.91
N PHE A 285 -4.73 -22.88 -25.72
CA PHE A 285 -4.23 -22.56 -27.07
C PHE A 285 -2.72 -22.33 -27.07
N GLY A 286 -1.99 -23.20 -27.74
CA GLY A 286 -0.55 -23.05 -27.85
C GLY A 286 0.18 -23.91 -26.84
N TYR A 287 -0.53 -24.92 -26.32
CA TYR A 287 0.04 -25.91 -25.43
C TYR A 287 1.08 -26.71 -26.21
N ALA A 288 0.75 -26.98 -27.47
CA ALA A 288 1.65 -27.61 -28.41
C ALA A 288 1.50 -26.91 -29.77
N VAL A 289 2.62 -26.71 -30.45
CA VAL A 289 2.65 -26.11 -31.78
C VAL A 289 3.53 -26.95 -32.69
N ALA A 290 3.17 -27.04 -33.96
CA ALA A 290 3.96 -27.75 -34.95
C ALA A 290 3.87 -27.00 -36.27
N ALA A 291 4.86 -27.18 -37.13
CA ALA A 291 4.89 -26.50 -38.42
C ALA A 291 5.33 -27.43 -39.55
N THR A 292 4.40 -27.71 -40.45
CA THR A 292 4.65 -28.59 -41.59
C THR A 292 3.83 -28.18 -42.81
N ASP A 293 4.30 -28.55 -44.01
CA ASP A 293 3.53 -28.31 -45.22
C ASP A 293 2.58 -29.49 -45.43
N VAL A 294 1.29 -29.20 -45.27
CA VAL A 294 0.24 -30.21 -45.23
C VAL A 294 -0.41 -30.46 -46.59
N ASN A 295 -0.43 -29.44 -47.44
CA ASN A 295 -1.11 -29.48 -48.74
C ASN A 295 -0.18 -29.50 -49.97
N GLY A 296 1.06 -29.93 -49.77
CA GLY A 296 2.01 -30.15 -50.87
C GLY A 296 2.34 -28.98 -51.80
N ASP A 297 1.86 -27.79 -51.47
CA ASP A 297 2.17 -26.59 -52.26
C ASP A 297 3.47 -25.93 -51.79
N GLY A 298 4.32 -26.70 -51.12
CA GLY A 298 5.64 -26.24 -50.73
C GLY A 298 5.73 -25.36 -49.49
N LEU A 299 4.70 -24.57 -49.23
CA LEU A 299 4.68 -23.62 -48.10
C LEU A 299 4.29 -24.25 -46.75
N ASP A 300 5.08 -23.94 -45.72
CA ASP A 300 4.88 -24.49 -44.37
C ASP A 300 3.58 -23.98 -43.74
N ASP A 301 2.74 -24.90 -43.30
CA ASP A 301 1.49 -24.56 -42.64
C ASP A 301 1.65 -24.68 -41.12
N LEU A 302 0.75 -24.06 -40.37
CA LEU A 302 0.87 -23.98 -38.92
C LEU A 302 -0.21 -24.78 -38.23
N LEU A 303 0.18 -25.52 -37.19
CA LEU A 303 -0.76 -26.34 -36.43
C LEU A 303 -0.65 -25.98 -34.96
N VAL A 304 -1.77 -25.65 -34.34
CA VAL A 304 -1.78 -25.25 -32.93
C VAL A 304 -2.79 -26.06 -32.14
N GLY A 305 -2.32 -26.67 -31.04
CA GLY A 305 -3.16 -27.47 -30.17
C GLY A 305 -3.71 -26.66 -29.03
N ALA A 306 -4.90 -27.04 -28.56
CA ALA A 306 -5.54 -26.37 -27.44
C ALA A 306 -6.36 -27.43 -26.75
N PRO A 307 -5.70 -28.23 -25.89
CA PRO A 307 -6.25 -29.50 -25.40
C PRO A 307 -7.37 -29.36 -24.39
N LEU A 308 -7.50 -28.18 -23.78
CA LEU A 308 -8.47 -27.99 -22.69
C LEU A 308 -9.79 -27.41 -23.16
N LEU A 309 -9.97 -27.35 -24.47
CA LEU A 309 -11.14 -26.72 -25.07
C LEU A 309 -12.44 -27.44 -24.73
N MET A 310 -13.41 -26.67 -24.23
CA MET A 310 -14.78 -27.12 -24.00
C MET A 310 -15.66 -26.88 -25.21
N ASP A 311 -16.53 -27.85 -25.50
CA ASP A 311 -17.60 -27.65 -26.46
C ASP A 311 -18.92 -28.17 -25.88
N ARG A 312 -20.01 -27.97 -26.60
CA ARG A 312 -21.31 -28.37 -26.14
C ARG A 312 -21.78 -29.55 -26.97
N THR A 313 -22.22 -30.62 -26.32
CA THR A 313 -22.81 -31.75 -27.04
C THR A 313 -24.01 -31.23 -27.85
N PRO A 314 -24.52 -32.02 -28.82
CA PRO A 314 -25.75 -31.59 -29.47
C PRO A 314 -26.86 -31.41 -28.43
N ASP A 315 -26.84 -32.31 -27.44
CA ASP A 315 -27.75 -32.26 -26.29
C ASP A 315 -27.28 -31.30 -25.20
N GLY A 316 -26.42 -30.35 -25.56
CA GLY A 316 -26.11 -29.20 -24.71
C GLY A 316 -25.22 -29.36 -23.50
N ARG A 317 -24.79 -30.58 -23.20
CA ARG A 317 -23.90 -30.82 -22.06
C ARG A 317 -22.49 -30.34 -22.39
N PRO A 318 -21.90 -29.51 -21.52
CA PRO A 318 -20.51 -29.10 -21.71
C PRO A 318 -19.55 -30.28 -21.48
N GLN A 319 -18.39 -30.23 -22.15
CA GLN A 319 -17.35 -31.27 -22.03
C GLN A 319 -15.98 -30.79 -22.52
N GLU A 320 -14.95 -31.26 -21.82
CA GLU A 320 -13.57 -30.97 -22.17
C GLU A 320 -13.12 -31.98 -23.22
N VAL A 321 -12.72 -31.49 -24.40
CA VAL A 321 -12.36 -32.37 -25.51
C VAL A 321 -11.02 -32.09 -26.16
N GLY A 322 -10.73 -30.82 -26.41
CA GLY A 322 -9.49 -30.45 -27.07
C GLY A 322 -9.69 -30.21 -28.54
N ARG A 323 -8.91 -29.29 -29.09
CA ARG A 323 -9.11 -28.85 -30.46
C ARG A 323 -7.78 -28.46 -31.07
N VAL A 324 -7.63 -28.76 -32.36
CA VAL A 324 -6.41 -28.42 -33.08
C VAL A 324 -6.79 -27.47 -34.19
N TYR A 325 -5.98 -26.44 -34.39
CA TYR A 325 -6.25 -25.44 -35.40
C TYR A 325 -5.16 -25.48 -36.45
N VAL A 326 -5.59 -25.58 -37.70
CA VAL A 326 -4.67 -25.59 -38.83
C VAL A 326 -4.84 -24.31 -39.64
N TYR A 327 -3.92 -23.38 -39.43
CA TYR A 327 -3.80 -22.20 -40.29
C TYR A 327 -2.94 -22.63 -41.47
N LEU A 328 -2.88 -21.82 -42.50
CA LEU A 328 -2.37 -22.31 -43.77
C LEU A 328 -1.73 -21.18 -44.56
N GLN A 329 -0.47 -21.37 -44.93
CA GLN A 329 0.33 -20.31 -45.53
C GLN A 329 0.07 -20.22 -47.00
N HIS A 330 -0.22 -19.00 -47.44
CA HIS A 330 -0.44 -18.69 -48.85
C HIS A 330 0.63 -17.76 -49.35
N PRO A 331 0.78 -17.66 -50.69
CA PRO A 331 1.67 -16.64 -51.26
C PRO A 331 1.55 -15.27 -50.57
N ALA A 332 0.33 -14.80 -50.32
CA ALA A 332 0.13 -13.48 -49.70
C ALA A 332 0.62 -13.37 -48.25
N GLY A 333 0.45 -14.45 -47.49
CA GLY A 333 0.81 -14.49 -46.07
C GLY A 333 0.22 -15.72 -45.41
N ILE A 334 -0.12 -15.62 -44.12
CA ILE A 334 -0.86 -16.68 -43.43
C ILE A 334 -2.23 -16.14 -43.00
N GLU A 335 -3.26 -16.92 -43.25
CA GLU A 335 -4.63 -16.55 -42.91
C GLU A 335 -4.79 -16.43 -41.39
N PRO A 336 -5.22 -15.24 -40.91
CA PRO A 336 -5.38 -14.90 -39.48
C PRO A 336 -6.43 -15.72 -38.73
N THR A 337 -7.34 -16.36 -39.48
CA THR A 337 -8.32 -17.29 -38.93
C THR A 337 -7.98 -18.69 -39.42
N PRO A 338 -8.31 -19.73 -38.61
CA PRO A 338 -8.00 -21.09 -39.03
C PRO A 338 -8.76 -21.45 -40.29
N THR A 339 -8.23 -22.38 -41.07
CA THR A 339 -8.90 -22.89 -42.24
C THR A 339 -9.63 -24.18 -41.89
N LEU A 340 -9.07 -24.91 -40.93
CA LEU A 340 -9.66 -26.15 -40.42
C LEU A 340 -9.50 -26.22 -38.91
N THR A 341 -10.45 -26.89 -38.24
CA THR A 341 -10.29 -27.28 -36.84
C THR A 341 -10.64 -28.75 -36.70
N LEU A 342 -9.87 -29.45 -35.87
CA LEU A 342 -10.20 -30.83 -35.47
C LEU A 342 -10.61 -30.82 -34.01
N THR A 343 -11.50 -31.71 -33.61
CA THR A 343 -11.96 -31.77 -32.22
C THR A 343 -11.98 -33.19 -31.65
N GLY A 344 -11.56 -33.31 -30.38
CA GLY A 344 -11.56 -34.59 -29.70
C GLY A 344 -12.97 -35.09 -29.44
N HIS A 345 -13.11 -36.40 -29.37
CA HIS A 345 -14.41 -37.01 -29.10
C HIS A 345 -14.47 -37.53 -27.70
N ASP A 346 -13.33 -37.94 -27.15
CA ASP A 346 -13.24 -38.48 -25.80
C ASP A 346 -13.17 -37.36 -24.77
N GLU A 347 -14.08 -37.41 -23.79
CA GLU A 347 -14.11 -36.41 -22.75
C GLU A 347 -12.87 -36.54 -21.85
N PHE A 348 -12.25 -35.39 -21.57
CA PHE A 348 -11.01 -35.28 -20.76
C PHE A 348 -9.76 -35.86 -21.43
N GLY A 349 -9.91 -36.36 -22.66
CA GLY A 349 -8.76 -36.85 -23.41
C GLY A 349 -8.15 -35.69 -24.15
N ARG A 350 -7.12 -35.11 -23.55
CA ARG A 350 -6.52 -33.88 -24.05
C ARG A 350 -6.13 -34.01 -25.52
N PHE A 351 -7.02 -33.61 -26.42
CA PHE A 351 -6.81 -33.85 -27.85
C PHE A 351 -5.66 -33.04 -28.47
N GLY A 352 -5.64 -31.73 -28.30
CA GLY A 352 -4.57 -30.93 -28.91
C GLY A 352 -3.25 -30.96 -28.15
N SER A 353 -2.96 -32.10 -27.52
CA SER A 353 -1.93 -32.17 -26.48
C SER A 353 -0.48 -32.34 -26.97
N SER A 354 -0.32 -33.07 -28.07
CA SER A 354 0.98 -33.21 -28.72
C SER A 354 0.78 -33.24 -30.21
N LEU A 355 1.77 -32.74 -30.94
CA LEU A 355 1.70 -32.65 -32.39
C LEU A 355 3.05 -32.94 -32.98
N THR A 356 3.11 -33.87 -33.92
CA THR A 356 4.33 -34.02 -34.71
C THR A 356 4.00 -34.19 -36.18
N PRO A 357 4.75 -33.51 -37.05
CA PRO A 357 4.69 -33.80 -38.48
C PRO A 357 5.25 -35.21 -38.71
N LEU A 358 4.71 -35.93 -39.69
CA LEU A 358 5.20 -37.26 -40.03
C LEU A 358 5.88 -37.33 -41.40
N GLY A 359 5.85 -36.22 -42.13
CA GLY A 359 6.26 -36.24 -43.54
C GLY A 359 5.18 -36.96 -44.33
N ASP A 360 5.56 -37.50 -45.49
CA ASP A 360 4.62 -38.25 -46.30
C ASP A 360 4.62 -39.71 -45.87
N LEU A 361 3.68 -40.06 -44.98
CA LEU A 361 3.62 -41.38 -44.37
C LEU A 361 3.19 -42.47 -45.38
N ASP A 362 2.15 -42.18 -46.14
CA ASP A 362 1.61 -43.13 -47.10
C ASP A 362 2.22 -42.94 -48.49
N GLN A 363 3.26 -42.12 -48.55
CA GLN A 363 3.99 -41.81 -49.79
C GLN A 363 3.06 -41.49 -50.97
N ASP A 364 2.22 -40.49 -50.80
CA ASP A 364 1.25 -40.11 -51.83
C ASP A 364 1.45 -38.69 -52.39
N GLY A 365 2.39 -37.94 -51.81
CA GLY A 365 2.72 -36.60 -52.29
C GLY A 365 2.37 -35.49 -51.34
N TYR A 366 1.81 -35.84 -50.18
CA TYR A 366 1.33 -34.88 -49.18
C TYR A 366 1.80 -35.22 -47.79
N ASN A 367 2.28 -34.23 -47.04
CA ASN A 367 2.72 -34.48 -45.68
C ASN A 367 1.55 -34.66 -44.74
N ASP A 368 1.67 -35.64 -43.85
CA ASP A 368 0.61 -36.00 -42.91
C ASP A 368 0.97 -35.51 -41.50
N VAL A 369 0.06 -35.73 -40.54
CA VAL A 369 0.22 -35.21 -39.17
C VAL A 369 -0.26 -36.23 -38.14
N ALA A 370 0.43 -36.34 -37.01
CA ALA A 370 -0.06 -37.15 -35.88
C ALA A 370 -0.36 -36.30 -34.65
N ILE A 371 -1.54 -36.51 -34.06
CA ILE A 371 -2.01 -35.77 -32.90
C ILE A 371 -2.37 -36.74 -31.77
N GLY A 372 -1.95 -36.41 -30.56
CA GLY A 372 -2.25 -37.27 -29.42
C GLY A 372 -3.29 -36.74 -28.46
N ALA A 373 -4.14 -37.62 -27.95
CA ALA A 373 -4.99 -37.32 -26.81
C ALA A 373 -4.62 -38.30 -25.68
N PRO A 374 -3.63 -37.94 -24.86
CA PRO A 374 -3.04 -38.80 -23.82
C PRO A 374 -4.00 -39.45 -22.81
N PHE A 375 -5.30 -39.16 -22.91
CA PHE A 375 -6.30 -39.71 -21.98
C PHE A 375 -7.57 -40.19 -22.69
N GLY A 376 -7.50 -40.24 -24.02
CA GLY A 376 -8.61 -40.76 -24.82
C GLY A 376 -8.65 -42.27 -24.80
N GLY A 377 -9.68 -42.83 -25.44
CA GLY A 377 -9.87 -44.27 -25.49
C GLY A 377 -10.71 -44.79 -24.33
N GLU A 378 -11.25 -45.99 -24.54
CA GLU A 378 -12.18 -46.65 -23.62
C GLU A 378 -11.71 -46.72 -22.17
N THR A 379 -10.40 -46.82 -21.96
CA THR A 379 -9.86 -46.97 -20.61
C THR A 379 -8.96 -45.80 -20.19
N GLN A 380 -9.00 -44.72 -20.97
CA GLN A 380 -8.26 -43.49 -20.70
C GLN A 380 -6.74 -43.69 -20.68
N GLN A 381 -6.28 -44.61 -21.52
CA GLN A 381 -4.85 -44.93 -21.62
C GLN A 381 -4.14 -43.92 -22.50
N GLY A 382 -4.85 -43.42 -23.52
CA GLY A 382 -4.29 -42.50 -24.49
C GLY A 382 -4.42 -43.00 -25.91
N VAL A 383 -4.41 -42.07 -26.86
CA VAL A 383 -4.60 -42.37 -28.28
C VAL A 383 -3.77 -41.41 -29.14
N VAL A 384 -3.21 -41.92 -30.24
CA VAL A 384 -2.63 -41.03 -31.25
C VAL A 384 -3.41 -41.13 -32.55
N PHE A 385 -3.85 -39.98 -33.05
CA PHE A 385 -4.55 -39.91 -34.31
C PHE A 385 -3.60 -39.53 -35.43
N VAL A 386 -3.68 -40.25 -36.55
CA VAL A 386 -3.00 -39.86 -37.78
C VAL A 386 -4.00 -39.20 -38.73
N PHE A 387 -3.65 -38.02 -39.25
CA PHE A 387 -4.51 -37.31 -40.17
C PHE A 387 -3.81 -37.14 -41.51
N PRO A 388 -4.43 -37.63 -42.60
CA PRO A 388 -3.85 -37.54 -43.94
C PRO A 388 -3.87 -36.12 -44.52
N GLY A 389 -2.74 -35.72 -45.08
CA GLY A 389 -2.67 -34.48 -45.85
C GLY A 389 -3.22 -34.68 -47.24
N GLY A 390 -3.65 -33.58 -47.86
CA GLY A 390 -4.22 -33.64 -49.20
C GLY A 390 -4.18 -32.28 -49.89
N PRO A 391 -4.61 -32.25 -51.17
CA PRO A 391 -4.61 -31.02 -51.97
C PRO A 391 -5.32 -29.84 -51.28
N GLY A 392 -6.49 -30.09 -50.70
CA GLY A 392 -7.32 -29.04 -50.09
C GLY A 392 -7.05 -28.73 -48.62
N GLY A 393 -5.89 -29.19 -48.15
CA GLY A 393 -5.51 -29.03 -46.75
C GLY A 393 -5.47 -30.37 -46.06
N LEU A 394 -5.46 -30.33 -44.73
CA LEU A 394 -5.44 -31.53 -43.92
C LEU A 394 -6.80 -32.20 -43.97
N GLY A 395 -6.80 -33.51 -44.22
CA GLY A 395 -8.03 -34.30 -44.16
C GLY A 395 -8.63 -34.26 -42.77
N SER A 396 -9.91 -33.95 -42.68
CA SER A 396 -10.56 -33.79 -41.37
C SER A 396 -10.90 -35.11 -40.68
N LYS A 397 -10.60 -36.24 -41.33
CA LYS A 397 -10.87 -37.55 -40.75
C LYS A 397 -9.61 -38.42 -40.67
N PRO A 398 -9.43 -39.13 -39.55
CA PRO A 398 -8.23 -39.90 -39.26
C PRO A 398 -8.01 -41.16 -40.11
N SER A 399 -6.80 -41.29 -40.65
CA SER A 399 -6.43 -42.44 -41.46
C SER A 399 -6.08 -43.64 -40.58
N GLN A 400 -5.64 -43.38 -39.36
CA GLN A 400 -5.30 -44.45 -38.42
C GLN A 400 -5.42 -43.99 -36.97
N VAL A 401 -5.80 -44.93 -36.11
CA VAL A 401 -5.83 -44.66 -34.68
C VAL A 401 -4.86 -45.60 -33.97
N LEU A 402 -3.89 -45.00 -33.27
CA LEU A 402 -2.92 -45.77 -32.49
C LEU A 402 -3.29 -45.77 -31.02
N GLN A 403 -3.27 -46.96 -30.41
CA GLN A 403 -3.49 -47.11 -28.97
C GLN A 403 -2.55 -48.17 -28.42
N PRO A 404 -2.25 -48.13 -27.10
CA PRO A 404 -1.38 -49.17 -26.56
C PRO A 404 -2.08 -50.54 -26.52
N LEU A 405 -1.33 -51.61 -26.72
CA LEU A 405 -1.87 -52.96 -26.76
C LEU A 405 -1.86 -53.64 -25.38
N TRP A 406 -1.27 -52.98 -24.40
CA TRP A 406 -1.22 -53.52 -23.04
C TRP A 406 -2.38 -53.03 -22.20
N ALA A 407 -2.68 -53.73 -21.12
CA ALA A 407 -3.80 -53.38 -20.24
C ALA A 407 -3.49 -52.17 -19.35
N ALA A 408 -4.53 -51.57 -18.78
CA ALA A 408 -4.37 -50.43 -17.90
C ALA A 408 -3.71 -50.81 -16.57
N SER A 409 -2.89 -49.89 -16.05
CA SER A 409 -2.28 -50.00 -14.73
C SER A 409 -3.14 -49.22 -13.73
N HIS A 410 -2.64 -49.09 -12.50
CA HIS A 410 -3.29 -48.23 -11.50
C HIS A 410 -3.08 -46.78 -11.83
N THR A 411 -1.85 -46.43 -12.20
CA THR A 411 -1.50 -45.08 -12.61
C THR A 411 -1.85 -44.88 -14.08
N PRO A 412 -2.26 -43.65 -14.47
CA PRO A 412 -2.45 -43.28 -15.85
C PRO A 412 -1.21 -43.52 -16.71
N ASP A 413 -1.46 -43.61 -18.01
CA ASP A 413 -0.57 -44.26 -18.94
C ASP A 413 0.18 -43.23 -19.77
N PHE A 414 -0.51 -42.14 -20.11
CA PHE A 414 0.03 -41.01 -20.88
C PHE A 414 0.49 -41.39 -22.28
N PHE A 415 -0.13 -42.42 -22.85
CA PHE A 415 0.18 -42.84 -24.21
C PHE A 415 -0.11 -41.72 -25.17
N GLY A 416 0.93 -41.24 -25.84
CA GLY A 416 0.75 -40.24 -26.88
C GLY A 416 0.99 -38.85 -26.37
N SER A 417 1.55 -38.74 -25.18
CA SER A 417 1.87 -37.44 -24.63
C SER A 417 3.20 -36.90 -25.19
N ALA A 418 3.85 -37.71 -26.02
CA ALA A 418 5.12 -37.34 -26.65
C ALA A 418 5.19 -37.95 -28.04
N LEU A 419 5.51 -37.13 -29.03
CA LEU A 419 5.45 -37.55 -30.41
C LEU A 419 6.65 -37.07 -31.20
N ARG A 420 7.16 -37.93 -32.06
CA ARG A 420 8.23 -37.59 -32.99
C ARG A 420 8.14 -38.48 -34.23
N GLY A 421 7.93 -37.84 -35.38
CA GLY A 421 7.86 -38.53 -36.66
C GLY A 421 8.48 -37.71 -37.77
N GLY A 422 8.54 -38.27 -38.97
CA GLY A 422 9.07 -37.56 -40.12
C GLY A 422 10.45 -38.01 -40.57
N ARG A 423 10.96 -39.07 -39.94
CA ARG A 423 12.28 -39.62 -40.30
C ARG A 423 12.23 -41.15 -40.43
N ASP A 424 13.27 -41.73 -41.01
CA ASP A 424 13.22 -43.13 -41.42
C ASP A 424 14.24 -44.01 -40.70
N LEU A 425 13.75 -44.87 -39.82
CA LEU A 425 14.60 -45.76 -39.04
C LEU A 425 15.15 -46.95 -39.84
N ASP A 426 14.26 -47.68 -40.51
CA ASP A 426 14.64 -48.89 -41.27
C ASP A 426 14.91 -48.62 -42.77
N GLY A 427 15.15 -49.69 -43.52
CA GLY A 427 15.52 -49.63 -44.94
C GLY A 427 14.61 -48.83 -45.86
N ASN A 428 13.31 -49.17 -45.87
CA ASN A 428 12.30 -48.59 -46.76
C ASN A 428 12.26 -47.05 -46.78
N GLY A 429 11.61 -46.47 -47.78
CA GLY A 429 11.43 -45.02 -47.87
C GLY A 429 10.10 -44.55 -47.30
N TYR A 430 9.70 -45.16 -46.18
CA TYR A 430 8.47 -44.82 -45.50
C TYR A 430 8.80 -44.30 -44.11
N PRO A 431 8.42 -43.05 -43.80
CA PRO A 431 8.78 -42.45 -42.51
C PRO A 431 8.12 -43.17 -41.35
N ASP A 432 8.66 -42.99 -40.15
CA ASP A 432 8.21 -43.75 -39.00
C ASP A 432 7.80 -42.85 -37.83
N LEU A 433 7.59 -43.44 -36.64
CA LEU A 433 6.95 -42.73 -35.54
C LEU A 433 7.25 -43.29 -34.16
N ILE A 434 7.74 -42.40 -33.29
CA ILE A 434 7.91 -42.73 -31.88
C ILE A 434 6.85 -42.05 -31.04
N VAL A 435 6.17 -42.87 -30.23
CA VAL A 435 5.10 -42.43 -29.37
C VAL A 435 5.53 -42.74 -27.95
N GLY A 436 5.73 -41.70 -27.15
CA GLY A 436 6.07 -41.88 -25.73
C GLY A 436 4.89 -42.34 -24.90
N SER A 437 5.16 -43.04 -23.82
CA SER A 437 4.11 -43.42 -22.88
C SER A 437 4.68 -43.47 -21.46
N PHE A 438 5.05 -42.30 -20.96
CA PHE A 438 5.89 -42.21 -19.78
C PHE A 438 5.21 -42.68 -18.50
N GLY A 439 3.88 -42.75 -18.54
CA GLY A 439 3.11 -43.22 -17.40
C GLY A 439 3.51 -44.60 -16.92
N VAL A 440 3.85 -45.48 -17.88
CA VAL A 440 4.30 -46.84 -17.59
C VAL A 440 5.76 -47.12 -17.99
N ASP A 441 6.49 -46.04 -18.27
CA ASP A 441 7.93 -46.05 -18.55
C ASP A 441 8.33 -46.72 -19.85
N LYS A 442 7.46 -46.60 -20.86
CA LYS A 442 7.73 -47.18 -22.17
C LYS A 442 7.76 -46.11 -23.27
N ALA A 443 8.35 -46.47 -24.40
CA ALA A 443 8.17 -45.74 -25.65
C ALA A 443 7.99 -46.76 -26.73
N VAL A 444 7.19 -46.42 -27.73
CA VAL A 444 6.82 -47.37 -28.76
C VAL A 444 7.25 -46.83 -30.11
N VAL A 445 7.93 -47.68 -30.88
CA VAL A 445 8.36 -47.31 -32.22
C VAL A 445 7.45 -48.01 -33.22
N TYR A 446 6.72 -47.21 -33.98
CA TYR A 446 5.92 -47.72 -35.08
C TYR A 446 6.65 -47.38 -36.35
N ARG A 447 6.76 -48.34 -37.25
CA ARG A 447 7.29 -48.02 -38.58
C ARG A 447 6.26 -48.18 -39.68
N GLY A 448 6.43 -47.38 -40.73
CA GLY A 448 5.55 -47.41 -41.89
C GLY A 448 5.75 -48.66 -42.72
N ARG A 449 4.65 -49.30 -43.11
CA ARG A 449 4.65 -50.46 -44.02
C ARG A 449 4.68 -50.00 -45.48
N PRO A 450 5.27 -50.82 -46.37
CA PRO A 450 5.24 -50.48 -47.77
C PRO A 450 3.81 -50.61 -48.32
N ILE A 451 3.43 -49.68 -49.19
CA ILE A 451 2.06 -49.60 -49.68
C ILE A 451 1.89 -50.16 -51.09
N VAL A 452 1.09 -51.21 -51.16
CA VAL A 452 0.61 -51.79 -52.41
C VAL A 452 -0.82 -51.28 -52.60
N SER A 453 -1.18 -50.93 -53.83
CA SER A 453 -2.59 -50.67 -54.15
C SER A 453 -2.99 -51.35 -55.44
N ALA A 454 -4.06 -52.14 -55.34
CA ALA A 454 -4.59 -52.91 -56.45
C ALA A 454 -6.05 -52.56 -56.69
N SER A 455 -6.54 -52.87 -57.88
CA SER A 455 -7.97 -52.97 -58.12
C SER A 455 -8.26 -54.20 -58.97
N ALA A 456 -9.46 -54.73 -58.84
CA ALA A 456 -9.84 -55.90 -59.60
C ALA A 456 -11.12 -55.67 -60.36
N SER A 457 -11.28 -56.38 -61.47
CA SER A 457 -12.55 -56.44 -62.15
C SER A 457 -13.07 -57.87 -62.13
N LEU A 458 -14.34 -58.03 -62.49
CA LEU A 458 -14.98 -59.33 -62.54
C LEU A 458 -16.17 -59.16 -63.48
N THR A 459 -16.19 -59.95 -64.56
CA THR A 459 -17.26 -59.86 -65.54
C THR A 459 -17.71 -61.25 -66.00
N ILE A 460 -19.01 -61.38 -66.21
CA ILE A 460 -19.61 -62.62 -66.67
C ILE A 460 -20.05 -62.40 -68.12
N PHE A 461 -19.42 -63.10 -69.07
CA PHE A 461 -19.65 -62.87 -70.51
C PHE A 461 -21.06 -63.26 -70.96
N PRO A 462 -21.51 -64.50 -70.67
CA PRO A 462 -22.93 -64.74 -70.86
C PRO A 462 -23.66 -64.55 -69.52
N ALA A 463 -24.10 -63.31 -69.26
CA ALA A 463 -24.72 -62.94 -67.97
C ALA A 463 -26.02 -63.68 -67.67
N MET A 464 -26.60 -64.29 -68.70
CA MET A 464 -27.80 -65.11 -68.56
C MET A 464 -27.46 -66.59 -68.56
N PHE A 465 -27.80 -67.28 -67.47
CA PHE A 465 -27.81 -68.73 -67.50
C PHE A 465 -28.98 -69.18 -68.37
N ASN A 466 -28.65 -69.82 -69.49
CA ASN A 466 -29.66 -70.38 -70.39
C ASN A 466 -29.86 -71.85 -70.04
N PRO A 467 -30.86 -72.15 -69.19
CA PRO A 467 -30.95 -73.47 -68.52
C PRO A 467 -31.04 -74.65 -69.49
N GLU A 468 -31.74 -74.47 -70.61
CA GLU A 468 -31.86 -75.55 -71.58
C GLU A 468 -30.75 -75.59 -72.62
N GLU A 469 -30.08 -74.45 -72.83
CA GLU A 469 -28.97 -74.37 -73.78
C GLU A 469 -27.63 -74.67 -73.12
N ARG A 470 -27.18 -75.91 -73.30
CA ARG A 470 -25.97 -76.43 -72.68
C ARG A 470 -24.89 -76.59 -73.75
N SER A 471 -23.86 -75.77 -73.69
CA SER A 471 -22.81 -75.77 -74.73
C SER A 471 -21.46 -76.35 -74.29
N CYS A 472 -21.46 -77.05 -73.15
CA CYS A 472 -20.29 -77.78 -72.66
C CYS A 472 -20.75 -78.97 -71.81
N SER A 473 -19.81 -79.83 -71.42
CA SER A 473 -20.12 -81.04 -70.61
C SER A 473 -19.08 -81.30 -69.52
N LEU A 474 -19.27 -82.38 -68.78
CA LEU A 474 -18.31 -82.80 -67.75
C LEU A 474 -18.18 -84.32 -67.65
N GLU A 475 -19.01 -84.97 -66.83
CA GLU A 475 -19.04 -86.43 -66.73
C GLU A 475 -19.63 -87.01 -68.01
N GLY A 476 -20.89 -86.67 -68.27
CA GLY A 476 -21.57 -87.11 -69.48
C GLY A 476 -22.54 -86.05 -69.94
N ASN A 477 -23.59 -85.85 -69.16
CA ASN A 477 -24.62 -84.84 -69.42
C ASN A 477 -24.05 -83.47 -69.79
N PRO A 478 -24.66 -82.80 -70.79
CA PRO A 478 -24.30 -81.42 -71.09
C PRO A 478 -24.81 -80.50 -69.99
N VAL A 479 -24.06 -79.43 -69.72
CA VAL A 479 -24.45 -78.45 -68.71
C VAL A 479 -24.40 -77.05 -69.30
N ALA A 480 -25.26 -76.16 -68.83
CA ALA A 480 -25.26 -74.78 -69.28
C ALA A 480 -24.16 -74.02 -68.54
N CYS A 481 -23.08 -73.69 -69.24
CA CYS A 481 -21.95 -73.02 -68.62
C CYS A 481 -21.75 -71.57 -69.05
N ILE A 482 -20.94 -70.86 -68.26
CA ILE A 482 -20.71 -69.43 -68.39
C ILE A 482 -19.21 -69.17 -68.25
N ASN A 483 -18.75 -68.05 -68.81
CA ASN A 483 -17.37 -67.63 -68.63
C ASN A 483 -17.17 -66.58 -67.53
N LEU A 484 -16.51 -67.00 -66.46
CA LEU A 484 -16.07 -66.11 -65.38
C LEU A 484 -14.65 -65.63 -65.62
N SER A 485 -14.50 -64.32 -65.79
CA SER A 485 -13.16 -63.74 -65.89
C SER A 485 -12.97 -62.60 -64.90
N PHE A 486 -11.74 -62.50 -64.38
CA PHE A 486 -11.37 -61.44 -63.47
C PHE A 486 -9.94 -60.96 -63.78
N CYS A 487 -9.68 -59.68 -63.52
CA CYS A 487 -8.37 -59.09 -63.79
C CYS A 487 -7.81 -58.39 -62.54
N LEU A 488 -6.51 -58.09 -62.56
CA LEU A 488 -5.82 -57.44 -61.43
C LEU A 488 -4.74 -56.43 -61.85
N ASN A 489 -4.83 -55.23 -61.28
CA ASN A 489 -3.83 -54.17 -61.44
C ASN A 489 -3.28 -53.84 -60.06
N ALA A 490 -2.01 -54.15 -59.82
CA ALA A 490 -1.39 -53.77 -58.55
C ALA A 490 -0.14 -52.90 -58.73
N SER A 491 0.04 -51.93 -57.84
CA SER A 491 1.19 -51.02 -57.89
C SER A 491 1.63 -50.54 -56.50
N GLY A 492 2.85 -50.01 -56.42
CA GLY A 492 3.37 -49.43 -55.18
C GLY A 492 4.87 -49.59 -55.08
N LYS A 493 5.59 -48.48 -55.19
CA LYS A 493 7.06 -48.52 -55.15
C LYS A 493 7.62 -48.75 -53.74
N HIS A 494 8.93 -49.00 -53.68
CA HIS A 494 9.62 -49.44 -52.47
C HIS A 494 9.16 -50.82 -52.06
N VAL A 495 8.63 -51.58 -53.03
CA VAL A 495 8.17 -52.97 -52.82
C VAL A 495 8.79 -53.88 -53.89
N ALA A 496 8.67 -55.20 -53.71
CA ALA A 496 9.17 -56.17 -54.67
C ALA A 496 8.56 -55.97 -56.06
N ASP A 497 9.32 -56.33 -57.09
CA ASP A 497 8.87 -56.19 -58.48
C ASP A 497 7.64 -57.04 -58.78
N SER A 498 7.60 -58.26 -58.25
CA SER A 498 6.39 -59.06 -58.32
C SER A 498 5.75 -59.21 -56.94
N ILE A 499 4.43 -59.05 -56.92
CA ILE A 499 3.63 -58.95 -55.70
C ILE A 499 2.64 -60.11 -55.59
N GLY A 500 2.84 -60.96 -54.59
CA GLY A 500 1.97 -62.12 -54.37
C GLY A 500 0.58 -61.79 -53.84
N PHE A 501 -0.44 -62.08 -54.64
CA PHE A 501 -1.82 -61.96 -54.21
C PHE A 501 -2.47 -63.33 -54.06
N THR A 502 -3.54 -63.38 -53.28
CA THR A 502 -4.42 -64.55 -53.24
C THR A 502 -5.86 -64.12 -53.52
N VAL A 503 -6.61 -64.97 -54.20
CA VAL A 503 -7.89 -64.57 -54.78
C VAL A 503 -8.94 -65.65 -54.55
N GLU A 504 -10.06 -65.24 -53.95
CA GLU A 504 -11.14 -66.16 -53.56
C GLU A 504 -12.42 -65.79 -54.32
N LEU A 505 -12.95 -66.77 -55.05
CA LEU A 505 -14.20 -66.61 -55.76
C LEU A 505 -15.28 -67.52 -55.17
N GLN A 506 -16.44 -66.94 -54.91
CA GLN A 506 -17.56 -67.68 -54.33
C GLN A 506 -18.80 -67.56 -55.20
N LEU A 507 -19.33 -68.71 -55.60
CA LEU A 507 -20.58 -68.80 -56.35
C LEU A 507 -21.74 -68.99 -55.38
N ASP A 508 -22.89 -68.38 -55.70
CA ASP A 508 -24.08 -68.41 -54.84
C ASP A 508 -23.79 -67.95 -53.41
N TRP A 509 -22.99 -66.89 -53.27
CA TRP A 509 -22.38 -66.55 -51.97
C TRP A 509 -23.35 -66.30 -50.84
N GLN A 510 -24.62 -66.04 -51.19
CA GLN A 510 -25.67 -65.84 -50.19
C GLN A 510 -26.39 -67.15 -49.83
N LYS A 511 -26.55 -68.03 -50.82
CA LYS A 511 -27.19 -69.33 -50.62
C LYS A 511 -26.29 -70.35 -49.91
N GLN A 512 -25.01 -69.99 -49.71
CA GLN A 512 -24.06 -70.83 -48.97
C GLN A 512 -24.38 -70.81 -47.46
N LYS A 513 -25.63 -70.47 -47.14
CA LYS A 513 -26.12 -70.41 -45.77
C LYS A 513 -26.75 -71.77 -45.43
N GLY A 514 -25.92 -72.82 -45.48
CA GLY A 514 -26.37 -74.19 -45.27
C GLY A 514 -27.27 -74.71 -46.39
N GLY A 515 -27.65 -73.84 -47.32
CA GLY A 515 -28.59 -74.17 -48.38
C GLY A 515 -28.01 -74.93 -49.56
N VAL A 516 -28.51 -74.61 -50.74
CA VAL A 516 -28.07 -75.28 -51.98
C VAL A 516 -27.25 -74.32 -52.82
N ARG A 517 -26.15 -74.84 -53.37
CA ARG A 517 -25.25 -74.08 -54.24
C ARG A 517 -25.46 -74.45 -55.70
N ARG A 518 -25.99 -73.49 -56.47
CA ARG A 518 -26.52 -73.79 -57.81
C ARG A 518 -25.49 -73.70 -58.95
N ALA A 519 -24.48 -72.85 -58.79
CA ALA A 519 -23.42 -72.74 -59.79
C ALA A 519 -22.14 -73.37 -59.28
N LEU A 520 -21.49 -74.14 -60.14
CA LEU A 520 -20.24 -74.81 -59.78
C LEU A 520 -19.18 -74.55 -60.84
N PHE A 521 -17.92 -74.59 -60.43
CA PHE A 521 -16.79 -74.44 -61.35
C PHE A 521 -16.60 -75.73 -62.14
N LEU A 522 -16.28 -75.58 -63.43
CA LEU A 522 -16.11 -76.73 -64.34
C LEU A 522 -14.93 -77.63 -63.97
N ALA A 523 -13.89 -77.03 -63.41
CA ALA A 523 -12.63 -77.73 -63.10
C ALA A 523 -12.71 -78.65 -61.86
N SER A 524 -13.45 -78.22 -60.84
CA SER A 524 -13.49 -78.91 -59.55
C SER A 524 -14.87 -79.43 -59.16
N ARG A 525 -15.90 -79.01 -59.89
CA ARG A 525 -17.31 -79.30 -59.57
C ARG A 525 -17.69 -78.83 -58.15
N GLN A 526 -17.27 -77.61 -57.81
CA GLN A 526 -17.55 -76.99 -56.52
C GLN A 526 -17.74 -75.48 -56.64
N ALA A 527 -18.18 -74.86 -55.54
CA ALA A 527 -18.65 -73.47 -55.57
C ALA A 527 -17.59 -72.40 -55.28
N THR A 528 -16.46 -72.79 -54.69
CA THR A 528 -15.40 -71.83 -54.35
C THR A 528 -14.11 -72.12 -55.09
N LEU A 529 -13.31 -71.08 -55.34
CA LEU A 529 -12.00 -71.22 -55.97
C LEU A 529 -11.00 -70.20 -55.47
N THR A 530 -10.13 -70.65 -54.58
CA THR A 530 -9.03 -69.83 -54.07
C THR A 530 -7.77 -70.14 -54.89
N GLN A 531 -6.89 -69.14 -55.02
CA GLN A 531 -5.81 -69.21 -56.00
C GLN A 531 -4.73 -68.19 -55.66
N THR A 532 -3.50 -68.48 -56.06
CA THR A 532 -2.41 -67.52 -55.93
C THR A 532 -2.12 -66.90 -57.28
N LEU A 533 -1.76 -65.62 -57.25
CA LEU A 533 -1.37 -64.89 -58.44
C LEU A 533 -0.15 -64.03 -58.16
N LEU A 534 0.88 -64.18 -59.00
CA LEU A 534 2.01 -63.25 -58.95
C LEU A 534 1.70 -62.10 -59.91
N ILE A 535 1.73 -60.89 -59.39
CA ILE A 535 1.39 -59.72 -60.19
C ILE A 535 2.56 -58.74 -60.18
N GLN A 536 2.88 -58.20 -61.36
CA GLN A 536 4.04 -57.31 -61.48
C GLN A 536 3.67 -55.85 -61.16
N ASN A 537 4.62 -55.16 -60.53
CA ASN A 537 4.42 -53.83 -59.94
C ASN A 537 3.72 -52.78 -60.82
N GLY A 538 4.12 -52.63 -62.07
CA GLY A 538 3.48 -51.64 -62.94
C GLY A 538 2.92 -52.23 -64.21
N ALA A 539 2.53 -53.51 -64.14
CA ALA A 539 2.23 -54.29 -65.33
C ALA A 539 0.84 -54.04 -65.93
N ARG A 540 0.51 -54.86 -66.93
CA ARG A 540 -0.81 -54.87 -67.53
C ARG A 540 -1.87 -55.47 -66.61
N GLU A 541 -3.13 -55.25 -66.98
CA GLU A 541 -4.26 -55.94 -66.38
C GLU A 541 -4.07 -57.44 -66.59
N ASP A 542 -3.67 -58.14 -65.53
CA ASP A 542 -3.45 -59.58 -65.61
C ASP A 542 -4.74 -60.35 -65.34
N CYS A 543 -5.25 -61.03 -66.38
CA CYS A 543 -6.56 -61.67 -66.30
C CYS A 543 -6.52 -63.20 -66.22
N ARG A 544 -7.64 -63.79 -65.79
CA ARG A 544 -7.86 -65.25 -65.80
C ARG A 544 -9.27 -65.52 -66.31
N GLU A 545 -9.40 -66.46 -67.23
CA GLU A 545 -10.71 -66.92 -67.67
C GLU A 545 -10.97 -68.28 -67.04
N MET A 546 -12.24 -68.58 -66.76
CA MET A 546 -12.63 -69.91 -66.29
C MET A 546 -14.13 -70.15 -66.47
N LYS A 547 -14.54 -71.41 -66.38
CA LYS A 547 -15.91 -71.79 -66.67
C LYS A 547 -16.67 -72.24 -65.43
N ILE A 548 -17.82 -71.61 -65.21
CA ILE A 548 -18.77 -72.02 -64.20
C ILE A 548 -20.00 -72.57 -64.91
N TYR A 549 -20.52 -73.69 -64.43
CA TYR A 549 -21.70 -74.30 -65.04
C TYR A 549 -22.89 -74.25 -64.07
N LEU A 550 -24.10 -74.33 -64.62
CA LEU A 550 -25.32 -74.42 -63.82
C LEU A 550 -25.64 -75.89 -63.62
N ARG A 551 -26.20 -76.19 -62.45
CA ARG A 551 -26.45 -77.57 -62.04
C ARG A 551 -27.41 -78.30 -62.96
N ASN A 552 -26.94 -79.43 -63.50
CA ASN A 552 -27.74 -80.30 -64.37
C ASN A 552 -28.86 -80.95 -63.57
N GLU A 553 -29.81 -80.11 -63.17
CA GLU A 553 -30.86 -80.52 -62.26
C GLU A 553 -32.18 -79.85 -62.57
N SER A 554 -33.18 -80.69 -62.81
CA SER A 554 -34.55 -80.29 -62.62
C SER A 554 -34.86 -80.78 -61.21
N GLU A 555 -33.85 -80.66 -60.34
CA GLU A 555 -33.85 -81.29 -59.04
C GLU A 555 -33.64 -80.30 -57.88
N PHE A 556 -32.87 -79.24 -58.09
CA PHE A 556 -32.77 -78.14 -57.10
C PHE A 556 -34.00 -77.22 -57.20
N ARG A 557 -34.35 -76.57 -56.10
CA ARG A 557 -35.63 -75.86 -56.01
C ARG A 557 -35.66 -74.41 -56.54
N ASP A 558 -34.84 -73.54 -55.95
CA ASP A 558 -34.83 -72.11 -56.28
C ASP A 558 -34.45 -71.82 -57.73
N LYS A 559 -35.46 -71.51 -58.55
CA LYS A 559 -35.23 -71.16 -59.94
C LYS A 559 -35.32 -69.64 -60.15
N LEU A 560 -35.95 -68.97 -59.18
CA LEU A 560 -36.18 -67.54 -59.22
C LEU A 560 -34.91 -66.72 -58.99
N SER A 561 -34.43 -66.68 -57.73
CA SER A 561 -33.41 -65.73 -57.33
C SER A 561 -32.11 -65.93 -58.11
N PRO A 562 -31.46 -64.83 -58.51
CA PRO A 562 -30.20 -64.87 -59.27
C PRO A 562 -29.03 -65.47 -58.49
N ILE A 563 -28.11 -66.08 -59.24
CA ILE A 563 -26.86 -66.60 -58.67
C ILE A 563 -25.93 -65.42 -58.40
N HIS A 564 -25.51 -65.26 -57.15
CA HIS A 564 -24.57 -64.20 -56.80
C HIS A 564 -23.16 -64.70 -56.83
N ILE A 565 -22.30 -63.89 -57.45
CA ILE A 565 -20.87 -64.18 -57.54
C ILE A 565 -20.10 -63.15 -56.73
N ALA A 566 -19.13 -63.63 -55.95
CA ALA A 566 -18.31 -62.74 -55.13
C ALA A 566 -16.82 -63.06 -55.20
N LEU A 567 -16.05 -62.03 -55.56
CA LEU A 567 -14.60 -62.11 -55.59
C LEU A 567 -14.03 -61.26 -54.45
N ASN A 568 -13.22 -61.86 -53.60
CA ASN A 568 -12.35 -61.09 -52.68
C ASN A 568 -10.88 -61.47 -52.79
N PHE A 569 -10.00 -60.50 -52.58
CA PHE A 569 -8.54 -60.73 -52.66
C PHE A 569 -7.76 -60.02 -51.55
N SER A 570 -6.58 -60.56 -51.25
CA SER A 570 -5.61 -59.92 -50.35
C SER A 570 -4.17 -60.28 -50.74
N LEU A 571 -3.20 -59.58 -50.17
CA LEU A 571 -1.80 -59.91 -50.37
C LEU A 571 -1.48 -61.21 -49.64
N ASP A 572 -0.86 -62.15 -50.35
CA ASP A 572 -0.44 -63.42 -49.76
C ASP A 572 0.28 -63.12 -48.44
N PRO A 573 -0.25 -63.65 -47.32
CA PRO A 573 0.44 -63.48 -46.03
C PRO A 573 1.64 -64.43 -45.85
N GLN A 574 2.35 -64.71 -46.95
CA GLN A 574 3.51 -65.60 -46.94
C GLN A 574 4.67 -65.12 -47.84
N ALA A 575 5.83 -65.75 -47.68
CA ALA A 575 7.09 -65.41 -48.39
C ALA A 575 7.35 -63.92 -48.65
N PRO A 576 7.24 -63.08 -47.60
CA PRO A 576 7.16 -61.65 -47.83
C PRO A 576 8.38 -60.81 -47.43
N VAL A 577 9.10 -61.22 -46.39
CA VAL A 577 10.13 -60.40 -45.72
C VAL A 577 11.24 -59.89 -46.65
N ASP A 578 11.33 -58.55 -46.79
CA ASP A 578 12.36 -57.92 -47.62
C ASP A 578 13.51 -57.27 -46.83
N SER A 579 13.58 -55.94 -46.80
CA SER A 579 14.66 -55.23 -46.09
C SER A 579 14.68 -55.56 -44.60
N HIS A 580 13.59 -55.25 -43.90
CA HIS A 580 13.36 -55.75 -42.54
C HIS A 580 11.98 -56.34 -42.44
N GLY A 581 11.83 -57.35 -41.57
CA GLY A 581 10.61 -58.15 -41.45
C GLY A 581 9.33 -57.35 -41.31
N LEU A 582 8.83 -56.85 -42.43
CA LEU A 582 7.69 -55.94 -42.44
C LEU A 582 6.86 -56.13 -43.71
N ARG A 583 5.78 -56.89 -43.59
CA ARG A 583 4.86 -57.19 -44.70
C ARG A 583 4.19 -55.94 -45.26
N PRO A 584 3.98 -55.88 -46.59
CA PRO A 584 3.28 -54.75 -47.18
C PRO A 584 1.77 -54.78 -46.88
N ALA A 585 1.12 -53.63 -47.03
CA ALA A 585 -0.31 -53.51 -46.77
C ALA A 585 -1.06 -52.89 -47.95
N LEU A 586 -2.27 -53.39 -48.19
CA LEU A 586 -3.16 -52.82 -49.21
C LEU A 586 -3.60 -51.41 -48.84
N HIS A 587 -3.67 -50.53 -49.84
CA HIS A 587 -4.21 -49.19 -49.62
C HIS A 587 -5.61 -49.31 -49.10
N TYR A 588 -5.93 -48.52 -48.08
CA TYR A 588 -7.24 -48.60 -47.42
C TYR A 588 -8.39 -48.09 -48.29
N GLN A 589 -8.05 -47.47 -49.42
CA GLN A 589 -9.04 -46.91 -50.33
C GLN A 589 -9.13 -47.64 -51.67
N SER A 590 -8.93 -48.96 -51.63
CA SER A 590 -9.03 -49.78 -52.83
C SER A 590 -9.89 -51.01 -52.52
N LYS A 591 -10.89 -51.26 -53.37
CA LYS A 591 -11.87 -52.33 -53.16
C LYS A 591 -11.30 -53.74 -53.29
N SER A 592 -11.24 -54.45 -52.17
CA SER A 592 -10.66 -55.81 -52.15
C SER A 592 -11.72 -56.91 -52.31
N ARG A 593 -12.98 -56.50 -52.45
CA ARG A 593 -14.09 -57.41 -52.62
C ARG A 593 -15.05 -56.80 -53.64
N ILE A 594 -15.51 -57.62 -54.58
CA ILE A 594 -16.39 -57.18 -55.67
C ILE A 594 -17.52 -58.20 -55.91
N GLU A 595 -18.72 -57.72 -56.24
CA GLU A 595 -19.93 -58.56 -56.29
C GLU A 595 -20.74 -58.45 -57.58
N ASP A 596 -21.09 -59.59 -58.16
CA ASP A 596 -21.81 -59.65 -59.42
C ASP A 596 -22.90 -60.73 -59.42
N LYS A 597 -23.74 -60.73 -60.46
CA LYS A 597 -24.90 -61.63 -60.56
C LYS A 597 -25.01 -62.31 -61.92
N ALA A 598 -25.68 -63.46 -61.92
CA ALA A 598 -26.00 -64.21 -63.13
C ALA A 598 -27.41 -64.77 -63.00
N GLN A 599 -28.30 -64.39 -63.92
CA GLN A 599 -29.72 -64.72 -63.79
C GLN A 599 -30.18 -65.87 -64.68
N ILE A 600 -31.48 -66.17 -64.61
CA ILE A 600 -32.15 -67.17 -65.46
C ILE A 600 -33.47 -66.55 -65.97
N LEU A 601 -34.04 -67.06 -67.06
CA LEU A 601 -35.37 -66.62 -67.49
C LEU A 601 -36.47 -67.43 -66.80
N ARG B 6 -37.43 -36.21 -50.18
CA ARG B 6 -38.10 -36.81 -48.99
C ARG B 6 -38.27 -38.33 -49.10
N CYS B 7 -39.28 -38.87 -48.42
CA CYS B 7 -39.60 -40.29 -48.42
C CYS B 7 -40.14 -40.78 -49.77
N LEU B 8 -40.39 -39.82 -50.66
CA LEU B 8 -40.88 -40.05 -52.02
C LEU B 8 -39.95 -40.93 -52.88
N LYS B 9 -38.64 -40.83 -52.64
CA LYS B 9 -37.62 -41.54 -53.45
C LYS B 9 -37.40 -43.01 -53.05
N ALA B 10 -36.18 -43.51 -53.29
CA ALA B 10 -35.82 -44.91 -53.09
C ALA B 10 -35.82 -45.33 -51.61
N ASN B 11 -36.97 -45.80 -51.16
CA ASN B 11 -37.14 -46.31 -49.79
C ASN B 11 -38.28 -47.33 -49.69
N ALA B 12 -37.91 -48.60 -49.57
CA ALA B 12 -38.88 -49.69 -49.47
C ALA B 12 -38.29 -50.89 -48.73
N LYS B 13 -39.00 -51.35 -47.72
CA LYS B 13 -38.61 -52.55 -46.96
C LYS B 13 -39.82 -53.39 -46.53
N SER B 14 -39.68 -54.07 -45.39
CA SER B 14 -40.69 -55.02 -44.91
C SER B 14 -41.81 -54.38 -44.05
N CYS B 15 -41.75 -54.53 -42.74
CA CYS B 15 -42.80 -54.05 -41.83
C CYS B 15 -42.35 -52.94 -40.88
N GLY B 16 -41.55 -53.32 -39.88
CA GLY B 16 -41.06 -52.40 -38.85
C GLY B 16 -39.95 -51.49 -39.34
N GLU B 17 -39.91 -51.28 -40.66
CA GLU B 17 -38.90 -50.45 -41.29
C GLU B 17 -39.55 -49.30 -42.06
N CYS B 18 -40.72 -49.58 -42.66
CA CYS B 18 -41.53 -48.53 -43.28
C CYS B 18 -42.13 -47.62 -42.21
N ILE B 19 -42.26 -48.17 -41.00
CA ILE B 19 -42.64 -47.41 -39.81
C ILE B 19 -41.57 -46.37 -39.47
N GLN B 20 -40.34 -46.85 -39.27
CA GLN B 20 -39.21 -45.99 -38.90
C GLN B 20 -38.51 -45.45 -40.13
N ALA B 21 -39.22 -44.61 -40.88
CA ALA B 21 -38.68 -43.98 -42.08
C ALA B 21 -39.04 -42.49 -42.14
N GLY B 22 -40.02 -42.09 -41.33
CA GLY B 22 -40.45 -40.69 -41.26
C GLY B 22 -41.85 -40.52 -40.70
N PRO B 23 -42.44 -39.31 -40.89
CA PRO B 23 -43.82 -39.05 -40.48
C PRO B 23 -44.85 -39.53 -41.50
N ASN B 24 -44.63 -39.21 -42.78
CA ASN B 24 -45.59 -39.47 -43.85
C ASN B 24 -45.74 -40.94 -44.27
N CYS B 25 -44.62 -41.56 -44.60
CA CYS B 25 -44.57 -42.87 -45.28
C CYS B 25 -45.66 -43.84 -44.81
N GLY B 26 -46.51 -44.24 -45.75
CA GLY B 26 -47.61 -45.15 -45.47
C GLY B 26 -47.36 -46.56 -45.97
N TRP B 27 -48.15 -47.51 -45.48
CA TRP B 27 -48.07 -48.92 -45.87
C TRP B 27 -49.37 -49.62 -45.56
N CYS B 28 -50.09 -50.02 -46.61
CA CYS B 28 -51.42 -50.64 -46.48
C CYS B 28 -51.35 -52.16 -46.31
N THR B 29 -51.97 -52.67 -45.25
CA THR B 29 -51.97 -54.10 -44.94
C THR B 29 -53.37 -54.70 -45.07
N ARG B 43 -45.29 -46.53 -52.63
CA ARG B 43 -45.45 -47.49 -51.54
C ARG B 43 -45.21 -46.82 -50.17
N CYS B 44 -44.00 -46.91 -49.67
CA CYS B 44 -43.58 -46.17 -48.48
C CYS B 44 -43.05 -44.83 -48.97
N ASP B 45 -43.98 -43.94 -49.32
CA ASP B 45 -43.68 -42.71 -50.05
C ASP B 45 -44.14 -41.40 -49.36
N ASP B 46 -45.45 -41.25 -49.18
CA ASP B 46 -46.05 -40.02 -48.64
C ASP B 46 -47.39 -40.25 -47.92
N LEU B 47 -47.86 -39.22 -47.24
CA LEU B 47 -49.17 -39.23 -46.58
C LEU B 47 -50.25 -38.83 -47.58
N GLU B 48 -50.16 -37.60 -48.07
CA GLU B 48 -51.18 -37.02 -48.95
C GLU B 48 -51.05 -37.52 -50.41
N ALA B 49 -50.37 -38.64 -50.60
CA ALA B 49 -50.25 -39.30 -51.90
C ALA B 49 -50.76 -40.74 -51.87
N LEU B 50 -50.39 -41.47 -50.81
CA LEU B 50 -50.93 -42.81 -50.56
C LEU B 50 -52.39 -42.72 -50.12
N LYS B 51 -52.68 -41.69 -49.32
CA LYS B 51 -54.03 -41.42 -48.85
C LYS B 51 -54.82 -40.59 -49.88
N LYS B 52 -54.12 -40.12 -50.91
CA LYS B 52 -54.73 -39.49 -52.08
C LYS B 52 -55.21 -40.56 -53.06
N LYS B 53 -54.49 -41.69 -53.07
CA LYS B 53 -54.85 -42.83 -53.93
C LYS B 53 -55.57 -43.92 -53.13
N GLY B 54 -56.21 -44.84 -53.83
CA GLY B 54 -57.10 -45.84 -53.24
C GLY B 54 -56.52 -46.75 -52.19
N CYS B 55 -56.61 -46.34 -50.93
CA CYS B 55 -56.34 -47.21 -49.78
C CYS B 55 -57.27 -46.88 -48.61
N PRO B 56 -57.99 -47.89 -48.08
CA PRO B 56 -58.94 -47.69 -46.99
C PRO B 56 -58.26 -47.33 -45.66
N PRO B 57 -58.64 -46.19 -45.06
CA PRO B 57 -58.14 -45.80 -43.74
C PRO B 57 -58.67 -46.68 -42.61
N ASP B 58 -58.65 -48.00 -42.82
CA ASP B 58 -59.04 -48.98 -41.82
C ASP B 58 -57.85 -49.86 -41.48
N ASP B 59 -57.18 -50.34 -42.53
CA ASP B 59 -56.06 -51.27 -42.41
C ASP B 59 -54.70 -50.58 -42.35
N ILE B 60 -54.70 -49.26 -42.54
CA ILE B 60 -53.47 -48.44 -42.54
C ILE B 60 -52.80 -48.41 -41.16
N GLU B 61 -51.47 -48.38 -41.15
CA GLU B 61 -50.69 -48.45 -39.92
C GLU B 61 -50.10 -47.12 -39.43
N ASN B 62 -50.50 -46.72 -38.22
CA ASN B 62 -49.99 -45.53 -37.53
C ASN B 62 -50.16 -45.67 -36.01
N PRO B 63 -49.15 -46.26 -35.34
CA PRO B 63 -49.20 -46.41 -33.89
C PRO B 63 -48.46 -45.26 -33.18
N ARG B 64 -48.93 -44.04 -33.40
CA ARG B 64 -48.19 -42.82 -33.05
C ARG B 64 -47.90 -42.59 -31.56
N GLY B 65 -47.16 -41.53 -31.26
CA GLY B 65 -46.60 -41.29 -29.92
C GLY B 65 -47.46 -40.48 -28.97
N SER B 66 -47.30 -40.74 -27.67
CA SER B 66 -48.17 -40.16 -26.63
C SER B 66 -47.42 -39.58 -25.42
N LYS B 67 -48.06 -38.61 -24.76
CA LYS B 67 -47.59 -38.07 -23.48
C LYS B 67 -48.35 -38.76 -22.36
N ASP B 68 -47.72 -38.91 -21.18
CA ASP B 68 -48.38 -39.55 -20.02
C ASP B 68 -47.81 -39.15 -18.66
N ILE B 69 -48.45 -38.16 -18.03
CA ILE B 69 -47.95 -37.57 -16.78
C ILE B 69 -48.24 -38.42 -15.53
N LYS B 70 -47.19 -38.95 -14.91
CA LYS B 70 -47.33 -39.91 -13.81
C LYS B 70 -47.19 -39.29 -12.42
N LYS B 71 -46.12 -38.52 -12.21
CA LYS B 71 -45.94 -37.80 -10.94
C LYS B 71 -45.94 -36.29 -11.18
N ASN B 72 -46.82 -35.58 -10.48
CA ASN B 72 -47.16 -34.20 -10.83
C ASN B 72 -47.74 -33.42 -9.66
N LYS B 73 -47.00 -33.33 -8.57
CA LYS B 73 -47.42 -32.48 -7.46
C LYS B 73 -47.51 -31.05 -7.97
N ASN B 74 -48.55 -30.34 -7.55
CA ASN B 74 -48.73 -28.94 -7.93
C ASN B 74 -47.64 -28.05 -7.38
N VAL B 75 -47.22 -27.10 -8.22
CA VAL B 75 -46.40 -25.98 -7.82
C VAL B 75 -47.03 -25.36 -6.56
N THR B 76 -46.25 -25.21 -5.50
CA THR B 76 -46.79 -24.66 -4.26
C THR B 76 -47.18 -23.21 -4.45
N ASN B 77 -48.45 -22.94 -4.19
CA ASN B 77 -48.99 -21.58 -4.17
C ASN B 77 -48.97 -21.09 -2.74
N ARG B 78 -49.08 -19.78 -2.54
CA ARG B 78 -49.03 -19.24 -1.19
C ARG B 78 -50.41 -19.01 -0.57
N SER B 79 -51.36 -19.90 -0.87
CA SER B 79 -52.74 -19.78 -0.40
C SER B 79 -52.85 -19.64 1.12
N LYS B 80 -52.09 -20.44 1.86
CA LYS B 80 -52.16 -20.46 3.32
C LYS B 80 -51.59 -19.22 4.02
N GLY B 81 -51.14 -18.24 3.23
CA GLY B 81 -50.80 -16.93 3.76
C GLY B 81 -49.47 -16.84 4.47
N THR B 82 -49.23 -15.68 5.07
CA THR B 82 -47.94 -15.32 5.67
C THR B 82 -47.66 -16.04 6.98
N ALA B 83 -48.69 -16.64 7.57
CA ALA B 83 -48.54 -17.34 8.85
C ALA B 83 -48.00 -18.74 8.64
N GLU B 84 -48.10 -19.25 7.42
CA GLU B 84 -47.51 -20.54 7.10
C GLU B 84 -46.03 -20.38 6.81
N LYS B 85 -45.23 -20.91 7.75
CA LYS B 85 -43.81 -21.04 7.59
C LYS B 85 -43.58 -22.44 7.07
N LEU B 86 -43.34 -22.53 5.77
CA LEU B 86 -43.44 -23.78 5.04
C LEU B 86 -42.17 -24.63 5.09
N LYS B 87 -42.37 -25.93 5.31
CA LYS B 87 -41.30 -26.91 5.38
C LYS B 87 -40.56 -27.01 4.04
N PRO B 88 -39.22 -26.86 4.05
CA PRO B 88 -38.42 -26.90 2.83
C PRO B 88 -38.75 -28.13 1.97
N GLU B 89 -39.18 -29.20 2.63
CA GLU B 89 -39.46 -30.47 1.95
C GLU B 89 -40.83 -30.48 1.30
N ASP B 90 -41.66 -29.48 1.61
CA ASP B 90 -42.99 -29.35 1.01
C ASP B 90 -43.00 -28.47 -0.23
N ILE B 91 -42.09 -27.49 -0.23
CA ILE B 91 -41.95 -26.54 -1.34
C ILE B 91 -41.78 -27.31 -2.64
N HIS B 92 -42.54 -26.92 -3.66
CA HIS B 92 -42.36 -27.49 -4.99
C HIS B 92 -42.27 -26.47 -6.07
N GLN B 93 -41.06 -26.29 -6.59
CA GLN B 93 -40.76 -25.24 -7.57
C GLN B 93 -40.95 -25.67 -9.02
N ILE B 94 -40.89 -26.98 -9.27
CA ILE B 94 -40.93 -27.48 -10.65
C ILE B 94 -41.92 -28.66 -10.83
N GLN B 95 -42.73 -28.56 -11.86
CA GLN B 95 -43.84 -29.46 -12.10
C GLN B 95 -44.05 -29.55 -13.61
N PRO B 96 -44.22 -30.78 -14.17
CA PRO B 96 -44.29 -32.14 -13.59
C PRO B 96 -42.99 -32.65 -12.93
N GLN B 97 -43.03 -33.84 -12.32
CA GLN B 97 -41.84 -34.43 -11.68
C GLN B 97 -41.41 -35.75 -12.28
N GLN B 98 -42.39 -36.50 -12.78
CA GLN B 98 -42.17 -37.81 -13.40
C GLN B 98 -43.16 -37.94 -14.55
N LEU B 99 -42.62 -38.08 -15.74
CA LEU B 99 -43.40 -38.11 -16.95
C LEU B 99 -42.88 -39.27 -17.79
N VAL B 100 -43.79 -40.00 -18.44
CA VAL B 100 -43.38 -41.06 -19.37
C VAL B 100 -43.76 -40.64 -20.79
N LEU B 101 -42.79 -40.62 -21.68
CA LEU B 101 -43.01 -40.17 -23.04
C LEU B 101 -42.84 -41.31 -24.02
N ARG B 102 -43.91 -41.61 -24.76
CA ARG B 102 -43.90 -42.66 -25.77
C ARG B 102 -43.58 -42.05 -27.12
N LEU B 103 -42.44 -42.45 -27.67
CA LEU B 103 -41.83 -41.74 -28.78
C LEU B 103 -41.70 -42.58 -30.06
N ARG B 104 -42.23 -42.03 -31.16
CA ARG B 104 -42.10 -42.64 -32.47
C ARG B 104 -41.07 -41.85 -33.27
N SER B 105 -40.53 -42.45 -34.31
CA SER B 105 -39.47 -41.85 -35.11
C SER B 105 -39.93 -40.70 -35.99
N GLY B 106 -39.26 -39.55 -35.86
CA GLY B 106 -39.54 -38.36 -36.65
C GLY B 106 -40.61 -37.46 -36.06
N GLU B 107 -41.36 -37.99 -35.08
CA GLU B 107 -42.46 -37.29 -34.46
C GLU B 107 -42.06 -36.75 -33.09
N PRO B 108 -41.91 -35.42 -32.98
CA PRO B 108 -41.59 -34.79 -31.70
C PRO B 108 -42.73 -34.95 -30.69
N GLN B 109 -42.38 -35.29 -29.45
CA GLN B 109 -43.34 -35.36 -28.36
C GLN B 109 -43.05 -34.30 -27.30
N THR B 110 -43.68 -33.14 -27.46
CA THR B 110 -43.41 -31.96 -26.65
C THR B 110 -44.29 -31.88 -25.38
N PHE B 111 -43.72 -31.39 -24.30
CA PHE B 111 -44.48 -31.14 -23.07
C PHE B 111 -44.03 -29.82 -22.42
N THR B 112 -44.88 -29.24 -21.59
CA THR B 112 -44.52 -28.00 -20.90
C THR B 112 -44.11 -28.25 -19.45
N LEU B 113 -43.27 -27.37 -18.93
CA LEU B 113 -42.77 -27.51 -17.59
C LEU B 113 -42.93 -26.16 -16.90
N LYS B 114 -43.48 -26.19 -15.69
CA LYS B 114 -43.77 -24.98 -14.94
C LYS B 114 -42.83 -24.78 -13.77
N PHE B 115 -42.09 -23.68 -13.80
CA PHE B 115 -41.24 -23.30 -12.70
C PHE B 115 -41.86 -22.13 -11.96
N LYS B 116 -41.90 -22.24 -10.64
CA LYS B 116 -42.31 -21.13 -9.79
C LYS B 116 -41.29 -20.90 -8.68
N ARG B 117 -40.86 -19.65 -8.53
CA ARG B 117 -39.87 -19.33 -7.52
C ARG B 117 -40.50 -19.20 -6.12
N ALA B 118 -40.07 -20.04 -5.19
CA ALA B 118 -40.52 -19.98 -3.81
C ALA B 118 -39.93 -18.75 -3.10
N GLU B 119 -40.48 -18.37 -1.95
CA GLU B 119 -40.05 -17.15 -1.29
C GLU B 119 -38.87 -17.34 -0.35
N ASP B 120 -38.72 -18.58 0.11
CA ASP B 120 -37.90 -18.89 1.28
C ASP B 120 -37.30 -20.29 1.11
N TYR B 121 -35.97 -20.34 1.02
CA TYR B 121 -35.27 -21.62 0.95
C TYR B 121 -33.98 -21.53 1.79
N PRO B 122 -33.65 -22.59 2.55
CA PRO B 122 -32.41 -22.59 3.33
C PRO B 122 -31.17 -22.42 2.43
N ILE B 123 -30.20 -21.65 2.92
CA ILE B 123 -29.03 -21.32 2.11
C ILE B 123 -27.74 -21.62 2.86
N ASP B 124 -26.93 -22.51 2.26
CA ASP B 124 -25.55 -22.74 2.68
C ASP B 124 -24.62 -21.85 1.87
N LEU B 125 -23.75 -21.11 2.55
CA LEU B 125 -22.80 -20.26 1.86
C LEU B 125 -21.38 -20.52 2.35
N TYR B 126 -20.49 -20.88 1.43
CA TYR B 126 -19.09 -21.06 1.81
C TYR B 126 -18.25 -19.88 1.34
N TYR B 127 -17.45 -19.34 2.26
CA TYR B 127 -16.61 -18.18 1.94
C TYR B 127 -15.16 -18.60 1.74
N LEU B 128 -14.74 -18.64 0.48
CA LEU B 128 -13.40 -19.10 0.10
C LEU B 128 -12.56 -17.90 -0.30
N MET B 129 -11.51 -17.60 0.46
CA MET B 129 -10.72 -16.40 0.18
C MET B 129 -9.19 -16.54 0.01
N ASP B 130 -8.69 -15.81 -0.98
CA ASP B 130 -7.27 -15.57 -1.20
C ASP B 130 -6.65 -15.13 0.12
N LEU B 131 -5.54 -15.76 0.51
CA LEU B 131 -4.80 -15.28 1.69
C LEU B 131 -3.35 -14.82 1.45
N SER B 132 -3.02 -14.53 0.18
CA SER B 132 -1.75 -13.89 -0.17
C SER B 132 -1.72 -12.46 0.39
N TYR B 133 -0.51 -11.91 0.58
CA TYR B 133 -0.32 -10.68 1.37
C TYR B 133 -1.16 -9.45 1.01
N SER B 134 -1.70 -9.38 -0.21
CA SER B 134 -2.55 -8.23 -0.61
C SER B 134 -3.97 -8.26 -0.02
N MET B 135 -4.26 -9.30 0.77
CA MET B 135 -5.55 -9.49 1.41
C MET B 135 -5.43 -9.35 2.93
N LYS B 136 -4.28 -8.84 3.39
CA LYS B 136 -4.08 -8.53 4.79
C LYS B 136 -5.11 -7.50 5.22
N ASP B 137 -5.20 -6.42 4.44
CA ASP B 137 -6.26 -5.43 4.61
C ASP B 137 -7.63 -6.14 4.64
N ASP B 138 -7.86 -7.02 3.66
CA ASP B 138 -9.13 -7.74 3.51
C ASP B 138 -9.42 -8.62 4.71
N LEU B 139 -8.43 -9.40 5.13
CA LEU B 139 -8.59 -10.31 6.27
C LEU B 139 -9.13 -9.58 7.49
N GLU B 140 -8.53 -8.43 7.80
CA GLU B 140 -8.90 -7.62 8.97
C GLU B 140 -10.32 -7.05 8.95
N ASN B 141 -10.90 -6.93 7.76
CA ASN B 141 -12.31 -6.62 7.63
C ASN B 141 -13.24 -7.82 7.81
N VAL B 142 -12.79 -8.99 7.37
CA VAL B 142 -13.60 -10.22 7.43
C VAL B 142 -13.82 -10.71 8.88
N LYS B 143 -13.00 -10.22 9.81
CA LYS B 143 -13.12 -10.54 11.25
C LYS B 143 -14.55 -10.48 11.80
N SER B 144 -15.32 -9.49 11.35
CA SER B 144 -16.69 -9.26 11.84
C SER B 144 -17.78 -9.73 10.87
N LEU B 145 -17.36 -10.28 9.72
CA LEU B 145 -18.27 -10.63 8.63
C LEU B 145 -19.34 -11.67 8.98
N GLY B 146 -18.98 -12.64 9.82
CA GLY B 146 -19.88 -13.74 10.20
C GLY B 146 -21.27 -13.31 10.65
N THR B 147 -21.32 -12.37 11.59
CA THR B 147 -22.60 -11.90 12.14
C THR B 147 -23.33 -10.90 11.24
N ASP B 148 -22.59 -9.95 10.67
CA ASP B 148 -23.16 -8.95 9.77
C ASP B 148 -23.71 -9.59 8.50
N LEU B 149 -23.09 -10.67 8.04
CA LEU B 149 -23.60 -11.40 6.88
C LEU B 149 -24.76 -12.33 7.26
N MET B 150 -24.66 -12.99 8.41
CA MET B 150 -25.78 -13.78 8.93
C MET B 150 -27.03 -12.92 9.06
N ASN B 151 -26.85 -11.73 9.63
CA ASN B 151 -27.96 -10.82 9.85
C ASN B 151 -28.60 -10.44 8.53
N GLU B 152 -27.78 -10.22 7.52
CA GLU B 152 -28.28 -9.77 6.24
C GLU B 152 -28.95 -10.88 5.46
N MET B 153 -28.26 -12.00 5.33
CA MET B 153 -28.77 -13.16 4.61
C MET B 153 -30.12 -13.63 5.14
N ARG B 154 -30.33 -13.45 6.44
CA ARG B 154 -31.57 -13.86 7.08
C ARG B 154 -32.82 -13.11 6.62
N ARG B 155 -32.66 -11.91 6.06
CA ARG B 155 -33.76 -11.24 5.35
C ARG B 155 -34.25 -12.09 4.20
N ILE B 156 -33.38 -12.96 3.69
CA ILE B 156 -33.65 -13.72 2.48
C ILE B 156 -33.98 -15.18 2.80
N THR B 157 -33.44 -15.67 3.91
CA THR B 157 -33.59 -17.07 4.27
C THR B 157 -33.79 -17.27 5.77
N SER B 158 -34.64 -18.23 6.12
CA SER B 158 -34.98 -18.50 7.50
C SER B 158 -33.95 -19.39 8.15
N ASP B 159 -33.16 -20.07 7.31
CA ASP B 159 -32.20 -21.07 7.77
C ASP B 159 -30.88 -20.93 7.00
N PHE B 160 -30.00 -20.09 7.53
CA PHE B 160 -28.74 -19.79 6.89
C PHE B 160 -27.56 -20.39 7.64
N ARG B 161 -26.69 -21.08 6.90
CA ARG B 161 -25.41 -21.57 7.45
C ARG B 161 -24.23 -20.99 6.70
N ILE B 162 -23.15 -20.69 7.45
CA ILE B 162 -21.95 -20.08 6.90
C ILE B 162 -20.70 -20.95 7.11
N GLY B 163 -19.78 -20.92 6.13
CA GLY B 163 -18.48 -21.57 6.24
C GLY B 163 -17.36 -20.63 5.83
N PHE B 164 -16.11 -21.01 6.12
CA PHE B 164 -14.94 -20.24 5.68
C PHE B 164 -13.76 -21.14 5.31
N GLY B 165 -13.14 -20.84 4.19
CA GLY B 165 -11.94 -21.57 3.77
C GLY B 165 -10.92 -20.63 3.14
N SER B 166 -9.65 -20.93 3.35
CA SER B 166 -8.57 -20.12 2.79
C SER B 166 -7.75 -20.90 1.79
N PHE B 167 -7.04 -20.16 0.93
CA PHE B 167 -6.12 -20.74 -0.05
C PHE B 167 -5.06 -19.73 -0.42
N VAL B 168 -3.86 -20.21 -0.78
CA VAL B 168 -2.86 -19.35 -1.42
C VAL B 168 -2.33 -19.97 -2.71
N GLU B 169 -1.51 -21.01 -2.61
CA GLU B 169 -0.82 -21.52 -3.80
C GLU B 169 -0.37 -22.98 -3.69
N LYS B 170 -0.03 -23.57 -4.84
CA LYS B 170 0.73 -24.83 -4.87
C LYS B 170 2.10 -24.64 -4.20
N THR B 171 2.46 -25.54 -3.30
CA THR B 171 3.69 -25.38 -2.50
C THR B 171 4.92 -26.07 -3.10
N VAL B 172 5.21 -25.73 -4.36
CA VAL B 172 6.27 -26.36 -5.14
C VAL B 172 6.93 -25.30 -6.02
N MET B 173 8.21 -25.52 -6.35
CA MET B 173 8.88 -24.87 -7.48
C MET B 173 7.95 -25.02 -8.68
N PRO B 174 7.73 -23.94 -9.46
CA PRO B 174 8.27 -22.60 -9.37
C PRO B 174 7.28 -21.57 -8.83
N TYR B 175 6.15 -22.04 -8.28
CA TYR B 175 5.04 -21.15 -7.91
C TYR B 175 5.29 -20.43 -6.59
N ILE B 176 5.90 -21.14 -5.64
CA ILE B 176 6.42 -20.52 -4.43
C ILE B 176 7.94 -20.53 -4.52
N SER B 177 8.62 -19.61 -3.83
CA SER B 177 10.08 -19.71 -3.73
C SER B 177 10.46 -20.71 -2.64
N THR B 178 11.46 -21.54 -2.90
CA THR B 178 11.79 -22.64 -1.99
C THR B 178 13.09 -22.51 -1.20
N THR B 179 13.59 -21.29 -1.02
CA THR B 179 14.72 -21.06 -0.09
C THR B 179 14.20 -21.23 1.34
N PRO B 180 14.92 -21.99 2.20
CA PRO B 180 14.42 -22.31 3.55
C PRO B 180 13.78 -21.10 4.27
N ALA B 181 14.35 -19.91 4.10
CA ALA B 181 13.83 -18.67 4.69
C ALA B 181 12.42 -18.33 4.19
N LYS B 182 12.29 -18.10 2.88
CA LYS B 182 11.00 -17.81 2.23
C LYS B 182 10.02 -18.98 2.31
N LEU B 183 10.55 -20.17 2.54
CA LEU B 183 9.73 -21.36 2.74
C LEU B 183 8.98 -21.29 4.07
N ARG B 184 9.48 -20.45 4.98
CA ARG B 184 8.87 -20.22 6.30
C ARG B 184 8.23 -18.84 6.39
N ASN B 185 8.86 -17.85 5.78
CA ASN B 185 8.25 -16.53 5.63
C ASN B 185 8.42 -16.03 4.20
N PRO B 186 7.41 -16.31 3.35
CA PRO B 186 7.47 -16.00 1.91
C PRO B 186 7.57 -14.51 1.58
N CYS B 187 7.49 -13.68 2.61
CA CYS B 187 7.47 -12.23 2.42
C CYS B 187 8.73 -11.57 2.98
N THR B 188 8.67 -10.27 3.23
CA THR B 188 9.83 -9.51 3.72
C THR B 188 10.12 -9.76 5.22
N SER B 189 11.08 -9.00 5.75
CA SER B 189 11.49 -9.10 7.15
C SER B 189 10.34 -8.73 8.10
N GLU B 190 9.83 -7.52 7.95
CA GLU B 190 8.75 -6.99 8.80
C GLU B 190 7.46 -7.76 8.59
N GLN B 191 7.10 -7.94 7.31
CA GLN B 191 5.92 -8.71 6.93
C GLN B 191 5.98 -10.10 7.54
N ASN B 192 4.96 -10.44 8.33
CA ASN B 192 4.95 -11.66 9.15
C ASN B 192 4.30 -12.88 8.51
N CYS B 193 4.26 -12.93 7.18
CA CYS B 193 3.61 -14.02 6.45
C CYS B 193 3.84 -15.41 7.04
N THR B 194 2.76 -16.16 7.20
CA THR B 194 2.85 -17.59 7.51
C THR B 194 3.33 -18.35 6.27
N THR B 195 3.70 -19.61 6.47
CA THR B 195 4.16 -20.47 5.39
C THR B 195 3.03 -20.66 4.37
N PRO B 196 3.37 -20.75 3.08
CA PRO B 196 2.41 -21.01 2.00
C PRO B 196 1.67 -22.33 2.19
N PHE B 197 0.42 -22.36 1.73
CA PHE B 197 -0.42 -23.56 1.73
C PHE B 197 -1.38 -23.56 0.52
N SER B 198 -1.92 -24.73 0.21
CA SER B 198 -2.81 -24.89 -0.93
C SER B 198 -4.25 -24.53 -0.59
N TYR B 199 -4.84 -25.29 0.31
CA TYR B 199 -6.20 -25.06 0.78
C TYR B 199 -6.40 -25.50 2.23
N LYS B 200 -7.04 -24.63 3.01
CA LYS B 200 -7.37 -24.91 4.40
C LYS B 200 -8.86 -24.70 4.63
N ASN B 201 -9.53 -25.75 5.08
CA ASN B 201 -10.91 -25.62 5.52
C ASN B 201 -10.91 -25.10 6.96
N VAL B 202 -11.11 -23.79 7.10
CA VAL B 202 -11.06 -23.16 8.41
C VAL B 202 -12.31 -23.48 9.23
N LEU B 203 -13.46 -23.49 8.55
CA LEU B 203 -14.75 -23.74 9.18
C LEU B 203 -15.73 -24.41 8.23
N SER B 204 -16.08 -25.66 8.54
CA SER B 204 -17.17 -26.30 7.81
C SER B 204 -18.49 -25.65 8.27
N LEU B 205 -19.57 -25.88 7.52
CA LEU B 205 -20.79 -25.08 7.64
C LEU B 205 -21.50 -25.09 9.00
N THR B 206 -21.51 -23.92 9.63
CA THR B 206 -22.20 -23.70 10.90
C THR B 206 -23.23 -22.59 10.79
N ASN B 207 -24.19 -22.58 11.71
CA ASN B 207 -25.11 -21.45 11.85
C ASN B 207 -24.68 -20.52 12.99
N LYS B 208 -23.50 -20.78 13.54
CA LYS B 208 -22.95 -19.94 14.60
C LYS B 208 -22.00 -18.92 14.00
N GLY B 209 -22.60 -17.86 13.45
CA GLY B 209 -21.85 -16.77 12.82
C GLY B 209 -20.77 -16.17 13.67
N GLU B 210 -20.92 -16.24 14.99
CA GLU B 210 -19.93 -15.69 15.89
C GLU B 210 -18.69 -16.60 15.95
N VAL B 211 -18.91 -17.90 15.77
CA VAL B 211 -17.80 -18.87 15.67
C VAL B 211 -16.95 -18.55 14.45
N PHE B 212 -17.60 -18.24 13.33
CA PHE B 212 -16.95 -17.65 12.16
C PHE B 212 -16.05 -16.49 12.59
N ASN B 213 -16.64 -15.51 13.27
CA ASN B 213 -15.91 -14.30 13.65
C ASN B 213 -14.62 -14.51 14.44
N GLU B 214 -14.65 -15.45 15.39
CA GLU B 214 -13.48 -15.72 16.21
C GLU B 214 -12.41 -16.47 15.44
N LEU B 215 -12.84 -17.52 14.74
CA LEU B 215 -11.95 -18.41 13.99
C LEU B 215 -11.29 -17.74 12.77
N VAL B 216 -12.01 -16.83 12.12
CA VAL B 216 -11.46 -16.08 10.98
C VAL B 216 -10.38 -15.09 11.45
N GLY B 217 -10.58 -14.54 12.63
CA GLY B 217 -9.62 -13.59 13.21
C GLY B 217 -8.40 -14.25 13.85
N LYS B 218 -8.33 -15.57 13.74
CA LYS B 218 -7.17 -16.34 14.22
C LYS B 218 -6.28 -16.83 13.06
N GLN B 219 -6.77 -16.68 11.83
CA GLN B 219 -6.00 -17.01 10.63
C GLN B 219 -4.90 -15.98 10.37
N ARG B 220 -3.72 -16.46 10.03
CA ARG B 220 -2.60 -15.59 9.71
C ARG B 220 -2.44 -15.47 8.20
N ILE B 221 -2.10 -14.27 7.76
CA ILE B 221 -1.92 -13.93 6.34
C ILE B 221 -0.65 -14.59 5.77
N SER B 222 -0.70 -15.00 4.51
CA SER B 222 0.45 -15.62 3.84
C SER B 222 0.94 -14.80 2.63
N GLY B 223 1.61 -15.49 1.70
CA GLY B 223 2.10 -14.89 0.46
C GLY B 223 2.72 -15.97 -0.41
N ASN B 224 2.91 -15.66 -1.70
CA ASN B 224 3.64 -16.55 -2.62
C ASN B 224 4.26 -15.78 -3.78
N LEU B 225 4.89 -16.50 -4.70
CA LEU B 225 5.71 -15.85 -5.73
C LEU B 225 4.96 -15.32 -6.96
N ASP B 226 4.43 -16.21 -7.78
CA ASP B 226 3.79 -15.79 -9.02
C ASP B 226 2.42 -15.20 -8.77
N SER B 227 2.00 -14.35 -9.71
CA SER B 227 0.76 -13.57 -9.53
C SER B 227 -0.53 -14.41 -9.38
N PRO B 228 -0.87 -15.23 -10.40
CA PRO B 228 -2.13 -15.96 -10.28
C PRO B 228 -2.03 -16.98 -9.15
N GLU B 229 -3.12 -17.16 -8.40
CA GLU B 229 -3.08 -18.08 -7.27
C GLU B 229 -3.73 -19.41 -7.64
N GLY B 230 -3.76 -20.34 -6.69
CA GLY B 230 -4.27 -21.68 -6.98
C GLY B 230 -5.60 -21.99 -6.31
N GLY B 231 -6.52 -21.03 -6.38
CA GLY B 231 -7.86 -21.20 -5.82
C GLY B 231 -8.66 -22.28 -6.53
N PHE B 232 -8.25 -22.63 -7.74
CA PHE B 232 -8.93 -23.69 -8.48
C PHE B 232 -8.70 -25.04 -7.83
N ASP B 233 -7.53 -25.20 -7.19
CA ASP B 233 -7.27 -26.39 -6.38
C ASP B 233 -8.28 -26.40 -5.22
N ALA B 234 -8.56 -25.20 -4.71
CA ALA B 234 -9.44 -25.01 -3.56
C ALA B 234 -10.92 -25.19 -3.92
N ILE B 235 -11.38 -24.52 -4.97
CA ILE B 235 -12.77 -24.65 -5.41
C ILE B 235 -13.18 -26.13 -5.54
N MET B 236 -12.30 -26.92 -6.16
CA MET B 236 -12.56 -28.32 -6.40
C MET B 236 -12.79 -29.08 -5.12
N GLN B 237 -11.91 -28.87 -4.15
CA GLN B 237 -12.05 -29.58 -2.88
C GLN B 237 -13.35 -29.16 -2.21
N VAL B 238 -13.64 -27.85 -2.21
CA VAL B 238 -14.87 -27.32 -1.62
C VAL B 238 -16.08 -27.95 -2.28
N ALA B 239 -15.98 -28.23 -3.57
CA ALA B 239 -17.08 -28.83 -4.31
C ALA B 239 -17.30 -30.32 -3.99
N VAL B 240 -16.22 -31.06 -3.76
CA VAL B 240 -16.28 -32.52 -3.77
C VAL B 240 -16.17 -33.19 -2.40
N CYS B 241 -15.68 -32.43 -1.42
CA CYS B 241 -15.55 -32.93 -0.05
C CYS B 241 -16.83 -32.73 0.75
N GLY B 242 -17.94 -33.31 0.27
CA GLY B 242 -19.28 -33.12 0.84
C GLY B 242 -19.36 -32.97 2.35
N SER B 243 -19.41 -34.11 3.04
CA SER B 243 -19.56 -34.14 4.49
C SER B 243 -18.51 -33.35 5.27
N LEU B 244 -17.29 -33.24 4.73
CA LEU B 244 -16.23 -32.50 5.42
C LEU B 244 -16.44 -30.98 5.37
N ILE B 245 -17.15 -30.51 4.36
CA ILE B 245 -17.56 -29.10 4.29
C ILE B 245 -18.90 -28.88 4.99
N GLY B 246 -19.80 -29.86 4.87
CA GLY B 246 -21.09 -29.81 5.53
C GLY B 246 -22.26 -29.34 4.68
N TRP B 247 -22.15 -29.47 3.36
CA TRP B 247 -23.23 -29.12 2.45
C TRP B 247 -24.45 -29.93 2.76
N ARG B 248 -25.58 -29.25 2.92
CA ARG B 248 -26.89 -29.88 3.00
C ARG B 248 -27.47 -29.83 1.59
N ASN B 249 -28.47 -30.66 1.29
CA ASN B 249 -29.16 -30.60 0.00
C ASN B 249 -30.09 -29.39 -0.12
N VAL B 250 -29.52 -28.21 0.07
CA VAL B 250 -30.21 -26.95 -0.12
C VAL B 250 -29.51 -26.15 -1.22
N THR B 251 -29.87 -24.87 -1.39
CA THR B 251 -29.12 -24.06 -2.33
C THR B 251 -27.75 -23.71 -1.72
N ARG B 252 -26.71 -23.87 -2.55
CA ARG B 252 -25.32 -23.78 -2.11
C ARG B 252 -24.60 -22.62 -2.77
N LEU B 253 -24.11 -21.69 -1.95
CA LEU B 253 -23.37 -20.57 -2.49
C LEU B 253 -21.91 -20.68 -2.10
N LEU B 254 -21.05 -20.58 -3.11
CA LEU B 254 -19.63 -20.46 -2.87
C LEU B 254 -19.17 -19.07 -3.25
N VAL B 255 -18.77 -18.29 -2.26
CA VAL B 255 -18.14 -17.00 -2.50
C VAL B 255 -16.64 -17.23 -2.67
N PHE B 256 -16.13 -16.82 -3.83
CA PHE B 256 -14.71 -16.97 -4.14
C PHE B 256 -14.13 -15.57 -4.31
N SER B 257 -13.36 -15.13 -3.32
CA SER B 257 -12.89 -13.74 -3.32
C SER B 257 -11.37 -13.63 -3.32
N THR B 258 -10.87 -12.76 -4.20
CA THR B 258 -9.43 -12.67 -4.55
C THR B 258 -9.08 -11.39 -5.33
N ASP B 259 -7.81 -10.99 -5.29
CA ASP B 259 -7.33 -9.87 -6.09
C ASP B 259 -6.26 -10.27 -7.11
N ALA B 260 -6.39 -11.48 -7.66
CA ALA B 260 -5.47 -11.99 -8.68
C ALA B 260 -6.18 -12.93 -9.66
N GLY B 261 -5.49 -13.25 -10.75
CA GLY B 261 -5.97 -14.26 -11.69
C GLY B 261 -5.82 -15.67 -11.15
N PHE B 262 -6.00 -16.66 -12.02
CA PHE B 262 -6.08 -18.05 -11.58
C PHE B 262 -5.26 -19.00 -12.43
N HIS B 263 -4.50 -19.86 -11.76
CA HIS B 263 -3.89 -21.01 -12.42
C HIS B 263 -4.95 -21.99 -12.81
N PHE B 264 -4.71 -22.71 -13.90
CA PHE B 264 -5.60 -23.78 -14.32
C PHE B 264 -4.77 -24.87 -14.98
N ALA B 265 -5.41 -25.98 -15.31
CA ALA B 265 -4.74 -27.12 -15.96
C ALA B 265 -3.70 -26.70 -16.99
N GLY B 266 -2.52 -27.32 -16.93
CA GLY B 266 -1.46 -27.04 -17.87
C GLY B 266 -0.32 -26.30 -17.20
N ASP B 267 -0.67 -25.40 -16.30
CA ASP B 267 0.30 -24.65 -15.51
C ASP B 267 1.10 -25.58 -14.60
N GLY B 268 0.53 -26.75 -14.30
CA GLY B 268 1.15 -27.72 -13.39
C GLY B 268 2.44 -28.29 -13.95
N LYS B 269 2.53 -28.31 -15.28
CA LYS B 269 3.72 -28.80 -15.99
C LYS B 269 5.01 -28.12 -15.51
N LEU B 270 5.02 -26.79 -15.53
CA LEU B 270 6.13 -26.02 -15.02
C LEU B 270 6.67 -26.60 -13.72
N GLY B 271 5.77 -27.08 -12.85
CA GLY B 271 6.17 -27.58 -11.54
C GLY B 271 6.49 -29.07 -11.53
N GLY B 272 6.40 -29.69 -12.70
CA GLY B 272 6.59 -31.14 -12.82
C GLY B 272 5.30 -31.90 -12.69
N ILE B 273 4.25 -31.18 -12.29
CA ILE B 273 2.93 -31.77 -12.11
C ILE B 273 2.23 -31.92 -13.45
N VAL B 274 1.82 -33.14 -13.75
CA VAL B 274 1.38 -33.44 -15.10
C VAL B 274 0.20 -34.40 -15.07
N LEU B 275 -0.04 -34.98 -13.89
CA LEU B 275 -1.22 -35.77 -13.60
C LEU B 275 -2.46 -34.87 -13.41
N PRO B 276 -3.52 -35.05 -14.24
CA PRO B 276 -4.66 -34.13 -14.12
C PRO B 276 -5.46 -34.36 -12.85
N ASN B 277 -5.93 -33.27 -12.24
CA ASN B 277 -6.82 -33.31 -11.08
C ASN B 277 -7.85 -34.45 -11.18
N ASP B 278 -8.05 -35.20 -10.10
CA ASP B 278 -8.94 -36.37 -10.14
C ASP B 278 -10.40 -36.08 -9.74
N GLY B 279 -10.63 -34.88 -9.20
CA GLY B 279 -11.97 -34.46 -8.77
C GLY B 279 -12.46 -35.19 -7.53
N GLN B 280 -11.51 -35.64 -6.72
CA GLN B 280 -11.78 -36.45 -5.54
C GLN B 280 -11.35 -35.67 -4.31
N CYS B 281 -11.83 -36.08 -3.15
CA CYS B 281 -11.44 -35.40 -1.92
C CYS B 281 -10.10 -35.91 -1.38
N HIS B 282 -9.27 -34.98 -0.95
CA HIS B 282 -7.96 -35.28 -0.38
C HIS B 282 -7.65 -34.36 0.77
N LEU B 283 -8.61 -34.28 1.69
CA LEU B 283 -8.45 -33.47 2.89
C LEU B 283 -7.87 -34.31 4.01
N GLU B 284 -6.98 -33.71 4.78
CA GLU B 284 -6.44 -34.34 5.97
C GLU B 284 -6.15 -33.22 6.96
N ASN B 285 -6.77 -33.31 8.14
CA ASN B 285 -6.74 -32.24 9.15
C ASN B 285 -7.19 -30.92 8.54
N ASN B 286 -8.19 -31.01 7.65
CA ASN B 286 -8.70 -29.86 6.91
C ASN B 286 -7.69 -29.16 6.00
N MET B 287 -6.72 -29.92 5.49
CA MET B 287 -5.75 -29.42 4.51
C MET B 287 -5.77 -30.26 3.26
N TYR B 288 -5.79 -29.60 2.11
CA TYR B 288 -5.61 -30.28 0.84
C TYR B 288 -4.16 -30.74 0.80
N THR B 289 -3.97 -32.04 0.63
CA THR B 289 -2.66 -32.67 0.76
C THR B 289 -1.92 -32.91 -0.55
N MET B 290 -2.67 -32.88 -1.65
CA MET B 290 -2.13 -33.36 -2.91
C MET B 290 -1.89 -32.28 -3.96
N SER B 291 -1.58 -31.05 -3.53
CA SER B 291 -1.27 -29.96 -4.45
C SER B 291 0.03 -30.17 -5.19
N HIS B 292 0.92 -30.96 -4.58
CA HIS B 292 2.16 -31.42 -5.21
C HIS B 292 1.86 -32.38 -6.34
N TYR B 293 0.81 -33.18 -6.17
CA TYR B 293 0.64 -34.39 -6.98
C TYR B 293 -0.33 -34.21 -8.13
N TYR B 294 -1.31 -33.33 -7.96
CA TYR B 294 -2.32 -33.09 -9.00
C TYR B 294 -2.26 -31.71 -9.63
N ASP B 295 -2.50 -31.67 -10.93
CA ASP B 295 -2.57 -30.44 -11.68
C ASP B 295 -3.74 -29.62 -11.16
N TYR B 296 -3.71 -28.31 -11.39
CA TYR B 296 -4.88 -27.48 -11.17
C TYR B 296 -5.96 -27.97 -12.12
N PRO B 297 -7.24 -27.94 -11.69
CA PRO B 297 -8.32 -28.34 -12.59
C PRO B 297 -8.49 -27.38 -13.76
N SER B 298 -9.01 -27.90 -14.88
CA SER B 298 -9.34 -27.10 -16.04
C SER B 298 -10.67 -26.41 -15.78
N ILE B 299 -11.01 -25.39 -16.56
CA ILE B 299 -12.30 -24.73 -16.37
C ILE B 299 -13.41 -25.73 -16.55
N ALA B 300 -13.33 -26.53 -17.63
CA ALA B 300 -14.29 -27.58 -17.94
C ALA B 300 -14.51 -28.53 -16.77
N HIS B 301 -13.42 -28.92 -16.12
CA HIS B 301 -13.50 -29.78 -14.95
C HIS B 301 -14.35 -29.19 -13.86
N LEU B 302 -14.09 -27.94 -13.49
CA LEU B 302 -14.89 -27.23 -12.49
C LEU B 302 -16.36 -27.17 -12.92
N VAL B 303 -16.58 -26.83 -14.18
CA VAL B 303 -17.93 -26.75 -14.72
C VAL B 303 -18.63 -28.06 -14.41
N GLN B 304 -17.97 -29.17 -14.65
CA GLN B 304 -18.54 -30.47 -14.34
C GLN B 304 -18.83 -30.66 -12.84
N LYS B 305 -17.80 -30.62 -12.01
CA LYS B 305 -17.97 -30.91 -10.59
C LYS B 305 -18.81 -29.88 -9.82
N LEU B 306 -18.82 -28.62 -10.27
CA LEU B 306 -19.64 -27.59 -9.64
C LEU B 306 -21.09 -27.81 -10.01
N SER B 307 -21.33 -28.02 -11.30
CA SER B 307 -22.66 -28.25 -11.80
C SER B 307 -23.27 -29.48 -11.12
N GLU B 308 -22.46 -30.52 -11.01
CA GLU B 308 -22.88 -31.80 -10.44
C GLU B 308 -23.11 -31.71 -8.91
N ASN B 309 -22.46 -30.76 -8.26
CA ASN B 309 -22.65 -30.53 -6.84
C ASN B 309 -23.51 -29.30 -6.50
N ASN B 310 -24.28 -28.81 -7.48
CA ASN B 310 -25.17 -27.64 -7.29
C ASN B 310 -24.51 -26.47 -6.58
N ILE B 311 -23.32 -26.08 -7.04
CA ILE B 311 -22.64 -24.96 -6.43
C ILE B 311 -22.81 -23.71 -7.29
N GLN B 312 -23.54 -22.73 -6.76
CA GLN B 312 -23.66 -21.45 -7.41
C GLN B 312 -22.52 -20.57 -6.95
N THR B 313 -21.73 -20.11 -7.91
CA THR B 313 -20.47 -19.46 -7.59
C THR B 313 -20.58 -17.94 -7.67
N ILE B 314 -20.08 -17.27 -6.64
CA ILE B 314 -20.08 -15.83 -6.64
C ILE B 314 -18.63 -15.36 -6.64
N PHE B 315 -18.16 -14.91 -7.80
CA PHE B 315 -16.82 -14.35 -7.92
C PHE B 315 -16.78 -12.92 -7.42
N ALA B 316 -16.19 -12.75 -6.25
CA ALA B 316 -16.01 -11.44 -5.64
C ALA B 316 -14.58 -10.99 -5.86
N VAL B 317 -14.30 -10.43 -7.02
CA VAL B 317 -12.93 -10.06 -7.38
C VAL B 317 -12.81 -8.56 -7.57
N THR B 318 -11.58 -8.05 -7.39
CA THR B 318 -11.29 -6.62 -7.47
C THR B 318 -11.48 -6.08 -8.88
N GLU B 319 -11.52 -4.76 -8.98
CA GLU B 319 -11.75 -4.03 -10.24
C GLU B 319 -10.82 -4.44 -11.38
N GLU B 320 -9.53 -4.62 -11.07
CA GLU B 320 -8.55 -4.87 -12.12
C GLU B 320 -8.65 -6.25 -12.76
N PHE B 321 -9.37 -7.17 -12.12
CA PHE B 321 -9.55 -8.50 -12.68
C PHE B 321 -10.98 -8.80 -13.09
N GLN B 322 -11.77 -7.74 -13.23
CA GLN B 322 -13.11 -7.90 -13.74
C GLN B 322 -13.14 -8.51 -15.15
N PRO B 323 -12.42 -7.89 -16.12
CA PRO B 323 -12.51 -8.41 -17.49
C PRO B 323 -12.29 -9.92 -17.58
N VAL B 324 -11.44 -10.45 -16.70
CA VAL B 324 -11.12 -11.87 -16.70
C VAL B 324 -12.24 -12.69 -16.09
N TYR B 325 -12.63 -12.34 -14.86
CA TYR B 325 -13.66 -13.08 -14.15
C TYR B 325 -15.03 -12.96 -14.76
N LYS B 326 -15.24 -11.92 -15.58
CA LYS B 326 -16.45 -11.84 -16.38
C LYS B 326 -16.45 -12.94 -17.42
N GLU B 327 -15.30 -13.18 -18.06
CA GLU B 327 -15.15 -14.26 -19.03
C GLU B 327 -15.31 -15.64 -18.40
N LEU B 328 -14.69 -15.80 -17.22
CA LEU B 328 -14.86 -17.00 -16.42
C LEU B 328 -16.35 -17.26 -16.17
N LYS B 329 -17.05 -16.20 -15.76
CA LYS B 329 -18.47 -16.22 -15.45
C LYS B 329 -19.32 -16.77 -16.60
N ASN B 330 -18.93 -16.44 -17.82
CA ASN B 330 -19.66 -16.90 -19.00
C ASN B 330 -19.43 -18.36 -19.30
N LEU B 331 -18.33 -18.91 -18.78
CA LEU B 331 -18.02 -20.31 -18.99
C LEU B 331 -18.55 -21.20 -17.86
N ILE B 332 -18.84 -20.61 -16.70
CA ILE B 332 -19.43 -21.37 -15.58
C ILE B 332 -20.94 -21.19 -15.42
N PRO B 333 -21.72 -22.23 -15.78
CA PRO B 333 -23.17 -22.15 -15.64
C PRO B 333 -23.53 -21.92 -14.19
N LYS B 334 -24.44 -20.97 -13.96
CA LYS B 334 -24.90 -20.59 -12.63
C LYS B 334 -23.80 -19.97 -11.80
N SER B 335 -23.16 -18.95 -12.34
CA SER B 335 -22.18 -18.17 -11.60
C SER B 335 -22.63 -16.71 -11.56
N ALA B 336 -21.83 -15.86 -10.93
CA ALA B 336 -22.07 -14.41 -10.95
C ALA B 336 -20.82 -13.70 -10.48
N VAL B 337 -20.60 -12.49 -10.99
CA VAL B 337 -19.39 -11.76 -10.67
C VAL B 337 -19.70 -10.36 -10.14
N GLY B 338 -18.85 -9.84 -9.26
CA GLY B 338 -18.99 -8.49 -8.75
C GLY B 338 -17.71 -7.88 -8.22
N THR B 339 -17.69 -6.55 -8.15
CA THR B 339 -16.47 -5.82 -7.82
C THR B 339 -16.27 -5.73 -6.32
N LEU B 340 -15.11 -6.21 -5.87
CA LEU B 340 -14.70 -6.15 -4.48
C LEU B 340 -13.78 -4.93 -4.28
N SER B 341 -13.98 -4.21 -3.18
CA SER B 341 -13.09 -3.11 -2.84
C SER B 341 -11.78 -3.68 -2.31
N ALA B 342 -10.71 -2.89 -2.42
CA ALA B 342 -9.37 -3.35 -2.00
C ALA B 342 -9.30 -3.77 -0.54
N ASN B 343 -10.11 -3.11 0.31
CA ASN B 343 -10.23 -3.48 1.72
C ASN B 343 -11.43 -4.40 2.02
N SER B 344 -12.03 -4.94 0.95
CA SER B 344 -13.15 -5.89 1.07
C SER B 344 -14.36 -5.36 1.89
N SER B 345 -14.45 -4.04 2.03
CA SER B 345 -15.53 -3.40 2.79
C SER B 345 -16.93 -3.67 2.24
N ASN B 346 -17.04 -3.99 0.95
CA ASN B 346 -18.33 -4.08 0.27
C ASN B 346 -18.86 -5.49 -0.04
N VAL B 347 -18.32 -6.51 0.64
CA VAL B 347 -18.63 -7.90 0.31
C VAL B 347 -20.11 -8.26 0.47
N ILE B 348 -20.74 -7.75 1.54
CA ILE B 348 -22.10 -8.17 1.86
C ILE B 348 -23.05 -7.73 0.75
N GLN B 349 -22.97 -6.45 0.39
CA GLN B 349 -23.76 -5.93 -0.72
C GLN B 349 -23.49 -6.75 -1.98
N LEU B 350 -22.21 -7.06 -2.19
CA LEU B 350 -21.80 -7.87 -3.32
C LEU B 350 -22.51 -9.21 -3.34
N ILE B 351 -22.40 -9.96 -2.24
CA ILE B 351 -23.12 -11.21 -2.06
C ILE B 351 -24.62 -11.07 -2.35
N ILE B 352 -25.28 -10.11 -1.68
CA ILE B 352 -26.72 -9.88 -1.88
C ILE B 352 -27.01 -9.71 -3.36
N ASP B 353 -26.33 -8.76 -3.99
CA ASP B 353 -26.54 -8.46 -5.41
C ASP B 353 -26.35 -9.69 -6.26
N ALA B 354 -25.27 -10.42 -5.99
CA ALA B 354 -24.95 -11.65 -6.70
C ALA B 354 -26.08 -12.67 -6.52
N TYR B 355 -26.49 -12.86 -5.26
CA TYR B 355 -27.59 -13.74 -4.97
C TYR B 355 -28.87 -13.35 -5.73
N ASN B 356 -29.27 -12.08 -5.66
CA ASN B 356 -30.51 -11.64 -6.30
C ASN B 356 -30.56 -11.97 -7.78
N SER B 357 -29.48 -11.66 -8.51
CA SER B 357 -29.43 -12.01 -9.93
C SER B 357 -29.42 -13.53 -10.16
N LEU B 358 -28.59 -14.25 -9.40
CA LEU B 358 -28.58 -15.71 -9.43
C LEU B 358 -29.97 -16.31 -9.25
N SER B 359 -30.66 -15.86 -8.19
CA SER B 359 -31.93 -16.46 -7.82
C SER B 359 -33.12 -15.94 -8.64
N SER B 360 -32.87 -14.96 -9.51
CA SER B 360 -33.95 -14.40 -10.34
C SER B 360 -33.84 -14.84 -11.79
N GLU B 361 -32.98 -15.81 -12.03
CA GLU B 361 -32.87 -16.41 -13.34
C GLU B 361 -32.80 -17.93 -13.20
N VAL B 362 -33.66 -18.62 -13.92
CA VAL B 362 -33.62 -20.08 -13.95
C VAL B 362 -32.96 -20.54 -15.23
N ILE B 363 -32.09 -21.55 -15.13
CA ILE B 363 -31.48 -22.15 -16.32
C ILE B 363 -31.66 -23.65 -16.32
N LEU B 364 -32.28 -24.16 -17.37
CA LEU B 364 -32.68 -25.55 -17.44
C LEU B 364 -31.62 -26.42 -18.11
N GLU B 365 -31.27 -27.52 -17.45
CA GLU B 365 -30.26 -28.45 -17.94
C GLU B 365 -30.78 -29.90 -17.93
N ASN B 366 -30.56 -30.62 -19.02
CA ASN B 366 -30.86 -32.06 -19.05
C ASN B 366 -29.63 -32.94 -18.86
N GLY B 367 -29.86 -34.26 -18.78
CA GLY B 367 -28.79 -35.24 -18.62
C GLY B 367 -28.41 -35.89 -19.93
N LYS B 368 -27.59 -36.93 -19.86
CA LYS B 368 -27.12 -37.67 -21.04
C LYS B 368 -28.29 -38.32 -21.77
N LEU B 369 -28.48 -37.94 -23.02
CA LEU B 369 -29.43 -38.62 -23.88
C LEU B 369 -28.77 -39.85 -24.50
N SER B 370 -29.57 -40.76 -25.04
CA SER B 370 -29.05 -41.85 -25.87
C SER B 370 -29.05 -41.40 -27.33
N GLU B 371 -28.32 -42.14 -28.17
CA GLU B 371 -27.93 -41.68 -29.53
C GLU B 371 -29.00 -41.00 -30.41
N GLY B 372 -30.00 -41.75 -30.87
CA GLY B 372 -31.01 -41.21 -31.77
C GLY B 372 -32.13 -40.47 -31.05
N VAL B 373 -31.77 -39.46 -30.25
CA VAL B 373 -32.71 -38.70 -29.42
C VAL B 373 -32.18 -37.28 -29.24
N THR B 374 -32.96 -36.27 -29.61
CA THR B 374 -32.53 -34.87 -29.42
C THR B 374 -33.57 -34.04 -28.69
N ILE B 375 -33.10 -33.08 -27.88
CA ILE B 375 -33.99 -32.15 -27.20
C ILE B 375 -33.96 -30.76 -27.83
N SER B 376 -35.10 -30.06 -27.72
CA SER B 376 -35.23 -28.66 -28.06
C SER B 376 -35.90 -27.94 -26.89
N TYR B 377 -35.58 -26.66 -26.71
CA TYR B 377 -36.16 -25.87 -25.63
C TYR B 377 -36.81 -24.59 -26.14
N LYS B 378 -37.97 -24.28 -25.57
CA LYS B 378 -38.64 -22.99 -25.77
C LYS B 378 -39.05 -22.42 -24.40
N SER B 379 -38.66 -21.18 -24.12
CA SER B 379 -39.04 -20.54 -22.85
C SER B 379 -40.06 -19.44 -23.06
N TYR B 380 -40.88 -19.22 -22.03
CA TYR B 380 -41.89 -18.16 -22.04
C TYR B 380 -41.86 -17.45 -20.70
N CYS B 381 -41.17 -16.31 -20.67
CA CYS B 381 -40.91 -15.60 -19.43
C CYS B 381 -41.80 -14.38 -19.32
N LYS B 382 -41.61 -13.59 -18.27
CA LYS B 382 -42.40 -12.39 -18.01
C LYS B 382 -42.22 -11.37 -19.11
N ASN B 383 -43.20 -10.46 -19.24
CA ASN B 383 -43.22 -9.41 -20.27
C ASN B 383 -43.26 -9.98 -21.69
N GLY B 384 -43.81 -11.18 -21.83
CA GLY B 384 -43.87 -11.89 -23.10
C GLY B 384 -42.53 -12.21 -23.76
N VAL B 385 -41.44 -12.09 -23.00
CA VAL B 385 -40.11 -12.37 -23.52
C VAL B 385 -39.92 -13.89 -23.62
N ASN B 386 -39.78 -14.37 -24.86
CA ASN B 386 -39.70 -15.80 -25.15
C ASN B 386 -38.35 -16.24 -25.69
N GLY B 387 -37.81 -17.31 -25.13
CA GLY B 387 -36.52 -17.84 -25.53
C GLY B 387 -36.60 -18.90 -26.61
N THR B 388 -35.51 -19.04 -27.35
CA THR B 388 -35.45 -19.95 -28.48
C THR B 388 -34.02 -20.46 -28.78
N GLY B 389 -33.89 -21.76 -28.94
CA GLY B 389 -32.59 -22.40 -29.18
C GLY B 389 -31.89 -22.70 -27.87
N GLU B 390 -30.70 -22.16 -27.70
CA GLU B 390 -29.95 -22.28 -26.45
C GLU B 390 -30.61 -21.40 -25.38
N ASN B 391 -31.18 -20.28 -25.81
CA ASN B 391 -31.96 -19.39 -24.95
C ASN B 391 -33.32 -19.93 -24.54
N GLY B 392 -33.72 -21.06 -25.13
CA GLY B 392 -34.97 -21.73 -24.80
C GLY B 392 -34.96 -22.26 -23.38
N ARG B 393 -33.77 -22.42 -22.82
CA ARG B 393 -33.67 -22.95 -21.46
C ARG B 393 -33.38 -21.89 -20.39
N LYS B 394 -33.33 -20.62 -20.80
CA LYS B 394 -33.14 -19.52 -19.85
C LYS B 394 -34.42 -18.71 -19.67
N CYS B 395 -34.73 -18.38 -18.42
CA CYS B 395 -35.65 -17.28 -18.10
C CYS B 395 -34.97 -16.44 -17.03
N SER B 396 -34.91 -15.13 -17.24
CA SER B 396 -34.49 -14.21 -16.17
C SER B 396 -35.63 -13.28 -15.77
N ASN B 397 -35.36 -12.35 -14.86
CA ASN B 397 -36.37 -11.45 -14.30
C ASN B 397 -37.45 -12.14 -13.47
N ILE B 398 -37.15 -13.32 -12.94
CA ILE B 398 -38.09 -14.08 -12.13
C ILE B 398 -38.03 -13.57 -10.69
N SER B 399 -39.03 -12.83 -10.26
CA SER B 399 -39.09 -12.44 -8.86
C SER B 399 -39.99 -13.37 -8.04
N ILE B 400 -39.84 -13.36 -6.72
CA ILE B 400 -40.52 -14.31 -5.84
C ILE B 400 -41.99 -14.52 -6.21
N GLY B 401 -42.36 -15.78 -6.41
CA GLY B 401 -43.74 -16.15 -6.69
C GLY B 401 -44.05 -16.27 -8.17
N ASP B 402 -43.22 -15.61 -9.00
CA ASP B 402 -43.35 -15.67 -10.46
C ASP B 402 -43.39 -17.10 -11.00
N GLU B 403 -44.29 -17.34 -11.94
CA GLU B 403 -44.31 -18.59 -12.69
C GLU B 403 -43.73 -18.37 -14.08
N VAL B 404 -42.96 -19.33 -14.56
CA VAL B 404 -42.58 -19.37 -15.96
C VAL B 404 -42.81 -20.78 -16.49
N GLN B 405 -42.94 -20.89 -17.80
CA GLN B 405 -43.18 -22.18 -18.44
C GLN B 405 -42.09 -22.48 -19.46
N PHE B 406 -41.88 -23.76 -19.73
CA PHE B 406 -40.94 -24.22 -20.72
C PHE B 406 -41.57 -25.28 -21.60
N GLU B 407 -41.51 -25.07 -22.91
CA GLU B 407 -41.91 -26.07 -23.90
C GLU B 407 -40.70 -26.92 -24.33
N ILE B 408 -40.57 -28.08 -23.70
CA ILE B 408 -39.47 -29.03 -23.98
C ILE B 408 -39.90 -30.06 -25.02
N SER B 409 -39.11 -30.13 -26.09
CA SER B 409 -39.49 -30.82 -27.31
C SER B 409 -38.44 -31.90 -27.71
N ILE B 410 -38.87 -33.16 -27.73
CA ILE B 410 -37.93 -34.28 -27.97
C ILE B 410 -38.29 -35.12 -29.19
N THR B 411 -37.35 -35.25 -30.14
CA THR B 411 -37.52 -36.08 -31.33
C THR B 411 -36.71 -37.40 -31.24
N SER B 412 -36.78 -38.21 -32.30
CA SER B 412 -35.91 -39.38 -32.46
C SER B 412 -35.65 -39.66 -33.93
N ASN B 413 -34.55 -40.35 -34.22
CA ASN B 413 -34.23 -40.75 -35.59
C ASN B 413 -34.69 -42.17 -35.89
N LYS B 414 -34.19 -43.15 -35.11
CA LYS B 414 -34.61 -44.55 -35.23
C LYS B 414 -34.47 -45.33 -33.93
N CYS B 415 -35.10 -46.50 -33.89
CA CYS B 415 -35.15 -47.35 -32.69
C CYS B 415 -33.78 -47.84 -32.22
N PRO B 416 -33.30 -47.31 -31.09
CA PRO B 416 -32.05 -47.77 -30.52
C PRO B 416 -32.32 -48.81 -29.43
N LYS B 417 -32.22 -48.38 -28.17
CA LYS B 417 -32.47 -49.26 -27.03
C LYS B 417 -33.94 -49.60 -26.93
N LYS B 418 -34.24 -50.90 -26.94
CA LYS B 418 -35.61 -51.37 -26.78
C LYS B 418 -35.98 -51.45 -25.30
N ASP B 419 -35.42 -50.52 -24.53
CA ASP B 419 -35.70 -50.38 -23.10
C ASP B 419 -36.19 -48.95 -22.81
N SER B 420 -35.64 -48.32 -21.79
CA SER B 420 -36.01 -46.96 -21.40
C SER B 420 -34.80 -46.16 -20.90
N ASP B 421 -34.97 -44.83 -20.86
CA ASP B 421 -33.93 -43.92 -20.37
C ASP B 421 -34.52 -42.95 -19.36
N SER B 422 -33.94 -42.90 -18.16
CA SER B 422 -34.46 -42.04 -17.09
C SER B 422 -33.70 -40.73 -16.96
N PHE B 423 -33.53 -40.01 -18.06
CA PHE B 423 -32.79 -38.75 -18.05
C PHE B 423 -33.57 -37.61 -17.39
N LYS B 424 -32.89 -36.88 -16.51
CA LYS B 424 -33.53 -35.82 -15.71
C LYS B 424 -33.34 -34.42 -16.30
N ILE B 425 -34.40 -33.62 -16.23
CA ILE B 425 -34.31 -32.21 -16.58
C ILE B 425 -34.35 -31.42 -15.27
N ARG B 426 -33.43 -30.47 -15.15
CA ARG B 426 -33.17 -29.83 -13.87
C ARG B 426 -32.75 -28.37 -14.05
N PRO B 427 -33.30 -27.47 -13.20
CA PRO B 427 -32.75 -26.12 -13.09
C PRO B 427 -31.44 -26.16 -12.31
N LEU B 428 -30.42 -25.46 -12.82
CA LEU B 428 -29.11 -25.48 -12.20
C LEU B 428 -29.14 -24.77 -10.85
N GLY B 429 -28.57 -25.42 -9.85
CA GLY B 429 -28.61 -24.92 -8.48
C GLY B 429 -29.58 -25.71 -7.61
N PHE B 430 -30.63 -26.25 -8.22
CA PHE B 430 -31.66 -27.00 -7.49
C PHE B 430 -31.55 -28.52 -7.65
N THR B 431 -31.76 -29.22 -6.54
CA THR B 431 -31.84 -30.68 -6.51
C THR B 431 -33.15 -31.21 -7.13
N GLU B 432 -34.19 -30.38 -7.10
CA GLU B 432 -35.47 -30.70 -7.74
C GLU B 432 -35.27 -31.05 -9.20
N GLU B 433 -35.83 -32.18 -9.61
CA GLU B 433 -35.62 -32.71 -10.95
C GLU B 433 -36.94 -32.97 -11.64
N VAL B 434 -36.86 -33.34 -12.90
CA VAL B 434 -38.02 -33.85 -13.64
C VAL B 434 -37.60 -35.15 -14.32
N GLU B 435 -38.06 -36.27 -13.78
CA GLU B 435 -37.83 -37.58 -14.39
C GLU B 435 -38.58 -37.71 -15.69
N VAL B 436 -37.87 -38.02 -16.77
CA VAL B 436 -38.50 -38.19 -18.08
C VAL B 436 -38.16 -39.55 -18.68
N ILE B 437 -39.17 -40.42 -18.74
CA ILE B 437 -38.99 -41.80 -19.15
C ILE B 437 -39.38 -41.98 -20.62
N LEU B 438 -38.38 -42.29 -21.45
CA LEU B 438 -38.62 -42.58 -22.85
C LEU B 438 -38.95 -44.06 -23.04
N GLN B 439 -39.98 -44.32 -23.84
CA GLN B 439 -40.30 -45.67 -24.30
C GLN B 439 -40.48 -45.61 -25.81
N TYR B 440 -39.65 -46.36 -26.52
CA TYR B 440 -39.59 -46.31 -27.98
C TYR B 440 -40.55 -47.31 -28.60
N ILE B 441 -41.31 -46.87 -29.60
CA ILE B 441 -42.25 -47.73 -30.31
C ILE B 441 -41.62 -48.22 -31.62
N CYS B 442 -41.35 -49.53 -31.65
CA CYS B 442 -40.62 -50.19 -32.74
C CYS B 442 -41.48 -51.22 -33.49
N GLU B 443 -42.09 -52.13 -32.73
CA GLU B 443 -42.85 -53.26 -33.29
C GLU B 443 -44.06 -52.84 -34.12
N CYS B 444 -44.44 -53.71 -35.07
CA CYS B 444 -45.60 -53.50 -35.91
C CYS B 444 -46.90 -53.73 -35.14
N GLU B 445 -48.00 -53.28 -35.72
CA GLU B 445 -49.35 -53.56 -35.19
C GLU B 445 -50.37 -53.67 -36.31
N PHE C 1 -19.84 33.17 6.01
CA PHE C 1 -20.12 34.09 4.87
C PHE C 1 -21.09 35.20 5.27
N ASN C 2 -21.86 34.95 6.32
CA ASN C 2 -22.93 35.86 6.75
C ASN C 2 -22.57 36.83 7.88
N LEU C 3 -21.30 37.15 8.05
CA LEU C 3 -20.91 38.06 9.12
C LEU C 3 -20.65 39.46 8.57
N ASP C 4 -21.26 40.46 9.18
CA ASP C 4 -21.11 41.85 8.75
C ASP C 4 -19.65 42.27 8.80
N ALA C 5 -19.02 42.29 7.63
CA ALA C 5 -17.60 42.62 7.49
C ALA C 5 -17.34 44.08 7.13
N GLU C 6 -18.30 44.71 6.46
CA GLU C 6 -18.19 46.14 6.10
C GLU C 6 -18.25 47.06 7.32
N ALA C 7 -19.19 46.79 8.23
CA ALA C 7 -19.38 47.61 9.42
C ALA C 7 -19.51 46.77 10.70
N PRO C 8 -18.38 46.37 11.30
CA PRO C 8 -18.46 45.70 12.60
C PRO C 8 -18.27 46.68 13.76
N ALA C 9 -18.69 46.25 14.95
CA ALA C 9 -18.61 47.06 16.16
C ALA C 9 -17.19 47.12 16.75
N VAL C 10 -16.51 48.24 16.57
CA VAL C 10 -15.14 48.38 17.06
C VAL C 10 -15.13 49.05 18.43
N LEU C 11 -14.25 48.52 19.27
CA LEU C 11 -14.41 48.56 20.71
C LEU C 11 -13.01 48.63 21.29
N SER C 12 -12.68 49.69 22.03
CA SER C 12 -11.28 49.91 22.42
C SER C 12 -11.04 50.51 23.81
N GLY C 13 -10.11 49.91 24.55
CA GLY C 13 -9.70 50.38 25.87
C GLY C 13 -8.43 51.23 25.91
N PRO C 14 -7.85 51.41 27.12
CA PRO C 14 -6.64 52.24 27.30
C PRO C 14 -5.41 51.65 26.60
N PRO C 15 -4.58 52.51 25.98
CA PRO C 15 -3.44 52.04 25.20
C PRO C 15 -2.42 51.26 26.04
N GLY C 16 -1.95 50.15 25.49
CA GLY C 16 -0.92 49.32 26.13
C GLY C 16 -1.39 48.47 27.29
N SER C 17 -2.71 48.27 27.38
CA SER C 17 -3.29 47.55 28.51
C SER C 17 -3.63 46.11 28.11
N PHE C 18 -3.39 45.78 26.85
CA PHE C 18 -3.72 44.48 26.27
C PHE C 18 -5.22 44.20 26.31
N PHE C 19 -5.98 45.30 26.27
CA PHE C 19 -7.41 45.24 26.11
C PHE C 19 -7.72 44.39 24.88
N GLY C 20 -8.36 43.24 25.10
CA GLY C 20 -8.71 42.35 23.99
C GLY C 20 -8.08 40.98 24.14
N PHE C 21 -7.26 40.80 25.18
CA PHE C 21 -6.57 39.55 25.43
C PHE C 21 -7.50 38.34 25.61
N SER C 22 -8.65 38.56 26.27
CA SER C 22 -9.73 37.56 26.30
C SER C 22 -11.08 38.24 26.18
N VAL C 23 -12.03 37.51 25.61
CA VAL C 23 -13.34 38.04 25.27
C VAL C 23 -14.47 37.07 25.65
N GLU C 24 -15.61 37.62 26.05
CA GLU C 24 -16.71 36.81 26.55
C GLU C 24 -18.03 37.53 26.39
N PHE C 25 -19.07 36.74 26.13
CA PHE C 25 -20.45 37.21 26.17
C PHE C 25 -20.92 37.18 27.61
N TYR C 26 -21.59 38.24 28.06
CA TYR C 26 -22.24 38.23 29.37
C TYR C 26 -23.75 38.51 29.26
N ARG C 27 -24.55 37.69 29.93
CA ARG C 27 -26.01 37.90 30.00
C ARG C 27 -26.56 37.79 31.44
N PRO C 28 -26.51 38.90 32.20
CA PRO C 28 -26.99 38.91 33.59
C PRO C 28 -28.51 38.80 33.70
N GLY C 29 -28.98 37.59 33.98
CA GLY C 29 -30.42 37.33 34.06
C GLY C 29 -31.05 37.12 32.70
N THR C 30 -31.62 38.18 32.14
CA THR C 30 -32.33 38.12 30.85
C THR C 30 -32.23 39.42 30.04
N ASP C 31 -32.26 40.54 30.75
CA ASP C 31 -32.37 41.90 30.16
C ASP C 31 -31.58 42.14 28.86
N GLY C 32 -30.27 42.31 29.00
CA GLY C 32 -29.43 42.70 27.88
C GLY C 32 -28.10 41.98 27.86
N VAL C 33 -27.75 41.48 26.67
CA VAL C 33 -26.48 40.84 26.42
C VAL C 33 -25.36 41.89 26.50
N SER C 34 -24.19 41.48 26.96
CA SER C 34 -23.02 42.36 27.03
C SER C 34 -21.75 41.67 26.51
N VAL C 35 -20.69 42.45 26.32
CA VAL C 35 -19.40 41.91 25.93
C VAL C 35 -18.39 42.14 27.06
N LEU C 36 -17.63 41.09 27.40
CA LEU C 36 -16.59 41.19 28.41
C LEU C 36 -15.21 41.22 27.78
N VAL C 37 -14.38 42.17 28.22
CA VAL C 37 -13.06 42.33 27.64
C VAL C 37 -11.96 42.43 28.70
N GLY C 38 -11.10 41.41 28.72
CA GLY C 38 -9.92 41.39 29.59
C GLY C 38 -8.82 42.31 29.10
N ALA C 39 -8.25 43.08 30.04
CA ALA C 39 -7.13 43.96 29.78
C ALA C 39 -6.05 43.74 30.85
N PRO C 40 -5.31 42.63 30.74
CA PRO C 40 -4.37 42.13 31.77
C PRO C 40 -3.19 43.05 32.10
N LYS C 41 -3.00 44.13 31.35
CA LYS C 41 -1.93 45.07 31.64
C LYS C 41 -2.45 46.46 31.99
N ALA C 42 -3.77 46.55 32.23
CA ALA C 42 -4.43 47.81 32.58
C ALA C 42 -4.12 48.28 34.00
N ASN C 43 -3.74 49.57 34.13
CA ASN C 43 -3.52 50.23 35.43
C ASN C 43 -4.84 50.40 36.20
N THR C 44 -4.79 50.28 37.53
CA THR C 44 -6.01 50.27 38.33
C THR C 44 -5.90 51.16 39.58
N SER C 45 -6.96 51.14 40.39
CA SER C 45 -7.04 51.96 41.61
C SER C 45 -6.29 51.36 42.81
N GLN C 46 -6.10 50.05 42.81
CA GLN C 46 -5.50 49.36 43.95
C GLN C 46 -4.22 50.04 44.46
N PRO C 47 -4.13 50.27 45.79
CA PRO C 47 -2.94 50.86 46.42
C PRO C 47 -1.65 50.02 46.27
N GLY C 48 -0.63 50.63 45.67
CA GLY C 48 0.69 50.00 45.51
C GLY C 48 0.74 48.89 44.46
N VAL C 49 -0.20 48.92 43.51
CA VAL C 49 -0.27 47.87 42.51
C VAL C 49 -0.06 48.41 41.10
N LEU C 50 1.15 48.17 40.58
CA LEU C 50 1.49 48.52 39.22
C LEU C 50 0.85 47.52 38.25
N GLN C 51 0.16 48.07 37.26
CA GLN C 51 -0.66 47.33 36.29
C GLN C 51 -1.06 45.91 36.70
N GLY C 52 -2.16 45.86 37.46
CA GLY C 52 -2.69 44.62 38.02
C GLY C 52 -3.67 43.94 37.10
N GLY C 53 -4.22 44.68 36.15
CA GLY C 53 -5.15 44.12 35.17
C GLY C 53 -6.59 44.43 35.49
N ALA C 54 -7.40 44.59 34.45
CA ALA C 54 -8.82 44.91 34.61
C ALA C 54 -9.70 44.05 33.70
N VAL C 55 -10.99 43.97 34.01
CA VAL C 55 -11.96 43.40 33.08
C VAL C 55 -13.02 44.46 32.78
N TYR C 56 -13.32 44.63 31.51
CA TYR C 56 -14.28 45.64 31.09
C TYR C 56 -15.63 45.01 30.74
N LEU C 57 -16.69 45.57 31.34
CA LEU C 57 -18.05 45.26 30.94
C LEU C 57 -18.43 46.30 29.92
N CYS C 58 -18.94 45.82 28.79
CA CYS C 58 -19.41 46.68 27.71
C CYS C 58 -20.85 46.26 27.37
N PRO C 59 -21.83 47.10 27.75
CA PRO C 59 -23.24 46.78 27.51
C PRO C 59 -23.57 46.94 26.04
N TRP C 60 -24.45 46.08 25.51
CA TRP C 60 -24.72 46.14 24.09
C TRP C 60 -25.99 46.85 23.72
N GLY C 61 -25.81 48.07 23.22
CA GLY C 61 -26.85 48.81 22.53
C GLY C 61 -26.32 49.20 21.16
N ALA C 62 -27.21 49.74 20.32
CA ALA C 62 -26.83 50.22 18.98
C ALA C 62 -25.99 51.51 19.04
N SER C 63 -26.08 52.20 20.18
CA SER C 63 -25.32 53.43 20.46
C SER C 63 -23.82 53.13 20.58
N PRO C 64 -22.95 54.16 20.42
CA PRO C 64 -21.51 53.97 20.65
C PRO C 64 -21.22 53.35 22.03
N THR C 65 -21.13 52.02 22.07
CA THR C 65 -21.02 51.26 23.33
C THR C 65 -19.84 51.75 24.17
N GLN C 66 -20.06 51.87 25.47
CA GLN C 66 -19.01 52.33 26.38
C GLN C 66 -18.66 51.25 27.38
N CYS C 67 -17.37 51.15 27.69
CA CYS C 67 -16.86 50.09 28.55
C CYS C 67 -16.42 50.65 29.89
N THR C 68 -16.74 49.94 30.96
CA THR C 68 -16.29 50.31 32.31
C THR C 68 -15.59 49.16 33.04
N PRO C 69 -14.57 49.50 33.85
CA PRO C 69 -13.80 48.51 34.59
C PRO C 69 -14.66 47.89 35.70
N ILE C 70 -14.84 46.58 35.65
CA ILE C 70 -15.52 45.84 36.72
C ILE C 70 -14.64 45.74 37.96
N GLU C 71 -15.19 46.07 39.12
CA GLU C 71 -14.43 46.04 40.36
C GLU C 71 -14.60 44.70 41.09
N PHE C 72 -13.85 43.69 40.67
CA PHE C 72 -13.79 42.41 41.36
C PHE C 72 -13.06 42.58 42.69
N ASP C 73 -11.93 43.28 42.64
CA ASP C 73 -11.12 43.55 43.83
C ASP C 73 -10.48 44.91 43.72
N SER C 74 -10.67 45.72 44.74
CA SER C 74 -10.23 47.11 44.73
C SER C 74 -9.15 47.37 45.77
N LYS C 75 -8.72 46.29 46.41
CA LYS C 75 -7.76 46.37 47.52
C LYS C 75 -6.33 46.15 47.06
N GLY C 76 -5.38 46.79 47.75
CA GLY C 76 -3.96 46.52 47.54
C GLY C 76 -3.63 45.08 47.90
N SER C 77 -2.35 44.79 48.12
CA SER C 77 -2.00 43.43 48.50
C SER C 77 -2.11 43.26 50.01
N ARG C 78 -2.64 42.11 50.44
CA ARG C 78 -2.74 41.76 51.86
C ARG C 78 -1.37 41.67 52.51
N LEU C 79 -1.35 41.61 53.83
CA LEU C 79 -0.10 41.72 54.60
C LEU C 79 0.25 40.48 55.41
N LEU C 80 1.55 40.17 55.46
CA LEU C 80 2.03 39.09 56.30
C LEU C 80 1.84 39.58 57.72
N GLU C 81 0.89 38.96 58.41
CA GLU C 81 0.51 39.44 59.74
C GLU C 81 1.60 39.23 60.78
N SER C 82 2.37 38.15 60.63
CA SER C 82 3.49 37.87 61.53
C SER C 82 4.52 39.02 61.53
N SER C 83 4.33 39.99 60.64
CA SER C 83 5.15 41.20 60.62
C SER C 83 4.40 42.41 61.21
N LEU C 84 3.56 42.15 62.22
CA LEU C 84 2.81 43.18 62.95
C LEU C 84 3.72 44.28 63.49
N SER C 85 4.65 43.89 64.35
CA SER C 85 5.62 44.80 64.94
C SER C 85 6.54 45.39 63.87
N SER C 86 6.68 46.71 63.90
CA SER C 86 7.47 47.44 62.89
C SER C 86 8.99 47.34 63.11
N SER C 87 9.41 46.45 64.02
CA SER C 87 10.82 46.10 64.19
C SER C 87 11.30 45.25 63.01
N GLU C 88 10.35 44.69 62.25
CA GLU C 88 10.62 44.09 60.95
C GLU C 88 10.18 45.06 59.85
N GLY C 89 8.87 45.30 59.78
CA GLY C 89 8.28 46.19 58.77
C GLY C 89 6.94 45.67 58.25
N GLU C 90 6.34 46.43 57.35
CA GLU C 90 5.07 46.04 56.72
C GLU C 90 5.32 45.23 55.44
N GLU C 91 5.40 43.91 55.59
CA GLU C 91 5.61 43.01 54.44
C GLU C 91 4.32 42.60 53.71
N PRO C 92 4.27 42.82 52.39
CA PRO C 92 3.16 42.25 51.63
C PRO C 92 3.28 40.73 51.63
N VAL C 93 2.15 40.02 51.73
CA VAL C 93 2.18 38.55 51.72
C VAL C 93 1.89 38.02 50.31
N GLU C 94 1.38 38.92 49.47
CA GLU C 94 1.05 38.60 48.09
C GLU C 94 1.51 39.75 47.21
N TYR C 95 1.55 39.51 45.90
CA TYR C 95 2.11 40.49 44.98
C TYR C 95 1.19 40.57 43.79
N LYS C 96 0.60 41.75 43.59
CA LYS C 96 -0.49 41.88 42.65
C LYS C 96 -0.11 42.62 41.38
N SER C 97 1.01 43.34 41.43
CA SER C 97 1.51 44.10 40.29
C SER C 97 1.92 43.16 39.16
N LEU C 98 1.50 43.46 37.94
CA LEU C 98 1.92 42.69 36.78
C LEU C 98 1.38 41.25 36.84
N GLN C 99 0.42 40.99 37.71
CA GLN C 99 -0.14 39.66 37.87
C GLN C 99 -1.02 39.24 36.69
N TRP C 100 -1.25 40.17 35.75
CA TRP C 100 -2.06 39.89 34.55
C TRP C 100 -3.49 39.52 34.83
N PHE C 101 -4.23 40.36 35.54
CA PHE C 101 -5.62 40.05 35.86
C PHE C 101 -6.50 40.28 34.64
N GLY C 102 -7.33 39.30 34.34
CA GLY C 102 -8.17 39.34 33.16
C GLY C 102 -7.48 38.75 31.94
N ALA C 103 -6.35 38.09 32.17
CA ALA C 103 -5.71 37.30 31.11
C ALA C 103 -6.66 36.20 30.63
N THR C 104 -7.57 35.79 31.52
CA THR C 104 -8.73 34.99 31.13
C THR C 104 -10.03 35.53 31.76
N VAL C 105 -11.08 35.57 30.95
CA VAL C 105 -12.41 35.99 31.35
C VAL C 105 -13.40 34.97 30.81
N ARG C 106 -14.26 34.47 31.70
CA ARG C 106 -15.31 33.52 31.35
C ARG C 106 -16.59 33.85 32.09
N ALA C 107 -17.73 33.52 31.47
CA ALA C 107 -19.04 33.77 32.06
C ALA C 107 -20.03 32.64 31.83
N HIS C 108 -20.96 32.51 32.77
CA HIS C 108 -22.05 31.54 32.68
C HIS C 108 -23.17 32.04 33.55
N GLY C 109 -24.29 32.41 32.92
CA GLY C 109 -25.37 33.07 33.62
C GLY C 109 -24.93 34.42 34.18
N SER C 110 -25.18 34.62 35.49
CA SER C 110 -24.92 35.89 36.14
C SER C 110 -23.55 35.91 36.82
N SER C 111 -22.86 34.78 36.76
CA SER C 111 -21.52 34.68 37.34
C SER C 111 -20.39 34.86 36.32
N ILE C 112 -19.34 35.57 36.74
CA ILE C 112 -18.16 35.82 35.92
C ILE C 112 -16.88 35.29 36.59
N LEU C 113 -16.12 34.49 35.86
CA LEU C 113 -14.74 34.17 36.20
C LEU C 113 -13.77 35.15 35.56
N ALA C 114 -12.73 35.52 36.29
CA ALA C 114 -11.65 36.34 35.75
C ALA C 114 -10.36 36.05 36.50
N CYS C 115 -9.30 35.69 35.76
CA CYS C 115 -8.11 35.15 36.39
C CYS C 115 -6.83 35.98 36.22
N ALA C 116 -5.95 35.87 37.21
CA ALA C 116 -4.63 36.46 37.16
C ALA C 116 -3.60 35.33 37.24
N PRO C 117 -3.05 34.90 36.09
CA PRO C 117 -2.14 33.77 36.05
C PRO C 117 -0.72 34.12 36.49
N LEU C 118 -0.40 35.40 36.56
CA LEU C 118 0.92 35.81 37.08
C LEU C 118 0.89 36.27 38.53
N TYR C 119 -0.28 36.15 39.18
CA TYR C 119 -0.39 36.40 40.61
C TYR C 119 0.49 35.47 41.41
N SER C 120 1.37 36.07 42.21
CA SER C 120 2.28 35.34 43.06
C SER C 120 2.20 35.84 44.49
N TRP C 121 2.69 35.02 45.43
CA TRP C 121 2.63 35.37 46.83
C TRP C 121 3.84 34.86 47.59
N ARG C 122 4.26 35.61 48.61
CA ARG C 122 5.19 35.13 49.63
C ARG C 122 4.50 33.93 50.25
N THR C 123 5.21 33.10 50.98
CA THR C 123 4.45 32.16 51.81
C THR C 123 4.34 32.77 53.21
N GLU C 124 3.61 32.12 54.10
CA GLU C 124 3.58 32.57 55.49
C GLU C 124 4.71 31.94 56.28
N LYS C 125 5.44 31.02 55.64
CA LYS C 125 6.62 30.41 56.21
C LYS C 125 7.86 31.13 55.65
N GLU C 126 8.71 30.40 54.92
CA GLU C 126 9.89 30.99 54.30
C GLU C 126 9.51 31.87 53.10
N PRO C 127 10.19 33.02 52.94
CA PRO C 127 9.85 33.95 51.86
C PRO C 127 10.06 33.37 50.46
N LEU C 128 8.98 33.30 49.70
CA LEU C 128 9.03 32.79 48.32
C LEU C 128 8.40 33.75 47.31
N SER C 129 8.36 33.33 46.05
CA SER C 129 7.65 34.07 45.01
C SER C 129 6.88 33.07 44.15
N ASP C 130 5.83 32.48 44.73
CA ASP C 130 5.11 31.41 44.07
C ASP C 130 3.97 31.92 43.22
N PRO C 131 4.12 31.83 41.90
CA PRO C 131 3.05 32.27 41.00
C PRO C 131 1.96 31.22 40.95
N VAL C 132 1.16 31.17 42.01
CA VAL C 132 0.09 30.18 42.13
C VAL C 132 -1.10 30.57 41.26
N GLY C 133 -1.10 31.81 40.81
CA GLY C 133 -2.21 32.38 40.07
C GLY C 133 -3.41 32.53 40.98
N THR C 134 -4.45 33.16 40.45
CA THR C 134 -5.73 33.33 41.16
C THR C 134 -6.82 33.78 40.22
N CYS C 135 -8.05 33.44 40.59
CA CYS C 135 -9.22 33.94 39.88
C CYS C 135 -10.11 34.71 40.85
N TYR C 136 -10.96 35.58 40.32
CA TYR C 136 -12.02 36.19 41.10
C TYR C 136 -13.35 35.83 40.49
N LEU C 137 -14.24 35.30 41.32
CA LEU C 137 -15.57 34.89 40.89
C LEU C 137 -16.62 35.87 41.39
N SER C 138 -17.53 36.24 40.50
CA SER C 138 -18.58 37.21 40.78
C SER C 138 -19.92 36.53 40.48
N THR C 139 -20.73 36.31 41.52
CA THR C 139 -21.83 35.30 41.50
C THR C 139 -23.26 35.66 41.02
N ASP C 140 -23.84 36.75 41.51
CA ASP C 140 -25.21 37.13 41.09
C ASP C 140 -25.28 38.61 40.71
N ASN C 141 -25.15 38.89 39.41
CA ASN C 141 -24.95 40.27 38.93
C ASN C 141 -24.24 41.18 39.94
N PHE C 142 -23.06 40.74 40.38
CA PHE C 142 -22.14 41.52 41.24
C PHE C 142 -22.52 41.66 42.72
N THR C 143 -23.53 40.91 43.16
CA THR C 143 -23.95 40.96 44.57
C THR C 143 -22.84 40.48 45.51
N ARG C 144 -22.16 39.40 45.12
CA ARG C 144 -21.14 38.75 45.94
C ARG C 144 -19.90 38.46 45.05
N ILE C 145 -18.71 38.76 45.57
CA ILE C 145 -17.46 38.47 44.86
C ILE C 145 -16.58 37.52 45.67
N LEU C 146 -16.31 36.36 45.09
CA LEU C 146 -15.47 35.33 45.69
C LEU C 146 -14.09 35.29 45.03
N GLU C 147 -13.11 34.70 45.73
CA GLU C 147 -11.78 34.47 45.16
C GLU C 147 -11.51 32.98 45.10
N TYR C 148 -11.06 32.51 43.95
CA TYR C 148 -10.67 31.12 43.80
C TYR C 148 -9.20 31.01 43.41
N ALA C 149 -8.38 30.56 44.35
CA ALA C 149 -6.95 30.36 44.15
C ALA C 149 -6.54 28.95 44.61
N PRO C 150 -7.02 27.90 43.91
CA PRO C 150 -6.83 26.54 44.46
C PRO C 150 -5.36 26.21 44.72
N CYS C 151 -4.47 26.62 43.81
CA CYS C 151 -3.03 26.31 43.93
C CYS C 151 -2.31 27.10 45.03
N ARG C 152 -3.02 28.03 45.68
CA ARG C 152 -2.49 28.69 46.87
C ARG C 152 -2.79 27.81 48.09
N SER C 153 -1.90 26.85 48.33
CA SER C 153 -2.12 25.78 49.28
C SER C 153 -0.92 25.53 50.19
N ASP C 154 -0.87 24.34 50.78
CA ASP C 154 0.19 23.97 51.70
C ASP C 154 1.39 23.41 50.98
N PHE C 155 1.19 23.00 49.73
CA PHE C 155 2.28 22.47 48.92
C PHE C 155 2.79 23.63 48.08
N SER C 156 3.95 24.13 48.50
CA SER C 156 4.23 25.55 48.35
C SER C 156 5.35 25.97 47.40
N TRP C 157 5.90 25.04 46.63
CA TRP C 157 7.02 25.42 45.75
C TRP C 157 6.81 24.87 44.36
N ALA C 158 7.85 24.86 43.53
CA ALA C 158 7.79 24.22 42.20
C ALA C 158 7.55 22.73 42.34
N ALA C 159 8.07 22.15 43.41
CA ALA C 159 7.84 20.75 43.77
C ALA C 159 6.38 20.45 44.07
N GLY C 160 5.63 21.50 44.40
CA GLY C 160 4.23 21.37 44.74
C GLY C 160 3.41 22.21 43.78
N GLN C 161 2.48 22.99 44.32
CA GLN C 161 1.55 23.75 43.51
C GLN C 161 1.99 25.21 43.34
N GLY C 162 3.09 25.58 43.98
CA GLY C 162 3.58 26.95 43.99
C GLY C 162 3.76 27.67 42.66
N TYR C 163 4.04 26.93 41.59
CA TYR C 163 4.27 27.54 40.29
C TYR C 163 3.20 27.15 39.30
N CYS C 164 2.19 26.44 39.77
CA CYS C 164 0.96 26.22 39.02
C CYS C 164 0.48 27.62 38.72
N GLN C 165 -0.01 27.90 37.52
CA GLN C 165 -0.57 29.24 37.34
C GLN C 165 -2.06 29.14 37.12
N GLY C 166 -2.77 28.75 38.17
CA GLY C 166 -4.19 28.43 38.08
C GLY C 166 -4.96 29.55 37.41
N GLY C 167 -5.67 29.24 36.35
CA GLY C 167 -6.42 30.27 35.63
C GLY C 167 -5.75 30.73 34.36
N PHE C 168 -4.51 30.31 34.15
CA PHE C 168 -3.87 30.44 32.85
C PHE C 168 -4.89 30.07 31.76
N SER C 169 -5.59 28.96 31.95
CA SER C 169 -6.78 28.67 31.16
C SER C 169 -7.96 28.35 32.10
N ALA C 170 -9.18 28.53 31.60
CA ALA C 170 -10.40 28.46 32.41
C ALA C 170 -11.63 28.15 31.54
N GLU C 171 -12.59 27.42 32.10
CA GLU C 171 -13.91 27.28 31.45
C GLU C 171 -15.02 26.96 32.46
N PHE C 172 -16.26 27.28 32.09
CA PHE C 172 -17.47 26.97 32.85
C PHE C 172 -18.17 25.78 32.22
N THR C 173 -18.57 24.80 33.02
CA THR C 173 -19.33 23.68 32.49
C THR C 173 -20.78 24.10 32.24
N LYS C 174 -21.58 23.16 31.73
CA LYS C 174 -23.01 23.33 31.51
C LYS C 174 -23.70 23.96 32.72
N THR C 175 -23.37 23.45 33.92
CA THR C 175 -24.06 23.81 35.16
C THR C 175 -23.51 25.06 35.87
N GLY C 176 -22.49 25.70 35.29
CA GLY C 176 -21.81 26.81 35.96
C GLY C 176 -20.62 26.40 36.82
N ARG C 177 -20.27 25.11 36.79
CA ARG C 177 -19.10 24.59 37.47
C ARG C 177 -17.83 25.23 36.92
N VAL C 178 -16.87 25.49 37.81
CA VAL C 178 -15.60 26.11 37.44
C VAL C 178 -14.50 25.08 37.18
N VAL C 179 -13.89 25.19 35.99
CA VAL C 179 -12.75 24.36 35.56
C VAL C 179 -11.56 25.28 35.29
N LEU C 180 -10.40 24.91 35.82
CA LEU C 180 -9.24 25.79 35.85
C LEU C 180 -7.98 25.07 35.40
N GLY C 181 -7.27 25.65 34.44
CA GLY C 181 -5.99 25.11 33.97
C GLY C 181 -4.85 25.71 34.77
N GLY C 182 -3.89 24.87 35.16
CA GLY C 182 -2.68 25.32 35.87
C GLY C 182 -1.42 24.61 35.37
N PRO C 183 -0.82 25.08 34.27
CA PRO C 183 0.32 24.46 33.58
C PRO C 183 1.60 24.20 34.37
N GLY C 184 1.73 24.80 35.55
CA GLY C 184 3.00 24.75 36.29
C GLY C 184 3.08 23.85 37.51
N SER C 185 2.01 23.12 37.81
CA SER C 185 2.01 22.28 39.01
C SER C 185 3.01 21.14 38.91
N TYR C 186 3.71 20.87 40.02
CA TYR C 186 4.58 19.68 40.15
C TYR C 186 5.71 19.62 39.10
N PHE C 187 6.56 20.65 39.13
CA PHE C 187 7.59 20.86 38.11
C PHE C 187 7.02 20.83 36.70
N TRP C 188 5.96 21.60 36.51
CA TRP C 188 5.31 21.80 35.23
C TRP C 188 4.77 20.54 34.61
N GLN C 189 4.42 19.56 35.44
CA GLN C 189 3.54 18.46 35.02
C GLN C 189 2.24 19.05 34.46
N GLY C 190 1.73 20.05 35.19
CA GLY C 190 0.48 20.71 34.86
C GLY C 190 -0.68 20.13 35.64
N GLN C 191 -1.69 20.94 35.92
CA GLN C 191 -2.83 20.51 36.72
C GLN C 191 -4.13 21.03 36.16
N ILE C 192 -5.18 20.22 36.36
CA ILE C 192 -6.56 20.66 36.14
C ILE C 192 -7.26 20.59 37.48
N LEU C 193 -7.84 21.73 37.88
CA LEU C 193 -8.49 21.91 39.17
C LEU C 193 -9.92 22.34 38.94
N SER C 194 -10.88 21.64 39.54
CA SER C 194 -12.29 21.96 39.34
C SER C 194 -13.06 22.07 40.64
N ALA C 195 -14.07 22.94 40.65
CA ALA C 195 -15.02 23.10 41.78
C ALA C 195 -16.27 23.87 41.38
N THR C 196 -17.35 23.65 42.12
CA THR C 196 -18.61 24.34 41.88
C THR C 196 -18.59 25.68 42.58
N GLN C 197 -19.43 26.59 42.13
CA GLN C 197 -19.53 27.92 42.75
C GLN C 197 -20.05 27.82 44.21
N GLU C 198 -20.85 26.81 44.50
CA GLU C 198 -21.29 26.56 45.86
C GLU C 198 -20.08 26.24 46.70
N GLN C 199 -19.32 25.23 46.29
CA GLN C 199 -18.09 24.79 46.99
C GLN C 199 -17.12 25.93 47.25
N ILE C 200 -16.99 26.84 46.30
CA ILE C 200 -16.09 27.96 46.41
C ILE C 200 -16.56 28.93 47.48
N ALA C 201 -17.85 29.28 47.41
CA ALA C 201 -18.48 30.17 48.38
C ALA C 201 -18.47 29.57 49.79
N GLU C 202 -18.76 28.27 49.91
CA GLU C 202 -18.68 27.56 51.20
C GLU C 202 -17.33 27.78 51.88
N SER C 203 -16.27 27.86 51.07
CA SER C 203 -14.90 27.78 51.56
C SER C 203 -14.20 29.12 51.59
N TYR C 204 -14.81 30.14 51.00
CA TYR C 204 -14.21 31.46 50.97
C TYR C 204 -14.05 32.00 52.40
N TYR C 205 -12.86 32.54 52.69
CA TYR C 205 -12.53 33.10 54.00
C TYR C 205 -11.25 33.93 53.89
N PRO C 206 -11.35 35.15 53.34
CA PRO C 206 -10.19 35.99 53.01
C PRO C 206 -9.25 36.35 54.17
N GLU C 207 -9.61 35.94 55.39
CA GLU C 207 -8.76 36.21 56.55
C GLU C 207 -7.49 35.37 56.43
N TYR C 208 -7.68 34.14 55.93
CA TYR C 208 -6.59 33.23 55.66
C TYR C 208 -6.42 33.12 54.15
N LEU C 209 -5.15 33.11 53.71
CA LEU C 209 -4.84 33.03 52.30
C LEU C 209 -5.15 31.66 51.67
N ILE C 210 -4.94 30.59 52.45
CA ILE C 210 -5.24 29.23 52.00
C ILE C 210 -6.65 28.82 52.39
N ASN C 211 -7.49 28.51 51.40
CA ASN C 211 -8.88 28.09 51.64
C ASN C 211 -9.15 26.75 50.97
N LEU C 212 -8.83 25.64 51.63
CA LEU C 212 -9.10 24.33 51.03
C LEU C 212 -10.57 24.23 50.65
N VAL C 213 -10.82 24.21 49.34
CA VAL C 213 -12.17 24.01 48.81
C VAL C 213 -12.49 22.52 48.98
N GLN C 214 -13.57 22.23 49.69
CA GLN C 214 -13.74 20.94 50.37
C GLN C 214 -13.98 19.69 49.50
N GLY C 215 -14.84 19.80 48.49
CA GLY C 215 -15.10 18.66 47.61
C GLY C 215 -14.39 18.77 46.26
N GLN C 216 -13.29 19.53 46.23
CA GLN C 216 -12.60 19.92 44.99
C GLN C 216 -12.08 18.77 44.14
N LEU C 217 -12.05 18.98 42.83
CA LEU C 217 -11.47 18.02 41.92
C LEU C 217 -10.10 18.48 41.39
N GLN C 218 -9.12 17.57 41.39
CA GLN C 218 -7.75 17.85 40.93
C GLN C 218 -7.13 16.64 40.28
N THR C 219 -6.32 16.87 39.24
CA THR C 219 -5.44 15.81 38.73
C THR C 219 -4.33 15.56 39.77
N ARG C 220 -3.89 14.31 39.90
CA ARG C 220 -2.89 13.96 40.91
C ARG C 220 -1.47 14.14 40.37
N GLN C 221 -0.54 14.46 41.27
CA GLN C 221 0.89 14.49 40.97
C GLN C 221 1.39 13.11 40.52
N ALA C 222 2.16 13.11 39.43
CA ALA C 222 2.71 11.91 38.83
C ALA C 222 4.23 11.84 39.08
N SER C 223 4.90 10.80 38.58
CA SER C 223 6.34 10.70 38.75
C SER C 223 7.02 11.77 37.88
N SER C 224 8.31 11.99 38.13
CA SER C 224 9.02 13.10 37.51
C SER C 224 9.34 12.91 36.03
N ILE C 225 9.01 11.74 35.48
CA ILE C 225 9.17 11.53 34.03
C ILE C 225 8.12 12.35 33.28
N TYR C 226 7.14 12.89 34.00
CA TYR C 226 6.09 13.72 33.41
C TYR C 226 6.29 15.21 33.69
N ASP C 227 7.42 15.56 34.30
CA ASP C 227 7.77 16.97 34.45
C ASP C 227 7.77 17.70 33.10
N ASP C 228 7.60 19.02 33.15
CA ASP C 228 7.60 19.92 31.98
C ASP C 228 6.63 19.52 30.86
N SER C 229 5.35 19.46 31.16
CA SER C 229 4.35 19.04 30.16
C SER C 229 3.19 20.00 29.97
N TYR C 230 3.06 20.95 30.89
CA TYR C 230 2.05 22.01 30.82
C TYR C 230 0.59 21.53 30.67
N LEU C 231 0.21 20.47 31.38
CA LEU C 231 -1.19 20.07 31.43
C LEU C 231 -1.96 21.25 32.00
N GLY C 232 -2.98 21.69 31.26
CA GLY C 232 -3.71 22.87 31.64
C GLY C 232 -3.31 24.11 30.87
N TYR C 233 -2.51 23.94 29.82
CA TYR C 233 -2.14 25.07 28.98
C TYR C 233 -3.40 25.64 28.36
N SER C 234 -4.32 24.75 28.00
CA SER C 234 -5.57 25.13 27.38
C SER C 234 -6.69 24.21 27.87
N VAL C 235 -7.91 24.73 27.88
CA VAL C 235 -9.04 24.04 28.50
C VAL C 235 -10.36 24.25 27.74
N ALA C 236 -11.05 23.14 27.48
CA ALA C 236 -12.37 23.21 26.88
C ALA C 236 -13.27 22.25 27.63
N VAL C 237 -14.57 22.50 27.61
CA VAL C 237 -15.55 21.56 28.21
C VAL C 237 -16.47 21.01 27.14
N GLY C 238 -16.94 19.79 27.36
CA GLY C 238 -17.83 19.13 26.40
C GLY C 238 -18.21 17.76 26.91
N GLU C 239 -19.20 17.14 26.29
CA GLU C 239 -19.62 15.80 26.70
C GLU C 239 -18.98 14.72 25.84
N PHE C 240 -18.10 13.93 26.46
CA PHE C 240 -17.34 12.92 25.75
C PHE C 240 -17.44 11.54 26.36
N SER C 241 -18.01 11.46 27.55
CA SER C 241 -18.47 10.18 28.11
C SER C 241 -19.93 9.97 27.68
N GLY C 242 -20.59 8.97 28.25
CA GLY C 242 -22.00 8.75 27.94
C GLY C 242 -22.95 9.29 29.00
N ASP C 243 -22.49 10.24 29.81
CA ASP C 243 -23.29 10.76 30.90
C ASP C 243 -23.82 12.18 30.60
N ASP C 244 -24.18 12.94 31.63
CA ASP C 244 -24.76 14.26 31.42
C ASP C 244 -23.90 15.40 31.94
N THR C 245 -23.07 15.12 32.95
CA THR C 245 -22.11 16.12 33.43
C THR C 245 -20.92 16.18 32.49
N GLU C 246 -20.68 17.38 31.94
CA GLU C 246 -19.67 17.60 30.92
C GLU C 246 -18.26 17.24 31.36
N ASP C 247 -17.40 17.02 30.37
CA ASP C 247 -16.04 16.54 30.60
C ASP C 247 -15.00 17.60 30.24
N PHE C 248 -13.77 17.42 30.73
CA PHE C 248 -12.71 18.43 30.57
C PHE C 248 -11.64 18.07 29.52
N VAL C 249 -11.49 18.96 28.55
CA VAL C 249 -10.50 18.83 27.50
C VAL C 249 -9.31 19.71 27.85
N ALA C 250 -8.16 19.06 28.07
CA ALA C 250 -6.99 19.76 28.55
C ALA C 250 -5.79 19.61 27.63
N GLY C 251 -5.22 20.75 27.22
CA GLY C 251 -4.01 20.77 26.42
C GLY C 251 -2.80 20.35 27.26
N VAL C 252 -1.97 19.47 26.71
CA VAL C 252 -0.71 19.08 27.35
C VAL C 252 0.34 19.23 26.25
N PRO C 253 0.61 20.49 25.84
CA PRO C 253 1.32 20.76 24.59
C PRO C 253 2.80 20.33 24.52
N LYS C 254 3.42 20.09 25.68
CA LYS C 254 4.81 19.63 25.73
C LYS C 254 4.89 18.23 26.33
N GLY C 255 4.16 17.30 25.71
CA GLY C 255 3.75 16.05 26.33
C GLY C 255 4.53 14.77 26.09
N ASN C 256 4.34 14.12 24.94
CA ASN C 256 4.98 12.82 24.63
C ASN C 256 6.47 12.97 24.86
N LEU C 257 7.14 13.45 23.83
CA LEU C 257 8.37 14.16 24.08
C LEU C 257 7.85 15.56 23.91
N THR C 258 8.34 16.34 22.97
CA THR C 258 7.68 17.64 22.80
C THR C 258 6.58 17.66 21.75
N TYR C 259 6.22 16.50 21.22
CA TYR C 259 4.92 16.30 20.59
C TYR C 259 4.01 16.42 21.78
N GLY C 260 2.96 17.20 21.67
CA GLY C 260 2.10 17.37 22.84
C GLY C 260 1.09 16.25 22.94
N TYR C 261 0.04 16.51 23.69
CA TYR C 261 -1.18 15.72 23.58
C TYR C 261 -2.36 16.43 24.22
N VAL C 262 -3.55 15.90 23.97
CA VAL C 262 -4.76 16.43 24.59
C VAL C 262 -5.41 15.30 25.37
N THR C 263 -5.72 15.54 26.64
CA THR C 263 -6.54 14.62 27.43
C THR C 263 -7.98 15.06 27.43
N ILE C 264 -8.85 14.06 27.58
CA ILE C 264 -10.23 14.29 27.97
C ILE C 264 -10.44 13.58 29.30
N LEU C 265 -10.80 14.36 30.32
CA LEU C 265 -10.97 13.84 31.67
C LEU C 265 -12.46 13.69 32.00
N ASN C 266 -12.80 12.62 32.71
CA ASN C 266 -14.17 12.38 33.14
C ASN C 266 -14.60 13.49 34.11
N GLY C 267 -15.48 14.37 33.65
CA GLY C 267 -15.86 15.56 34.39
C GLY C 267 -16.66 15.38 35.67
N SER C 268 -16.50 14.24 36.33
CA SER C 268 -17.16 13.97 37.60
C SER C 268 -16.25 13.30 38.63
N ASP C 269 -15.14 12.74 38.17
CA ASP C 269 -14.08 12.25 39.08
C ASP C 269 -12.68 12.62 38.57
N ILE C 270 -12.66 13.36 37.46
CA ILE C 270 -11.47 13.91 36.79
C ILE C 270 -10.48 12.84 36.32
N ARG C 271 -10.94 11.59 36.24
CA ARG C 271 -10.11 10.50 35.74
C ARG C 271 -9.94 10.54 34.24
N SER C 272 -8.80 10.04 33.78
CA SER C 272 -8.39 10.13 32.39
C SER C 272 -9.20 9.22 31.47
N LEU C 273 -9.84 9.81 30.45
CA LEU C 273 -10.66 9.07 29.49
C LEU C 273 -10.03 8.89 28.11
N TYR C 274 -9.56 9.98 27.51
CA TYR C 274 -8.95 9.95 26.18
C TYR C 274 -7.61 10.69 26.09
N ASN C 275 -6.76 10.21 25.18
CA ASN C 275 -5.52 10.87 24.85
C ASN C 275 -5.35 10.93 23.34
N PHE C 276 -4.90 12.09 22.84
CA PHE C 276 -4.68 12.30 21.40
C PHE C 276 -3.31 12.93 21.21
N SER C 277 -2.43 12.26 20.47
CA SER C 277 -1.06 12.77 20.30
C SER C 277 -0.91 13.75 19.14
N GLY C 278 0.07 14.63 19.23
CA GLY C 278 0.39 15.52 18.13
C GLY C 278 1.34 14.84 17.16
N GLU C 279 1.42 15.35 15.94
CA GLU C 279 2.20 14.68 14.89
C GLU C 279 3.64 15.21 14.71
N GLN C 280 3.97 16.34 15.33
CA GLN C 280 5.28 16.93 15.14
C GLN C 280 5.83 17.56 16.40
N MET C 281 7.07 17.21 16.73
CA MET C 281 7.79 17.81 17.85
C MET C 281 7.74 19.34 17.83
N ALA C 282 7.38 19.91 18.98
CA ALA C 282 7.37 21.36 19.20
C ALA C 282 6.41 22.20 18.35
N SER C 283 5.62 21.52 17.52
CA SER C 283 4.37 22.09 17.03
C SER C 283 3.59 22.15 18.31
N TYR C 284 2.96 23.29 18.60
CA TYR C 284 2.46 23.39 19.96
C TYR C 284 1.37 22.39 20.36
N PHE C 285 0.49 22.01 19.45
CA PHE C 285 -0.56 20.96 19.69
C PHE C 285 -1.07 20.86 21.13
N GLY C 286 -2.21 21.48 21.38
CA GLY C 286 -2.71 21.62 22.73
C GLY C 286 -2.53 23.05 23.17
N TYR C 287 -2.10 23.88 22.23
CA TYR C 287 -2.03 25.31 22.46
C TYR C 287 -3.41 25.86 22.70
N ALA C 288 -4.38 25.34 21.95
CA ALA C 288 -5.78 25.71 22.07
C ALA C 288 -6.66 24.51 21.75
N VAL C 289 -7.68 24.29 22.59
CA VAL C 289 -8.63 23.21 22.40
C VAL C 289 -10.06 23.74 22.29
N ALA C 290 -10.96 22.90 21.78
CA ALA C 290 -12.35 23.28 21.54
C ALA C 290 -13.19 22.03 21.36
N ALA C 291 -14.39 22.06 21.95
CA ALA C 291 -15.35 20.99 21.83
C ALA C 291 -16.66 21.58 21.29
N THR C 292 -17.15 20.97 20.22
CA THR C 292 -18.41 21.35 19.60
C THR C 292 -18.82 20.28 18.58
N ASP C 293 -20.12 20.01 18.51
CA ASP C 293 -20.64 19.09 17.51
C ASP C 293 -20.68 19.82 16.19
N VAL C 294 -19.96 19.28 15.21
CA VAL C 294 -19.70 19.95 13.94
C VAL C 294 -20.51 19.34 12.77
N ASN C 295 -20.79 18.04 12.83
CA ASN C 295 -21.56 17.37 11.80
C ASN C 295 -23.04 17.21 12.17
N GLY C 296 -23.45 17.88 13.25
CA GLY C 296 -24.83 17.86 13.72
C GLY C 296 -25.39 16.47 14.01
N ASP C 297 -24.52 15.56 14.44
CA ASP C 297 -24.99 14.22 14.84
C ASP C 297 -25.30 14.10 16.35
N GLY C 298 -25.29 15.23 17.05
CA GLY C 298 -25.60 15.28 18.48
C GLY C 298 -24.46 14.93 19.42
N LEU C 299 -23.33 14.53 18.85
CA LEU C 299 -22.15 14.15 19.62
C LEU C 299 -21.06 15.17 19.43
N ASP C 300 -20.54 15.71 20.53
CA ASP C 300 -19.49 16.72 20.53
C ASP C 300 -18.22 16.20 19.89
N ASP C 301 -17.56 17.06 19.12
CA ASP C 301 -16.32 16.68 18.47
C ASP C 301 -15.17 17.52 19.03
N LEU C 302 -13.95 17.04 18.82
CA LEU C 302 -12.77 17.69 19.39
C LEU C 302 -11.99 18.50 18.35
N LEU C 303 -11.50 19.66 18.77
CA LEU C 303 -10.64 20.49 17.92
C LEU C 303 -9.39 20.94 18.67
N VAL C 304 -8.23 20.62 18.10
CA VAL C 304 -6.95 20.91 18.74
C VAL C 304 -6.10 21.78 17.82
N GLY C 305 -5.53 22.84 18.38
CA GLY C 305 -4.67 23.76 17.65
C GLY C 305 -3.20 23.50 17.88
N ALA C 306 -2.44 23.46 16.77
CA ALA C 306 -0.99 23.24 16.76
C ALA C 306 -0.34 24.36 15.94
N PRO C 307 -0.25 25.57 16.51
CA PRO C 307 0.04 26.81 15.79
C PRO C 307 1.43 26.90 15.16
N LEU C 308 2.33 26.00 15.57
CA LEU C 308 3.73 26.08 15.19
C LEU C 308 4.17 25.01 14.23
N LEU C 309 3.24 24.19 13.76
CA LEU C 309 3.58 23.07 12.89
C LEU C 309 4.30 23.51 11.61
N MET C 310 5.33 22.76 11.23
CA MET C 310 6.04 22.92 9.96
C MET C 310 5.50 21.98 8.91
N ASP C 311 5.26 22.50 7.70
CA ASP C 311 5.11 21.62 6.55
C ASP C 311 6.09 22.02 5.45
N ARG C 312 6.16 21.20 4.40
CA ARG C 312 6.95 21.55 3.22
C ARG C 312 6.04 21.98 2.09
N THR C 313 6.30 23.19 1.59
CA THR C 313 5.75 23.63 0.31
C THR C 313 6.14 22.60 -0.75
N PRO C 314 5.46 22.62 -1.93
CA PRO C 314 5.87 21.56 -2.86
C PRO C 314 7.21 21.86 -3.54
N ASP C 315 7.64 23.13 -3.53
CA ASP C 315 8.98 23.47 -4.02
C ASP C 315 10.01 23.00 -3.00
N GLY C 316 9.50 22.55 -1.86
CA GLY C 316 10.29 21.78 -0.91
C GLY C 316 10.74 22.49 0.34
N ARG C 317 10.31 23.73 0.54
CA ARG C 317 10.76 24.49 1.70
C ARG C 317 9.92 24.25 2.96
N PRO C 318 10.58 24.03 4.11
CA PRO C 318 9.90 24.03 5.38
C PRO C 318 9.37 25.43 5.71
N GLN C 319 8.20 25.50 6.35
CA GLN C 319 7.59 26.76 6.79
C GLN C 319 6.67 26.58 7.99
N GLU C 320 6.74 27.53 8.93
CA GLU C 320 5.86 27.55 10.11
C GLU C 320 4.47 28.08 9.74
N VAL C 321 3.53 27.15 9.59
CA VAL C 321 2.18 27.49 9.18
C VAL C 321 1.14 27.25 10.25
N GLY C 322 1.21 26.10 10.92
CA GLY C 322 0.28 25.79 12.00
C GLY C 322 -0.85 24.93 11.50
N ARG C 323 -1.34 24.06 12.38
CA ARG C 323 -2.36 23.10 11.95
C ARG C 323 -3.46 22.91 12.98
N VAL C 324 -4.67 22.65 12.49
CA VAL C 324 -5.82 22.29 13.32
C VAL C 324 -6.27 20.86 13.01
N TYR C 325 -6.51 20.10 14.07
CA TYR C 325 -6.92 18.71 13.95
C TYR C 325 -8.33 18.56 14.51
N VAL C 326 -9.18 17.86 13.77
CA VAL C 326 -10.57 17.66 14.17
C VAL C 326 -10.86 16.17 14.37
N TYR C 327 -11.30 15.81 15.58
CA TYR C 327 -11.56 14.40 15.93
C TYR C 327 -13.04 14.18 16.24
N LEU C 328 -13.77 13.58 15.32
CA LEU C 328 -15.23 13.41 15.46
C LEU C 328 -15.60 12.33 16.45
N GLN C 329 -16.57 12.64 17.33
CA GLN C 329 -17.08 11.65 18.26
C GLN C 329 -18.11 10.79 17.57
N HIS C 330 -17.89 9.49 17.63
CA HIS C 330 -18.87 8.50 17.19
C HIS C 330 -19.42 7.77 18.39
N PRO C 331 -20.59 7.12 18.24
CA PRO C 331 -21.18 6.39 19.38
C PRO C 331 -20.26 5.36 20.04
N ALA C 332 -19.36 4.74 19.27
CA ALA C 332 -18.41 3.75 19.80
C ALA C 332 -17.28 4.37 20.65
N GLY C 333 -17.07 5.68 20.51
CA GLY C 333 -15.98 6.41 21.15
C GLY C 333 -15.48 7.48 20.20
N ILE C 334 -14.29 8.02 20.46
CA ILE C 334 -13.69 8.99 19.55
C ILE C 334 -12.57 8.36 18.73
N GLU C 335 -12.50 8.73 17.46
CA GLU C 335 -11.43 8.30 16.56
C GLU C 335 -10.07 8.74 17.14
N PRO C 336 -9.15 7.79 17.40
CA PRO C 336 -7.82 8.13 17.94
C PRO C 336 -6.96 8.89 16.92
N THR C 337 -7.23 8.64 15.65
CA THR C 337 -6.58 9.34 14.55
C THR C 337 -7.42 10.56 14.22
N PRO C 338 -6.81 11.67 13.77
CA PRO C 338 -7.62 12.83 13.41
C PRO C 338 -8.50 12.53 12.21
N THR C 339 -9.76 12.99 12.25
CA THR C 339 -10.67 12.80 11.13
C THR C 339 -10.29 13.75 9.99
N LEU C 340 -10.09 15.02 10.34
CA LEU C 340 -9.73 16.03 9.37
C LEU C 340 -8.63 16.92 9.93
N THR C 341 -7.84 17.52 9.04
CA THR C 341 -6.88 18.52 9.46
C THR C 341 -7.02 19.75 8.58
N LEU C 342 -6.58 20.90 9.09
CA LEU C 342 -6.57 22.17 8.34
C LEU C 342 -5.24 22.90 8.54
N THR C 343 -4.72 23.51 7.48
CA THR C 343 -3.36 24.06 7.52
C THR C 343 -3.29 25.54 7.14
N GLY C 344 -2.39 26.27 7.79
CA GLY C 344 -2.17 27.68 7.47
C GLY C 344 -1.55 27.88 6.09
N HIS C 345 -1.67 29.10 5.58
CA HIS C 345 -1.01 29.50 4.33
C HIS C 345 0.10 30.45 4.63
N ASP C 346 -0.17 31.43 5.49
CA ASP C 346 0.82 32.46 5.83
C ASP C 346 1.89 31.93 6.76
N GLU C 347 3.15 32.19 6.41
CA GLU C 347 4.27 31.71 7.19
C GLU C 347 4.41 32.52 8.47
N PHE C 348 4.68 31.81 9.57
CA PHE C 348 4.69 32.38 10.91
C PHE C 348 3.30 32.90 11.25
N GLY C 349 2.30 32.40 10.52
CA GLY C 349 0.92 32.83 10.68
C GLY C 349 0.34 32.45 12.02
N ARG C 350 0.84 31.35 12.59
CA ARG C 350 0.37 30.80 13.86
C ARG C 350 -1.10 30.41 13.74
N PHE C 351 -1.45 29.82 12.61
CA PHE C 351 -2.81 29.39 12.31
C PHE C 351 -3.66 29.02 13.51
N GLY C 352 -3.38 27.90 14.16
CA GLY C 352 -4.34 27.36 15.16
C GLY C 352 -4.27 27.89 16.58
N SER C 353 -3.83 29.13 16.74
CA SER C 353 -3.59 29.77 18.05
C SER C 353 -4.84 29.92 18.89
N SER C 354 -5.96 30.24 18.26
CA SER C 354 -7.23 30.41 18.98
C SER C 354 -8.34 29.67 18.27
N LEU C 355 -9.22 29.05 19.05
CA LEU C 355 -10.37 28.33 18.51
C LEU C 355 -11.65 28.69 19.25
N THR C 356 -12.71 29.01 18.51
CA THR C 356 -14.04 29.17 19.13
C THR C 356 -15.12 28.34 18.41
N PRO C 357 -15.97 27.65 19.19
CA PRO C 357 -17.21 27.19 18.58
C PRO C 357 -18.07 28.42 18.30
N LEU C 358 -18.63 28.50 17.09
CA LEU C 358 -19.39 29.66 16.64
C LEU C 358 -20.90 29.48 16.79
N GLY C 359 -21.33 28.24 17.04
CA GLY C 359 -22.74 27.88 16.98
C GLY C 359 -23.12 27.59 15.54
N ASP C 360 -24.42 27.63 15.24
CA ASP C 360 -24.90 27.50 13.87
C ASP C 360 -25.06 28.89 13.28
N LEU C 361 -24.00 29.37 12.64
CA LEU C 361 -23.87 30.76 12.22
C LEU C 361 -24.91 31.19 11.18
N ASP C 362 -25.26 30.26 10.29
CA ASP C 362 -26.20 30.53 9.21
C ASP C 362 -27.48 29.69 9.35
N GLN C 363 -27.61 29.03 10.50
CA GLN C 363 -28.80 28.24 10.85
C GLN C 363 -29.11 27.12 9.84
N ASP C 364 -28.07 26.59 9.20
CA ASP C 364 -28.24 25.57 8.17
C ASP C 364 -28.48 24.17 8.75
N GLY C 365 -28.46 24.08 10.08
CA GLY C 365 -28.61 22.80 10.78
C GLY C 365 -27.29 22.19 11.21
N TYR C 366 -26.20 22.97 11.10
CA TYR C 366 -24.85 22.47 11.37
C TYR C 366 -23.93 23.53 11.95
N ASN C 367 -23.35 23.26 13.12
CA ASN C 367 -22.47 24.21 13.81
C ASN C 367 -21.19 24.51 13.06
N ASP C 368 -20.75 25.77 13.14
CA ASP C 368 -19.58 26.26 12.40
C ASP C 368 -18.47 26.70 13.36
N VAL C 369 -17.23 26.71 12.88
CA VAL C 369 -16.06 26.96 13.71
C VAL C 369 -15.18 28.14 13.25
N ALA C 370 -14.63 28.87 14.22
CA ALA C 370 -13.72 29.97 13.91
C ALA C 370 -12.31 29.67 14.39
N ILE C 371 -11.35 29.85 13.49
CA ILE C 371 -9.93 29.55 13.74
C ILE C 371 -9.11 30.81 13.48
N GLY C 372 -8.32 31.22 14.45
CA GLY C 372 -7.56 32.46 14.34
C GLY C 372 -6.07 32.27 14.09
N ALA C 373 -5.57 32.86 13.02
CA ALA C 373 -4.13 32.95 12.77
C ALA C 373 -3.71 34.39 13.04
N PRO C 374 -3.23 34.69 14.26
CA PRO C 374 -3.01 36.08 14.66
C PRO C 374 -1.88 36.79 13.90
N PHE C 375 -1.27 36.14 12.92
CA PHE C 375 -0.14 36.72 12.17
C PHE C 375 -0.23 36.53 10.64
N GLY C 376 -1.38 36.02 10.20
CA GLY C 376 -1.70 35.85 8.78
C GLY C 376 -1.94 37.17 8.05
N GLY C 377 -2.44 37.08 6.83
CA GLY C 377 -2.72 38.27 6.03
C GLY C 377 -1.47 39.01 5.59
N GLU C 378 -1.58 39.76 4.50
CA GLU C 378 -0.46 40.41 3.83
C GLU C 378 0.54 41.17 4.70
N THR C 379 0.08 41.85 5.75
CA THR C 379 0.99 42.64 6.58
C THR C 379 1.10 42.17 8.04
N GLN C 380 0.92 40.86 8.22
CA GLN C 380 1.11 40.15 9.51
C GLN C 380 0.24 40.61 10.68
N GLN C 381 -0.71 41.50 10.41
CA GLN C 381 -1.84 41.70 11.32
C GLN C 381 -2.58 40.36 11.37
N GLY C 382 -3.51 40.18 12.29
CA GLY C 382 -4.17 38.87 12.40
C GLY C 382 -5.11 38.48 11.28
N VAL C 383 -5.62 37.26 11.36
CA VAL C 383 -6.69 36.78 10.48
C VAL C 383 -7.57 35.81 11.27
N VAL C 384 -8.88 35.83 11.00
CA VAL C 384 -9.76 34.82 11.54
C VAL C 384 -10.49 34.11 10.40
N PHE C 385 -10.45 32.77 10.40
CA PHE C 385 -11.12 31.95 9.40
C PHE C 385 -12.39 31.31 9.96
N VAL C 386 -13.44 31.30 9.15
CA VAL C 386 -14.70 30.70 9.51
C VAL C 386 -14.89 29.43 8.69
N PHE C 387 -15.07 28.31 9.38
CA PHE C 387 -15.21 27.02 8.73
C PHE C 387 -16.60 26.43 8.96
N PRO C 388 -17.32 26.12 7.86
CA PRO C 388 -18.71 25.67 7.91
C PRO C 388 -18.88 24.21 8.32
N GLY C 389 -19.86 23.94 9.20
CA GLY C 389 -20.25 22.57 9.54
C GLY C 389 -21.12 21.94 8.46
N GLY C 390 -21.23 20.62 8.46
CA GLY C 390 -21.99 19.90 7.45
C GLY C 390 -22.01 18.41 7.73
N PRO C 391 -22.85 17.65 6.99
CA PRO C 391 -23.09 16.22 7.27
C PRO C 391 -21.83 15.36 7.30
N GLY C 392 -20.82 15.73 6.52
CA GLY C 392 -19.56 14.97 6.43
C GLY C 392 -18.59 15.29 7.55
N GLY C 393 -18.69 16.50 8.09
CA GLY C 393 -17.78 16.99 9.10
C GLY C 393 -17.53 18.45 8.82
N LEU C 394 -16.45 18.98 9.39
CA LEU C 394 -16.12 20.38 9.21
C LEU C 394 -15.64 20.61 7.79
N GLY C 395 -16.26 21.59 7.13
CA GLY C 395 -15.84 22.02 5.80
C GLY C 395 -14.35 22.21 5.75
N SER C 396 -13.71 21.59 4.77
CA SER C 396 -12.26 21.64 4.62
C SER C 396 -11.77 22.93 3.96
N LYS C 397 -12.68 23.88 3.74
CA LYS C 397 -12.35 25.19 3.16
C LYS C 397 -13.21 26.30 3.75
N PRO C 398 -12.59 27.42 4.16
CA PRO C 398 -13.24 28.54 4.86
C PRO C 398 -14.38 29.22 4.08
N SER C 399 -15.51 29.42 4.74
CA SER C 399 -16.64 30.14 4.15
C SER C 399 -16.55 31.66 4.34
N GLN C 400 -15.57 32.12 5.11
CA GLN C 400 -15.33 33.56 5.30
C GLN C 400 -13.98 33.83 5.97
N VAL C 401 -13.38 34.99 5.65
CA VAL C 401 -12.10 35.41 6.20
C VAL C 401 -12.24 36.83 6.78
N LEU C 402 -12.10 36.97 8.09
CA LEU C 402 -12.20 38.28 8.74
C LEU C 402 -10.81 38.89 8.95
N GLN C 403 -10.67 40.19 8.68
CA GLN C 403 -9.41 40.92 8.87
C GLN C 403 -9.60 42.38 9.29
N PRO C 404 -8.66 42.95 10.09
CA PRO C 404 -8.84 44.32 10.57
C PRO C 404 -8.78 45.37 9.45
N LEU C 405 -9.88 46.11 9.30
CA LEU C 405 -9.97 47.20 8.30
C LEU C 405 -8.97 48.34 8.56
N TRP C 406 -8.57 48.53 9.82
CA TRP C 406 -7.57 49.54 10.14
C TRP C 406 -6.21 49.08 9.73
N ALA C 407 -5.27 50.03 9.67
CA ALA C 407 -3.94 49.78 9.10
C ALA C 407 -2.93 49.15 10.06
N ALA C 408 -1.77 48.77 9.53
CA ALA C 408 -0.67 48.27 10.34
C ALA C 408 -0.03 49.43 11.10
N SER C 409 0.75 49.09 12.14
CA SER C 409 1.41 50.11 12.97
C SER C 409 2.67 49.57 13.64
N HIS C 410 3.32 50.43 14.42
CA HIS C 410 4.61 50.13 15.06
C HIS C 410 4.79 48.69 15.48
N THR C 411 3.78 48.12 16.15
CA THR C 411 3.86 46.75 16.63
C THR C 411 2.75 45.89 16.04
N PRO C 412 2.75 44.57 16.31
CA PRO C 412 1.68 43.74 15.74
C PRO C 412 0.34 43.84 16.47
N ASP C 413 -0.74 43.67 15.72
CA ASP C 413 -2.10 43.83 16.21
C ASP C 413 -2.57 42.66 17.05
N PHE C 414 -2.12 41.46 16.70
CA PHE C 414 -2.57 40.20 17.33
C PHE C 414 -4.05 39.93 17.05
N PHE C 415 -4.49 40.28 15.85
CA PHE C 415 -5.90 40.17 15.51
C PHE C 415 -6.33 38.71 15.45
N GLY C 416 -7.17 38.31 16.40
CA GLY C 416 -7.71 36.98 16.38
C GLY C 416 -6.93 36.04 17.27
N SER C 417 -6.16 36.63 18.17
CA SER C 417 -5.55 35.89 19.25
C SER C 417 -6.61 35.41 20.26
N ALA C 418 -7.75 36.10 20.28
CA ALA C 418 -8.84 35.80 21.21
C ALA C 418 -10.19 35.80 20.50
N LEU C 419 -10.91 34.69 20.65
CA LEU C 419 -12.18 34.49 19.97
C LEU C 419 -13.27 33.98 20.91
N ARG C 420 -14.47 34.49 20.74
CA ARG C 420 -15.63 33.98 21.43
C ARG C 420 -16.86 34.12 20.54
N GLY C 421 -17.52 33.00 20.30
CA GLY C 421 -18.73 32.96 19.49
C GLY C 421 -19.74 32.02 20.11
N GLY C 422 -20.83 31.77 19.40
CA GLY C 422 -21.85 30.83 19.86
C GLY C 422 -23.02 31.45 20.62
N ARG C 423 -23.04 32.78 20.74
CA ARG C 423 -24.12 33.46 21.45
C ARG C 423 -24.74 34.61 20.65
N ASP C 424 -26.03 34.86 20.88
CA ASP C 424 -26.81 35.84 20.12
C ASP C 424 -26.83 37.23 20.76
N LEU C 425 -25.80 38.01 20.47
CA LEU C 425 -25.59 39.33 21.07
C LEU C 425 -26.72 40.32 20.75
N ASP C 426 -27.29 40.23 19.57
CA ASP C 426 -28.41 41.09 19.18
C ASP C 426 -29.70 40.30 18.93
N GLY C 427 -30.72 41.00 18.40
CA GLY C 427 -32.04 40.41 18.18
C GLY C 427 -32.10 39.10 17.41
N ASN C 428 -31.74 39.16 16.11
CA ASN C 428 -31.90 38.04 15.17
C ASN C 428 -31.52 36.66 15.71
N GLY C 429 -32.12 35.60 15.18
CA GLY C 429 -31.82 34.24 15.62
C GLY C 429 -30.53 33.68 15.02
N TYR C 430 -29.49 34.51 14.97
CA TYR C 430 -28.21 34.15 14.37
C TYR C 430 -27.08 34.51 15.31
N PRO C 431 -26.26 33.53 15.72
CA PRO C 431 -25.19 33.77 16.68
C PRO C 431 -24.15 34.70 16.09
N ASP C 432 -23.43 35.41 16.94
CA ASP C 432 -22.44 36.38 16.49
C ASP C 432 -21.03 36.06 17.03
N LEU C 433 -20.08 36.98 16.84
CA LEU C 433 -18.65 36.71 17.12
C LEU C 433 -17.88 37.92 17.66
N ILE C 434 -17.05 37.67 18.67
CA ILE C 434 -16.14 38.67 19.22
C ILE C 434 -14.71 38.23 18.93
N VAL C 435 -13.89 39.19 18.50
CA VAL C 435 -12.52 38.93 18.12
C VAL C 435 -11.61 39.90 18.87
N GLY C 436 -10.58 39.37 19.53
CA GLY C 436 -9.62 40.20 20.25
C GLY C 436 -8.46 40.63 19.37
N SER C 437 -8.08 41.90 19.47
CA SER C 437 -6.86 42.38 18.82
C SER C 437 -5.98 43.09 19.83
N PHE C 438 -5.59 42.34 20.86
CA PHE C 438 -4.93 42.92 22.04
C PHE C 438 -3.69 43.76 21.72
N GLY C 439 -3.00 43.44 20.64
CA GLY C 439 -1.83 44.21 20.22
C GLY C 439 -2.10 45.70 20.24
N VAL C 440 -3.23 46.08 19.63
CA VAL C 440 -3.64 47.48 19.51
C VAL C 440 -4.88 47.83 20.37
N ASP C 441 -4.90 47.33 21.61
CA ASP C 441 -6.02 47.50 22.58
C ASP C 441 -7.44 47.62 21.97
N LYS C 442 -7.81 46.66 21.14
CA LYS C 442 -9.15 46.65 20.57
C LYS C 442 -9.79 45.25 20.61
N ALA C 443 -11.11 45.23 20.61
CA ALA C 443 -11.88 44.04 20.32
C ALA C 443 -12.93 44.44 19.27
N VAL C 444 -13.51 43.45 18.59
CA VAL C 444 -14.34 43.74 17.43
C VAL C 444 -15.50 42.75 17.37
N VAL C 445 -16.70 43.28 17.13
CA VAL C 445 -17.89 42.44 17.19
C VAL C 445 -18.53 42.30 15.83
N TYR C 446 -18.64 41.05 15.38
CA TYR C 446 -19.15 40.71 14.07
C TYR C 446 -20.57 40.20 14.22
N ARG C 447 -21.50 40.82 13.50
CA ARG C 447 -22.91 40.47 13.61
C ARG C 447 -23.35 39.55 12.49
N GLY C 448 -23.95 38.42 12.87
CA GLY C 448 -24.49 37.46 11.91
C GLY C 448 -25.71 38.02 11.21
N ARG C 449 -25.64 38.10 9.89
CA ARG C 449 -26.73 38.59 9.06
C ARG C 449 -27.72 37.46 8.71
N PRO C 450 -29.01 37.81 8.54
CA PRO C 450 -30.07 36.81 8.31
C PRO C 450 -29.98 36.07 6.97
N ILE C 451 -30.44 34.83 6.95
CA ILE C 451 -30.29 33.97 5.77
C ILE C 451 -31.53 33.94 4.88
N VAL C 452 -31.29 34.12 3.57
CA VAL C 452 -32.33 34.10 2.54
C VAL C 452 -31.95 33.12 1.42
N SER C 453 -32.77 32.09 1.22
CA SER C 453 -32.59 31.16 0.09
C SER C 453 -33.66 31.36 -0.99
N ALA C 454 -33.26 31.15 -2.24
CA ALA C 454 -34.09 31.46 -3.40
C ALA C 454 -33.81 30.52 -4.57
N SER C 455 -34.69 30.52 -5.56
CA SER C 455 -34.56 29.67 -6.75
C SER C 455 -35.17 30.32 -7.99
N ALA C 456 -34.65 29.98 -9.17
CA ALA C 456 -35.07 30.57 -10.42
C ALA C 456 -35.49 29.52 -11.46
N SER C 457 -36.71 29.69 -11.98
CA SER C 457 -37.20 28.82 -13.04
C SER C 457 -37.36 29.57 -14.36
N LEU C 458 -36.29 29.55 -15.16
CA LEU C 458 -36.28 30.20 -16.47
C LEU C 458 -36.83 29.28 -17.56
N THR C 459 -37.82 29.76 -18.30
CA THR C 459 -38.45 28.96 -19.36
C THR C 459 -38.76 29.76 -20.62
N ILE C 460 -38.21 29.27 -21.74
CA ILE C 460 -38.41 29.86 -23.06
C ILE C 460 -39.45 29.02 -23.82
N PHE C 461 -40.59 29.62 -24.16
CA PHE C 461 -41.73 28.89 -24.74
C PHE C 461 -41.47 28.27 -26.14
N PRO C 462 -41.22 29.10 -27.18
CA PRO C 462 -40.83 28.49 -28.45
C PRO C 462 -39.35 28.12 -28.47
N ALA C 463 -38.98 27.13 -29.29
CA ALA C 463 -37.62 26.61 -29.31
C ALA C 463 -36.73 27.29 -30.36
N MET C 464 -37.16 27.22 -31.62
CA MET C 464 -36.39 27.72 -32.77
C MET C 464 -36.47 29.23 -32.95
N PHE C 465 -35.58 29.77 -33.78
CA PHE C 465 -35.65 31.14 -34.30
C PHE C 465 -35.72 31.10 -35.84
N ASN C 466 -36.76 31.73 -36.41
CA ASN C 466 -36.97 31.72 -37.86
C ASN C 466 -37.21 33.11 -38.45
N PRO C 467 -36.36 33.53 -39.41
CA PRO C 467 -36.41 34.88 -40.00
C PRO C 467 -37.69 35.23 -40.78
N GLU C 468 -38.65 34.31 -40.85
CA GLU C 468 -39.94 34.59 -41.47
C GLU C 468 -41.17 34.11 -40.67
N GLU C 469 -40.95 33.45 -39.53
CA GLU C 469 -42.03 33.18 -38.58
C GLU C 469 -42.20 34.41 -37.70
N ARG C 470 -42.49 35.52 -38.35
CA ARG C 470 -42.45 36.84 -37.72
C ARG C 470 -43.82 37.30 -37.24
N SER C 471 -44.17 36.89 -36.02
CA SER C 471 -45.49 37.16 -35.43
C SER C 471 -45.55 38.39 -34.51
N CYS C 472 -44.65 39.35 -34.74
CA CYS C 472 -44.64 40.62 -34.00
C CYS C 472 -44.63 41.84 -34.91
N SER C 473 -44.38 43.02 -34.34
CA SER C 473 -44.31 44.25 -35.11
C SER C 473 -43.39 45.27 -34.45
N LEU C 474 -42.09 45.15 -34.72
CA LEU C 474 -41.14 46.18 -34.34
C LEU C 474 -41.29 47.36 -35.31
N GLU C 475 -42.33 48.16 -35.10
CA GLU C 475 -42.69 49.31 -35.96
C GLU C 475 -42.89 48.88 -37.41
N GLY C 476 -41.85 49.05 -38.24
CA GLY C 476 -41.90 48.69 -39.65
C GLY C 476 -41.87 47.18 -39.87
N ASN C 477 -40.66 46.63 -39.96
CA ASN C 477 -40.46 45.18 -40.12
C ASN C 477 -41.05 44.37 -38.96
N PRO C 478 -41.89 43.36 -39.28
CA PRO C 478 -42.25 42.35 -38.28
C PRO C 478 -41.04 41.48 -37.94
N VAL C 479 -41.06 40.83 -36.77
CA VAL C 479 -39.92 40.04 -36.29
C VAL C 479 -40.37 38.73 -35.65
N ALA C 480 -39.44 37.80 -35.52
CA ALA C 480 -39.70 36.50 -34.87
C ALA C 480 -39.56 36.60 -33.36
N CYS C 481 -40.70 36.62 -32.67
CA CYS C 481 -40.75 36.79 -31.22
C CYS C 481 -40.69 35.46 -30.47
N ILE C 482 -40.43 35.55 -29.16
CA ILE C 482 -40.40 34.41 -28.25
C ILE C 482 -40.85 34.82 -26.85
N ASN C 483 -41.62 33.95 -26.19
CA ASN C 483 -42.01 34.16 -24.80
C ASN C 483 -40.89 33.83 -23.82
N LEU C 484 -40.35 34.87 -23.18
CA LEU C 484 -39.33 34.70 -22.16
C LEU C 484 -39.95 34.94 -20.78
N SER C 485 -39.74 34.00 -19.87
CA SER C 485 -40.25 34.14 -18.51
C SER C 485 -39.35 33.48 -17.47
N PHE C 486 -39.38 34.02 -16.26
CA PHE C 486 -38.63 33.51 -15.11
C PHE C 486 -39.44 33.70 -13.83
N CYS C 487 -39.15 32.88 -12.82
CA CYS C 487 -39.81 32.98 -11.51
C CYS C 487 -38.81 32.91 -10.37
N LEU C 488 -39.10 33.61 -9.27
CA LEU C 488 -38.25 33.59 -8.07
C LEU C 488 -39.04 33.33 -6.81
N ASN C 489 -38.86 32.13 -6.24
CA ASN C 489 -39.32 31.83 -4.89
C ASN C 489 -38.39 32.48 -3.87
N ALA C 490 -38.94 32.92 -2.74
CA ALA C 490 -38.13 33.49 -1.65
C ALA C 490 -38.68 33.10 -0.27
N SER C 491 -38.80 31.80 -0.05
CA SER C 491 -39.30 31.24 1.21
C SER C 491 -38.27 31.41 2.33
N GLY C 492 -37.01 31.56 1.96
CA GLY C 492 -35.94 31.83 2.92
C GLY C 492 -36.18 33.17 3.59
N LYS C 493 -36.84 33.13 4.75
CA LYS C 493 -37.21 34.34 5.48
C LYS C 493 -36.95 34.17 6.98
N HIS C 494 -36.26 35.13 7.57
CA HIS C 494 -36.00 35.15 9.01
C HIS C 494 -35.96 36.55 9.56
N VAL C 495 -36.30 37.53 8.71
CA VAL C 495 -36.32 38.93 9.15
C VAL C 495 -37.33 39.87 8.46
N ALA C 496 -37.45 39.79 7.13
CA ALA C 496 -38.23 40.80 6.37
C ALA C 496 -39.44 40.24 5.62
N ASP C 497 -40.51 41.03 5.57
CA ASP C 497 -41.76 40.65 4.88
C ASP C 497 -41.57 40.52 3.37
N SER C 498 -41.21 41.64 2.73
CA SER C 498 -40.81 41.64 1.32
C SER C 498 -39.29 41.78 1.18
N ILE C 499 -38.71 40.91 0.36
CA ILE C 499 -37.27 40.87 0.14
C ILE C 499 -36.93 41.45 -1.23
N GLY C 500 -36.09 42.49 -1.24
CA GLY C 500 -35.62 43.09 -2.48
C GLY C 500 -34.56 42.24 -3.16
N PHE C 501 -34.77 41.96 -4.45
CA PHE C 501 -33.81 41.25 -5.29
C PHE C 501 -33.49 42.13 -6.49
N THR C 502 -32.34 41.90 -7.13
CA THR C 502 -32.10 42.40 -8.49
C THR C 502 -31.93 41.21 -9.45
N VAL C 503 -32.53 41.32 -10.63
CA VAL C 503 -32.47 40.26 -11.63
C VAL C 503 -31.89 40.78 -12.95
N GLU C 504 -30.89 40.07 -13.46
CA GLU C 504 -30.21 40.43 -14.70
C GLU C 504 -30.37 39.32 -15.73
N LEU C 505 -30.61 39.73 -16.98
CA LEU C 505 -30.68 38.79 -18.10
C LEU C 505 -29.64 39.18 -19.14
N GLN C 506 -28.89 38.19 -19.61
CA GLN C 506 -27.89 38.41 -20.65
C GLN C 506 -28.16 37.55 -21.89
N LEU C 507 -27.82 38.11 -23.05
CA LEU C 507 -28.01 37.45 -24.35
C LEU C 507 -26.74 37.44 -25.22
N ASP C 508 -25.80 38.34 -24.93
CA ASP C 508 -24.52 38.43 -25.67
C ASP C 508 -23.31 38.64 -24.77
N TRP C 509 -22.38 37.67 -24.78
CA TRP C 509 -21.09 37.81 -24.11
C TRP C 509 -19.99 37.16 -24.90
N GLN C 510 -19.55 37.86 -25.95
CA GLN C 510 -18.46 37.41 -26.82
C GLN C 510 -17.56 38.56 -27.27
N LYS C 511 -18.00 39.32 -28.27
CA LYS C 511 -17.22 40.46 -28.76
C LYS C 511 -17.28 41.61 -27.75
N GLN C 512 -16.27 41.67 -26.89
CA GLN C 512 -16.21 42.66 -25.81
C GLN C 512 -15.97 44.08 -26.33
N ARG C 518 -27.42 40.66 -31.46
CA ARG C 518 -27.65 39.35 -32.08
C ARG C 518 -29.00 38.72 -31.67
N ALA C 519 -29.39 38.94 -30.41
CA ALA C 519 -30.76 38.66 -29.94
C ALA C 519 -31.15 39.71 -28.90
N LEU C 520 -32.32 40.31 -29.05
CA LEU C 520 -32.69 41.47 -28.25
C LEU C 520 -34.09 41.40 -27.63
N PHE C 521 -34.30 42.18 -26.56
CA PHE C 521 -35.63 42.32 -25.95
C PHE C 521 -36.49 43.22 -26.83
N LEU C 522 -37.75 42.83 -27.00
CA LEU C 522 -38.67 43.56 -27.86
C LEU C 522 -38.84 45.01 -27.39
N ALA C 523 -38.78 45.21 -26.08
CA ALA C 523 -38.72 46.55 -25.50
C ALA C 523 -37.26 47.01 -25.41
N SER C 524 -37.03 48.30 -25.59
CA SER C 524 -35.69 48.92 -25.51
C SER C 524 -34.68 48.45 -26.58
N ARG C 525 -34.80 47.20 -27.01
CA ARG C 525 -34.01 46.63 -28.12
C ARG C 525 -32.52 46.39 -27.82
N GLN C 526 -32.22 46.04 -26.57
CA GLN C 526 -30.84 45.68 -26.17
C GLN C 526 -30.71 44.22 -25.73
N ALA C 527 -29.48 43.81 -25.43
CA ALA C 527 -29.19 42.42 -25.10
C ALA C 527 -29.23 42.13 -23.60
N THR C 528 -29.43 43.17 -22.79
CA THR C 528 -29.46 43.03 -21.32
C THR C 528 -30.67 43.74 -20.68
N LEU C 529 -31.23 43.12 -19.64
CA LEU C 529 -32.26 43.76 -18.82
C LEU C 529 -31.98 43.61 -17.33
N THR C 530 -31.98 44.73 -16.61
CA THR C 530 -31.74 44.73 -15.16
C THR C 530 -32.95 45.24 -14.38
N GLN C 531 -33.61 44.31 -13.69
CA GLN C 531 -34.82 44.60 -12.92
C GLN C 531 -34.55 44.60 -11.41
N THR C 532 -35.48 45.19 -10.67
CA THR C 532 -35.55 45.06 -9.21
C THR C 532 -36.91 44.45 -8.86
N LEU C 533 -36.93 43.48 -7.94
CA LEU C 533 -38.18 42.83 -7.56
C LEU C 533 -38.38 42.79 -6.05
N LEU C 534 -39.58 43.15 -5.60
CA LEU C 534 -39.95 42.96 -4.19
C LEU C 534 -40.78 41.68 -4.07
N ILE C 535 -40.18 40.66 -3.46
CA ILE C 535 -40.79 39.32 -3.32
C ILE C 535 -40.99 39.02 -1.85
N GLN C 536 -42.04 38.29 -1.51
CA GLN C 536 -42.38 38.09 -0.10
C GLN C 536 -42.07 36.70 0.48
N ASN C 537 -43.11 35.92 0.75
CA ASN C 537 -42.96 34.55 1.21
C ASN C 537 -43.02 33.60 0.02
N GLY C 538 -42.58 32.36 0.24
CA GLY C 538 -42.63 31.35 -0.80
C GLY C 538 -44.04 30.80 -1.00
N ALA C 539 -45.01 31.71 -1.15
CA ALA C 539 -46.41 31.34 -1.37
C ALA C 539 -46.56 30.72 -2.75
N ARG C 540 -46.25 31.51 -3.79
CA ARG C 540 -46.14 31.01 -5.16
C ARG C 540 -44.95 31.70 -5.80
N GLU C 541 -44.40 31.09 -6.85
CA GLU C 541 -43.35 31.70 -7.64
C GLU C 541 -43.85 33.04 -8.17
N ASP C 542 -43.05 34.09 -8.02
CA ASP C 542 -43.40 35.36 -8.65
C ASP C 542 -42.77 35.41 -10.02
N CYS C 543 -43.61 35.49 -11.05
CA CYS C 543 -43.16 35.32 -12.42
C CYS C 543 -43.38 36.57 -13.25
N ARG C 544 -42.69 36.66 -14.39
CA ARG C 544 -42.84 37.79 -15.31
C ARG C 544 -42.54 37.38 -16.76
N GLU C 545 -43.31 37.94 -17.70
CA GLU C 545 -43.20 37.58 -19.12
C GLU C 545 -42.77 38.76 -20.00
N MET C 546 -41.85 38.49 -20.93
CA MET C 546 -41.42 39.47 -21.92
C MET C 546 -41.07 38.79 -23.24
N LYS C 547 -40.99 39.59 -24.30
CA LYS C 547 -40.71 39.06 -25.63
C LYS C 547 -39.31 39.43 -26.12
N ILE C 548 -38.69 38.47 -26.80
CA ILE C 548 -37.38 38.66 -27.41
C ILE C 548 -37.43 38.31 -28.89
N TYR C 549 -36.71 39.08 -29.70
CA TYR C 549 -36.74 38.90 -31.15
C TYR C 549 -35.34 38.64 -31.74
N LEU C 550 -35.29 37.96 -32.89
CA LEU C 550 -34.03 37.75 -33.60
C LEU C 550 -33.74 38.88 -34.58
N ARG C 551 -32.45 39.19 -34.73
CA ARG C 551 -31.96 40.28 -35.57
C ARG C 551 -31.75 39.85 -37.03
N ASN C 552 -31.58 40.84 -37.91
CA ASN C 552 -31.15 40.60 -39.29
C ASN C 552 -29.67 40.98 -39.48
N GLU C 553 -29.00 40.25 -40.36
CA GLU C 553 -27.57 40.39 -40.59
C GLU C 553 -27.25 41.72 -41.28
N LEU C 560 -19.83 32.50 -37.57
CA LEU C 560 -20.49 31.20 -37.65
C LEU C 560 -21.19 30.82 -36.32
N SER C 561 -20.67 31.37 -35.22
CA SER C 561 -21.05 30.95 -33.85
C SER C 561 -22.50 31.26 -33.40
N PRO C 562 -22.98 30.56 -32.34
CA PRO C 562 -24.28 30.78 -31.67
C PRO C 562 -24.40 32.10 -30.88
N ILE C 563 -25.49 32.22 -30.08
CA ILE C 563 -25.77 33.42 -29.28
C ILE C 563 -26.08 33.04 -27.81
N HIS C 564 -25.52 33.82 -26.87
CA HIS C 564 -25.55 33.52 -25.42
C HIS C 564 -26.90 33.66 -24.75
N ILE C 565 -27.03 33.05 -23.56
CA ILE C 565 -28.17 33.24 -22.65
C ILE C 565 -27.68 33.11 -21.20
N ALA C 566 -28.12 34.01 -20.33
CA ALA C 566 -27.73 34.00 -18.91
C ALA C 566 -28.74 34.68 -17.98
N LEU C 567 -28.92 34.10 -16.79
CA LEU C 567 -29.71 34.72 -15.73
C LEU C 567 -28.98 34.56 -14.40
N ASN C 568 -28.75 35.68 -13.70
CA ASN C 568 -28.19 35.62 -12.35
C ASN C 568 -28.95 36.37 -11.24
N PHE C 569 -28.86 35.81 -10.03
CA PHE C 569 -29.45 36.34 -8.81
C PHE C 569 -28.56 37.36 -8.13
N SER C 570 -29.20 38.28 -7.41
CA SER C 570 -28.51 39.13 -6.44
C SER C 570 -29.52 39.75 -5.48
N LEU C 571 -29.25 39.60 -4.18
CA LEU C 571 -30.04 40.25 -3.15
C LEU C 571 -29.75 41.76 -3.23
N ASP C 572 -30.81 42.55 -3.43
CA ASP C 572 -30.67 43.99 -3.70
C ASP C 572 -29.87 44.68 -2.62
N PRO C 573 -28.64 45.12 -2.96
CA PRO C 573 -27.74 45.76 -1.98
C PRO C 573 -28.15 47.20 -1.60
N GLN C 574 -29.46 47.47 -1.59
CA GLN C 574 -29.96 48.82 -1.33
C GLN C 574 -31.22 48.92 -0.46
N ALA C 575 -31.95 47.82 -0.30
CA ALA C 575 -33.34 47.90 0.21
C ALA C 575 -33.61 47.66 1.71
N PRO C 576 -33.90 46.40 2.11
CA PRO C 576 -34.50 46.22 3.44
C PRO C 576 -33.51 46.19 4.61
N VAL C 577 -32.98 47.36 4.97
CA VAL C 577 -32.11 47.49 6.15
C VAL C 577 -32.98 47.25 7.38
N ASP C 578 -32.87 46.06 7.97
CA ASP C 578 -33.80 45.63 9.03
C ASP C 578 -33.73 46.48 10.31
N SER C 579 -34.61 46.15 11.28
CA SER C 579 -34.65 46.84 12.57
C SER C 579 -33.31 46.81 13.29
N HIS C 580 -32.53 45.76 13.04
CA HIS C 580 -31.20 45.59 13.61
C HIS C 580 -30.16 46.39 12.89
N GLY C 581 -30.35 46.56 11.58
CA GLY C 581 -29.47 47.38 10.75
C GLY C 581 -28.57 46.56 9.83
N LEU C 582 -29.08 45.42 9.38
CA LEU C 582 -28.32 44.51 8.53
C LEU C 582 -29.15 44.03 7.35
N ARG C 583 -28.55 44.05 6.17
CA ARG C 583 -29.12 43.39 5.00
C ARG C 583 -28.84 41.90 5.11
N PRO C 584 -29.66 41.05 4.46
CA PRO C 584 -29.43 39.61 4.49
C PRO C 584 -28.38 39.12 3.48
N ALA C 585 -28.20 37.81 3.40
CA ALA C 585 -27.27 37.19 2.47
C ALA C 585 -27.85 35.90 1.89
N LEU C 586 -27.32 35.44 0.76
CA LEU C 586 -27.82 34.24 0.10
C LEU C 586 -27.27 32.95 0.72
N HIS C 587 -28.17 31.97 0.85
CA HIS C 587 -27.89 30.67 1.46
C HIS C 587 -26.82 29.91 0.72
N TYR C 588 -26.17 28.98 1.43
CA TYR C 588 -25.12 28.14 0.89
C TYR C 588 -25.65 27.13 -0.13
N GLN C 589 -26.85 26.60 0.12
CA GLN C 589 -27.42 25.49 -0.67
C GLN C 589 -28.15 25.90 -1.96
N SER C 590 -28.04 27.17 -2.35
CA SER C 590 -28.74 27.66 -3.55
C SER C 590 -27.83 28.42 -4.52
N LYS C 591 -27.99 28.12 -5.81
CA LYS C 591 -27.16 28.70 -6.88
C LYS C 591 -27.82 29.89 -7.58
N SER C 592 -27.03 30.92 -7.82
CA SER C 592 -27.50 32.20 -8.36
C SER C 592 -27.79 32.16 -9.86
N ARG C 593 -27.19 31.19 -10.56
CA ARG C 593 -27.23 31.14 -12.02
C ARG C 593 -28.08 30.01 -12.58
N ILE C 594 -28.74 30.28 -13.71
CA ILE C 594 -29.41 29.26 -14.51
C ILE C 594 -29.31 29.67 -16.00
N GLU C 595 -29.10 28.70 -16.89
CA GLU C 595 -28.78 28.99 -18.29
C GLU C 595 -29.47 28.13 -19.36
N ASP C 596 -29.93 28.80 -20.43
CA ASP C 596 -30.41 28.18 -21.67
C ASP C 596 -29.55 28.68 -22.84
N LYS C 597 -30.06 28.60 -24.07
CA LYS C 597 -29.43 29.22 -25.27
C LYS C 597 -30.29 29.20 -26.56
N ALA C 598 -29.78 29.86 -27.61
CA ALA C 598 -30.37 29.85 -28.97
C ALA C 598 -29.34 30.28 -30.03
N GLN C 599 -29.38 29.64 -31.21
CA GLN C 599 -28.35 29.81 -32.28
C GLN C 599 -28.87 29.96 -33.73
N ILE C 600 -27.95 30.02 -34.69
CA ILE C 600 -28.27 30.07 -36.14
C ILE C 600 -28.94 28.78 -36.62
N ASN D 5 -5.51 14.40 -26.12
CA ASN D 5 -5.96 14.12 -24.72
C ASN D 5 -6.24 15.39 -23.93
N ARG D 6 -5.40 16.39 -24.11
CA ARG D 6 -5.49 17.65 -23.36
C ARG D 6 -5.93 18.83 -24.23
N CYS D 7 -5.11 19.21 -25.20
CA CYS D 7 -5.43 20.29 -26.15
C CYS D 7 -6.61 19.85 -27.00
N LEU D 8 -6.88 18.54 -26.98
CA LEU D 8 -8.07 17.95 -27.55
C LEU D 8 -9.33 18.49 -26.86
N LYS D 9 -9.36 18.47 -25.53
CA LYS D 9 -10.56 18.84 -24.75
C LYS D 9 -10.73 20.34 -24.51
N ALA D 10 -9.85 20.94 -23.70
CA ALA D 10 -9.96 22.35 -23.35
C ALA D 10 -9.62 23.24 -24.55
N ASN D 11 -10.47 24.25 -24.76
CA ASN D 11 -10.30 25.20 -25.86
C ASN D 11 -10.23 26.66 -25.40
N ALA D 12 -9.63 27.52 -26.22
CA ALA D 12 -9.34 28.91 -25.83
C ALA D 12 -9.32 29.90 -27.00
N LYS D 13 -8.81 31.10 -26.75
CA LYS D 13 -8.83 32.23 -27.70
C LYS D 13 -7.72 32.18 -28.77
N SER D 14 -6.65 32.94 -28.56
CA SER D 14 -5.57 33.12 -29.57
C SER D 14 -4.50 32.01 -29.56
N CYS D 15 -3.24 32.39 -29.74
CA CYS D 15 -2.12 31.45 -29.60
C CYS D 15 -1.59 31.43 -28.17
N GLY D 16 -1.63 32.59 -27.51
CA GLY D 16 -1.15 32.76 -26.15
C GLY D 16 -1.69 31.74 -25.15
N GLU D 17 -3.00 31.54 -25.17
CA GLU D 17 -3.66 30.55 -24.32
C GLU D 17 -3.54 29.14 -24.92
N CYS D 18 -3.39 29.07 -26.24
CA CYS D 18 -3.23 27.81 -26.96
C CYS D 18 -1.94 27.09 -26.56
N ILE D 19 -0.85 27.84 -26.42
CA ILE D 19 0.43 27.30 -25.95
C ILE D 19 0.31 26.82 -24.51
N GLN D 20 -0.36 27.63 -23.69
CA GLN D 20 -0.59 27.34 -22.27
C GLN D 20 -1.59 26.20 -22.02
N ALA D 21 -2.21 25.70 -23.09
CA ALA D 21 -3.17 24.60 -22.99
C ALA D 21 -2.50 23.27 -22.62
N GLY D 22 -1.28 23.08 -23.12
CA GLY D 22 -0.52 21.85 -22.87
C GLY D 22 0.74 21.78 -23.69
N PRO D 23 1.53 20.70 -23.52
CA PRO D 23 2.78 20.55 -24.26
C PRO D 23 2.57 19.98 -25.67
N ASN D 24 1.34 19.59 -25.99
CA ASN D 24 1.03 18.86 -27.21
C ASN D 24 0.75 19.77 -28.40
N CYS D 25 -0.13 20.75 -28.17
CA CYS D 25 -0.75 21.51 -29.25
C CYS D 25 0.16 22.45 -30.04
N GLY D 26 -0.28 22.75 -31.26
CA GLY D 26 0.27 23.82 -32.09
C GLY D 26 -0.87 24.71 -32.55
N TRP D 27 -0.57 25.67 -33.42
CA TRP D 27 -1.56 26.61 -33.92
C TRP D 27 -1.25 27.01 -35.34
N CYS D 28 -2.28 27.11 -36.18
CA CYS D 28 -2.11 27.38 -37.61
C CYS D 28 -2.54 28.77 -38.06
N THR D 29 -1.99 29.19 -39.20
CA THR D 29 -2.49 30.36 -39.91
C THR D 29 -3.15 29.92 -41.24
N ASN D 30 -3.56 30.89 -42.06
CA ASN D 30 -4.38 30.65 -43.25
C ASN D 30 -3.91 29.57 -44.23
N SER D 31 -4.63 28.44 -44.24
CA SER D 31 -4.46 27.33 -45.20
C SER D 31 -5.12 26.06 -44.63
N THR D 32 -6.22 26.24 -43.91
CA THR D 32 -6.86 25.18 -43.09
C THR D 32 -7.43 23.99 -43.88
N PHE D 33 -7.85 22.96 -43.16
CA PHE D 33 -8.45 21.74 -43.73
C PHE D 33 -9.70 22.06 -44.53
N ARG D 43 -9.48 23.92 -34.26
CA ARG D 43 -8.65 25.09 -33.97
C ARG D 43 -7.24 24.70 -33.50
N CYS D 44 -6.97 24.88 -32.21
CA CYS D 44 -5.67 24.54 -31.61
C CYS D 44 -5.74 23.23 -30.84
N ASP D 45 -5.08 22.20 -31.37
CA ASP D 45 -5.09 20.87 -30.74
C ASP D 45 -3.79 20.10 -30.98
N ASP D 46 -3.71 18.91 -30.41
CA ASP D 46 -2.53 18.04 -30.44
C ASP D 46 -1.78 18.06 -31.78
N LEU D 47 -0.47 18.29 -31.71
CA LEU D 47 0.39 18.44 -32.89
C LEU D 47 0.47 17.16 -33.74
N GLU D 48 0.14 16.03 -33.13
CA GLU D 48 0.05 14.77 -33.86
C GLU D 48 -1.21 14.74 -34.73
N ALA D 49 -2.35 15.07 -34.12
CA ALA D 49 -3.63 15.10 -34.83
C ALA D 49 -3.90 16.49 -35.45
N LEU D 50 -2.88 17.06 -36.09
CA LEU D 50 -2.98 18.38 -36.69
C LEU D 50 -2.21 18.41 -38.02
N LYS D 51 -1.10 17.68 -38.06
CA LYS D 51 -0.31 17.52 -39.27
C LYS D 51 -0.93 16.49 -40.21
N LYS D 52 -1.77 15.62 -39.66
CA LYS D 52 -2.56 14.69 -40.46
C LYS D 52 -3.69 15.42 -41.17
N LYS D 53 -4.15 16.51 -40.56
CA LYS D 53 -5.15 17.40 -41.15
C LYS D 53 -4.48 18.44 -42.06
N GLY D 54 -5.29 19.23 -42.76
CA GLY D 54 -4.80 20.16 -43.77
C GLY D 54 -4.06 21.39 -43.27
N CYS D 55 -2.85 21.18 -42.75
CA CYS D 55 -1.95 22.28 -42.35
C CYS D 55 -0.49 21.82 -42.34
N PRO D 56 0.34 22.42 -43.23
CA PRO D 56 1.75 22.03 -43.46
C PRO D 56 2.63 22.13 -42.21
N PRO D 57 3.76 21.38 -42.18
CA PRO D 57 4.73 21.49 -41.08
C PRO D 57 5.46 22.85 -41.02
N ASP D 58 5.16 23.75 -41.95
CA ASP D 58 5.69 25.12 -41.93
C ASP D 58 4.71 26.10 -41.32
N ASP D 59 3.42 25.80 -41.46
CA ASP D 59 2.34 26.67 -40.98
C ASP D 59 2.01 26.43 -39.50
N ILE D 60 2.58 25.38 -38.91
CA ILE D 60 2.42 25.10 -37.48
C ILE D 60 3.21 26.07 -36.62
N GLU D 61 2.61 26.49 -35.50
CA GLU D 61 3.27 27.38 -34.56
C GLU D 61 3.35 26.71 -33.19
N ASN D 62 4.57 26.32 -32.81
CA ASN D 62 4.80 25.59 -31.57
C ASN D 62 6.19 25.92 -31.01
N PRO D 63 6.27 26.90 -30.08
CA PRO D 63 7.54 27.21 -29.42
C PRO D 63 8.05 26.06 -28.53
N ARG D 64 9.34 26.07 -28.22
CA ARG D 64 9.95 24.99 -27.44
C ARG D 64 10.79 25.54 -26.28
N GLY D 65 10.97 24.72 -25.25
CA GLY D 65 11.80 25.10 -24.09
C GLY D 65 13.29 24.91 -24.37
N SER D 66 14.13 25.53 -23.55
CA SER D 66 15.58 25.44 -23.77
C SER D 66 16.46 25.53 -22.53
N LYS D 67 17.57 24.80 -22.58
CA LYS D 67 18.59 24.75 -21.54
C LYS D 67 19.76 25.57 -22.05
N ASP D 68 20.27 26.48 -21.23
CA ASP D 68 21.40 27.34 -21.63
C ASP D 68 22.35 27.62 -20.47
N ILE D 69 23.44 26.85 -20.41
CA ILE D 69 24.44 27.00 -19.36
C ILE D 69 25.24 28.30 -19.52
N LYS D 70 25.20 29.17 -18.52
CA LYS D 70 25.83 30.50 -18.58
C LYS D 70 27.24 30.59 -17.98
N LYS D 71 27.39 30.21 -16.72
CA LYS D 71 28.71 30.14 -16.08
C LYS D 71 28.99 28.69 -15.69
N ASN D 72 30.05 28.11 -16.25
CA ASN D 72 30.34 26.69 -16.03
C ASN D 72 31.81 26.38 -15.70
N LYS D 73 32.34 27.08 -14.71
CA LYS D 73 33.69 26.81 -14.21
C LYS D 73 33.74 25.42 -13.60
N ASN D 74 34.80 24.68 -13.94
CA ASN D 74 34.94 23.29 -13.51
C ASN D 74 35.18 23.10 -12.04
N VAL D 75 34.71 21.96 -11.52
CA VAL D 75 35.04 21.57 -10.16
C VAL D 75 36.55 21.47 -10.07
N THR D 76 37.10 21.88 -8.94
CA THR D 76 38.52 21.77 -8.70
C THR D 76 39.00 20.32 -8.76
N ASN D 77 39.84 20.03 -9.74
CA ASN D 77 40.59 18.78 -9.78
C ASN D 77 41.85 18.97 -8.95
N ARG D 78 42.46 17.86 -8.55
CA ARG D 78 43.63 17.97 -7.70
C ARG D 78 44.89 17.65 -8.51
N SER D 79 44.90 18.11 -9.77
CA SER D 79 46.02 17.82 -10.66
C SER D 79 47.35 18.34 -10.17
N LYS D 80 47.36 19.49 -9.50
CA LYS D 80 48.61 20.08 -9.01
C LYS D 80 49.20 19.44 -7.75
N GLY D 81 48.56 18.39 -7.25
CA GLY D 81 49.14 17.53 -6.19
C GLY D 81 49.24 18.17 -4.83
N THR D 82 49.71 17.40 -3.84
CA THR D 82 49.65 17.80 -2.44
C THR D 82 50.52 19.01 -2.05
N ALA D 83 51.28 19.55 -3.01
CA ALA D 83 52.07 20.75 -2.74
C ALA D 83 51.22 22.00 -2.91
N GLU D 84 50.22 21.92 -3.79
CA GLU D 84 49.30 23.01 -4.02
C GLU D 84 48.42 23.17 -2.80
N LYS D 85 48.49 24.35 -2.21
CA LYS D 85 47.73 24.73 -1.03
C LYS D 85 46.62 25.71 -1.42
N LEU D 86 45.56 25.15 -2.02
CA LEU D 86 44.44 25.92 -2.55
C LEU D 86 43.75 26.81 -1.53
N LYS D 87 43.59 28.09 -1.89
CA LYS D 87 42.80 29.01 -1.08
C LYS D 87 41.31 28.78 -1.30
N PRO D 88 40.49 29.02 -0.26
CA PRO D 88 39.02 28.94 -0.33
C PRO D 88 38.37 29.63 -1.54
N GLU D 89 38.88 30.79 -1.95
CA GLU D 89 38.34 31.52 -3.11
C GLU D 89 38.54 30.75 -4.42
N ASP D 90 39.57 29.93 -4.48
CA ASP D 90 39.89 29.14 -5.68
C ASP D 90 39.08 27.86 -5.81
N ILE D 91 38.58 27.36 -4.68
CA ILE D 91 37.91 26.05 -4.63
C ILE D 91 36.52 26.10 -5.28
N HIS D 92 36.26 25.12 -6.13
CA HIS D 92 34.94 24.95 -6.74
C HIS D 92 34.34 23.57 -6.58
N GLN D 93 33.14 23.56 -6.00
CA GLN D 93 32.47 22.33 -5.58
C GLN D 93 31.16 21.99 -6.30
N ILE D 94 30.55 22.94 -7.01
CA ILE D 94 29.35 22.66 -7.85
C ILE D 94 29.42 23.19 -9.29
N GLN D 95 28.84 22.43 -10.21
CA GLN D 95 28.87 22.71 -11.65
C GLN D 95 27.51 22.45 -12.26
N PRO D 96 27.02 23.36 -13.12
CA PRO D 96 27.56 24.67 -13.45
C PRO D 96 27.22 25.63 -12.31
N GLN D 97 27.27 26.94 -12.54
CA GLN D 97 26.80 27.84 -11.49
C GLN D 97 25.82 28.93 -11.94
N GLN D 98 25.44 28.90 -13.20
CA GLN D 98 24.34 29.70 -13.73
C GLN D 98 23.83 29.10 -15.01
N LEU D 99 22.52 29.13 -15.20
CA LEU D 99 21.92 28.63 -16.41
C LEU D 99 20.52 29.20 -16.62
N VAL D 100 20.13 29.38 -17.88
CA VAL D 100 18.81 29.93 -18.20
C VAL D 100 17.89 28.85 -18.75
N LEU D 101 16.74 28.70 -18.11
CA LEU D 101 15.75 27.73 -18.53
C LEU D 101 14.52 28.42 -19.10
N ARG D 102 14.33 28.29 -20.41
CA ARG D 102 13.12 28.77 -21.04
C ARG D 102 12.15 27.62 -21.01
N LEU D 103 10.93 27.92 -20.56
CA LEU D 103 9.96 26.89 -20.18
C LEU D 103 8.64 26.97 -20.93
N ARG D 104 8.23 25.85 -21.53
CA ARG D 104 6.91 25.76 -22.14
C ARG D 104 5.94 25.04 -21.22
N SER D 105 4.73 25.59 -21.12
CA SER D 105 3.60 25.03 -20.38
C SER D 105 3.88 23.77 -19.54
N GLY D 106 3.89 22.60 -20.18
CA GLY D 106 4.06 21.33 -19.47
C GLY D 106 5.24 20.50 -19.92
N GLU D 107 6.23 21.18 -20.51
CA GLU D 107 7.45 20.54 -20.98
C GLU D 107 8.54 20.75 -19.93
N PRO D 108 9.10 19.66 -19.40
CA PRO D 108 10.18 19.80 -18.42
C PRO D 108 11.52 20.18 -19.08
N GLN D 109 12.24 21.09 -18.46
CA GLN D 109 13.66 21.29 -18.76
C GLN D 109 14.47 20.71 -17.62
N THR D 110 15.49 19.91 -17.95
CA THR D 110 16.35 19.30 -16.94
C THR D 110 17.81 19.69 -17.20
N PHE D 111 18.59 19.72 -16.12
CA PHE D 111 20.02 19.98 -16.21
C PHE D 111 20.71 19.14 -15.14
N THR D 112 21.95 18.75 -15.39
CA THR D 112 22.64 17.93 -14.38
C THR D 112 23.61 18.80 -13.59
N LEU D 113 23.81 18.42 -12.33
CA LEU D 113 24.62 19.21 -11.42
C LEU D 113 25.75 18.33 -10.89
N LYS D 114 26.96 18.89 -10.86
CA LYS D 114 28.11 18.13 -10.37
C LYS D 114 28.53 18.62 -9.00
N PHE D 115 28.63 17.72 -8.04
CA PHE D 115 29.15 18.13 -6.77
C PHE D 115 30.42 17.36 -6.45
N LYS D 116 31.47 18.08 -6.06
CA LYS D 116 32.75 17.46 -5.72
C LYS D 116 33.27 18.02 -4.41
N ARG D 117 33.41 17.14 -3.42
CA ARG D 117 33.85 17.53 -2.11
C ARG D 117 35.34 17.85 -2.12
N ALA D 118 35.66 19.08 -1.75
CA ALA D 118 37.02 19.55 -1.61
C ALA D 118 37.76 18.89 -0.45
N GLU D 119 39.08 19.07 -0.45
CA GLU D 119 39.98 18.42 0.46
C GLU D 119 40.06 19.17 1.80
N ASP D 120 39.83 20.49 1.73
CA ASP D 120 40.25 21.44 2.75
C ASP D 120 39.42 22.71 2.60
N TYR D 121 38.81 23.14 3.70
CA TYR D 121 38.07 24.39 3.74
C TYR D 121 38.31 25.00 5.12
N PRO D 122 38.27 26.34 5.25
CA PRO D 122 38.45 26.85 6.62
C PRO D 122 37.21 26.57 7.47
N ILE D 123 37.40 26.51 8.78
CA ILE D 123 36.33 26.12 9.66
C ILE D 123 36.16 27.09 10.82
N ASP D 124 34.95 27.65 10.91
CA ASP D 124 34.54 28.41 12.08
C ASP D 124 33.67 27.52 12.99
N LEU D 125 34.02 27.43 14.26
CA LEU D 125 33.24 26.62 15.21
C LEU D 125 32.86 27.39 16.47
N TYR D 126 31.57 27.56 16.69
CA TYR D 126 31.09 28.17 17.93
C TYR D 126 30.59 27.15 18.95
N TYR D 127 31.19 27.18 20.13
CA TYR D 127 30.84 26.26 21.20
C TYR D 127 29.88 26.92 22.20
N LEU D 128 28.60 26.59 22.09
CA LEU D 128 27.54 27.16 22.93
C LEU D 128 27.15 26.19 24.04
N MET D 129 27.40 26.59 25.28
CA MET D 129 27.29 25.65 26.39
C MET D 129 26.31 26.09 27.51
N ASP D 130 25.35 25.23 27.79
CA ASP D 130 24.47 25.30 28.96
C ASP D 130 25.32 25.52 30.21
N LEU D 131 25.01 26.55 31.02
CA LEU D 131 25.76 26.76 32.28
C LEU D 131 24.98 26.60 33.61
N SER D 132 23.86 25.88 33.60
CA SER D 132 23.16 25.54 34.84
C SER D 132 23.99 24.58 35.67
N TYR D 133 23.80 24.62 36.99
CA TYR D 133 24.70 23.96 37.95
C TYR D 133 25.17 22.52 37.62
N SER D 134 24.34 21.73 36.92
CA SER D 134 24.68 20.36 36.54
C SER D 134 25.79 20.27 35.48
N MET D 135 26.24 21.43 35.02
CA MET D 135 27.34 21.54 34.07
C MET D 135 28.65 22.01 34.73
N LYS D 136 28.65 22.17 36.04
CA LYS D 136 29.86 22.66 36.72
C LYS D 136 31.02 21.66 36.56
N ASP D 137 30.70 20.37 36.57
CA ASP D 137 31.67 19.34 36.25
C ASP D 137 32.18 19.55 34.82
N ASP D 138 31.24 19.66 33.87
CA ASP D 138 31.56 19.88 32.47
C ASP D 138 32.42 21.11 32.27
N LEU D 139 32.11 22.20 32.97
CA LEU D 139 32.86 23.44 32.85
C LEU D 139 34.34 23.20 33.11
N GLU D 140 34.66 22.49 34.19
CA GLU D 140 36.05 22.18 34.51
C GLU D 140 36.81 21.50 33.35
N ASN D 141 36.21 20.47 32.76
CA ASN D 141 36.79 19.77 31.60
C ASN D 141 36.99 20.63 30.36
N VAL D 142 36.01 21.50 30.09
CA VAL D 142 36.02 22.34 28.91
C VAL D 142 37.12 23.42 28.95
N LYS D 143 37.66 23.67 30.15
CA LYS D 143 38.79 24.59 30.35
C LYS D 143 40.00 24.21 29.53
N SER D 144 40.42 22.95 29.66
CA SER D 144 41.63 22.43 29.02
C SER D 144 41.44 22.07 27.54
N LEU D 145 40.19 21.94 27.13
CA LEU D 145 39.82 21.87 25.70
C LEU D 145 40.21 23.19 25.03
N GLY D 146 39.96 23.33 23.74
CA GLY D 146 40.21 24.60 23.08
C GLY D 146 41.56 24.61 22.41
N THR D 147 42.54 23.97 23.04
CA THR D 147 43.80 23.67 22.37
C THR D 147 43.77 22.26 21.80
N ASP D 148 43.10 21.36 22.51
CA ASP D 148 43.00 19.98 22.10
C ASP D 148 42.10 19.87 20.87
N LEU D 149 40.96 20.54 20.91
CA LEU D 149 40.06 20.59 19.77
C LEU D 149 40.75 21.32 18.63
N MET D 150 41.39 22.44 18.96
CA MET D 150 42.25 23.19 18.04
C MET D 150 43.18 22.23 17.29
N ASN D 151 43.86 21.38 18.06
CA ASN D 151 44.80 20.42 17.51
C ASN D 151 44.13 19.31 16.69
N GLU D 152 42.97 18.86 17.16
CA GLU D 152 42.24 17.79 16.51
C GLU D 152 41.49 18.27 15.28
N MET D 153 41.23 19.57 15.19
CA MET D 153 40.49 20.13 14.06
C MET D 153 41.41 20.47 12.88
N ARG D 154 42.66 20.82 13.20
CA ARG D 154 43.65 21.19 12.17
C ARG D 154 44.07 19.97 11.35
N ARG D 155 43.88 18.80 11.95
CA ARG D 155 43.89 17.51 11.28
C ARG D 155 42.88 17.48 10.11
N ILE D 156 41.83 18.29 10.20
CA ILE D 156 40.77 18.32 9.20
C ILE D 156 40.78 19.62 8.39
N THR D 157 41.35 20.68 8.97
CA THR D 157 41.33 22.00 8.32
C THR D 157 42.65 22.78 8.43
N SER D 158 42.97 23.47 7.34
CA SER D 158 44.18 24.29 7.29
C SER D 158 44.02 25.58 8.08
N ASP D 159 42.81 25.83 8.53
CA ASP D 159 42.46 27.08 9.17
C ASP D 159 41.29 26.86 10.11
N PHE D 160 41.57 26.82 11.41
CA PHE D 160 40.54 26.61 12.40
C PHE D 160 40.34 27.85 13.28
N ARG D 161 39.09 28.14 13.59
CA ARG D 161 38.72 29.26 14.47
C ARG D 161 37.75 28.74 15.51
N ILE D 162 37.74 29.35 16.69
CA ILE D 162 36.91 28.87 17.80
C ILE D 162 36.34 29.99 18.68
N GLY D 163 35.04 29.87 19.00
CA GLY D 163 34.35 30.79 19.93
C GLY D 163 33.60 30.04 21.03
N PHE D 164 33.22 30.76 22.08
CA PHE D 164 32.50 30.17 23.21
C PHE D 164 31.42 31.13 23.67
N GLY D 165 30.20 30.62 23.78
CA GLY D 165 29.09 31.35 24.36
C GLY D 165 28.46 30.47 25.39
N SER D 166 27.93 31.09 26.44
CA SER D 166 27.19 30.38 27.48
C SER D 166 25.76 30.89 27.53
N PHE D 167 24.85 30.01 27.93
CA PHE D 167 23.46 30.40 28.14
C PHE D 167 22.92 29.73 29.39
N VAL D 168 21.86 30.30 29.98
CA VAL D 168 21.16 29.62 31.08
C VAL D 168 19.65 29.53 30.93
N GLU D 169 18.96 30.67 30.85
CA GLU D 169 17.49 30.72 30.91
C GLU D 169 16.97 32.15 30.84
N LYS D 170 15.73 32.33 30.40
CA LYS D 170 15.07 33.64 30.52
C LYS D 170 15.12 34.15 31.96
N THR D 171 15.34 35.44 32.12
CA THR D 171 15.57 36.00 33.46
C THR D 171 14.28 36.49 34.14
N VAL D 172 13.15 35.88 33.76
CA VAL D 172 11.85 36.23 34.38
C VAL D 172 11.17 35.06 35.09
N MET D 173 10.12 35.37 35.83
CA MET D 173 9.22 34.39 36.40
C MET D 173 8.38 33.84 35.25
N PRO D 174 8.10 32.53 35.22
CA PRO D 174 8.34 31.48 36.22
C PRO D 174 9.64 30.67 36.03
N TYR D 175 10.40 30.97 34.97
CA TYR D 175 11.52 30.11 34.53
C TYR D 175 12.67 30.15 35.50
N ILE D 176 12.87 31.30 36.13
CA ILE D 176 13.77 31.44 37.26
C ILE D 176 12.96 31.79 38.51
N SER D 177 13.49 31.43 39.67
CA SER D 177 13.01 31.97 40.93
C SER D 177 13.35 33.48 41.01
N THR D 178 12.55 34.24 41.74
CA THR D 178 12.73 35.72 41.78
C THR D 178 12.78 36.39 43.18
N THR D 179 12.98 35.57 44.22
CA THR D 179 13.37 36.05 45.55
C THR D 179 14.74 36.68 45.41
N PRO D 180 14.95 37.86 46.02
CA PRO D 180 16.26 38.54 45.97
C PRO D 180 17.44 37.57 46.15
N ALA D 181 17.33 36.69 47.15
CA ALA D 181 18.33 35.63 47.42
C ALA D 181 18.66 34.76 46.20
N LYS D 182 17.63 34.29 45.50
CA LYS D 182 17.80 33.39 44.36
C LYS D 182 18.12 34.13 43.06
N LEU D 183 18.02 35.46 43.09
CA LEU D 183 18.46 36.25 41.95
C LEU D 183 19.96 36.46 42.02
N ARG D 184 20.50 36.34 43.23
CA ARG D 184 21.94 36.48 43.47
C ARG D 184 22.60 35.10 43.52
N ASN D 185 21.86 34.11 44.02
CA ASN D 185 22.31 32.73 44.04
C ASN D 185 21.15 31.78 43.79
N PRO D 186 20.88 31.46 42.52
CA PRO D 186 19.80 30.53 42.20
C PRO D 186 20.02 29.15 42.78
N CYS D 187 21.29 28.80 42.98
CA CYS D 187 21.67 27.49 43.52
C CYS D 187 21.44 27.45 45.03
N THR D 188 21.84 26.35 45.69
CA THR D 188 21.55 26.18 47.11
C THR D 188 22.46 27.00 48.02
N SER D 189 22.12 26.98 49.31
CA SER D 189 22.81 27.70 50.36
C SER D 189 24.33 27.78 50.16
N GLU D 190 24.99 26.62 50.17
CA GLU D 190 26.46 26.56 50.19
C GLU D 190 27.10 26.08 48.88
N GLN D 191 26.57 26.61 47.77
CA GLN D 191 27.19 26.47 46.46
C GLN D 191 27.36 27.87 45.89
N ASN D 192 28.61 28.28 45.68
CA ASN D 192 28.86 29.52 44.95
C ASN D 192 28.33 29.32 43.54
N CYS D 193 27.49 30.27 43.09
CA CYS D 193 26.71 30.07 41.88
C CYS D 193 26.07 31.39 41.40
N THR D 194 26.55 31.88 40.27
CA THR D 194 26.21 33.21 39.73
C THR D 194 24.73 33.44 39.39
N THR D 195 24.33 34.70 39.45
CA THR D 195 23.06 35.19 38.92
C THR D 195 22.72 34.53 37.57
N PRO D 196 21.46 34.12 37.39
CA PRO D 196 20.96 33.66 36.10
C PRO D 196 21.10 34.73 35.01
N PHE D 197 21.24 34.27 33.77
CA PHE D 197 21.37 35.14 32.60
C PHE D 197 20.90 34.34 31.39
N SER D 198 20.54 35.02 30.30
CA SER D 198 20.04 34.29 29.15
C SER D 198 21.16 33.77 28.26
N TYR D 199 21.93 34.69 27.67
CA TYR D 199 23.04 34.34 26.78
C TYR D 199 24.20 35.33 26.84
N LYS D 200 25.40 34.79 27.10
CA LYS D 200 26.63 35.59 27.07
C LYS D 200 27.59 35.09 25.99
N ASN D 201 27.82 35.92 24.97
CA ASN D 201 28.92 35.70 24.03
C ASN D 201 30.29 35.88 24.71
N VAL D 202 30.81 34.79 25.30
CA VAL D 202 32.03 34.86 26.09
C VAL D 202 33.26 35.13 25.25
N LEU D 203 33.31 34.54 24.07
CA LEU D 203 34.43 34.72 23.16
C LEU D 203 34.02 34.66 21.72
N SER D 204 34.36 35.71 20.99
CA SER D 204 34.20 35.74 19.54
C SER D 204 35.27 34.91 18.85
N LEU D 205 35.00 34.54 17.61
CA LEU D 205 35.82 33.58 16.88
C LEU D 205 37.24 34.03 16.66
N THR D 206 38.16 33.36 17.36
CA THR D 206 39.60 33.55 17.18
C THR D 206 40.29 32.27 16.67
N ASN D 207 41.53 32.40 16.21
CA ASN D 207 42.36 31.24 15.86
C ASN D 207 43.29 30.87 17.00
N LYS D 208 43.21 31.62 18.09
CA LYS D 208 44.07 31.43 19.23
C LYS D 208 43.36 30.57 20.28
N GLY D 209 43.72 29.29 20.29
CA GLY D 209 43.08 28.29 21.14
C GLY D 209 43.34 28.49 22.62
N GLU D 210 44.51 29.02 22.95
CA GLU D 210 44.93 29.37 24.33
C GLU D 210 44.01 30.43 24.96
N VAL D 211 43.52 31.36 24.13
CA VAL D 211 42.56 32.38 24.56
C VAL D 211 41.27 31.76 25.09
N PHE D 212 40.67 30.87 24.28
CA PHE D 212 39.51 30.07 24.67
C PHE D 212 39.69 29.52 26.07
N ASN D 213 40.85 28.91 26.34
CA ASN D 213 41.13 28.36 27.66
C ASN D 213 41.15 29.39 28.76
N GLU D 214 41.82 30.52 28.50
CA GLU D 214 41.91 31.62 29.46
C GLU D 214 40.51 32.10 29.83
N LEU D 215 39.69 32.37 28.82
CA LEU D 215 38.37 32.93 29.05
C LEU D 215 37.37 31.97 29.69
N VAL D 216 37.42 30.69 29.30
CA VAL D 216 36.46 29.72 29.82
C VAL D 216 36.72 29.39 31.30
N GLY D 217 37.99 29.36 31.70
CA GLY D 217 38.34 29.13 33.10
C GLY D 217 37.92 30.26 34.03
N LYS D 218 37.50 31.38 33.45
CA LYS D 218 37.03 32.55 34.19
C LYS D 218 35.51 32.57 34.46
N GLN D 219 34.75 31.81 33.68
CA GLN D 219 33.30 31.75 33.82
C GLN D 219 32.88 31.00 35.08
N ARG D 220 32.08 31.67 35.90
CA ARG D 220 31.45 31.04 37.04
C ARG D 220 30.19 30.33 36.58
N ILE D 221 29.86 29.24 37.25
CA ILE D 221 28.63 28.51 36.99
C ILE D 221 27.39 29.27 37.45
N SER D 222 26.26 28.96 36.82
CA SER D 222 25.00 29.59 37.16
C SER D 222 23.97 28.52 37.55
N GLY D 223 22.70 28.92 37.59
CA GLY D 223 21.60 27.98 37.80
C GLY D 223 20.28 28.65 37.50
N ASN D 224 19.23 27.83 37.39
CA ASN D 224 17.87 28.35 37.30
C ASN D 224 16.83 27.34 37.79
N LEU D 225 15.55 27.69 37.66
CA LEU D 225 14.47 26.94 38.29
C LEU D 225 13.94 25.76 37.49
N ASP D 226 13.38 26.02 36.32
CA ASP D 226 12.79 24.93 35.57
C ASP D 226 13.87 24.20 34.80
N SER D 227 13.66 22.90 34.57
CA SER D 227 14.72 22.07 34.00
C SER D 227 15.07 22.34 32.53
N PRO D 228 14.06 22.55 31.64
CA PRO D 228 14.43 22.90 30.26
C PRO D 228 15.06 24.28 30.21
N GLU D 229 16.06 24.46 29.34
CA GLU D 229 16.77 25.75 29.30
C GLU D 229 16.40 26.60 28.08
N GLY D 230 16.91 27.82 28.02
CA GLY D 230 16.56 28.71 26.90
C GLY D 230 17.64 28.84 25.85
N GLY D 231 18.23 27.71 25.46
CA GLY D 231 19.35 27.69 24.51
C GLY D 231 18.89 28.16 23.16
N PHE D 232 17.62 27.97 22.87
CA PHE D 232 17.04 28.44 21.63
C PHE D 232 17.13 29.96 21.50
N ASP D 233 17.08 30.67 22.62
CA ASP D 233 17.28 32.13 22.60
C ASP D 233 18.70 32.40 22.11
N ALA D 234 19.64 31.66 22.69
CA ALA D 234 21.06 31.80 22.36
C ALA D 234 21.36 31.41 20.90
N ILE D 235 21.03 30.17 20.51
CA ILE D 235 21.22 29.73 19.11
C ILE D 235 20.84 30.87 18.17
N MET D 236 19.62 31.37 18.30
CA MET D 236 19.11 32.47 17.49
C MET D 236 20.11 33.62 17.41
N GLN D 237 20.50 34.14 18.57
CA GLN D 237 21.44 35.23 18.62
C GLN D 237 22.75 34.84 17.90
N VAL D 238 23.32 33.70 18.29
CA VAL D 238 24.55 33.19 17.69
C VAL D 238 24.45 33.07 16.18
N ALA D 239 23.23 32.94 15.65
CA ALA D 239 23.06 32.80 14.21
C ALA D 239 23.02 34.15 13.52
N VAL D 240 22.37 35.12 14.15
CA VAL D 240 22.05 36.38 13.45
C VAL D 240 22.93 37.58 13.84
N CYS D 241 23.81 37.39 14.80
CA CYS D 241 24.66 38.50 15.26
C CYS D 241 25.98 38.63 14.48
N GLY D 242 26.09 37.86 13.40
CA GLY D 242 27.21 37.91 12.46
C GLY D 242 28.54 38.37 13.02
N SER D 243 28.90 39.62 12.68
CA SER D 243 30.22 40.18 12.94
C SER D 243 30.61 40.21 14.42
N LEU D 244 29.62 40.35 15.30
CA LEU D 244 29.89 40.31 16.74
C LEU D 244 30.33 38.92 17.21
N ILE D 245 29.73 37.87 16.63
CA ILE D 245 30.19 36.50 16.84
C ILE D 245 31.49 36.29 16.09
N GLY D 246 31.50 36.70 14.81
CA GLY D 246 32.70 36.71 13.99
C GLY D 246 32.73 35.73 12.82
N TRP D 247 31.58 35.20 12.42
CA TRP D 247 31.50 34.27 11.29
C TRP D 247 32.22 34.82 10.10
N ARG D 248 32.89 33.93 9.36
CA ARG D 248 33.51 34.24 8.08
C ARG D 248 32.72 33.52 7.00
N ASN D 249 32.86 33.96 5.75
CA ASN D 249 32.14 33.31 4.64
C ASN D 249 32.60 31.84 4.37
N VAL D 250 33.11 31.21 5.43
CA VAL D 250 33.60 29.83 5.42
C VAL D 250 32.53 28.86 5.95
N THR D 251 32.90 27.59 6.21
CA THR D 251 31.94 26.65 6.80
C THR D 251 31.83 26.96 8.27
N ARG D 252 30.60 26.82 8.79
CA ARG D 252 30.26 27.24 10.14
C ARG D 252 29.68 26.08 10.90
N LEU D 253 30.13 25.90 12.14
CA LEU D 253 29.63 24.81 12.97
C LEU D 253 29.28 25.36 14.33
N LEU D 254 28.03 25.16 14.73
CA LEU D 254 27.60 25.50 16.08
C LEU D 254 27.49 24.24 16.89
N VAL D 255 28.18 24.20 18.01
CA VAL D 255 28.14 23.05 18.91
C VAL D 255 27.22 23.36 20.06
N PHE D 256 26.06 22.73 20.08
CA PHE D 256 25.09 22.98 21.14
C PHE D 256 25.22 21.95 22.26
N SER D 257 25.79 22.39 23.38
CA SER D 257 26.13 21.47 24.45
C SER D 257 25.25 21.71 25.69
N THR D 258 24.40 20.73 26.01
CA THR D 258 23.50 20.79 27.19
C THR D 258 23.16 19.40 27.76
N ASP D 259 22.56 19.39 28.96
CA ASP D 259 22.08 18.14 29.56
C ASP D 259 20.60 18.24 29.98
N ALA D 260 19.80 18.89 29.15
CA ALA D 260 18.39 19.15 29.46
C ALA D 260 17.53 19.43 28.23
N GLY D 261 16.22 19.49 28.44
CA GLY D 261 15.28 19.82 27.36
C GLY D 261 15.33 21.28 27.00
N PHE D 262 14.58 21.67 25.98
CA PHE D 262 14.60 23.05 25.53
C PHE D 262 13.21 23.72 25.56
N HIS D 263 13.19 24.99 25.95
CA HIS D 263 12.01 25.83 25.77
C HIS D 263 11.90 26.19 24.32
N PHE D 264 10.69 26.49 23.85
CA PHE D 264 10.49 26.98 22.48
C PHE D 264 9.28 27.91 22.41
N ALA D 265 9.07 28.55 21.26
CA ALA D 265 7.88 29.40 21.05
C ALA D 265 6.64 28.80 21.71
N GLY D 266 5.93 29.61 22.48
CA GLY D 266 4.73 29.17 23.18
C GLY D 266 4.94 29.19 24.68
N ASP D 267 6.15 28.86 25.10
CA ASP D 267 6.49 28.89 26.51
C ASP D 267 6.42 30.30 27.07
N GLY D 268 6.82 31.28 26.26
CA GLY D 268 6.89 32.67 26.71
C GLY D 268 5.63 33.15 27.39
N LYS D 269 4.51 32.54 27.01
CA LYS D 269 3.20 32.92 27.52
C LYS D 269 3.15 32.93 29.04
N LEU D 270 3.64 31.85 29.65
CA LEU D 270 3.59 31.71 31.10
C LEU D 270 4.23 32.91 31.80
N GLY D 271 5.23 33.50 31.17
CA GLY D 271 5.96 34.59 31.80
C GLY D 271 5.52 35.95 31.33
N GLY D 272 4.48 35.97 30.47
CA GLY D 272 3.97 37.21 29.94
C GLY D 272 4.49 37.53 28.55
N ILE D 273 5.55 36.85 28.14
CA ILE D 273 6.14 37.08 26.81
C ILE D 273 5.20 36.55 25.76
N VAL D 274 4.85 37.41 24.82
CA VAL D 274 3.81 37.04 23.89
C VAL D 274 4.19 37.41 22.44
N LEU D 275 5.17 38.29 22.30
CA LEU D 275 5.78 38.62 20.99
C LEU D 275 6.64 37.49 20.46
N PRO D 276 6.41 37.04 19.21
CA PRO D 276 7.28 35.98 18.68
C PRO D 276 8.69 36.49 18.58
N ASN D 277 9.68 35.61 18.59
CA ASN D 277 11.06 36.02 18.38
C ASN D 277 11.18 36.80 17.06
N ASP D 278 11.95 37.89 17.09
CA ASP D 278 12.01 38.82 15.96
C ASP D 278 13.09 38.46 14.95
N GLY D 279 14.03 37.61 15.37
CA GLY D 279 15.13 37.19 14.49
C GLY D 279 16.34 38.11 14.42
N GLN D 280 16.23 39.32 14.96
CA GLN D 280 17.31 40.31 14.87
C GLN D 280 18.34 40.12 15.96
N CYS D 281 19.49 40.77 15.79
CA CYS D 281 20.51 40.75 16.84
C CYS D 281 20.13 41.74 17.93
N HIS D 282 20.42 41.38 19.19
CA HIS D 282 20.08 42.16 20.37
C HIS D 282 21.15 42.01 21.43
N LEU D 283 22.36 42.43 21.13
CA LEU D 283 23.50 42.26 22.04
C LEU D 283 24.05 43.56 22.61
N GLU D 284 24.17 43.60 23.93
CA GLU D 284 24.80 44.71 24.64
C GLU D 284 25.94 44.15 25.44
N ASN D 285 27.14 44.61 25.11
CA ASN D 285 28.39 44.01 25.58
C ASN D 285 28.31 42.49 25.86
N ASN D 286 28.07 41.75 24.77
CA ASN D 286 28.07 40.29 24.74
C ASN D 286 27.01 39.66 25.65
N MET D 287 25.85 40.29 25.71
CA MET D 287 24.72 39.83 26.50
C MET D 287 23.43 40.05 25.74
N TYR D 288 22.61 39.01 25.65
CA TYR D 288 21.30 39.14 25.05
C TYR D 288 20.42 39.90 26.03
N THR D 289 19.78 40.96 25.54
CA THR D 289 19.08 41.88 26.45
C THR D 289 17.57 41.94 26.25
N MET D 290 17.03 41.07 25.40
CA MET D 290 15.61 41.10 25.09
C MET D 290 14.86 39.81 25.47
N SER D 291 15.49 39.00 26.32
CA SER D 291 14.90 37.73 26.73
C SER D 291 13.61 37.92 27.50
N HIS D 292 13.45 39.10 28.10
CA HIS D 292 12.22 39.48 28.78
C HIS D 292 11.16 39.87 27.79
N TYR D 293 11.57 40.32 26.60
CA TYR D 293 10.66 40.98 25.68
C TYR D 293 10.24 40.11 24.50
N TYR D 294 11.14 39.25 24.02
CA TYR D 294 10.80 38.32 22.94
C TYR D 294 10.72 36.85 23.38
N ASP D 295 9.68 36.19 22.90
CA ASP D 295 9.47 34.76 23.13
C ASP D 295 10.61 33.93 22.53
N TYR D 296 10.89 32.79 23.17
CA TYR D 296 11.72 31.74 22.59
C TYR D 296 11.31 31.51 21.13
N PRO D 297 12.29 31.26 20.24
CA PRO D 297 11.94 30.94 18.87
C PRO D 297 11.33 29.55 18.70
N SER D 298 10.63 29.36 17.60
CA SER D 298 10.09 28.07 17.25
C SER D 298 11.11 27.32 16.42
N ILE D 299 11.15 25.99 16.56
CA ILE D 299 11.98 25.15 15.71
C ILE D 299 12.03 25.67 14.27
N ALA D 300 10.87 25.95 13.70
CA ALA D 300 10.79 26.44 12.32
C ALA D 300 11.62 27.70 12.12
N HIS D 301 11.55 28.63 13.08
CA HIS D 301 12.31 29.87 13.03
C HIS D 301 13.79 29.61 12.97
N LEU D 302 14.29 28.76 13.87
CA LEU D 302 15.70 28.35 13.86
C LEU D 302 16.08 27.72 12.52
N VAL D 303 15.26 26.77 12.04
CA VAL D 303 15.46 26.13 10.74
C VAL D 303 15.75 27.17 9.65
N GLN D 304 14.95 28.22 9.63
CA GLN D 304 15.12 29.28 8.65
C GLN D 304 16.39 30.09 8.93
N LYS D 305 16.63 30.42 10.19
CA LYS D 305 17.75 31.29 10.49
C LYS D 305 19.09 30.55 10.41
N LEU D 306 19.12 29.30 10.88
CA LEU D 306 20.32 28.48 10.77
C LEU D 306 20.69 28.27 9.30
N SER D 307 19.67 28.25 8.45
CA SER D 307 19.83 27.95 7.04
C SER D 307 19.99 29.21 6.17
N GLU D 308 19.51 30.37 6.64
CA GLU D 308 19.77 31.66 5.98
C GLU D 308 21.24 32.00 6.16
N ASN D 309 21.66 32.09 7.42
CA ASN D 309 23.07 32.02 7.77
C ASN D 309 23.47 30.60 7.43
N ASN D 310 24.75 30.28 7.42
CA ASN D 310 25.16 29.00 6.88
C ASN D 310 25.57 27.97 7.95
N ILE D 311 24.72 27.81 8.96
CA ILE D 311 25.09 27.13 10.22
C ILE D 311 24.75 25.63 10.27
N GLN D 312 25.76 24.82 10.57
CA GLN D 312 25.58 23.39 10.80
C GLN D 312 25.69 23.12 12.29
N THR D 313 24.61 22.58 12.86
CA THR D 313 24.49 22.48 14.30
C THR D 313 24.84 21.07 14.73
N ILE D 314 25.72 20.98 15.73
CA ILE D 314 26.01 19.71 16.38
C ILE D 314 25.42 19.69 17.79
N PHE D 315 24.48 18.79 18.03
CA PHE D 315 23.86 18.67 19.36
C PHE D 315 24.63 17.70 20.22
N ALA D 316 25.43 18.26 21.12
CA ALA D 316 26.20 17.44 22.05
C ALA D 316 25.45 17.42 23.37
N VAL D 317 24.65 16.37 23.57
CA VAL D 317 23.74 16.27 24.71
C VAL D 317 23.94 14.97 25.48
N THR D 318 23.55 14.94 26.76
CA THR D 318 23.71 13.72 27.57
C THR D 318 22.73 12.64 27.20
N GLU D 319 23.13 11.39 27.44
CA GLU D 319 22.36 10.20 27.10
C GLU D 319 20.85 10.38 27.32
N GLU D 320 20.51 10.94 28.48
CA GLU D 320 19.12 11.13 28.93
C GLU D 320 18.22 11.94 27.97
N PHE D 321 18.81 12.70 27.06
CA PHE D 321 18.00 13.51 26.15
C PHE D 321 18.18 13.18 24.67
N GLN D 322 18.87 12.08 24.38
CA GLN D 322 18.99 11.60 23.01
C GLN D 322 17.62 11.44 22.31
N PRO D 323 16.62 10.84 23.00
CA PRO D 323 15.35 10.70 22.27
C PRO D 323 14.80 12.05 21.77
N VAL D 324 15.00 13.09 22.55
CA VAL D 324 14.50 14.43 22.22
C VAL D 324 15.33 15.03 21.08
N TYR D 325 16.65 15.04 21.24
CA TYR D 325 17.54 15.68 20.27
C TYR D 325 17.71 14.93 18.96
N LYS D 326 17.50 13.61 18.97
CA LYS D 326 17.43 12.86 17.72
C LYS D 326 16.27 13.39 16.89
N GLU D 327 15.16 13.74 17.54
CA GLU D 327 14.01 14.25 16.81
C GLU D 327 14.22 15.69 16.37
N LEU D 328 14.86 16.50 17.22
CA LEU D 328 15.16 17.88 16.88
C LEU D 328 16.09 17.88 15.68
N LYS D 329 17.01 16.92 15.70
CA LYS D 329 17.93 16.64 14.59
C LYS D 329 17.18 16.37 13.28
N ASN D 330 16.08 15.61 13.34
CA ASN D 330 15.34 15.26 12.12
C ASN D 330 14.63 16.45 11.55
N LEU D 331 14.48 17.49 12.37
CA LEU D 331 13.74 18.68 11.97
C LEU D 331 14.64 19.80 11.46
N ILE D 332 15.89 19.83 11.93
CA ILE D 332 16.89 20.80 11.46
C ILE D 332 17.74 20.20 10.33
N PRO D 333 17.73 20.86 9.15
CA PRO D 333 18.24 20.22 7.93
C PRO D 333 19.72 19.79 7.92
N LYS D 334 20.61 20.65 8.38
CA LYS D 334 22.03 20.30 8.39
C LYS D 334 22.58 20.18 9.79
N SER D 335 22.19 19.14 10.49
CA SER D 335 22.62 18.99 11.87
C SER D 335 23.03 17.57 12.19
N ALA D 336 23.44 17.34 13.42
CA ALA D 336 23.90 16.04 13.86
C ALA D 336 23.82 15.97 15.37
N VAL D 337 23.56 14.77 15.91
CA VAL D 337 23.50 14.59 17.36
C VAL D 337 24.48 13.52 17.82
N GLY D 338 25.13 13.77 18.95
CA GLY D 338 26.03 12.81 19.58
C GLY D 338 25.92 12.79 21.10
N THR D 339 26.15 11.63 21.71
CA THR D 339 26.03 11.46 23.15
C THR D 339 27.23 12.03 23.93
N LEU D 340 26.99 13.13 24.62
CA LEU D 340 27.98 13.75 25.49
C LEU D 340 27.98 13.01 26.82
N SER D 341 29.13 12.90 27.46
CA SER D 341 29.21 12.27 28.76
C SER D 341 28.77 13.25 29.87
N ALA D 342 28.76 12.78 31.12
CA ALA D 342 28.28 13.58 32.25
C ALA D 342 29.13 14.81 32.53
N ASN D 343 30.45 14.66 32.35
CA ASN D 343 31.41 15.72 32.62
C ASN D 343 31.97 16.34 31.35
N SER D 344 31.40 15.95 30.21
CA SER D 344 31.83 16.44 28.88
C SER D 344 33.17 15.88 28.36
N SER D 345 33.79 14.99 29.12
CA SER D 345 35.11 14.44 28.78
C SER D 345 35.34 14.10 27.30
N ASN D 346 34.27 13.68 26.61
CA ASN D 346 34.36 13.23 25.23
C ASN D 346 33.79 14.17 24.15
N VAL D 347 33.88 15.47 24.37
CA VAL D 347 33.32 16.42 23.40
C VAL D 347 34.05 16.37 22.07
N ILE D 348 35.37 16.19 22.12
CA ILE D 348 36.21 16.24 20.93
C ILE D 348 35.83 15.12 19.95
N GLN D 349 35.96 13.87 20.40
CA GLN D 349 35.59 12.73 19.57
C GLN D 349 34.16 12.92 19.02
N LEU D 350 33.24 13.33 19.89
CA LEU D 350 31.87 13.62 19.51
C LEU D 350 31.81 14.62 18.34
N ILE D 351 32.41 15.80 18.52
CA ILE D 351 32.49 16.85 17.49
C ILE D 351 33.06 16.30 16.18
N ILE D 352 34.16 15.56 16.28
CA ILE D 352 34.79 14.94 15.12
C ILE D 352 33.84 13.99 14.41
N ASP D 353 33.30 13.02 15.14
CA ASP D 353 32.37 12.04 14.56
C ASP D 353 31.23 12.77 13.88
N ALA D 354 30.69 13.78 14.57
CA ALA D 354 29.60 14.62 14.05
C ALA D 354 30.01 15.32 12.76
N TYR D 355 31.14 16.04 12.80
CA TYR D 355 31.62 16.71 11.60
C TYR D 355 31.75 15.75 10.40
N ASN D 356 32.38 14.59 10.60
CA ASN D 356 32.53 13.61 9.51
C ASN D 356 31.20 13.32 8.81
N SER D 357 30.19 12.90 9.55
CA SER D 357 28.93 12.51 8.89
C SER D 357 28.21 13.68 8.22
N LEU D 358 28.32 14.87 8.83
CA LEU D 358 27.83 16.11 8.23
C LEU D 358 28.54 16.40 6.91
N SER D 359 29.86 16.24 6.89
CA SER D 359 30.63 16.64 5.74
C SER D 359 30.76 15.53 4.72
N SER D 360 30.26 14.34 5.05
CA SER D 360 30.25 13.23 4.12
C SER D 360 28.86 13.06 3.51
N GLU D 361 27.99 14.01 3.77
CA GLU D 361 26.66 13.97 3.17
C GLU D 361 26.27 15.33 2.59
N VAL D 362 25.86 15.32 1.34
CA VAL D 362 25.45 16.55 0.69
C VAL D 362 23.93 16.54 0.55
N ILE D 363 23.30 17.60 1.09
CA ILE D 363 21.85 17.78 0.97
C ILE D 363 21.60 19.07 0.19
N LEU D 364 20.71 18.98 -0.80
CA LEU D 364 20.53 20.06 -1.75
C LEU D 364 19.23 20.83 -1.49
N GLU D 365 19.33 22.16 -1.41
CA GLU D 365 18.18 23.03 -1.11
C GLU D 365 18.02 24.14 -2.15
N ASN D 366 16.77 24.54 -2.41
CA ASN D 366 16.45 25.61 -3.39
C ASN D 366 15.61 26.79 -2.85
N GLY D 367 15.73 27.95 -3.49
CA GLY D 367 14.94 29.14 -3.14
C GLY D 367 13.48 29.00 -3.52
N LYS D 368 12.68 30.03 -3.23
CA LYS D 368 11.23 29.99 -3.51
C LYS D 368 10.90 29.95 -5.01
N LEU D 369 10.18 28.90 -5.39
CA LEU D 369 9.61 28.83 -6.73
C LEU D 369 8.24 29.49 -6.69
N SER D 370 7.86 30.12 -7.80
CA SER D 370 6.54 30.75 -7.90
C SER D 370 5.54 29.69 -8.33
N GLU D 371 4.26 30.00 -8.15
CA GLU D 371 3.17 29.06 -8.37
C GLU D 371 3.13 28.54 -9.80
N GLY D 372 2.72 27.29 -9.93
CA GLY D 372 2.67 26.63 -11.23
C GLY D 372 3.98 25.96 -11.59
N VAL D 373 5.04 26.30 -10.87
CA VAL D 373 6.37 25.73 -11.15
C VAL D 373 6.71 24.63 -10.13
N THR D 374 6.92 23.40 -10.62
CA THR D 374 7.41 22.31 -9.78
C THR D 374 8.87 22.01 -10.08
N ILE D 375 9.52 21.23 -9.22
CA ILE D 375 10.93 20.84 -9.38
C ILE D 375 11.18 19.43 -8.84
N SER D 376 11.85 18.58 -9.63
CA SER D 376 12.24 17.23 -9.20
C SER D 376 13.75 17.17 -9.08
N TYR D 377 14.23 16.39 -8.13
CA TYR D 377 15.65 16.10 -8.04
C TYR D 377 15.85 14.60 -8.24
N LYS D 378 16.91 14.26 -8.95
CA LYS D 378 17.37 12.88 -9.01
C LYS D 378 18.86 12.86 -8.68
N SER D 379 19.22 12.09 -7.66
CA SER D 379 20.60 11.99 -7.22
C SER D 379 21.28 10.70 -7.68
N TYR D 380 22.51 10.83 -8.13
CA TYR D 380 23.32 9.69 -8.56
C TYR D 380 24.58 9.65 -7.72
N CYS D 381 24.49 8.94 -6.60
CA CYS D 381 25.58 8.81 -5.65
C CYS D 381 26.52 7.65 -6.03
N LYS D 382 27.49 7.39 -5.16
CA LYS D 382 28.49 6.34 -5.35
C LYS D 382 27.83 4.98 -5.33
N ASN D 383 28.51 3.99 -5.91
CA ASN D 383 28.07 2.59 -5.89
C ASN D 383 26.69 2.40 -6.50
N GLY D 384 26.43 3.12 -7.59
CA GLY D 384 25.14 3.11 -8.26
C GLY D 384 23.91 3.40 -7.40
N VAL D 385 24.12 3.85 -6.16
CA VAL D 385 23.00 4.22 -5.28
C VAL D 385 22.35 5.53 -5.78
N ASN D 386 21.10 5.43 -6.21
CA ASN D 386 20.40 6.58 -6.78
C ASN D 386 19.13 6.89 -6.03
N GLY D 387 18.99 8.16 -5.63
CA GLY D 387 17.79 8.61 -4.93
C GLY D 387 16.76 9.23 -5.86
N THR D 388 15.49 9.13 -5.48
CA THR D 388 14.40 9.86 -6.13
C THR D 388 13.50 10.46 -5.06
N GLY D 389 12.55 11.29 -5.49
CA GLY D 389 11.68 12.00 -4.57
C GLY D 389 12.52 12.96 -3.76
N GLU D 390 12.37 12.91 -2.45
CA GLU D 390 13.09 13.82 -1.55
C GLU D 390 14.52 13.34 -1.35
N ASN D 391 14.76 12.06 -1.62
CA ASN D 391 16.10 11.49 -1.57
C ASN D 391 16.93 11.81 -2.81
N GLY D 392 16.26 12.30 -3.85
CA GLY D 392 16.91 12.80 -5.05
C GLY D 392 17.76 14.04 -4.78
N ARG D 393 17.63 14.62 -3.60
CA ARG D 393 18.47 15.76 -3.22
C ARG D 393 19.49 15.44 -2.12
N LYS D 394 19.62 14.16 -1.79
CA LYS D 394 20.63 13.67 -0.84
C LYS D 394 21.67 12.83 -1.54
N CYS D 395 22.91 12.91 -1.06
CA CYS D 395 23.93 11.89 -1.33
C CYS D 395 24.72 11.68 -0.06
N SER D 396 24.89 10.43 0.31
CA SER D 396 25.70 10.06 1.48
C SER D 396 27.00 9.40 1.03
N ASN D 397 27.81 8.96 1.99
CA ASN D 397 29.09 8.28 1.70
C ASN D 397 30.03 9.11 0.82
N ILE D 398 29.90 10.43 0.86
CA ILE D 398 30.76 11.30 0.05
C ILE D 398 32.11 11.50 0.73
N SER D 399 33.11 10.86 0.13
CA SER D 399 34.49 10.97 0.57
C SER D 399 35.20 12.13 -0.11
N ILE D 400 36.29 12.59 0.50
CA ILE D 400 37.11 13.65 -0.09
C ILE D 400 37.41 13.30 -1.56
N GLY D 401 37.14 14.25 -2.44
CA GLY D 401 37.43 14.08 -3.84
C GLY D 401 36.26 13.50 -4.58
N ASP D 402 35.38 12.80 -3.89
CA ASP D 402 34.21 12.15 -4.51
C ASP D 402 33.41 13.13 -5.35
N GLU D 403 32.95 12.67 -6.51
CA GLU D 403 32.01 13.44 -7.31
C GLU D 403 30.65 12.76 -7.34
N VAL D 404 29.59 13.56 -7.25
CA VAL D 404 28.23 13.05 -7.35
C VAL D 404 27.46 13.94 -8.31
N GLN D 405 26.38 13.38 -8.88
CA GLN D 405 25.61 14.07 -9.91
C GLN D 405 24.12 14.18 -9.55
N PHE D 406 23.52 15.32 -9.91
CA PHE D 406 22.10 15.56 -9.69
C PHE D 406 21.40 15.96 -10.98
N GLU D 407 20.50 15.11 -11.44
CA GLU D 407 19.61 15.45 -12.53
C GLU D 407 18.41 16.20 -11.93
N ILE D 408 18.31 17.48 -12.26
CA ILE D 408 17.32 18.38 -11.70
C ILE D 408 16.39 18.84 -12.81
N SER D 409 15.09 18.59 -12.66
CA SER D 409 14.12 18.99 -13.67
C SER D 409 13.09 19.98 -13.14
N ILE D 410 12.67 20.88 -14.03
CA ILE D 410 11.74 21.94 -13.66
C ILE D 410 10.62 21.99 -14.69
N THR D 411 9.40 22.24 -14.21
CA THR D 411 8.21 22.23 -15.07
C THR D 411 7.31 23.34 -14.57
N SER D 412 6.82 24.14 -15.52
CA SER D 412 5.84 25.20 -15.21
C SER D 412 4.42 24.74 -15.60
N ASN D 413 3.47 25.66 -15.56
CA ASN D 413 2.08 25.35 -15.88
C ASN D 413 1.35 26.61 -16.36
N LYS D 414 0.93 27.44 -15.41
CA LYS D 414 0.37 28.75 -15.70
C LYS D 414 1.51 29.73 -15.96
N CYS D 415 1.26 30.74 -16.78
CA CYS D 415 2.18 31.88 -16.87
C CYS D 415 2.02 32.73 -15.62
N PRO D 416 2.92 32.57 -14.64
CA PRO D 416 2.79 33.22 -13.34
C PRO D 416 2.76 34.74 -13.47
N LYS D 417 3.86 35.31 -13.94
CA LYS D 417 3.91 36.71 -14.39
C LYS D 417 5.00 36.89 -15.44
N LYS D 418 4.67 37.65 -16.48
CA LYS D 418 5.51 37.78 -17.69
C LYS D 418 7.00 38.10 -17.46
N ASP D 419 7.34 38.49 -16.24
CA ASP D 419 8.74 38.66 -15.82
C ASP D 419 9.48 37.32 -15.80
N SER D 420 10.79 37.39 -15.53
CA SER D 420 11.58 36.19 -15.34
C SER D 420 11.79 35.91 -13.86
N ASP D 421 12.21 34.69 -13.54
CA ASP D 421 12.44 34.28 -12.17
C ASP D 421 13.86 33.80 -11.95
N SER D 422 14.29 33.86 -10.70
CA SER D 422 15.59 33.40 -10.30
C SER D 422 15.48 32.76 -8.93
N PHE D 423 15.98 31.54 -8.84
CA PHE D 423 16.19 30.91 -7.56
C PHE D 423 17.56 30.26 -7.58
N LYS D 424 18.00 29.81 -6.41
CA LYS D 424 19.35 29.32 -6.25
C LYS D 424 19.35 27.95 -5.59
N ILE D 425 19.86 26.95 -6.31
CA ILE D 425 20.06 25.64 -5.70
C ILE D 425 21.41 25.66 -4.99
N ARG D 426 21.44 25.15 -3.77
CA ARG D 426 22.61 25.25 -2.92
C ARG D 426 22.76 24.03 -2.00
N PRO D 427 23.99 23.49 -1.90
CA PRO D 427 24.28 22.45 -0.92
C PRO D 427 24.25 23.03 0.50
N LEU D 428 23.27 22.60 1.29
CA LEU D 428 23.18 23.04 2.67
C LEU D 428 24.54 22.93 3.34
N GLY D 429 25.00 24.03 3.91
CA GLY D 429 26.29 24.06 4.61
C GLY D 429 27.34 24.89 3.90
N PHE D 430 27.15 25.09 2.60
CA PHE D 430 28.07 25.85 1.74
C PHE D 430 27.38 27.07 1.15
N THR D 431 28.13 28.16 0.98
CA THR D 431 27.62 29.38 0.37
C THR D 431 27.64 29.31 -1.17
N GLU D 432 28.45 28.41 -1.73
CA GLU D 432 28.46 28.15 -3.17
C GLU D 432 27.05 27.85 -3.70
N GLU D 433 26.72 28.42 -4.86
CA GLU D 433 25.35 28.44 -5.37
C GLU D 433 25.25 28.21 -6.87
N VAL D 434 24.07 27.80 -7.29
CA VAL D 434 23.71 27.71 -8.69
C VAL D 434 22.49 28.61 -8.94
N GLU D 435 22.68 29.66 -9.72
CA GLU D 435 21.56 30.47 -10.20
C GLU D 435 20.85 29.75 -11.32
N VAL D 436 19.56 29.49 -11.15
CA VAL D 436 18.73 29.05 -12.25
C VAL D 436 17.78 30.20 -12.59
N ILE D 437 17.87 30.66 -13.83
CA ILE D 437 17.02 31.74 -14.30
C ILE D 437 15.91 31.12 -15.12
N LEU D 438 14.68 31.50 -14.80
CA LEU D 438 13.53 30.97 -15.52
C LEU D 438 12.91 32.06 -16.39
N GLN D 439 12.63 31.69 -17.63
CA GLN D 439 11.92 32.56 -18.55
C GLN D 439 10.77 31.75 -19.09
N TYR D 440 9.55 32.26 -18.89
CA TYR D 440 8.34 31.52 -19.27
C TYR D 440 7.90 31.90 -20.67
N ILE D 441 7.63 30.88 -21.49
CA ILE D 441 7.05 31.08 -22.83
C ILE D 441 5.52 31.25 -22.73
N CYS D 442 5.10 32.51 -22.72
CA CYS D 442 3.70 32.87 -22.58
C CYS D 442 3.01 32.99 -23.93
N GLU D 443 3.64 33.72 -24.83
CA GLU D 443 3.03 34.08 -26.11
C GLU D 443 3.67 33.40 -27.30
N CYS D 444 3.02 33.57 -28.45
CA CYS D 444 3.41 32.91 -29.69
C CYS D 444 4.55 33.70 -30.34
N GLU D 445 5.52 32.99 -30.93
CA GLU D 445 6.68 33.63 -31.55
C GLU D 445 6.70 33.52 -33.08
N ASP E 1 65.93 19.95 -4.77
CA ASP E 1 66.28 21.41 -4.72
C ASP E 1 66.39 21.98 -3.29
N ILE E 2 65.24 22.18 -2.64
CA ILE E 2 65.15 22.76 -1.29
C ILE E 2 65.76 21.83 -0.22
N VAL E 3 66.52 22.39 0.71
CA VAL E 3 67.47 21.60 1.51
C VAL E 3 67.21 21.59 3.02
N MET E 4 66.96 20.41 3.60
CA MET E 4 66.74 20.28 5.05
C MET E 4 67.99 19.84 5.77
N THR E 5 68.37 20.60 6.78
CA THR E 5 69.63 20.41 7.51
C THR E 5 69.42 19.99 8.95
N GLN E 6 69.76 18.73 9.24
CA GLN E 6 69.79 18.27 10.62
C GLN E 6 71.24 18.11 11.09
N ALA E 7 71.77 19.21 11.64
CA ALA E 7 73.18 19.35 12.05
C ALA E 7 73.76 18.15 12.80
N THR E 8 73.00 17.61 13.76
CA THR E 8 73.53 16.61 14.68
C THR E 8 73.25 15.17 14.24
N PRO E 9 74.31 14.36 14.05
CA PRO E 9 74.07 12.95 13.75
C PRO E 9 73.34 12.23 14.88
N SER E 10 73.74 12.47 16.14
CA SER E 10 73.08 11.85 17.28
C SER E 10 73.21 12.63 18.61
N ILE E 11 72.24 12.42 19.50
CA ILE E 11 72.24 13.04 20.83
C ILE E 11 71.95 12.00 21.89
N PRO E 12 72.87 11.80 22.85
CA PRO E 12 72.62 10.91 23.99
C PRO E 12 71.87 11.63 25.13
N VAL E 13 71.04 10.89 25.87
CA VAL E 13 70.10 11.50 26.83
C VAL E 13 69.75 10.57 27.99
N THR E 14 69.93 11.05 29.21
CA THR E 14 69.54 10.31 30.42
C THR E 14 68.02 10.28 30.53
N PRO E 15 67.45 9.09 30.74
CA PRO E 15 65.99 8.99 30.88
C PRO E 15 65.45 9.93 31.99
N GLY E 16 64.40 10.67 31.67
CA GLY E 16 63.86 11.68 32.59
C GLY E 16 64.21 13.09 32.16
N GLU E 17 65.38 13.23 31.55
CA GLU E 17 65.90 14.52 31.06
C GLU E 17 65.10 14.99 29.82
N SER E 18 65.37 16.21 29.34
CA SER E 18 64.68 16.76 28.16
C SER E 18 65.63 17.11 27.00
N VAL E 19 65.09 17.18 25.77
CA VAL E 19 65.92 17.37 24.55
C VAL E 19 65.31 18.30 23.51
N SER E 20 66.15 19.17 22.96
CA SER E 20 65.80 19.87 21.73
C SER E 20 66.45 19.16 20.55
N ILE E 21 65.92 19.39 19.35
CA ILE E 21 66.38 18.77 18.11
C ILE E 21 66.10 19.75 16.97
N SER E 22 67.14 20.16 16.26
CA SER E 22 66.98 21.23 15.30
C SER E 22 66.84 20.74 13.87
N CYS E 23 66.27 21.60 13.03
CA CYS E 23 66.13 21.36 11.60
C CYS E 23 66.08 22.75 10.97
N ARG E 24 66.61 22.87 9.74
CA ARG E 24 66.79 24.15 9.06
C ARG E 24 66.56 24.01 7.57
N SER E 25 66.16 25.10 6.91
CA SER E 25 65.90 25.03 5.48
C SER E 25 66.29 26.29 4.70
N ASN E 26 66.75 26.10 3.46
CA ASN E 26 67.06 27.18 2.52
C ASN E 26 65.96 28.22 2.46
N LYS E 27 64.87 27.87 1.75
CA LYS E 27 63.63 28.64 1.75
C LYS E 27 62.97 28.55 3.11
N SER E 28 62.03 29.47 3.37
CA SER E 28 61.11 29.33 4.49
C SER E 28 59.87 28.54 4.04
N LEU E 29 59.25 27.88 5.00
CA LEU E 29 58.15 26.98 4.71
C LEU E 29 56.79 27.62 5.00
N LEU E 30 56.83 28.92 5.31
CA LEU E 30 55.64 29.72 5.61
C LEU E 30 54.88 30.08 4.34
N HIS E 31 53.79 29.37 4.10
CA HIS E 31 52.88 29.67 3.01
C HIS E 31 52.17 30.95 3.32
N SER E 32 51.67 31.63 2.29
CA SER E 32 50.88 32.83 2.50
C SER E 32 49.68 32.54 3.42
N ASN E 33 49.11 31.34 3.30
CA ASN E 33 47.91 31.00 4.07
C ASN E 33 48.11 30.99 5.58
N GLY E 34 49.36 31.12 6.02
CA GLY E 34 49.65 31.24 7.43
C GLY E 34 50.28 30.00 8.01
N ASN E 35 50.06 28.86 7.36
CA ASN E 35 50.67 27.59 7.78
C ASN E 35 52.13 27.48 7.32
N THR E 36 53.00 27.00 8.19
CA THR E 36 54.36 26.64 7.81
C THR E 36 54.49 25.10 7.69
N TYR E 37 54.68 24.60 6.46
CA TYR E 37 54.61 23.16 6.17
C TYR E 37 55.88 22.37 6.49
N LEU E 38 56.13 22.21 7.79
CA LEU E 38 57.21 21.38 8.28
C LEU E 38 56.63 20.19 9.06
N TYR E 39 57.16 18.99 8.83
CA TYR E 39 56.69 17.80 9.53
C TYR E 39 57.84 17.13 10.29
N TRP E 40 57.55 16.43 11.38
CA TRP E 40 58.53 15.61 12.09
C TRP E 40 58.12 14.17 12.14
N PHE E 41 59.09 13.27 12.06
CA PHE E 41 58.83 11.84 12.13
C PHE E 41 59.83 11.15 13.02
N LEU E 42 59.38 10.09 13.67
CA LEU E 42 60.26 9.22 14.45
C LEU E 42 60.36 7.85 13.80
N GLN E 43 61.59 7.36 13.63
CA GLN E 43 61.77 5.98 13.20
C GLN E 43 62.39 5.16 14.30
N ARG E 44 61.54 4.43 15.01
CA ARG E 44 62.01 3.47 15.99
C ARG E 44 62.76 2.37 15.22
N PRO E 45 63.81 1.77 15.83
CA PRO E 45 64.64 0.83 15.04
C PRO E 45 63.90 -0.47 14.73
N GLY E 46 63.91 -0.86 13.46
CA GLY E 46 63.12 -2.00 12.96
C GLY E 46 61.76 -1.61 12.41
N GLN E 47 61.24 -0.46 12.83
CA GLN E 47 59.90 -0.02 12.46
C GLN E 47 59.89 1.01 11.31
N SER E 48 58.70 1.36 10.82
CA SER E 48 58.61 2.36 9.79
C SER E 48 58.44 3.75 10.42
N PRO E 49 58.64 4.85 9.65
CA PRO E 49 58.48 6.18 10.24
C PRO E 49 57.09 6.43 10.77
N ARG E 50 56.95 7.36 11.71
CA ARG E 50 55.68 7.68 12.38
C ARG E 50 55.52 9.18 12.52
N LEU E 51 54.37 9.72 12.10
CA LEU E 51 54.13 11.15 12.19
C LEU E 51 54.17 11.59 13.65
N LEU E 52 54.89 12.67 13.93
CA LEU E 52 54.93 13.25 15.27
C LEU E 52 54.33 14.64 15.28
N ILE E 53 54.84 15.49 14.39
CA ILE E 53 54.36 16.84 14.30
C ILE E 53 53.93 17.15 12.87
N PHE E 54 52.81 17.87 12.74
CA PHE E 54 52.39 18.36 11.44
C PHE E 54 52.22 19.88 11.40
N ARG E 55 52.59 20.46 10.26
CA ARG E 55 52.55 21.91 10.03
C ARG E 55 53.24 22.71 11.16
N MET E 56 54.39 22.18 11.57
CA MET E 56 55.33 22.80 12.53
C MET E 56 55.00 22.61 14.00
N SER E 57 53.75 22.89 14.37
CA SER E 57 53.40 22.97 15.80
C SER E 57 52.35 21.97 16.32
N ASN E 58 51.64 21.32 15.41
CA ASN E 58 50.54 20.41 15.76
C ASN E 58 50.92 18.95 16.02
N LEU E 59 50.40 18.36 17.09
CA LEU E 59 50.61 16.94 17.40
C LEU E 59 49.74 15.94 16.64
N ALA E 60 50.36 14.86 16.20
CA ALA E 60 49.64 13.77 15.55
C ALA E 60 48.99 12.91 16.62
N SER E 61 47.85 12.31 16.30
CA SER E 61 47.15 11.46 17.25
C SER E 61 48.02 10.33 17.75
N GLY E 62 47.87 10.00 19.02
CA GLY E 62 48.65 8.95 19.67
C GLY E 62 49.87 9.51 20.35
N VAL E 63 50.35 10.66 19.88
CA VAL E 63 51.61 11.18 20.36
C VAL E 63 51.43 11.91 21.70
N PRO E 64 52.16 11.46 22.74
CA PRO E 64 52.14 12.08 24.07
C PRO E 64 52.45 13.57 24.02
N ASP E 65 52.00 14.31 25.02
CA ASP E 65 52.19 15.76 25.02
C ASP E 65 53.61 16.16 25.45
N ARG E 66 54.46 15.17 25.68
CA ARG E 66 55.89 15.40 25.93
C ARG E 66 56.56 15.98 24.69
N PHE E 67 55.94 15.77 23.53
CA PHE E 67 56.48 16.24 22.27
C PHE E 67 55.90 17.59 21.91
N SER E 68 56.77 18.53 21.59
CA SER E 68 56.30 19.81 21.07
C SER E 68 57.16 20.25 19.91
N GLY E 69 56.60 21.08 19.06
CA GLY E 69 57.34 21.63 17.94
C GLY E 69 57.07 23.11 17.77
N SER E 70 58.12 23.91 17.83
CA SER E 70 58.04 25.33 17.52
C SER E 70 58.98 25.62 16.37
N GLY E 71 59.07 26.89 15.96
CA GLY E 71 59.96 27.25 14.89
C GLY E 71 59.66 28.58 14.25
N SER E 72 60.67 29.14 13.59
CA SER E 72 60.55 30.38 12.82
C SER E 72 59.93 30.02 11.47
N GLY E 73 60.56 30.49 10.39
CA GLY E 73 60.16 30.08 9.05
C GLY E 73 61.17 29.10 8.48
N THR E 74 62.35 29.06 9.10
CA THR E 74 63.50 28.31 8.57
C THR E 74 64.27 27.53 9.64
N ALA E 75 64.16 27.93 10.89
CA ALA E 75 64.71 27.12 11.97
C ALA E 75 63.58 26.49 12.77
N PHE E 76 63.70 25.20 13.03
CA PHE E 76 62.63 24.43 13.65
C PHE E 76 63.17 23.55 14.75
N THR E 77 62.33 23.25 15.74
CA THR E 77 62.77 22.53 16.93
C THR E 77 61.73 21.53 17.40
N LEU E 78 62.18 20.33 17.74
CA LEU E 78 61.31 19.34 18.32
C LEU E 78 61.75 19.14 19.77
N ARG E 79 60.94 19.62 20.70
CA ARG E 79 61.29 19.46 22.11
C ARG E 79 60.59 18.26 22.70
N ILE E 80 61.38 17.34 23.23
CA ILE E 80 60.88 16.13 23.86
C ILE E 80 61.14 16.28 25.36
N SER E 81 60.13 16.02 26.17
CA SER E 81 60.29 16.06 27.63
C SER E 81 60.23 14.66 28.22
N ARG E 82 60.82 14.52 29.41
CA ARG E 82 60.83 13.26 30.16
C ARG E 82 61.09 12.06 29.25
N VAL E 83 62.29 12.03 28.64
CA VAL E 83 62.63 11.05 27.62
C VAL E 83 62.61 9.59 28.11
N GLU E 84 61.89 8.73 27.38
CA GLU E 84 61.76 7.33 27.73
C GLU E 84 62.44 6.46 26.70
N ALA E 85 62.70 5.20 27.06
CA ALA E 85 63.23 4.20 26.13
C ALA E 85 62.37 4.10 24.87
N ALA E 86 61.10 4.45 24.99
CA ALA E 86 60.16 4.44 23.87
C ALA E 86 60.39 5.60 22.89
N ASP E 87 61.18 6.59 23.30
CA ASP E 87 61.49 7.75 22.45
C ASP E 87 62.72 7.52 21.56
N VAL E 88 63.49 6.48 21.90
CA VAL E 88 64.72 6.11 21.19
C VAL E 88 64.44 5.80 19.73
N GLY E 89 65.21 6.40 18.84
CA GLY E 89 65.00 6.21 17.40
C GLY E 89 65.77 7.23 16.61
N ILE E 90 65.32 7.47 15.37
CA ILE E 90 65.87 8.52 14.53
C ILE E 90 64.74 9.49 14.23
N TYR E 91 65.02 10.78 14.44
CA TYR E 91 64.09 11.85 14.12
C TYR E 91 64.43 12.48 12.80
N PHE E 92 63.51 12.38 11.84
CA PHE E 92 63.67 13.01 10.52
C PHE E 92 62.73 14.18 10.45
N CYS E 93 63.20 15.26 9.84
CA CYS E 93 62.32 16.38 9.55
C CYS E 93 62.07 16.33 8.07
N LEU E 94 60.93 16.85 7.64
CA LEU E 94 60.51 16.86 6.23
C LEU E 94 59.83 18.20 5.94
N GLN E 95 60.01 18.72 4.72
CA GLN E 95 59.18 19.83 4.27
C GLN E 95 58.16 19.35 3.25
N HIS E 96 56.94 19.87 3.36
CA HIS E 96 55.85 19.47 2.50
C HIS E 96 55.29 20.67 1.77
N LEU E 97 56.20 21.53 1.29
CA LEU E 97 55.83 22.79 0.63
C LEU E 97 55.92 22.76 -0.89
N GLU E 98 57.08 22.40 -1.44
CA GLU E 98 57.24 22.33 -2.90
C GLU E 98 58.07 21.12 -3.36
N TYR E 99 57.80 20.64 -4.58
CA TYR E 99 58.46 19.46 -5.12
C TYR E 99 59.94 19.68 -5.48
N PRO E 100 60.78 18.65 -5.26
CA PRO E 100 60.38 17.41 -4.59
C PRO E 100 60.43 17.58 -3.07
N PHE E 101 59.68 16.78 -2.34
CA PHE E 101 59.70 16.86 -0.88
C PHE E 101 61.01 16.30 -0.35
N THR E 102 61.49 16.90 0.72
CA THR E 102 62.82 16.61 1.20
C THR E 102 62.91 16.39 2.70
N PHE E 103 63.60 15.32 3.09
CA PHE E 103 63.85 15.04 4.48
C PHE E 103 65.20 15.59 4.88
N GLY E 104 65.44 15.65 6.17
CA GLY E 104 66.77 15.92 6.68
C GLY E 104 67.44 14.59 6.89
N ALA E 105 68.74 14.62 7.11
CA ALA E 105 69.51 13.40 7.29
C ALA E 105 69.06 12.62 8.51
N GLY E 106 68.38 13.34 9.42
CA GLY E 106 67.88 12.75 10.65
C GLY E 106 68.88 12.83 11.78
N THR E 107 68.39 12.92 13.01
CA THR E 107 69.27 12.84 14.18
C THR E 107 68.81 11.70 15.05
N LYS E 108 69.76 11.00 15.65
CA LYS E 108 69.49 9.79 16.39
C LYS E 108 69.42 10.11 17.88
N LEU E 109 68.49 9.46 18.57
CA LEU E 109 68.32 9.66 19.99
C LEU E 109 68.78 8.42 20.74
N GLU E 110 69.80 8.59 21.58
CA GLU E 110 70.36 7.50 22.37
C GLU E 110 70.17 7.78 23.86
N LEU E 111 70.19 6.71 24.66
CA LEU E 111 70.15 6.84 26.11
C LEU E 111 71.56 6.92 26.69
N LYS E 112 71.75 7.87 27.61
CA LYS E 112 73.01 8.02 28.36
C LYS E 112 73.10 7.01 29.51
N ARG E 113 74.29 6.84 30.05
CA ARG E 113 74.57 5.73 30.95
C ARG E 113 75.97 5.86 31.52
N ALA E 114 76.25 5.13 32.61
CA ALA E 114 77.62 4.99 33.10
C ALA E 114 78.45 4.30 32.01
N ASP E 115 79.74 4.59 32.00
CA ASP E 115 80.63 4.09 30.95
C ASP E 115 81.11 2.69 31.25
N ALA E 116 80.52 1.70 30.59
CA ALA E 116 81.01 0.32 30.66
C ALA E 116 82.19 0.12 29.72
N ALA E 117 83.13 -0.73 30.13
CA ALA E 117 84.27 -1.10 29.30
C ALA E 117 83.99 -2.39 28.52
N PRO E 118 84.35 -2.43 27.22
CA PRO E 118 84.05 -3.63 26.43
C PRO E 118 84.67 -4.88 27.01
N THR E 119 83.87 -5.94 27.17
CA THR E 119 84.46 -7.25 27.43
C THR E 119 84.85 -7.82 26.06
N VAL E 120 86.12 -8.20 25.94
CA VAL E 120 86.71 -8.59 24.65
C VAL E 120 87.16 -10.04 24.67
N SER E 121 86.67 -10.81 23.70
CA SER E 121 87.10 -12.19 23.48
C SER E 121 87.56 -12.36 22.04
N ILE E 122 88.58 -13.19 21.85
CA ILE E 122 89.06 -13.54 20.52
C ILE E 122 88.93 -15.04 20.31
N PHE E 123 88.66 -15.44 19.07
CA PHE E 123 88.41 -16.85 18.76
C PHE E 123 89.18 -17.31 17.55
N PRO E 124 89.80 -18.49 17.67
CA PRO E 124 90.53 -19.07 16.56
C PRO E 124 89.58 -19.64 15.50
N PRO E 125 90.09 -19.83 14.27
CA PRO E 125 89.33 -20.56 13.27
C PRO E 125 89.01 -21.96 13.77
N SER E 126 87.88 -22.51 13.37
CA SER E 126 87.56 -23.88 13.71
C SER E 126 88.22 -24.79 12.69
N SER E 127 88.50 -26.03 13.09
CA SER E 127 88.98 -27.05 12.15
C SER E 127 87.95 -27.36 11.05
N GLU E 128 86.66 -27.20 11.36
CA GLU E 128 85.65 -27.31 10.32
C GLU E 128 85.91 -26.30 9.20
N GLN E 129 86.08 -25.03 9.56
CA GLN E 129 86.37 -24.00 8.55
C GLN E 129 87.71 -24.22 7.85
N LEU E 130 88.70 -24.67 8.61
CA LEU E 130 90.01 -24.97 8.06
C LEU E 130 89.91 -26.04 6.97
N THR E 131 89.11 -27.08 7.22
CA THR E 131 88.85 -28.12 6.23
C THR E 131 88.46 -27.52 4.88
N SER E 132 87.54 -26.57 4.86
CA SER E 132 87.09 -25.98 3.61
C SER E 132 88.06 -24.96 2.99
N GLY E 133 89.09 -24.56 3.73
CA GLY E 133 90.15 -23.73 3.15
C GLY E 133 90.13 -22.27 3.55
N GLY E 134 89.27 -21.93 4.50
CA GLY E 134 89.19 -20.57 5.02
C GLY E 134 89.64 -20.48 6.46
N ALA E 135 90.01 -19.27 6.87
CA ALA E 135 90.40 -19.03 8.25
C ALA E 135 89.77 -17.74 8.74
N SER E 136 88.96 -17.86 9.79
CA SER E 136 88.34 -16.68 10.37
C SER E 136 88.66 -16.58 11.82
N VAL E 137 89.21 -15.43 12.20
CA VAL E 137 89.46 -15.10 13.59
C VAL E 137 88.39 -14.09 14.02
N VAL E 138 87.61 -14.45 15.04
CA VAL E 138 86.47 -13.64 15.47
C VAL E 138 86.78 -12.91 16.76
N CYS E 139 86.36 -11.66 16.85
CA CYS E 139 86.60 -10.83 18.04
C CYS E 139 85.30 -10.12 18.47
N PHE E 140 84.70 -10.58 19.58
CA PHE E 140 83.50 -9.97 20.16
C PHE E 140 83.89 -8.95 21.22
N LEU E 141 83.27 -7.78 21.15
CA LEU E 141 83.48 -6.72 22.13
C LEU E 141 82.11 -6.33 22.67
N ASN E 142 81.73 -6.96 23.77
CA ASN E 142 80.35 -6.94 24.25
C ASN E 142 80.09 -5.97 25.40
N ASN E 143 78.94 -5.29 25.35
CA ASN E 143 78.40 -4.55 26.50
C ASN E 143 79.18 -3.29 26.93
N PHE E 144 79.43 -2.40 25.98
CA PHE E 144 80.19 -1.18 26.28
C PHE E 144 79.41 0.11 26.03
N TYR E 145 79.84 1.18 26.69
CA TYR E 145 79.30 2.52 26.49
C TYR E 145 80.44 3.49 26.84
N PRO E 146 80.61 4.58 26.06
CA PRO E 146 79.79 5.01 24.93
C PRO E 146 79.93 4.18 23.65
N LYS E 147 79.08 4.54 22.69
CA LYS E 147 79.03 4.05 21.31
C LYS E 147 80.39 3.88 20.64
N ASP E 148 81.19 4.93 20.66
CA ASP E 148 82.41 4.99 19.85
C ASP E 148 83.46 4.01 20.30
N ILE E 149 83.91 3.17 19.37
CA ILE E 149 84.97 2.20 19.62
C ILE E 149 85.87 2.10 18.37
N ASN E 150 87.07 1.60 18.53
CA ASN E 150 87.99 1.42 17.41
C ASN E 150 88.76 0.11 17.53
N VAL E 151 88.76 -0.68 16.45
CA VAL E 151 89.47 -1.96 16.45
C VAL E 151 90.62 -2.02 15.42
N LYS E 152 91.81 -2.33 15.92
CA LYS E 152 92.96 -2.66 15.07
C LYS E 152 93.16 -4.16 15.08
N TRP E 153 93.58 -4.70 13.94
CA TRP E 153 94.05 -6.08 13.88
C TRP E 153 95.53 -6.16 13.67
N LYS E 154 96.20 -7.00 14.44
CA LYS E 154 97.63 -7.21 14.26
C LYS E 154 97.96 -8.68 13.97
N ILE E 155 98.70 -8.89 12.88
CA ILE E 155 99.23 -10.21 12.56
C ILE E 155 100.74 -10.19 12.75
N ASP E 156 101.24 -11.11 13.57
CA ASP E 156 102.63 -11.14 14.05
C ASP E 156 103.18 -9.78 14.51
N GLY E 157 102.28 -8.89 14.93
CA GLY E 157 102.71 -7.66 15.59
C GLY E 157 102.44 -6.41 14.78
N SER E 158 102.32 -6.55 13.46
CA SER E 158 102.10 -5.38 12.62
C SER E 158 100.62 -5.23 12.25
N GLU E 159 100.15 -3.98 12.25
CA GLU E 159 98.74 -3.66 11.98
C GLU E 159 98.37 -4.00 10.55
N ARG E 160 97.24 -4.68 10.40
CA ARG E 160 96.74 -5.10 9.10
C ARG E 160 95.24 -4.84 9.06
N GLN E 161 94.77 -4.16 8.01
CA GLN E 161 93.34 -4.04 7.80
C GLN E 161 92.99 -4.51 6.40
N ASN E 162 92.52 -5.74 6.27
CA ASN E 162 92.11 -6.22 4.96
C ASN E 162 90.88 -7.12 4.93
N GLY E 163 91.00 -8.34 5.42
CA GLY E 163 89.87 -9.28 5.40
C GLY E 163 88.96 -9.05 6.60
N VAL E 164 88.70 -7.78 6.90
CA VAL E 164 88.04 -7.37 8.13
C VAL E 164 86.56 -7.02 7.94
N LEU E 165 85.74 -7.58 8.82
CA LEU E 165 84.28 -7.48 8.76
C LEU E 165 83.74 -7.01 10.12
N ASN E 166 83.26 -5.77 10.16
CA ASN E 166 82.71 -5.19 11.38
C ASN E 166 81.18 -5.08 11.40
N SER E 167 80.60 -5.27 12.58
CA SER E 167 79.16 -5.21 12.74
C SER E 167 78.82 -4.65 14.11
N TRP E 168 77.79 -3.80 14.18
CA TRP E 168 77.39 -3.20 15.46
C TRP E 168 75.92 -3.33 15.74
N THR E 169 75.60 -3.83 16.94
CA THR E 169 74.21 -3.92 17.38
C THR E 169 73.69 -2.52 17.65
N ASP E 170 72.37 -2.41 17.72
CA ASP E 170 71.71 -1.22 18.24
C ASP E 170 71.84 -1.18 19.75
N GLN E 171 71.73 0.01 20.32
CA GLN E 171 71.72 0.16 21.77
C GLN E 171 70.76 -0.85 22.37
N ASP E 172 71.23 -1.61 23.35
CA ASP E 172 70.39 -2.57 24.06
C ASP E 172 69.40 -1.83 24.96
N SER E 173 68.10 -2.13 24.78
CA SER E 173 67.05 -1.42 25.51
C SER E 173 67.00 -1.84 26.96
N LYS E 174 67.48 -3.05 27.25
CA LYS E 174 67.57 -3.54 28.62
C LYS E 174 68.61 -2.75 29.42
N ASP E 175 69.84 -2.66 28.92
CA ASP E 175 70.93 -2.05 29.70
C ASP E 175 71.67 -0.84 29.08
N SER E 176 71.23 -0.37 27.91
CA SER E 176 71.81 0.81 27.23
C SER E 176 73.25 0.64 26.72
N THR E 177 73.76 -0.59 26.71
CA THR E 177 75.09 -0.87 26.18
C THR E 177 75.10 -1.19 24.69
N TYR E 178 76.28 -1.09 24.09
CA TYR E 178 76.51 -1.46 22.70
C TYR E 178 77.41 -2.68 22.63
N SER E 179 77.43 -3.31 21.47
CA SER E 179 78.29 -4.47 21.22
C SER E 179 78.81 -4.48 19.78
N MET E 180 79.96 -5.10 19.57
CA MET E 180 80.58 -5.08 18.27
C MET E 180 81.27 -6.38 17.99
N SER E 181 81.16 -6.85 16.76
CA SER E 181 81.90 -8.00 16.33
C SER E 181 82.86 -7.60 15.22
N SER E 182 84.10 -8.09 15.31
CA SER E 182 85.13 -7.85 14.31
C SER E 182 85.73 -9.20 13.88
N THR E 183 85.75 -9.46 12.57
CA THR E 183 86.18 -10.76 12.03
C THR E 183 87.22 -10.63 10.94
N LEU E 184 88.43 -11.13 11.22
CA LEU E 184 89.48 -11.18 10.20
C LEU E 184 89.47 -12.52 9.47
N THR E 185 89.31 -12.45 8.15
CA THR E 185 89.11 -13.65 7.33
C THR E 185 90.19 -13.75 6.28
N LEU E 186 90.86 -14.90 6.26
CA LEU E 186 91.93 -15.18 5.35
C LEU E 186 91.71 -16.53 4.73
N THR E 187 92.55 -16.86 3.76
CA THR E 187 92.67 -18.22 3.29
C THR E 187 93.42 -19.00 4.35
N LYS E 188 93.16 -20.30 4.44
CA LYS E 188 93.95 -21.19 5.29
C LYS E 188 95.45 -21.00 5.06
N ASP E 189 95.85 -20.93 3.78
CA ASP E 189 97.25 -20.80 3.41
C ASP E 189 97.89 -19.52 3.94
N GLU E 190 97.14 -18.42 3.93
CA GLU E 190 97.63 -17.16 4.52
C GLU E 190 97.77 -17.28 6.02
N TYR E 191 96.71 -17.77 6.64
CA TYR E 191 96.63 -17.93 8.08
C TYR E 191 97.82 -18.74 8.58
N GLU E 192 98.13 -19.82 7.86
CA GLU E 192 99.17 -20.76 8.29
C GLU E 192 100.59 -20.24 8.06
N ARG E 193 100.69 -18.99 7.61
CA ARG E 193 101.98 -18.33 7.41
C ARG E 193 102.32 -17.37 8.52
N HIS E 194 101.45 -17.27 9.52
CA HIS E 194 101.69 -16.36 10.64
C HIS E 194 101.30 -17.04 11.92
N ASN E 195 101.79 -16.51 13.04
CA ASN E 195 101.58 -17.16 14.32
C ASN E 195 100.60 -16.45 15.24
N SER E 196 100.75 -15.13 15.39
CA SER E 196 99.96 -14.41 16.37
C SER E 196 98.94 -13.46 15.74
N TYR E 197 97.71 -13.57 16.22
CA TYR E 197 96.62 -12.71 15.80
C TYR E 197 96.10 -12.00 17.01
N THR E 198 95.98 -10.68 16.92
CA THR E 198 95.49 -9.90 18.04
C THR E 198 94.49 -8.84 17.58
N CYS E 199 93.41 -8.63 18.35
CA CYS E 199 92.56 -7.44 18.19
C CYS E 199 92.77 -6.50 19.36
N GLU E 200 92.98 -5.23 19.04
CA GLU E 200 93.12 -4.19 20.05
C GLU E 200 91.90 -3.25 20.01
N ALA E 201 91.19 -3.19 21.12
CA ALA E 201 90.06 -2.28 21.26
C ALA E 201 90.49 -1.01 21.97
N THR E 202 90.42 0.12 21.28
CA THR E 202 90.67 1.41 21.94
C THR E 202 89.33 2.10 22.24
N HIS E 203 89.12 2.42 23.51
CA HIS E 203 87.87 3.00 24.00
C HIS E 203 88.15 4.04 25.06
N LYS E 204 87.18 4.89 25.36
CA LYS E 204 87.29 5.88 26.47
C LYS E 204 87.68 5.24 27.81
N THR E 205 87.04 4.11 28.12
CA THR E 205 87.10 3.48 29.44
C THR E 205 88.49 3.00 29.89
N SER E 206 89.49 3.15 29.02
CA SER E 206 90.84 2.66 29.28
C SER E 206 91.86 3.52 28.53
N THR E 207 92.87 4.02 29.24
CA THR E 207 93.91 4.86 28.63
C THR E 207 94.76 4.11 27.60
N SER E 208 95.01 2.81 27.87
CA SER E 208 95.69 1.92 26.93
C SER E 208 94.69 0.97 26.23
N PRO E 209 95.05 0.45 25.04
CA PRO E 209 94.13 -0.40 24.30
C PRO E 209 93.93 -1.74 24.99
N ILE E 210 92.76 -2.35 24.82
CA ILE E 210 92.53 -3.70 25.31
C ILE E 210 92.97 -4.70 24.26
N VAL E 211 93.93 -5.55 24.64
CA VAL E 211 94.55 -6.48 23.73
C VAL E 211 94.12 -7.89 24.08
N LYS E 212 93.43 -8.53 23.14
CA LYS E 212 93.20 -9.96 23.21
C LYS E 212 93.92 -10.61 22.03
N SER E 213 94.54 -11.77 22.29
CA SER E 213 95.47 -12.33 21.35
C SER E 213 95.37 -13.84 21.24
N PHE E 214 95.79 -14.36 20.09
CA PHE E 214 95.77 -15.80 19.86
C PHE E 214 96.99 -16.25 19.04
N ASN E 215 97.71 -17.23 19.58
CA ASN E 215 98.92 -17.74 18.96
C ASN E 215 98.70 -19.11 18.34
N ARG E 216 98.88 -19.18 17.02
CA ARG E 216 98.54 -20.36 16.27
C ARG E 216 99.29 -21.59 16.78
N ASN E 217 100.41 -21.37 17.46
CA ASN E 217 101.23 -22.45 18.04
C ASN E 217 101.31 -22.47 19.56
N GLU E 218 100.24 -22.85 20.26
CA GLU E 218 100.34 -22.98 21.72
C GLU E 218 100.10 -24.39 22.29
N CYS E 219 99.33 -24.48 23.38
CA CYS E 219 99.16 -25.73 24.19
C CYS E 219 100.45 -26.23 24.82
N GLN F 1 40.03 1.71 10.82
CA GLN F 1 41.43 1.25 11.05
C GLN F 1 42.24 1.38 9.75
N VAL F 2 42.92 2.52 9.60
CA VAL F 2 43.64 2.83 8.36
C VAL F 2 44.91 2.00 8.26
N HIS F 3 44.97 1.11 7.27
CA HIS F 3 46.10 0.21 7.11
C HIS F 3 46.61 0.15 5.68
N LEU F 4 47.94 0.17 5.53
CA LEU F 4 48.58 -0.04 4.22
C LEU F 4 49.52 -1.26 4.29
N GLN F 5 49.20 -2.31 3.51
CA GLN F 5 50.02 -3.55 3.42
C GLN F 5 50.95 -3.63 2.20
N GLN F 6 52.24 -3.79 2.44
CA GLN F 6 53.19 -3.89 1.34
C GLN F 6 53.60 -5.34 1.04
N SER F 7 54.11 -5.54 -0.17
CA SER F 7 54.62 -6.84 -0.62
C SER F 7 55.87 -7.23 0.16
N GLY F 8 56.16 -8.54 0.16
CA GLY F 8 57.30 -9.11 0.87
C GLY F 8 58.61 -8.78 0.18
N ALA F 9 59.72 -9.20 0.80
CA ALA F 9 61.07 -8.87 0.34
C ALA F 9 61.29 -9.25 -1.12
N GLU F 10 62.30 -8.63 -1.72
CA GLU F 10 62.50 -8.73 -3.14
C GLU F 10 63.98 -8.89 -3.44
N LEU F 11 64.29 -9.89 -4.27
CA LEU F 11 65.67 -10.35 -4.50
C LEU F 11 65.95 -10.37 -5.98
N MET F 12 66.69 -9.38 -6.46
CA MET F 12 66.76 -9.11 -7.89
C MET F 12 68.19 -9.05 -8.41
N LYS F 13 68.40 -9.57 -9.61
CA LYS F 13 69.70 -9.49 -10.29
C LYS F 13 69.80 -8.10 -10.89
N PRO F 14 71.02 -7.55 -11.00
CA PRO F 14 71.14 -6.22 -11.62
C PRO F 14 70.55 -6.17 -13.03
N GLY F 15 70.17 -4.98 -13.47
CA GLY F 15 69.56 -4.82 -14.79
C GLY F 15 68.11 -5.26 -14.89
N ALA F 16 67.64 -6.08 -13.94
CA ALA F 16 66.23 -6.47 -13.85
C ALA F 16 65.30 -5.29 -13.49
N SER F 17 64.01 -5.59 -13.36
CA SER F 17 63.07 -4.59 -12.86
C SER F 17 62.01 -5.25 -12.02
N VAL F 18 61.47 -4.53 -11.03
CA VAL F 18 60.54 -5.14 -10.09
C VAL F 18 59.34 -4.25 -9.77
N LYS F 19 58.24 -4.90 -9.38
CA LYS F 19 57.00 -4.20 -9.05
C LYS F 19 56.53 -4.47 -7.61
N ILE F 20 56.76 -3.50 -6.72
CA ILE F 20 56.22 -3.56 -5.35
C ILE F 20 54.78 -3.08 -5.33
N SER F 21 53.99 -3.67 -4.44
CA SER F 21 52.62 -3.22 -4.23
C SER F 21 52.39 -2.69 -2.81
N CYS F 22 51.35 -1.86 -2.70
CA CYS F 22 50.92 -1.25 -1.45
C CYS F 22 49.41 -1.34 -1.47
N LYS F 23 48.84 -2.03 -0.49
CA LYS F 23 47.39 -2.24 -0.46
C LYS F 23 46.73 -1.48 0.67
N ALA F 24 45.77 -0.63 0.32
CA ALA F 24 45.11 0.25 1.28
C ALA F 24 43.78 -0.32 1.80
N THR F 25 43.60 -0.28 3.13
CA THR F 25 42.35 -0.68 3.76
C THR F 25 41.96 0.35 4.83
N GLY F 26 40.65 0.50 5.03
CA GLY F 26 40.12 1.31 6.13
C GLY F 26 39.84 2.77 5.85
N TYR F 27 39.94 3.17 4.58
CA TYR F 27 39.54 4.51 4.13
C TYR F 27 39.29 4.43 2.63
N THR F 28 38.81 5.51 2.04
CA THR F 28 38.56 5.47 0.61
C THR F 28 39.84 5.75 -0.19
N PHE F 29 40.27 4.72 -0.91
CA PHE F 29 41.55 4.68 -1.55
C PHE F 29 41.79 5.94 -2.38
N THR F 30 40.77 6.33 -3.14
CA THR F 30 40.89 7.43 -4.09
C THR F 30 40.85 8.81 -3.44
N SER F 31 40.67 8.87 -2.13
CA SER F 31 40.63 10.16 -1.44
C SER F 31 42.01 10.73 -1.23
N TYR F 32 42.95 9.86 -0.92
CA TYR F 32 44.30 10.24 -0.47
C TYR F 32 45.36 9.97 -1.54
N TRP F 33 46.34 10.84 -1.61
CA TRP F 33 47.50 10.61 -2.43
C TRP F 33 48.29 9.50 -1.82
N ILE F 34 48.90 8.67 -2.67
CA ILE F 34 49.90 7.74 -2.17
C ILE F 34 51.34 8.27 -2.35
N GLU F 35 52.11 8.20 -1.26
CA GLU F 35 53.47 8.67 -1.24
C GLU F 35 54.41 7.49 -1.22
N TRP F 36 55.49 7.56 -2.00
CA TRP F 36 56.53 6.53 -2.01
C TRP F 36 57.83 7.07 -1.53
N VAL F 37 58.46 6.35 -0.60
CA VAL F 37 59.68 6.83 0.07
C VAL F 37 60.80 5.78 0.06
N LYS F 38 62.00 6.22 -0.28
CA LYS F 38 63.16 5.34 -0.33
C LYS F 38 64.00 5.54 0.90
N GLN F 39 64.39 4.44 1.52
CA GLN F 39 65.36 4.48 2.60
C GLN F 39 66.51 3.51 2.41
N ARG F 40 67.67 4.06 2.04
CA ARG F 40 68.92 3.32 2.03
C ARG F 40 69.59 3.39 3.40
N PRO F 41 70.16 2.25 3.86
CA PRO F 41 70.92 2.16 5.10
C PRO F 41 71.76 3.40 5.46
N GLY F 42 72.42 4.02 4.48
CA GLY F 42 73.30 5.15 4.79
C GLY F 42 72.89 6.51 4.26
N HIS F 43 71.64 6.64 3.81
CA HIS F 43 71.22 7.86 3.11
C HIS F 43 69.92 8.46 3.59
N GLY F 44 69.57 8.19 4.85
CA GLY F 44 68.38 8.77 5.47
C GLY F 44 67.11 8.40 4.72
N LEU F 45 66.32 9.39 4.34
CA LEU F 45 65.06 9.16 3.63
C LEU F 45 64.96 10.00 2.36
N GLU F 46 64.26 9.47 1.36
CA GLU F 46 64.19 10.13 0.07
C GLU F 46 62.77 10.03 -0.48
N TRP F 47 62.23 11.16 -0.95
CA TRP F 47 60.89 11.20 -1.49
C TRP F 47 60.92 10.87 -2.95
N LEU F 48 60.23 9.81 -3.34
CA LEU F 48 60.23 9.37 -4.74
C LEU F 48 59.17 10.03 -5.61
N GLY F 49 57.97 10.23 -5.06
CA GLY F 49 56.83 10.71 -5.83
C GLY F 49 55.49 10.44 -5.18
N GLU F 50 54.43 10.93 -5.83
CA GLU F 50 53.06 10.72 -5.36
C GLU F 50 52.10 10.53 -6.53
N ILE F 51 51.12 9.66 -6.36
CA ILE F 51 50.10 9.43 -7.39
C ILE F 51 48.73 9.51 -6.71
N LEU F 52 47.73 10.08 -7.40
CA LEU F 52 46.36 10.06 -6.87
C LEU F 52 45.49 8.96 -7.51
N PRO F 53 45.17 7.90 -6.73
CA PRO F 53 44.54 6.68 -7.21
C PRO F 53 43.50 6.83 -8.34
N GLY F 54 42.43 7.56 -8.11
CA GLY F 54 41.38 7.70 -9.14
C GLY F 54 41.88 8.27 -10.47
N SER F 55 42.48 9.47 -10.40
CA SER F 55 42.96 10.20 -11.55
C SER F 55 44.15 9.55 -12.24
N GLY F 56 44.77 10.30 -13.14
CA GLY F 56 46.06 9.91 -13.67
C GLY F 56 47.11 10.92 -13.26
N TYR F 57 46.86 11.61 -12.14
CA TYR F 57 47.77 12.66 -11.65
C TYR F 57 48.94 12.04 -10.90
N ILE F 58 50.15 12.32 -11.37
CA ILE F 58 51.38 11.87 -10.73
C ILE F 58 52.34 13.04 -10.58
N HIS F 59 53.14 13.01 -9.53
CA HIS F 59 54.21 13.96 -9.35
C HIS F 59 55.45 13.22 -8.94
N TYR F 60 56.50 13.40 -9.74
CA TYR F 60 57.75 12.65 -9.61
C TYR F 60 58.83 13.48 -8.93
N ASN F 61 59.78 12.79 -8.30
CA ASN F 61 61.06 13.37 -7.98
C ASN F 61 61.93 13.15 -9.20
N GLU F 62 62.40 14.25 -9.81
CA GLU F 62 63.05 14.18 -11.13
C GLU F 62 64.27 13.26 -11.19
N LYS F 63 64.97 13.15 -10.06
CA LYS F 63 66.05 12.18 -9.90
C LYS F 63 65.63 10.75 -10.29
N PHE F 64 64.35 10.42 -10.07
CA PHE F 64 63.86 9.05 -10.25
C PHE F 64 63.01 8.87 -11.50
N LYS F 65 62.87 9.95 -12.27
CA LYS F 65 62.21 9.89 -13.58
C LYS F 65 63.02 8.95 -14.47
N GLY F 66 62.40 7.85 -14.89
CA GLY F 66 63.09 6.82 -15.65
C GLY F 66 63.26 5.57 -14.84
N LYS F 67 63.52 5.73 -13.53
CA LYS F 67 63.72 4.60 -12.64
C LYS F 67 62.39 4.05 -12.13
N ALA F 68 61.55 4.94 -11.60
CA ALA F 68 60.31 4.54 -10.92
C ALA F 68 59.04 4.90 -11.72
N THR F 69 58.24 3.88 -12.04
CA THR F 69 56.91 4.09 -12.61
C THR F 69 55.84 3.86 -11.54
N PHE F 70 54.86 4.76 -11.52
CA PHE F 70 53.78 4.71 -10.56
C PHE F 70 52.45 4.39 -11.24
N THR F 71 51.73 3.44 -10.66
CA THR F 71 50.39 3.08 -11.14
C THR F 71 49.53 2.68 -9.94
N THR F 72 48.21 2.77 -10.10
CA THR F 72 47.28 2.25 -9.11
C THR F 72 46.19 1.41 -9.77
N ASP F 73 45.49 0.63 -8.95
CA ASP F 73 44.35 -0.16 -9.39
C ASP F 73 43.17 0.11 -8.46
N THR F 74 42.21 0.87 -8.96
CA THR F 74 41.05 1.28 -8.17
C THR F 74 40.27 0.11 -7.58
N SER F 75 39.99 -0.90 -8.43
CA SER F 75 39.15 -2.03 -8.07
C SER F 75 39.75 -2.92 -6.98
N SER F 76 41.05 -2.84 -6.77
CA SER F 76 41.71 -3.63 -5.71
C SER F 76 42.38 -2.76 -4.66
N ASN F 77 42.05 -1.46 -4.67
CA ASN F 77 42.64 -0.47 -3.75
C ASN F 77 44.13 -0.63 -3.55
N THR F 78 44.87 -0.78 -4.65
CA THR F 78 46.29 -1.10 -4.58
C THR F 78 47.16 -0.07 -5.31
N ALA F 79 48.22 0.37 -4.65
CA ALA F 79 49.20 1.21 -5.31
C ALA F 79 50.38 0.34 -5.70
N TYR F 80 50.86 0.55 -6.91
CA TYR F 80 52.05 -0.14 -7.38
C TYR F 80 53.17 0.84 -7.65
N MET F 81 54.40 0.39 -7.38
CA MET F 81 55.59 1.05 -7.87
C MET F 81 56.52 0.07 -8.58
N GLN F 82 57.07 0.54 -9.70
CA GLN F 82 57.92 -0.26 -10.54
C GLN F 82 59.30 0.38 -10.63
N LEU F 83 60.30 -0.30 -10.09
CA LEU F 83 61.69 0.11 -10.22
C LEU F 83 62.30 -0.64 -11.39
N SER F 84 62.92 0.09 -12.32
CA SER F 84 63.52 -0.55 -13.50
C SER F 84 65.05 -0.38 -13.55
N SER F 85 65.70 -1.20 -14.37
CA SER F 85 67.16 -1.17 -14.57
C SER F 85 67.87 -1.22 -13.23
N LEU F 86 67.52 -2.20 -12.42
CA LEU F 86 68.02 -2.26 -11.05
C LEU F 86 69.54 -2.28 -10.97
N THR F 87 70.08 -1.34 -10.21
CA THR F 87 71.50 -1.28 -9.88
C THR F 87 71.68 -1.53 -8.39
N SER F 88 72.92 -1.51 -7.91
CA SER F 88 73.19 -1.72 -6.48
C SER F 88 72.64 -0.55 -5.66
N GLU F 89 72.62 0.63 -6.28
CA GLU F 89 72.07 1.83 -5.66
C GLU F 89 70.58 1.66 -5.33
N ASP F 90 69.93 0.73 -6.01
CA ASP F 90 68.49 0.55 -5.84
C ASP F 90 68.12 -0.30 -4.64
N SER F 91 69.10 -0.98 -4.05
CA SER F 91 68.89 -1.76 -2.82
C SER F 91 68.53 -0.83 -1.67
N ALA F 92 67.37 -1.06 -1.08
CA ALA F 92 66.82 -0.18 -0.03
C ALA F 92 65.55 -0.79 0.53
N VAL F 93 64.97 -0.14 1.54
CA VAL F 93 63.61 -0.45 1.91
C VAL F 93 62.75 0.68 1.37
N TYR F 94 61.66 0.32 0.71
CA TYR F 94 60.71 1.30 0.15
C TYR F 94 59.40 1.26 0.93
N TYR F 95 58.93 2.45 1.33
CA TYR F 95 57.68 2.59 2.07
C TYR F 95 56.62 3.28 1.22
N CYS F 96 55.35 2.93 1.45
CA CYS F 96 54.24 3.76 0.96
C CYS F 96 53.59 4.45 2.14
N SER F 97 53.01 5.61 1.86
CA SER F 97 52.36 6.44 2.84
C SER F 97 51.21 7.16 2.20
N ARG F 98 50.47 7.91 3.00
CA ARG F 98 49.25 8.59 2.59
C ARG F 98 49.51 10.09 2.72
N ALA F 99 48.81 10.92 1.94
CA ALA F 99 48.87 12.37 2.14
C ALA F 99 47.77 13.15 1.46
N LEU F 100 47.36 14.23 2.12
CA LEU F 100 46.60 15.33 1.54
C LEU F 100 47.46 16.58 1.79
N ALA F 101 47.18 17.68 1.09
CA ALA F 101 47.94 18.94 1.24
C ALA F 101 48.12 19.40 2.70
N LEU F 102 47.03 19.37 3.47
CA LEU F 102 47.04 19.84 4.86
C LEU F 102 47.61 18.83 5.85
N TYR F 103 47.73 17.56 5.44
CA TYR F 103 48.09 16.50 6.38
C TYR F 103 48.82 15.39 5.65
N ALA F 104 50.14 15.33 5.82
CA ALA F 104 50.94 14.40 5.05
C ALA F 104 51.50 13.29 5.90
N MET F 105 51.27 12.07 5.42
CA MET F 105 51.95 10.86 5.88
C MET F 105 51.63 10.51 7.31
N ASP F 106 50.35 10.27 7.59
CA ASP F 106 49.97 9.85 8.93
C ASP F 106 50.15 8.36 9.11
N TYR F 107 49.80 7.58 8.08
CA TYR F 107 49.95 6.13 8.11
C TYR F 107 50.93 5.65 7.05
N TRP F 108 51.72 4.65 7.39
CA TRP F 108 52.75 4.13 6.51
C TRP F 108 52.64 2.65 6.38
N GLY F 109 53.09 2.11 5.25
CA GLY F 109 53.25 0.67 5.11
C GLY F 109 54.42 0.18 5.95
N GLN F 110 54.57 -1.13 6.03
CA GLN F 110 55.61 -1.73 6.88
C GLN F 110 56.97 -1.75 6.19
N GLY F 111 56.94 -1.52 4.87
CA GLY F 111 58.16 -1.50 4.07
C GLY F 111 58.33 -2.74 3.21
N THR F 112 59.10 -2.58 2.14
CA THR F 112 59.50 -3.68 1.29
C THR F 112 60.98 -3.50 0.99
N SER F 113 61.80 -4.46 1.43
CA SER F 113 63.22 -4.42 1.12
C SER F 113 63.47 -4.99 -0.26
N VAL F 114 64.29 -4.28 -1.02
CA VAL F 114 64.68 -4.67 -2.35
C VAL F 114 66.20 -4.76 -2.30
N THR F 115 66.70 -5.98 -2.45
CA THR F 115 68.12 -6.23 -2.54
C THR F 115 68.46 -6.50 -3.99
N VAL F 116 69.51 -5.83 -4.48
CA VAL F 116 69.98 -6.04 -5.83
C VAL F 116 71.35 -6.72 -5.80
N SER F 117 71.36 -8.02 -6.12
CA SER F 117 72.55 -8.86 -5.94
C SER F 117 72.69 -9.94 -7.02
N SER F 118 73.95 -10.19 -7.42
CA SER F 118 74.31 -11.30 -8.32
C SER F 118 74.05 -12.68 -7.72
N ALA F 119 73.91 -12.73 -6.41
CA ALA F 119 73.91 -13.96 -5.65
C ALA F 119 72.79 -14.92 -6.02
N LYS F 120 72.81 -16.09 -5.39
CA LYS F 120 71.75 -17.09 -5.49
C LYS F 120 71.59 -17.78 -4.14
N THR F 121 70.47 -18.42 -3.92
CA THR F 121 70.20 -19.08 -2.65
C THR F 121 71.33 -20.05 -2.28
N THR F 122 71.81 -19.91 -1.04
CA THR F 122 72.97 -20.63 -0.54
C THR F 122 72.84 -20.80 0.98
N PRO F 123 72.89 -22.06 1.48
CA PRO F 123 72.84 -22.28 2.93
C PRO F 123 74.05 -21.68 3.63
N PRO F 124 73.91 -21.31 4.92
CA PRO F 124 75.04 -20.78 5.66
C PRO F 124 75.99 -21.89 6.05
N SER F 125 77.28 -21.58 6.09
CA SER F 125 78.24 -22.44 6.74
C SER F 125 78.31 -22.01 8.20
N VAL F 126 78.21 -22.98 9.11
CA VAL F 126 78.13 -22.68 10.53
C VAL F 126 79.27 -23.32 11.31
N TYR F 127 80.20 -22.47 11.77
CA TYR F 127 81.37 -22.92 12.49
C TYR F 127 81.28 -22.48 13.95
N PRO F 128 81.75 -23.33 14.89
CA PRO F 128 81.72 -22.99 16.31
C PRO F 128 82.82 -21.99 16.67
N LEU F 129 82.73 -21.37 17.84
CA LEU F 129 83.79 -20.48 18.28
C LEU F 129 84.04 -20.73 19.76
N ALA F 130 85.09 -21.49 20.06
CA ALA F 130 85.49 -21.88 21.40
C ALA F 130 86.85 -21.29 21.77
N PRO F 131 87.01 -20.80 23.01
CA PRO F 131 88.23 -20.04 23.36
C PRO F 131 89.51 -20.86 23.12
N GLY F 132 90.55 -20.17 22.64
CA GLY F 132 91.83 -20.83 22.38
C GLY F 132 92.57 -21.19 23.65
N SER F 133 92.30 -20.44 24.72
CA SER F 133 92.98 -20.60 26.00
C SER F 133 92.00 -21.00 27.10
N ALA F 134 91.82 -20.11 28.09
CA ALA F 134 90.81 -20.25 29.14
C ALA F 134 90.54 -18.88 29.80
N ALA F 135 90.03 -17.95 28.99
CA ALA F 135 89.83 -16.55 29.41
C ALA F 135 88.40 -16.25 29.90
N GLN F 136 88.32 -15.36 30.90
CA GLN F 136 87.05 -14.98 31.54
C GLN F 136 87.19 -13.60 32.20
N THR F 137 86.06 -12.98 32.56
CA THR F 137 86.09 -11.60 33.10
C THR F 137 85.30 -11.41 34.39
N ASN F 138 84.06 -11.89 34.41
CA ASN F 138 83.23 -11.80 35.60
C ASN F 138 82.94 -13.21 36.10
N SER F 139 83.92 -14.08 35.92
CA SER F 139 83.77 -15.53 36.08
C SER F 139 82.73 -16.08 35.09
N MET F 140 82.74 -15.53 33.89
CA MET F 140 81.83 -15.91 32.81
C MET F 140 82.62 -16.27 31.56
N VAL F 141 82.34 -17.44 30.98
CA VAL F 141 82.97 -17.84 29.72
C VAL F 141 82.14 -17.44 28.50
N THR F 142 82.78 -17.14 27.38
CA THR F 142 82.09 -16.71 26.17
C THR F 142 82.31 -17.63 24.98
N LEU F 143 81.22 -18.16 24.45
CA LEU F 143 81.26 -18.92 23.20
C LEU F 143 80.59 -18.13 22.07
N GLY F 144 80.57 -18.72 20.88
CA GLY F 144 80.16 -17.99 19.72
C GLY F 144 79.86 -18.87 18.54
N CYS F 145 79.18 -18.27 17.56
CA CYS F 145 78.81 -18.97 16.35
C CYS F 145 79.12 -18.12 15.13
N LEU F 146 79.75 -18.73 14.14
CA LEU F 146 80.06 -18.03 12.91
C LEU F 146 79.31 -18.64 11.73
N VAL F 147 78.44 -17.80 11.14
CA VAL F 147 77.46 -18.19 10.15
C VAL F 147 77.77 -17.43 8.87
N LYS F 148 78.44 -18.06 7.91
CA LYS F 148 78.85 -17.29 6.73
C LYS F 148 78.61 -17.91 5.36
N GLY F 149 78.67 -17.04 4.35
CA GLY F 149 78.50 -17.44 2.96
C GLY F 149 77.07 -17.62 2.51
N TYR F 150 76.10 -17.22 3.33
CA TYR F 150 74.68 -17.44 3.01
C TYR F 150 74.03 -16.33 2.20
N PHE F 151 72.98 -16.69 1.46
CA PHE F 151 72.12 -15.74 0.75
C PHE F 151 70.77 -16.41 0.59
N PRO F 152 69.68 -15.67 0.85
CA PRO F 152 69.69 -14.32 1.37
C PRO F 152 69.33 -14.29 2.86
N GLU F 153 69.12 -13.08 3.36
CA GLU F 153 68.51 -12.84 4.66
C GLU F 153 67.09 -13.45 4.66
N PRO F 154 66.59 -13.91 5.81
CA PRO F 154 67.25 -13.90 7.09
C PRO F 154 67.73 -15.28 7.53
N VAL F 155 68.32 -15.28 8.71
CA VAL F 155 68.78 -16.46 9.39
C VAL F 155 68.36 -16.24 10.83
N THR F 156 67.79 -17.26 11.46
CA THR F 156 67.56 -17.18 12.90
C THR F 156 68.68 -17.93 13.58
N VAL F 157 69.14 -17.38 14.70
CA VAL F 157 70.12 -18.06 15.54
C VAL F 157 69.57 -18.22 16.94
N THR F 158 69.74 -19.40 17.52
CA THR F 158 69.25 -19.68 18.87
C THR F 158 70.32 -20.40 19.64
N TRP F 159 70.24 -20.35 20.97
CA TRP F 159 71.16 -21.09 21.84
C TRP F 159 70.42 -22.07 22.73
N ASN F 160 70.73 -23.35 22.55
CA ASN F 160 70.08 -24.46 23.26
C ASN F 160 68.59 -24.52 22.94
N SER F 161 68.28 -24.43 21.65
CA SER F 161 66.91 -24.38 21.12
C SER F 161 66.01 -23.27 21.68
N GLY F 162 66.56 -22.46 22.58
CA GLY F 162 65.86 -21.31 23.15
C GLY F 162 66.07 -21.16 24.65
N SER F 163 66.45 -22.26 25.30
CA SER F 163 66.57 -22.34 26.76
C SER F 163 67.46 -21.28 27.36
N LEU F 164 68.51 -20.94 26.63
CA LEU F 164 69.49 -19.94 27.06
C LEU F 164 69.32 -18.69 26.19
N SER F 165 69.06 -17.56 26.82
CA SER F 165 68.76 -16.34 26.05
C SER F 165 69.31 -15.06 26.69
N SER F 166 69.71 -15.13 27.95
CA SER F 166 70.41 -14.03 28.61
C SER F 166 71.86 -14.02 28.12
N GLY F 167 72.40 -12.83 27.90
CA GLY F 167 73.78 -12.66 27.41
C GLY F 167 74.03 -13.24 26.03
N VAL F 168 73.09 -13.01 25.12
CA VAL F 168 73.23 -13.46 23.75
C VAL F 168 73.34 -12.21 22.88
N HIS F 169 74.43 -12.09 22.14
CA HIS F 169 74.53 -11.05 21.13
C HIS F 169 74.59 -11.63 19.75
N THR F 170 73.57 -11.33 18.95
CA THR F 170 73.51 -11.76 17.58
C THR F 170 73.55 -10.50 16.74
N PHE F 171 74.50 -10.45 15.81
CA PHE F 171 74.87 -9.18 15.20
C PHE F 171 74.20 -9.06 13.85
N PRO F 172 73.89 -7.84 13.41
CA PRO F 172 73.31 -7.77 12.07
C PRO F 172 74.27 -8.37 11.02
N ALA F 173 73.71 -9.09 10.06
CA ALA F 173 74.51 -9.64 8.97
C ALA F 173 75.11 -8.52 8.12
N VAL F 174 76.31 -8.79 7.60
CA VAL F 174 76.96 -7.89 6.66
C VAL F 174 77.16 -8.63 5.33
N LEU F 175 76.97 -7.89 4.25
CA LEU F 175 77.19 -8.38 2.90
C LEU F 175 78.68 -8.31 2.56
N GLN F 176 79.37 -9.44 2.68
CA GLN F 176 80.84 -9.48 2.53
C GLN F 176 81.19 -9.53 1.04
N SER F 177 81.67 -10.69 0.57
CA SER F 177 81.62 -10.98 -0.86
C SER F 177 80.13 -11.04 -1.14
N ASP F 178 79.73 -11.36 -2.36
CA ASP F 178 78.31 -11.35 -2.72
C ASP F 178 77.38 -12.22 -1.83
N LEU F 179 77.87 -12.61 -0.65
CA LEU F 179 77.11 -13.40 0.32
C LEU F 179 77.05 -12.74 1.70
N TYR F 180 76.35 -13.38 2.64
CA TYR F 180 76.13 -12.81 3.98
C TYR F 180 76.92 -13.50 5.08
N THR F 181 77.36 -12.71 6.05
CA THR F 181 78.08 -13.23 7.22
C THR F 181 77.54 -12.60 8.50
N LEU F 182 77.46 -13.41 9.54
CA LEU F 182 76.85 -13.06 10.81
C LEU F 182 77.48 -13.91 11.88
N SER F 183 77.62 -13.35 13.07
CA SER F 183 78.15 -14.08 14.21
C SER F 183 77.28 -13.83 15.42
N SER F 184 77.29 -14.75 16.38
CA SER F 184 76.45 -14.65 17.56
C SER F 184 77.18 -15.16 18.79
N SER F 185 77.38 -14.27 19.77
CA SER F 185 78.03 -14.64 21.02
C SER F 185 77.02 -15.02 22.10
N VAL F 186 77.49 -15.80 23.07
CA VAL F 186 76.71 -16.17 24.25
C VAL F 186 77.65 -16.32 25.45
N THR F 187 77.24 -15.78 26.61
CA THR F 187 78.09 -15.79 27.81
C THR F 187 77.51 -16.61 28.96
N VAL F 188 77.71 -17.93 28.96
CA VAL F 188 77.36 -18.77 30.11
C VAL F 188 78.37 -18.57 31.25
N PRO F 189 77.95 -18.80 32.52
CA PRO F 189 78.94 -18.75 33.61
C PRO F 189 79.95 -19.91 33.55
N SER F 190 81.14 -19.66 34.09
CA SER F 190 82.31 -20.55 34.00
C SER F 190 82.05 -22.02 34.34
N SER F 191 81.26 -22.22 35.39
CA SER F 191 80.96 -23.56 35.90
C SER F 191 80.04 -24.40 35.02
N THR F 192 79.37 -23.75 34.07
CA THR F 192 78.35 -24.42 33.25
C THR F 192 78.90 -25.05 31.98
N TRP F 193 80.19 -24.83 31.70
CA TRP F 193 80.82 -25.27 30.44
C TRP F 193 82.30 -25.50 30.62
N PRO F 194 82.83 -26.61 30.03
CA PRO F 194 82.21 -27.56 29.10
C PRO F 194 81.27 -28.60 29.73
N SER F 195 81.04 -28.49 31.04
CA SER F 195 80.18 -29.44 31.76
C SER F 195 78.77 -29.60 31.16
N GLU F 196 77.99 -28.53 31.12
CA GLU F 196 76.66 -28.54 30.48
C GLU F 196 76.76 -28.06 29.02
N THR F 197 76.01 -28.70 28.14
CA THR F 197 76.12 -28.49 26.70
C THR F 197 75.58 -27.15 26.20
N VAL F 198 76.47 -26.33 25.64
CA VAL F 198 76.09 -25.10 24.94
C VAL F 198 76.07 -25.36 23.44
N THR F 199 74.90 -25.24 22.81
CA THR F 199 74.76 -25.53 21.37
C THR F 199 74.17 -24.37 20.56
N CYS F 200 74.69 -24.20 19.34
CA CYS F 200 74.28 -23.15 18.43
C CYS F 200 73.21 -23.63 17.44
N ASN F 201 72.07 -22.92 17.40
CA ASN F 201 70.93 -23.30 16.54
C ASN F 201 70.68 -22.33 15.40
N VAL F 202 70.98 -22.77 14.18
CA VAL F 202 70.90 -21.90 13.01
C VAL F 202 69.85 -22.38 12.01
N ALA F 203 68.84 -21.55 11.77
CA ALA F 203 67.87 -21.82 10.72
C ALA F 203 68.01 -20.81 9.58
N HIS F 204 67.91 -21.30 8.35
CA HIS F 204 67.91 -20.44 7.17
C HIS F 204 66.80 -20.88 6.26
N PRO F 205 65.60 -20.27 6.43
CA PRO F 205 64.35 -20.69 5.79
C PRO F 205 64.45 -20.81 4.27
N ALA F 206 65.02 -19.80 3.62
CA ALA F 206 65.09 -19.71 2.15
C ALA F 206 65.81 -20.87 1.47
N SER F 207 66.62 -21.61 2.21
CA SER F 207 67.31 -22.79 1.68
C SER F 207 66.93 -24.09 2.40
N SER F 208 65.91 -24.01 3.26
CA SER F 208 65.36 -25.16 3.98
C SER F 208 66.41 -25.85 4.87
N THR F 209 67.34 -25.05 5.40
CA THR F 209 68.42 -25.59 6.20
C THR F 209 68.22 -25.26 7.67
N LYS F 210 68.26 -26.32 8.47
CA LYS F 210 68.30 -26.22 9.91
C LYS F 210 69.56 -26.97 10.34
N VAL F 211 70.46 -26.27 11.00
CA VAL F 211 71.75 -26.84 11.38
C VAL F 211 72.02 -26.57 12.87
N ASP F 212 72.54 -27.59 13.55
CA ASP F 212 73.00 -27.43 14.92
C ASP F 212 74.50 -27.65 15.03
N LYS F 213 75.14 -26.92 15.94
CA LYS F 213 76.58 -27.05 16.14
C LYS F 213 76.91 -26.97 17.62
N LYS F 214 77.26 -28.13 18.17
CA LYS F 214 77.72 -28.26 19.55
C LYS F 214 79.14 -27.68 19.66
N ILE F 215 79.38 -26.91 20.72
CA ILE F 215 80.67 -26.23 20.90
C ILE F 215 81.54 -26.91 21.97
N VAL F 216 82.55 -27.64 21.48
CA VAL F 216 83.47 -28.41 22.31
C VAL F 216 84.71 -27.54 22.62
N PRO F 217 85.27 -27.65 23.85
CA PRO F 217 86.46 -26.86 24.19
C PRO F 217 87.64 -27.08 23.24
N ARG F 218 88.48 -26.05 23.09
CA ARG F 218 89.69 -26.02 22.23
C ARG F 218 89.51 -25.18 20.96
N ASP G 1 -56.63 -14.33 19.34
CA ASP G 1 -56.04 -15.61 19.87
C ASP G 1 -54.83 -15.40 20.79
N ILE G 2 -53.68 -15.03 20.23
CA ILE G 2 -52.46 -14.88 21.01
C ILE G 2 -52.42 -13.48 21.61
N VAL G 3 -52.14 -13.40 22.90
CA VAL G 3 -52.18 -12.13 23.61
C VAL G 3 -50.76 -11.64 23.89
N MET G 4 -50.48 -10.40 23.50
CA MET G 4 -49.19 -9.82 23.77
C MET G 4 -49.32 -8.77 24.87
N THR G 5 -48.58 -8.99 25.96
CA THR G 5 -48.60 -8.10 27.09
C THR G 5 -47.29 -7.33 27.18
N GLN G 6 -47.39 -6.01 27.11
CA GLN G 6 -46.26 -5.15 27.41
C GLN G 6 -46.61 -4.36 28.67
N ALA G 7 -46.38 -5.01 29.81
CA ALA G 7 -46.81 -4.52 31.12
C ALA G 7 -46.54 -3.03 31.36
N THR G 8 -45.31 -2.58 31.11
CA THR G 8 -44.97 -1.19 31.44
C THR G 8 -45.49 -0.22 30.36
N PRO G 9 -46.29 0.77 30.77
CA PRO G 9 -46.86 1.70 29.77
C PRO G 9 -45.87 2.75 29.25
N SER G 10 -44.94 3.20 30.09
CA SER G 10 -43.88 4.12 29.67
C SER G 10 -42.64 4.04 30.56
N ILE G 11 -41.48 4.34 29.98
CA ILE G 11 -40.21 4.30 30.72
C ILE G 11 -39.42 5.58 30.51
N PRO G 12 -39.26 6.38 31.58
CA PRO G 12 -38.38 7.55 31.54
C PRO G 12 -36.93 7.12 31.73
N VAL G 13 -36.05 7.61 30.85
CA VAL G 13 -34.64 7.21 30.82
C VAL G 13 -33.74 8.41 30.53
N THR G 14 -32.73 8.62 31.38
CA THR G 14 -31.67 9.62 31.13
C THR G 14 -30.86 9.23 29.88
N PRO G 15 -30.69 10.18 28.94
CA PRO G 15 -29.91 9.88 27.74
C PRO G 15 -28.51 9.37 28.10
N GLY G 16 -28.12 8.23 27.51
CA GLY G 16 -26.84 7.60 27.83
C GLY G 16 -26.99 6.25 28.50
N GLU G 17 -27.98 6.13 29.38
CA GLU G 17 -28.36 4.87 30.03
C GLU G 17 -28.86 3.86 28.98
N SER G 18 -28.85 2.58 29.33
CA SER G 18 -29.46 1.54 28.51
C SER G 18 -30.81 1.07 29.10
N VAL G 19 -31.69 0.56 28.23
CA VAL G 19 -33.03 0.10 28.64
C VAL G 19 -33.37 -1.25 28.05
N SER G 20 -34.02 -2.08 28.85
CA SER G 20 -34.67 -3.26 28.32
C SER G 20 -36.18 -3.01 28.36
N ILE G 21 -36.86 -3.40 27.29
CA ILE G 21 -38.31 -3.29 27.18
C ILE G 21 -38.82 -4.71 26.98
N SER G 22 -39.83 -5.10 27.74
CA SER G 22 -40.27 -6.49 27.69
C SER G 22 -41.67 -6.70 27.14
N CYS G 23 -41.89 -7.90 26.60
CA CYS G 23 -43.13 -8.31 25.96
C CYS G 23 -43.33 -9.78 26.30
N ARG G 24 -44.56 -10.15 26.65
CA ARG G 24 -44.88 -11.55 26.98
C ARG G 24 -45.89 -12.10 26.00
N SER G 25 -45.89 -13.41 25.80
CA SER G 25 -46.92 -14.02 24.97
C SER G 25 -47.56 -15.22 25.67
N ASN G 26 -48.89 -15.34 25.57
CA ASN G 26 -49.60 -16.46 26.21
C ASN G 26 -49.43 -17.79 25.46
N LYS G 27 -48.70 -17.75 24.35
CA LYS G 27 -48.35 -18.95 23.60
C LYS G 27 -46.93 -18.78 23.06
N SER G 28 -46.17 -19.87 22.99
CA SER G 28 -44.79 -19.79 22.54
C SER G 28 -44.70 -19.52 21.04
N LEU G 29 -43.94 -18.48 20.71
CA LEU G 29 -43.76 -18.05 19.33
C LEU G 29 -42.73 -18.91 18.60
N LEU G 30 -42.11 -19.83 19.33
CA LEU G 30 -41.14 -20.75 18.77
C LEU G 30 -41.83 -21.73 17.83
N HIS G 31 -41.36 -21.73 16.59
CA HIS G 31 -41.84 -22.62 15.56
C HIS G 31 -41.02 -23.87 15.63
N SER G 32 -41.50 -24.93 14.97
CA SER G 32 -40.70 -26.14 14.76
C SER G 32 -39.41 -25.84 13.96
N ASN G 33 -39.40 -24.67 13.30
CA ASN G 33 -38.24 -24.12 12.57
C ASN G 33 -36.98 -23.96 13.39
N GLY G 34 -37.16 -23.64 14.68
CA GLY G 34 -36.08 -23.11 15.49
C GLY G 34 -36.15 -21.60 15.43
N ASN G 35 -36.89 -21.09 14.44
CA ASN G 35 -37.22 -19.68 14.34
C ASN G 35 -38.38 -19.35 15.26
N THR G 36 -38.18 -18.32 16.08
CA THR G 36 -39.27 -17.80 16.90
C THR G 36 -39.73 -16.45 16.34
N TYR G 37 -41.05 -16.35 16.11
CA TYR G 37 -41.61 -15.26 15.32
C TYR G 37 -42.16 -14.10 16.14
N LEU G 38 -41.23 -13.32 16.68
CA LEU G 38 -41.58 -12.09 17.36
C LEU G 38 -40.92 -10.93 16.64
N TYR G 39 -41.68 -9.87 16.38
CA TYR G 39 -41.12 -8.67 15.75
C TYR G 39 -41.15 -7.47 16.70
N TRP G 40 -40.28 -6.50 16.49
CA TRP G 40 -40.33 -5.24 17.26
C TRP G 40 -40.42 -4.07 16.33
N PHE G 41 -41.34 -3.16 16.63
CA PHE G 41 -41.46 -1.92 15.85
C PHE G 41 -41.36 -0.68 16.73
N LEU G 42 -40.86 0.39 16.14
CA LEU G 42 -40.75 1.69 16.83
C LEU G 42 -41.51 2.76 16.06
N GLN G 43 -42.39 3.46 16.77
CA GLN G 43 -43.11 4.56 16.18
C GLN G 43 -42.69 5.89 16.79
N ARG G 44 -41.85 6.63 16.06
CA ARG G 44 -41.51 8.01 16.41
C ARG G 44 -42.78 8.86 16.24
N PRO G 45 -42.96 9.92 17.06
CA PRO G 45 -44.24 10.65 17.06
C PRO G 45 -44.60 11.28 15.71
N GLY G 46 -45.82 10.99 15.25
CA GLY G 46 -46.35 11.52 13.99
C GLY G 46 -45.81 10.85 12.74
N GLN G 47 -45.01 9.80 12.93
CA GLN G 47 -44.50 8.99 11.83
C GLN G 47 -45.11 7.58 11.89
N SER G 48 -44.94 6.83 10.81
CA SER G 48 -45.46 5.46 10.76
C SER G 48 -44.52 4.51 11.49
N PRO G 49 -45.01 3.32 11.90
CA PRO G 49 -44.14 2.33 12.53
C PRO G 49 -42.99 1.93 11.63
N ARG G 50 -41.83 1.68 12.24
CA ARG G 50 -40.65 1.16 11.55
C ARG G 50 -40.18 -0.14 12.18
N LEU G 51 -39.82 -1.10 11.33
CA LEU G 51 -39.33 -2.40 11.80
C LEU G 51 -37.96 -2.24 12.41
N LEU G 52 -37.76 -2.86 13.58
CA LEU G 52 -36.47 -2.83 14.29
C LEU G 52 -35.85 -4.23 14.32
N ILE G 53 -36.66 -5.19 14.76
CA ILE G 53 -36.18 -6.54 14.99
C ILE G 53 -37.11 -7.52 14.33
N PHE G 54 -36.54 -8.50 13.66
CA PHE G 54 -37.33 -9.54 13.02
C PHE G 54 -36.87 -10.92 13.45
N ARG G 55 -37.83 -11.83 13.57
CA ARG G 55 -37.63 -13.17 14.15
C ARG G 55 -36.80 -13.18 15.44
N MET G 56 -37.25 -12.36 16.38
CA MET G 56 -36.78 -12.34 17.78
C MET G 56 -35.45 -11.67 18.04
N SER G 57 -34.44 -11.94 17.20
CA SER G 57 -33.08 -11.55 17.52
C SER G 57 -32.39 -10.65 16.50
N ASN G 58 -32.84 -10.75 15.25
CA ASN G 58 -32.18 -10.12 14.11
C ASN G 58 -32.57 -8.67 13.88
N LEU G 59 -31.60 -7.84 13.51
CA LEU G 59 -31.83 -6.41 13.29
C LEU G 59 -32.25 -6.09 11.87
N ALA G 60 -33.19 -5.16 11.74
CA ALA G 60 -33.60 -4.65 10.43
C ALA G 60 -32.54 -3.69 9.92
N SER G 61 -32.49 -3.50 8.60
CA SER G 61 -31.44 -2.68 7.99
C SER G 61 -31.62 -1.22 8.35
N GLY G 62 -30.51 -0.54 8.59
CA GLY G 62 -30.53 0.85 9.03
C GLY G 62 -30.62 0.97 10.54
N VAL G 63 -30.95 -0.13 11.21
CA VAL G 63 -31.10 -0.13 12.66
C VAL G 63 -29.74 -0.28 13.36
N PRO G 64 -29.36 0.73 14.15
CA PRO G 64 -28.06 0.75 14.82
C PRO G 64 -27.83 -0.46 15.71
N ASP G 65 -26.56 -0.81 15.90
CA ASP G 65 -26.13 -1.93 16.75
C ASP G 65 -26.54 -1.79 18.21
N ARG G 66 -26.90 -0.57 18.60
CA ARG G 66 -27.37 -0.28 19.96
C ARG G 66 -28.60 -1.12 20.29
N PHE G 67 -29.45 -1.34 19.29
CA PHE G 67 -30.63 -2.17 19.43
C PHE G 67 -30.25 -3.64 19.38
N SER G 68 -30.77 -4.41 20.33
CA SER G 68 -30.56 -5.85 20.37
C SER G 68 -31.82 -6.53 20.94
N GLY G 69 -32.23 -7.63 20.32
CA GLY G 69 -33.41 -8.34 20.76
C GLY G 69 -33.07 -9.77 21.10
N SER G 70 -33.67 -10.26 22.17
CA SER G 70 -33.53 -11.65 22.57
C SER G 70 -34.78 -12.05 23.31
N GLY G 71 -34.88 -13.33 23.64
CA GLY G 71 -36.03 -13.82 24.39
C GLY G 71 -36.13 -15.31 24.58
N SER G 72 -36.95 -15.69 25.56
CA SER G 72 -37.38 -17.05 25.82
C SER G 72 -38.21 -17.59 24.63
N GLY G 73 -39.17 -18.46 24.91
CA GLY G 73 -40.13 -18.87 23.90
C GLY G 73 -41.42 -18.08 24.08
N THR G 74 -41.54 -17.41 25.23
CA THR G 74 -42.76 -16.68 25.59
C THR G 74 -42.50 -15.34 26.30
N ALA G 75 -41.24 -15.07 26.62
CA ALA G 75 -40.88 -13.78 27.21
C ALA G 75 -39.70 -13.19 26.45
N PHE G 76 -39.89 -11.98 25.95
CA PHE G 76 -38.92 -11.34 25.07
C PHE G 76 -38.56 -9.97 25.56
N THR G 77 -37.33 -9.56 25.31
CA THR G 77 -36.92 -8.21 25.66
C THR G 77 -36.13 -7.56 24.54
N LEU G 78 -36.34 -6.26 24.37
CA LEU G 78 -35.56 -5.43 23.48
C LEU G 78 -34.66 -4.56 24.34
N ARG G 79 -33.36 -4.59 24.06
CA ARG G 79 -32.41 -3.78 24.79
C ARG G 79 -31.85 -2.71 23.88
N ILE G 80 -31.97 -1.46 24.32
CA ILE G 80 -31.37 -0.33 23.62
C ILE G 80 -30.17 0.12 24.45
N SER G 81 -29.00 0.25 23.81
CA SER G 81 -27.73 0.43 24.52
C SER G 81 -27.44 1.85 25.02
N ARG G 82 -27.61 2.84 24.15
CA ARG G 82 -27.30 4.21 24.52
C ARG G 82 -28.40 5.12 24.01
N VAL G 83 -29.47 5.21 24.80
CA VAL G 83 -30.71 5.84 24.35
C VAL G 83 -30.51 7.31 23.98
N GLU G 84 -30.79 7.62 22.72
CA GLU G 84 -30.71 8.97 22.20
C GLU G 84 -32.09 9.58 22.11
N ALA G 85 -32.16 10.86 21.74
CA ALA G 85 -33.42 11.55 21.49
C ALA G 85 -34.20 10.91 20.33
N ALA G 86 -33.47 10.29 19.39
CA ALA G 86 -34.09 9.67 18.21
C ALA G 86 -34.76 8.33 18.51
N ASP G 87 -34.55 7.80 19.72
CA ASP G 87 -35.13 6.52 20.14
C ASP G 87 -36.41 6.71 20.94
N VAL G 88 -36.80 7.97 21.11
CA VAL G 88 -38.05 8.32 21.80
C VAL G 88 -39.24 7.93 20.94
N GLY G 89 -40.18 7.20 21.53
CA GLY G 89 -41.37 6.76 20.81
C GLY G 89 -42.10 5.60 21.48
N ILE G 90 -42.94 4.93 20.71
CA ILE G 90 -43.70 3.77 21.21
C ILE G 90 -43.15 2.48 20.61
N TYR G 91 -42.76 1.54 21.46
CA TYR G 91 -42.18 0.28 21.00
C TYR G 91 -43.21 -0.83 21.07
N PHE G 92 -43.55 -1.36 19.89
CA PHE G 92 -44.55 -2.41 19.80
C PHE G 92 -43.88 -3.73 19.52
N CYS G 93 -44.33 -4.76 20.21
CA CYS G 93 -44.01 -6.12 19.77
C CYS G 93 -45.13 -6.62 18.87
N LEU G 94 -44.88 -7.69 18.13
CA LEU G 94 -45.86 -8.26 17.21
C LEU G 94 -45.58 -9.72 17.04
N GLN G 95 -46.63 -10.53 17.06
CA GLN G 95 -46.45 -11.96 16.85
C GLN G 95 -46.84 -12.24 15.43
N HIS G 96 -46.08 -13.09 14.76
CA HIS G 96 -46.31 -13.35 13.35
C HIS G 96 -46.45 -14.81 13.09
N LEU G 97 -47.06 -15.51 14.04
CA LEU G 97 -47.19 -16.97 13.98
C LEU G 97 -48.60 -17.44 13.69
N GLU G 98 -49.59 -16.83 14.34
CA GLU G 98 -50.98 -17.26 14.28
C GLU G 98 -51.90 -16.13 13.81
N TYR G 99 -52.89 -16.47 12.99
CA TYR G 99 -53.94 -15.52 12.61
C TYR G 99 -54.93 -15.44 13.75
N PRO G 100 -55.29 -14.21 14.17
CA PRO G 100 -54.78 -12.95 13.64
C PRO G 100 -53.49 -12.51 14.32
N PHE G 101 -52.68 -11.73 13.62
CA PHE G 101 -51.44 -11.23 14.19
C PHE G 101 -51.76 -10.17 15.24
N THR G 102 -50.99 -10.17 16.32
CA THR G 102 -51.33 -9.33 17.44
C THR G 102 -50.14 -8.50 17.90
N PHE G 103 -50.39 -7.20 18.05
CA PHE G 103 -49.46 -6.30 18.71
C PHE G 103 -49.81 -6.23 20.19
N GLY G 104 -48.80 -6.08 21.04
CA GLY G 104 -49.07 -5.64 22.39
C GLY G 104 -49.37 -4.15 22.36
N ALA G 105 -50.17 -3.66 23.30
CA ALA G 105 -50.25 -2.22 23.49
C ALA G 105 -48.82 -1.83 23.77
N GLY G 106 -48.30 -0.86 23.02
CA GLY G 106 -46.86 -0.57 23.11
C GLY G 106 -46.41 0.00 24.44
N THR G 107 -45.10 0.13 24.61
CA THR G 107 -44.55 0.89 25.73
C THR G 107 -43.94 2.18 25.19
N LYS G 108 -44.25 3.29 25.85
CA LYS G 108 -43.71 4.57 25.46
C LYS G 108 -42.34 4.69 26.10
N LEU G 109 -41.46 5.46 25.48
CA LEU G 109 -40.13 5.67 26.01
C LEU G 109 -39.79 7.15 25.94
N GLU G 110 -39.47 7.71 27.09
CA GLU G 110 -39.23 9.14 27.21
C GLU G 110 -37.95 9.47 27.98
N LEU G 111 -37.47 10.68 27.81
CA LEU G 111 -36.22 11.09 28.46
C LEU G 111 -36.47 11.46 29.92
N LYS G 112 -35.55 11.06 30.80
CA LYS G 112 -35.50 11.59 32.15
C LYS G 112 -34.78 12.94 32.16
N ARG G 113 -35.10 13.74 33.17
CA ARG G 113 -34.69 15.14 33.24
C ARG G 113 -34.87 15.64 34.66
N ALA G 114 -34.25 16.78 34.96
CA ALA G 114 -34.45 17.48 36.23
C ALA G 114 -35.92 17.87 36.40
N ASP G 115 -36.51 17.46 37.53
CA ASP G 115 -37.90 17.79 37.87
C ASP G 115 -38.16 19.29 37.68
N ALA G 116 -39.31 19.65 37.12
CA ALA G 116 -39.66 21.04 36.87
C ALA G 116 -41.11 21.37 37.19
N ALA G 117 -41.30 22.46 37.93
CA ALA G 117 -42.61 22.96 38.31
C ALA G 117 -43.29 23.73 37.17
N PRO G 118 -44.59 23.50 36.95
CA PRO G 118 -45.27 24.17 35.86
C PRO G 118 -45.39 25.68 36.06
N THR G 119 -45.39 26.40 34.94
CA THR G 119 -45.72 27.82 34.91
C THR G 119 -47.21 27.95 34.58
N VAL G 120 -48.01 28.21 35.60
CA VAL G 120 -49.48 28.19 35.51
C VAL G 120 -50.09 29.56 35.23
N SER G 121 -50.93 29.64 34.20
CA SER G 121 -51.66 30.86 33.87
C SER G 121 -53.14 30.55 33.56
N ILE G 122 -54.01 31.51 33.89
CA ILE G 122 -55.46 31.36 33.74
C ILE G 122 -55.98 32.60 33.02
N PHE G 123 -56.88 32.41 32.08
CA PHE G 123 -57.37 33.53 31.29
C PHE G 123 -58.89 33.55 31.26
N PRO G 124 -59.48 34.76 31.35
CA PRO G 124 -60.94 34.94 31.31
C PRO G 124 -61.53 34.67 29.92
N PRO G 125 -62.85 34.40 29.85
CA PRO G 125 -63.53 34.50 28.57
C PRO G 125 -63.29 35.89 27.99
N SER G 126 -63.41 36.03 26.68
CA SER G 126 -63.18 37.33 26.08
C SER G 126 -64.50 37.98 25.65
N SER G 127 -64.41 39.27 25.33
CA SER G 127 -65.56 40.06 24.86
C SER G 127 -66.22 39.36 23.68
N GLU G 128 -65.38 38.92 22.74
CA GLU G 128 -65.79 38.18 21.56
C GLU G 128 -66.66 36.96 21.89
N GLN G 129 -66.17 36.11 22.80
CA GLN G 129 -66.86 34.87 23.15
C GLN G 129 -68.17 35.10 23.89
N LEU G 130 -68.18 36.06 24.81
CA LEU G 130 -69.37 36.36 25.60
C LEU G 130 -70.52 36.87 24.73
N THR G 131 -70.18 37.67 23.73
CA THR G 131 -71.10 38.15 22.70
C THR G 131 -71.89 37.02 22.06
N SER G 132 -71.25 35.88 21.83
CA SER G 132 -71.90 34.76 21.14
C SER G 132 -72.67 33.84 22.09
N GLY G 133 -72.54 34.09 23.39
CA GLY G 133 -73.30 33.33 24.38
C GLY G 133 -72.54 32.17 24.99
N GLY G 134 -71.22 32.16 24.80
CA GLY G 134 -70.36 31.15 25.42
C GLY G 134 -69.38 31.74 26.43
N ALA G 135 -68.81 30.89 27.28
CA ALA G 135 -67.80 31.33 28.24
C ALA G 135 -66.73 30.28 28.54
N SER G 136 -65.50 30.55 28.10
CA SER G 136 -64.38 29.65 28.37
C SER G 136 -63.30 30.28 29.24
N VAL G 137 -62.92 29.55 30.29
CA VAL G 137 -61.81 29.91 31.16
C VAL G 137 -60.67 28.93 30.86
N VAL G 138 -59.55 29.46 30.39
CA VAL G 138 -58.44 28.62 29.92
C VAL G 138 -57.30 28.64 30.92
N CYS G 139 -56.67 27.47 31.11
CA CYS G 139 -55.61 27.33 32.07
C CYS G 139 -54.41 26.63 31.44
N PHE G 140 -53.36 27.39 31.15
CA PHE G 140 -52.11 26.82 30.65
C PHE G 140 -51.17 26.43 31.78
N LEU G 141 -50.57 25.24 31.67
CA LEU G 141 -49.55 24.77 32.59
C LEU G 141 -48.36 24.30 31.76
N ASN G 142 -47.34 25.14 31.68
CA ASN G 142 -46.25 24.92 30.73
C ASN G 142 -44.96 24.38 31.33
N ASN G 143 -44.23 23.62 30.52
CA ASN G 143 -42.83 23.31 30.74
C ASN G 143 -42.57 22.63 32.06
N PHE G 144 -43.20 21.48 32.28
CA PHE G 144 -43.01 20.76 33.53
C PHE G 144 -42.54 19.31 33.32
N TYR G 145 -41.86 18.77 34.33
CA TYR G 145 -41.48 17.37 34.39
C TYR G 145 -41.59 16.95 35.86
N PRO G 146 -42.08 15.73 36.13
CA PRO G 146 -42.51 14.63 35.26
C PRO G 146 -43.79 14.90 34.49
N LYS G 147 -44.17 13.89 33.69
CA LYS G 147 -45.40 13.83 32.92
C LYS G 147 -46.62 14.03 33.83
N ASP G 148 -46.74 13.18 34.85
CA ASP G 148 -47.90 13.14 35.74
C ASP G 148 -48.23 14.45 36.46
N ILE G 149 -49.38 15.00 36.11
CA ILE G 149 -49.94 16.20 36.75
C ILE G 149 -51.46 16.02 36.88
N ASN G 150 -52.06 16.76 37.82
CA ASN G 150 -53.50 16.71 38.02
C ASN G 150 -54.12 18.10 38.23
N VAL G 151 -55.17 18.41 37.45
CA VAL G 151 -55.82 19.72 37.52
C VAL G 151 -57.25 19.59 38.07
N LYS G 152 -57.55 20.40 39.08
CA LYS G 152 -58.91 20.54 39.63
C LYS G 152 -59.40 21.92 39.29
N TRP G 153 -60.65 22.04 38.87
CA TRP G 153 -61.28 23.35 38.74
C TRP G 153 -62.14 23.64 39.93
N LYS G 154 -62.13 24.90 40.38
CA LYS G 154 -63.03 25.34 41.43
C LYS G 154 -63.78 26.57 40.99
N ILE G 155 -65.07 26.59 41.28
CA ILE G 155 -65.89 27.77 41.05
C ILE G 155 -66.44 28.22 42.39
N ASP G 156 -66.25 29.51 42.71
CA ASP G 156 -66.59 30.07 44.02
C ASP G 156 -66.28 29.11 45.18
N GLY G 157 -65.06 28.62 45.22
CA GLY G 157 -64.62 27.80 46.34
C GLY G 157 -64.68 26.30 46.16
N SER G 158 -65.69 25.80 45.46
CA SER G 158 -65.88 24.33 45.40
C SER G 158 -65.58 23.68 44.07
N GLU G 159 -65.00 22.48 44.15
CA GLU G 159 -64.62 21.68 43.00
C GLU G 159 -65.80 21.34 42.10
N ARG G 160 -65.58 21.50 40.80
CA ARG G 160 -66.54 21.14 39.77
C ARG G 160 -65.77 20.42 38.69
N GLN G 161 -66.38 19.43 38.05
CA GLN G 161 -65.67 18.67 37.02
C GLN G 161 -66.44 18.39 35.72
N ASN G 162 -67.43 19.22 35.42
CA ASN G 162 -68.31 18.92 34.28
C ASN G 162 -68.04 19.58 32.93
N GLY G 163 -67.51 20.80 32.91
CA GLY G 163 -67.30 21.49 31.63
C GLY G 163 -65.86 21.47 31.12
N VAL G 164 -65.05 20.60 31.72
CA VAL G 164 -63.59 20.61 31.57
C VAL G 164 -63.05 19.82 30.38
N LEU G 165 -62.18 20.47 29.60
CA LEU G 165 -61.53 19.80 28.50
C LEU G 165 -60.01 20.02 28.49
N ASN G 166 -59.30 18.89 28.55
CA ASN G 166 -57.84 18.83 28.73
C ASN G 166 -57.07 18.37 27.49
N SER G 167 -55.93 19.00 27.25
CA SER G 167 -55.05 18.61 26.14
C SER G 167 -53.58 18.68 26.53
N TRP G 168 -52.86 17.57 26.35
CA TRP G 168 -51.43 17.46 26.69
C TRP G 168 -50.59 17.39 25.44
N THR G 169 -49.46 18.08 25.43
CA THR G 169 -48.48 17.89 24.34
C THR G 169 -47.61 16.65 24.57
N ASP G 170 -46.95 16.19 23.51
CA ASP G 170 -45.89 15.19 23.60
C ASP G 170 -44.69 15.85 24.26
N GLN G 171 -43.78 15.04 24.82
CA GLN G 171 -42.55 15.57 25.40
C GLN G 171 -41.79 16.42 24.38
N ASP G 172 -41.33 17.59 24.81
CA ASP G 172 -40.62 18.54 23.95
C ASP G 172 -39.25 17.98 23.59
N SER G 173 -38.90 18.01 22.31
CA SER G 173 -37.60 17.49 21.85
C SER G 173 -36.44 18.39 22.30
N LYS G 174 -36.65 19.70 22.26
CA LYS G 174 -35.62 20.66 22.66
C LYS G 174 -35.27 20.64 24.16
N ASP G 175 -36.25 20.64 25.06
CA ASP G 175 -35.95 20.63 26.50
C ASP G 175 -36.59 19.49 27.33
N SER G 176 -37.23 18.55 26.66
CA SER G 176 -37.86 17.36 27.28
C SER G 176 -38.80 17.64 28.48
N THR G 177 -39.52 18.74 28.41
CA THR G 177 -40.58 19.07 29.36
C THR G 177 -41.92 18.77 28.72
N TYR G 178 -42.99 18.82 29.51
CA TYR G 178 -44.33 18.69 29.00
C TYR G 178 -45.12 19.96 29.26
N SER G 179 -46.18 20.14 28.50
CA SER G 179 -47.12 21.20 28.74
C SER G 179 -48.54 20.64 28.66
N MET G 180 -49.47 21.35 29.27
CA MET G 180 -50.85 20.92 29.34
C MET G 180 -51.78 22.11 29.36
N SER G 181 -52.93 21.92 28.76
CA SER G 181 -53.94 22.94 28.64
C SER G 181 -55.25 22.42 29.23
N SER G 182 -55.88 23.23 30.07
CA SER G 182 -57.14 22.86 30.72
C SER G 182 -58.18 23.92 30.48
N THR G 183 -59.28 23.56 29.84
CA THR G 183 -60.28 24.56 29.47
C THR G 183 -61.67 24.21 30.01
N LEU G 184 -62.18 25.10 30.88
CA LEU G 184 -63.55 24.99 31.42
C LEU G 184 -64.51 25.84 30.60
N THR G 185 -65.57 25.20 30.11
CA THR G 185 -66.47 25.85 29.17
C THR G 185 -67.91 25.76 29.65
N LEU G 186 -68.51 26.93 29.81
CA LEU G 186 -69.82 27.13 30.43
C LEU G 186 -70.67 28.01 29.53
N THR G 187 -71.98 28.07 29.79
CA THR G 187 -72.83 29.03 29.09
C THR G 187 -72.65 30.39 29.71
N LYS G 188 -72.59 31.43 28.88
CA LYS G 188 -72.51 32.82 29.32
C LYS G 188 -73.44 33.18 30.50
N ASP G 189 -74.60 32.53 30.58
CA ASP G 189 -75.54 32.72 31.69
C ASP G 189 -75.04 32.06 32.96
N GLU G 190 -74.60 30.81 32.83
CA GLU G 190 -74.03 30.05 33.94
C GLU G 190 -72.75 30.68 34.46
N TYR G 191 -72.00 31.28 33.53
CA TYR G 191 -70.76 31.96 33.85
C TYR G 191 -70.97 33.20 34.71
N GLU G 192 -72.00 33.99 34.39
CA GLU G 192 -72.24 35.26 35.09
C GLU G 192 -72.97 35.08 36.42
N ARG G 193 -73.08 33.81 36.82
CA ARG G 193 -73.84 33.39 37.99
C ARG G 193 -72.88 33.02 39.12
N HIS G 194 -71.57 33.21 38.87
CA HIS G 194 -70.51 32.92 39.82
C HIS G 194 -69.44 33.96 39.71
N ASN G 195 -68.67 34.14 40.77
CA ASN G 195 -67.61 35.16 40.74
C ASN G 195 -66.22 34.60 40.45
N SER G 196 -65.76 33.67 41.26
CA SER G 196 -64.36 33.26 41.17
C SER G 196 -64.18 31.90 40.47
N TYR G 197 -63.21 31.88 39.56
CA TYR G 197 -62.83 30.68 38.83
C TYR G 197 -61.36 30.39 39.08
N THR G 198 -61.05 29.17 39.49
CA THR G 198 -59.66 28.82 39.79
C THR G 198 -59.30 27.46 39.20
N CYS G 199 -58.07 27.31 38.71
CA CYS G 199 -57.50 25.99 38.42
C CYS G 199 -56.37 25.69 39.39
N GLU G 200 -56.48 24.56 40.08
CA GLU G 200 -55.44 24.09 40.99
C GLU G 200 -54.64 22.97 40.31
N ALA G 201 -53.33 23.12 40.31
CA ALA G 201 -52.43 22.11 39.75
C ALA G 201 -51.65 21.42 40.86
N THR G 202 -51.95 20.15 41.08
CA THR G 202 -51.21 19.35 42.05
C THR G 202 -50.18 18.50 41.32
N HIS G 203 -48.99 19.07 41.17
CA HIS G 203 -47.86 18.41 40.56
C HIS G 203 -46.97 17.89 41.64
N LYS G 204 -46.02 17.03 41.27
CA LYS G 204 -45.13 16.40 42.23
C LYS G 204 -44.06 17.37 42.75
N THR G 205 -43.81 18.47 42.04
CA THR G 205 -42.76 19.42 42.42
C THR G 205 -43.12 20.33 43.61
N SER G 206 -44.09 19.91 44.41
CA SER G 206 -44.54 20.67 45.58
C SER G 206 -45.56 19.86 46.38
N THR G 207 -45.72 20.19 47.65
CA THR G 207 -46.76 19.54 48.46
C THR G 207 -48.10 20.26 48.29
N SER G 208 -48.06 21.59 48.23
CA SER G 208 -49.24 22.42 48.08
C SER G 208 -49.59 22.67 46.60
N PRO G 209 -50.88 22.67 46.27
CA PRO G 209 -51.33 22.91 44.91
C PRO G 209 -50.84 24.25 44.38
N ILE G 210 -50.46 24.31 43.10
CA ILE G 210 -50.18 25.59 42.46
C ILE G 210 -51.52 26.19 42.02
N VAL G 211 -51.95 27.25 42.71
CA VAL G 211 -53.29 27.82 42.54
C VAL G 211 -53.28 29.14 41.78
N LYS G 212 -54.02 29.19 40.67
CA LYS G 212 -54.18 30.39 39.86
C LYS G 212 -55.66 30.69 39.61
N SER G 213 -56.02 31.97 39.67
CA SER G 213 -57.42 32.32 39.89
C SER G 213 -57.92 33.60 39.21
N PHE G 214 -59.21 33.59 38.85
CA PHE G 214 -59.86 34.73 38.22
C PHE G 214 -61.18 35.10 38.90
N ASN G 215 -61.36 36.39 39.12
CA ASN G 215 -62.51 36.89 39.83
C ASN G 215 -63.31 37.82 38.94
N ARG G 216 -64.51 37.38 38.61
CA ARG G 216 -65.30 38.04 37.58
C ARG G 216 -65.51 39.50 37.94
N ASN G 217 -65.70 39.78 39.23
CA ASN G 217 -66.04 41.12 39.74
C ASN G 217 -64.86 41.95 40.28
N GLU G 218 -63.64 41.53 39.96
CA GLU G 218 -62.45 42.23 40.43
C GLU G 218 -62.11 43.38 39.48
N CYS G 219 -61.78 44.55 40.02
CA CYS G 219 -61.39 45.70 39.20
C CYS G 219 -60.20 46.45 39.73
N GLN H 1 -35.30 1.58 -3.86
CA GLN H 1 -36.24 2.60 -3.33
C GLN H 1 -37.67 2.03 -3.28
N VAL H 2 -37.91 1.18 -2.28
CA VAL H 2 -39.21 0.52 -2.07
C VAL H 2 -40.16 1.48 -1.37
N HIS H 3 -41.34 1.71 -1.95
CA HIS H 3 -42.24 2.74 -1.43
C HIS H 3 -43.72 2.47 -1.51
N LEU H 4 -44.39 2.59 -0.37
CA LEU H 4 -45.85 2.54 -0.32
C LEU H 4 -46.49 3.93 -0.11
N GLN H 5 -47.11 4.47 -1.16
CA GLN H 5 -47.84 5.75 -1.07
C GLN H 5 -49.36 5.56 -0.91
N GLN H 6 -49.86 5.98 0.25
CA GLN H 6 -51.29 5.88 0.56
C GLN H 6 -52.06 7.17 0.20
N SER H 7 -53.36 7.01 -0.02
CA SER H 7 -54.25 8.12 -0.38
C SER H 7 -54.52 9.05 0.80
N GLY H 8 -54.79 10.33 0.49
CA GLY H 8 -54.99 11.40 1.49
C GLY H 8 -56.08 11.20 2.54
N ALA H 9 -56.18 12.17 3.46
CA ALA H 9 -57.12 12.10 4.60
C ALA H 9 -58.58 12.15 4.17
N GLU H 10 -59.44 11.40 4.85
CA GLU H 10 -60.86 11.35 4.45
C GLU H 10 -61.88 11.60 5.55
N LEU H 11 -62.85 12.46 5.23
CA LEU H 11 -63.92 12.86 6.14
C LEU H 11 -65.22 12.17 5.73
N MET H 12 -65.84 11.47 6.67
CA MET H 12 -67.00 10.63 6.38
C MET H 12 -68.17 10.86 7.34
N LYS H 13 -69.36 10.38 6.97
CA LYS H 13 -70.52 10.48 7.85
C LYS H 13 -70.94 9.08 8.30
N PRO H 14 -71.38 8.96 9.56
CA PRO H 14 -71.75 7.65 10.14
C PRO H 14 -72.69 6.87 9.24
N GLY H 15 -72.39 5.59 9.03
CA GLY H 15 -73.20 4.74 8.17
C GLY H 15 -72.66 4.60 6.76
N ALA H 16 -71.92 5.60 6.28
CA ALA H 16 -71.29 5.56 4.95
C ALA H 16 -70.22 4.46 4.79
N SER H 17 -69.52 4.49 3.66
CA SER H 17 -68.42 3.55 3.40
C SER H 17 -67.31 4.25 2.63
N VAL H 18 -66.07 3.79 2.83
CA VAL H 18 -64.88 4.43 2.26
C VAL H 18 -63.86 3.42 1.72
N LYS H 19 -63.17 3.82 0.65
CA LYS H 19 -62.15 3.00 0.00
C LYS H 19 -60.78 3.69 0.00
N ILE H 20 -59.84 3.11 0.76
CA ILE H 20 -58.45 3.61 0.85
C ILE H 20 -57.54 2.85 -0.11
N SER H 21 -56.59 3.56 -0.72
CA SER H 21 -55.65 2.94 -1.64
C SER H 21 -54.20 3.03 -1.15
N CYS H 22 -53.39 2.08 -1.61
CA CYS H 22 -51.98 1.95 -1.21
C CYS H 22 -51.21 1.61 -2.47
N LYS H 23 -50.46 2.56 -3.01
CA LYS H 23 -49.73 2.31 -4.27
C LYS H 23 -48.26 1.93 -4.04
N ALA H 24 -47.88 0.77 -4.56
CA ALA H 24 -46.56 0.20 -4.33
C ALA H 24 -45.64 0.37 -5.52
N THR H 25 -44.42 0.82 -5.26
CA THR H 25 -43.40 0.94 -6.30
C THR H 25 -42.06 0.42 -5.77
N GLY H 26 -41.11 0.20 -6.67
CA GLY H 26 -39.75 -0.17 -6.26
C GLY H 26 -39.56 -1.64 -5.98
N TYR H 27 -40.55 -2.45 -6.34
CA TYR H 27 -40.49 -3.88 -6.12
C TYR H 27 -41.63 -4.51 -6.86
N THR H 28 -41.55 -5.82 -7.13
CA THR H 28 -42.63 -6.47 -7.87
C THR H 28 -43.84 -6.75 -6.97
N PHE H 29 -44.94 -6.10 -7.33
CA PHE H 29 -46.14 -6.00 -6.52
C PHE H 29 -46.67 -7.36 -6.12
N THR H 30 -46.52 -8.35 -7.00
CA THR H 30 -47.16 -9.63 -6.81
C THR H 30 -46.26 -10.60 -6.02
N SER H 31 -45.14 -10.10 -5.51
CA SER H 31 -44.20 -10.90 -4.70
C SER H 31 -44.50 -10.87 -3.21
N TYR H 32 -45.30 -9.90 -2.78
CA TYR H 32 -45.49 -9.64 -1.36
C TYR H 32 -46.95 -9.53 -0.97
N TRP H 33 -47.26 -9.95 0.25
CA TRP H 33 -48.56 -9.64 0.83
C TRP H 33 -48.58 -8.20 1.22
N ILE H 34 -49.74 -7.57 1.02
CA ILE H 34 -49.98 -6.26 1.60
C ILE H 34 -50.75 -6.46 2.89
N GLU H 35 -50.23 -5.85 3.95
CA GLU H 35 -50.79 -6.00 5.29
C GLU H 35 -51.59 -4.75 5.61
N TRP H 36 -52.71 -4.93 6.28
CA TRP H 36 -53.52 -3.80 6.66
C TRP H 36 -53.62 -3.69 8.14
N VAL H 37 -53.25 -2.53 8.67
CA VAL H 37 -53.28 -2.28 10.12
C VAL H 37 -54.01 -0.98 10.50
N LYS H 38 -54.83 -1.09 11.55
CA LYS H 38 -55.62 0.02 12.10
C LYS H 38 -54.97 0.58 13.35
N GLN H 39 -54.93 1.91 13.46
CA GLN H 39 -54.48 2.58 14.68
C GLN H 39 -55.47 3.62 15.26
N ARG H 40 -56.12 3.27 16.37
CA ARG H 40 -56.92 4.24 17.14
C ARG H 40 -56.07 4.80 18.27
N PRO H 41 -56.15 6.12 18.51
CA PRO H 41 -55.46 6.72 19.66
C PRO H 41 -56.05 6.18 20.95
N GLY H 42 -55.40 5.16 21.53
CA GLY H 42 -55.85 4.56 22.78
C GLY H 42 -56.02 3.05 22.73
N HIS H 43 -55.81 2.48 21.56
CA HIS H 43 -55.89 1.02 21.36
C HIS H 43 -54.71 0.48 20.61
N GLY H 44 -53.71 1.35 20.40
CA GLY H 44 -52.48 0.98 19.70
C GLY H 44 -52.73 0.54 18.27
N LEU H 45 -52.09 -0.56 17.89
CA LEU H 45 -52.16 -1.06 16.53
C LEU H 45 -53.01 -2.33 16.45
N GLU H 46 -53.63 -2.56 15.31
CA GLU H 46 -54.52 -3.69 15.15
C GLU H 46 -54.48 -4.25 13.74
N TRP H 47 -54.10 -5.52 13.63
CA TRP H 47 -54.01 -6.17 12.34
C TRP H 47 -55.37 -6.53 11.78
N LEU H 48 -55.63 -6.04 10.57
CA LEU H 48 -56.91 -6.22 9.89
C LEU H 48 -56.93 -7.42 8.93
N GLY H 49 -55.92 -7.47 8.05
CA GLY H 49 -55.84 -8.53 7.06
C GLY H 49 -54.67 -8.42 6.12
N GLU H 50 -54.55 -9.42 5.24
CA GLU H 50 -53.51 -9.43 4.21
C GLU H 50 -54.01 -10.08 2.92
N ILE H 51 -53.46 -9.62 1.81
CA ILE H 51 -53.90 -10.07 0.48
C ILE H 51 -52.72 -10.20 -0.46
N LEU H 52 -52.75 -11.23 -1.30
CA LEU H 52 -51.69 -11.39 -2.29
C LEU H 52 -52.14 -10.92 -3.68
N PRO H 53 -51.60 -9.78 -4.13
CA PRO H 53 -51.94 -9.10 -5.38
C PRO H 53 -52.27 -9.99 -6.58
N GLY H 54 -51.36 -10.86 -6.99
CA GLY H 54 -51.62 -11.71 -8.17
C GLY H 54 -52.79 -12.69 -8.01
N SER H 55 -52.93 -13.23 -6.82
CA SER H 55 -53.84 -14.33 -6.54
C SER H 55 -55.25 -13.87 -6.32
N GLY H 56 -55.93 -14.59 -5.44
CA GLY H 56 -57.18 -14.15 -4.84
C GLY H 56 -57.16 -14.68 -3.41
N TYR H 57 -55.97 -14.64 -2.80
CA TYR H 57 -55.76 -15.14 -1.45
C TYR H 57 -55.83 -14.02 -0.44
N ILE H 58 -56.81 -14.12 0.47
CA ILE H 58 -56.98 -13.16 1.56
C ILE H 58 -57.02 -13.88 2.90
N HIS H 59 -56.48 -13.24 3.93
CA HIS H 59 -56.66 -13.70 5.29
C HIS H 59 -57.12 -12.55 6.13
N TYR H 60 -58.37 -12.66 6.55
CA TYR H 60 -59.05 -11.65 7.34
C TYR H 60 -58.83 -11.92 8.82
N ASN H 61 -58.78 -10.84 9.60
CA ASN H 61 -58.94 -10.91 11.05
C ASN H 61 -60.44 -10.89 11.31
N GLU H 62 -60.98 -12.00 11.80
CA GLU H 62 -62.45 -12.22 11.89
C GLU H 62 -63.27 -11.09 12.49
N LYS H 63 -62.71 -10.43 13.51
CA LYS H 63 -63.30 -9.24 14.10
C LYS H 63 -63.79 -8.26 13.03
N PHE H 64 -63.17 -8.27 11.87
CA PHE H 64 -63.45 -7.29 10.82
C PHE H 64 -64.17 -7.85 9.60
N LYS H 65 -64.56 -9.12 9.64
CA LYS H 65 -65.34 -9.72 8.55
C LYS H 65 -66.65 -8.99 8.34
N GLY H 66 -66.82 -8.44 7.14
CA GLY H 66 -67.99 -7.64 6.83
C GLY H 66 -67.83 -6.17 7.14
N LYS H 67 -66.61 -5.78 7.54
CA LYS H 67 -66.31 -4.38 7.82
C LYS H 67 -65.23 -3.89 6.86
N ALA H 68 -64.28 -4.77 6.58
CA ALA H 68 -63.15 -4.48 5.70
C ALA H 68 -63.10 -5.43 4.50
N THR H 69 -63.08 -4.90 3.28
CA THR H 69 -62.88 -5.75 2.10
C THR H 69 -61.63 -5.37 1.30
N PHE H 70 -60.91 -6.40 0.88
CA PHE H 70 -59.59 -6.27 0.31
C PHE H 70 -59.62 -6.59 -1.16
N THR H 71 -59.04 -5.69 -1.93
CA THR H 71 -58.90 -5.86 -3.37
C THR H 71 -57.59 -5.25 -3.81
N THR H 72 -57.09 -5.70 -4.96
CA THR H 72 -55.88 -5.16 -5.54
C THR H 72 -56.07 -4.97 -7.03
N ASP H 73 -55.31 -4.04 -7.58
CA ASP H 73 -55.26 -3.85 -9.01
C ASP H 73 -53.82 -4.02 -9.45
N THR H 74 -53.55 -5.16 -10.11
CA THR H 74 -52.19 -5.50 -10.51
C THR H 74 -51.65 -4.56 -11.57
N SER H 75 -52.52 -4.06 -12.45
CA SER H 75 -52.12 -3.18 -13.54
C SER H 75 -51.69 -1.77 -13.09
N SER H 76 -52.02 -1.41 -11.85
CA SER H 76 -51.61 -0.10 -11.32
C SER H 76 -50.94 -0.22 -9.96
N ASN H 77 -50.48 -1.44 -9.67
CA ASN H 77 -49.76 -1.76 -8.43
C ASN H 77 -50.35 -1.14 -7.16
N THR H 78 -51.67 -1.14 -7.07
CA THR H 78 -52.39 -0.53 -5.95
C THR H 78 -53.22 -1.56 -5.17
N ALA H 79 -53.08 -1.50 -3.85
CA ALA H 79 -53.95 -2.24 -2.96
C ALA H 79 -55.07 -1.33 -2.48
N TYR H 80 -56.26 -1.90 -2.34
CA TYR H 80 -57.39 -1.16 -1.81
C TYR H 80 -58.01 -1.84 -0.60
N MET H 81 -58.43 -1.03 0.36
CA MET H 81 -59.26 -1.52 1.46
C MET H 81 -60.55 -0.69 1.56
N GLN H 82 -61.67 -1.41 1.72
CA GLN H 82 -62.96 -0.76 1.88
C GLN H 82 -63.53 -0.96 3.27
N LEU H 83 -63.83 0.15 3.92
CA LEU H 83 -64.50 0.15 5.22
C LEU H 83 -65.94 0.59 5.02
N SER H 84 -66.86 -0.18 5.59
CA SER H 84 -68.28 0.03 5.38
C SER H 84 -69.01 0.02 6.71
N SER H 85 -70.17 0.69 6.75
CA SER H 85 -70.97 0.85 7.98
C SER H 85 -70.17 1.63 9.02
N LEU H 86 -69.59 2.74 8.57
CA LEU H 86 -68.72 3.54 9.41
C LEU H 86 -69.40 4.02 10.67
N THR H 87 -68.72 3.86 11.80
CA THR H 87 -69.17 4.30 13.11
C THR H 87 -68.02 5.10 13.75
N SER H 88 -68.14 5.44 15.03
CA SER H 88 -67.06 6.16 15.70
C SER H 88 -65.91 5.23 16.05
N GLU H 89 -66.16 3.92 15.95
CA GLU H 89 -65.14 2.90 16.16
C GLU H 89 -64.16 2.84 15.00
N ASP H 90 -64.63 3.24 13.82
CA ASP H 90 -63.85 3.13 12.60
C ASP H 90 -62.98 4.37 12.34
N SER H 91 -63.01 5.32 13.25
CA SER H 91 -62.23 6.54 13.08
C SER H 91 -60.81 6.35 13.60
N ALA H 92 -59.86 6.29 12.66
CA ALA H 92 -58.48 5.93 12.97
C ALA H 92 -57.54 6.31 11.85
N VAL H 93 -56.27 5.95 12.01
CA VAL H 93 -55.29 6.03 10.93
C VAL H 93 -55.02 4.59 10.47
N TYR H 94 -54.98 4.41 9.15
CA TYR H 94 -54.89 3.06 8.61
C TYR H 94 -53.62 2.89 7.78
N TYR H 95 -52.81 1.90 8.16
CA TYR H 95 -51.55 1.61 7.46
C TYR H 95 -51.58 0.33 6.61
N CYS H 96 -51.07 0.45 5.38
CA CYS H 96 -50.67 -0.72 4.62
C CYS H 96 -49.18 -0.91 4.82
N SER H 97 -48.77 -2.19 4.85
CA SER H 97 -47.37 -2.53 4.72
C SER H 97 -47.24 -3.82 3.91
N ARG H 98 -46.10 -4.48 4.10
CA ARG H 98 -45.58 -5.47 3.17
C ARG H 98 -45.11 -6.67 3.98
N ALA H 99 -45.29 -7.88 3.45
CA ALA H 99 -44.80 -9.06 4.19
C ALA H 99 -44.57 -10.29 3.34
N LEU H 100 -43.52 -11.03 3.71
CA LEU H 100 -43.36 -12.43 3.34
C LEU H 100 -43.44 -13.21 4.64
N ALA H 101 -43.67 -14.52 4.55
CA ALA H 101 -43.70 -15.39 5.72
C ALA H 101 -42.43 -15.30 6.58
N LEU H 102 -41.30 -15.02 5.94
CA LEU H 102 -40.02 -14.99 6.64
C LEU H 102 -39.63 -13.60 7.11
N TYR H 103 -40.27 -12.57 6.56
CA TYR H 103 -39.87 -11.18 6.80
C TYR H 103 -41.09 -10.26 6.69
N ALA H 104 -41.58 -9.81 7.84
CA ALA H 104 -42.84 -9.09 7.91
C ALA H 104 -42.66 -7.59 8.12
N MET H 105 -43.29 -6.81 7.25
CA MET H 105 -43.51 -5.38 7.46
C MET H 105 -42.24 -4.55 7.60
N ASP H 106 -41.42 -4.58 6.56
CA ASP H 106 -40.20 -3.81 6.55
C ASP H 106 -40.50 -2.38 6.15
N TYR H 107 -41.29 -2.23 5.09
CA TYR H 107 -41.71 -0.92 4.63
C TYR H 107 -43.17 -0.66 4.93
N TRP H 108 -43.50 0.59 5.24
CA TRP H 108 -44.87 0.99 5.58
C TRP H 108 -45.33 2.14 4.73
N GLY H 109 -46.65 2.30 4.61
CA GLY H 109 -47.23 3.51 4.03
C GLY H 109 -47.18 4.68 5.02
N GLN H 110 -47.58 5.86 4.56
CA GLN H 110 -47.56 7.06 5.42
C GLN H 110 -48.81 7.18 6.30
N GLY H 111 -49.81 6.33 6.02
CA GLY H 111 -51.02 6.29 6.82
C GLY H 111 -52.15 7.10 6.21
N THR H 112 -53.38 6.70 6.53
CA THR H 112 -54.60 7.40 6.09
C THR H 112 -55.60 7.48 7.24
N SER H 113 -55.92 8.71 7.66
CA SER H 113 -56.88 8.93 8.73
C SER H 113 -58.29 8.94 8.20
N VAL H 114 -59.12 8.13 8.82
CA VAL H 114 -60.54 8.06 8.51
C VAL H 114 -61.29 8.61 9.73
N THR H 115 -62.04 9.70 9.51
CA THR H 115 -62.83 10.34 10.55
C THR H 115 -64.32 10.14 10.29
N VAL H 116 -65.05 9.71 11.31
CA VAL H 116 -66.48 9.45 11.14
C VAL H 116 -67.31 10.41 12.01
N SER H 117 -67.78 11.50 11.40
CA SER H 117 -68.52 12.55 12.11
C SER H 117 -69.59 13.19 11.23
N SER H 118 -70.82 13.23 11.76
CA SER H 118 -71.96 13.79 11.05
C SER H 118 -71.91 15.31 10.99
N ALA H 119 -70.81 15.89 11.44
CA ALA H 119 -70.60 17.32 11.36
C ALA H 119 -70.21 17.76 9.95
N LYS H 120 -70.51 19.01 9.63
CA LYS H 120 -70.19 19.60 8.34
C LYS H 120 -69.00 20.54 8.52
N THR H 121 -68.42 21.01 7.41
CA THR H 121 -67.32 21.97 7.47
C THR H 121 -67.75 23.20 8.24
N THR H 122 -66.88 23.63 9.17
CA THR H 122 -67.12 24.84 9.95
C THR H 122 -65.81 25.60 10.22
N PRO H 123 -65.80 26.93 9.98
CA PRO H 123 -64.64 27.76 10.33
C PRO H 123 -64.40 27.81 11.85
N PRO H 124 -63.16 28.10 12.26
CA PRO H 124 -62.85 28.15 13.68
C PRO H 124 -63.07 29.54 14.28
N SER H 125 -63.77 29.61 15.41
CA SER H 125 -63.87 30.86 16.15
C SER H 125 -62.56 31.15 16.88
N VAL H 126 -62.00 32.33 16.61
CA VAL H 126 -60.73 32.70 17.23
C VAL H 126 -60.96 33.70 18.36
N TYR H 127 -60.74 33.25 19.59
CA TYR H 127 -60.90 34.09 20.76
C TYR H 127 -59.55 34.38 21.43
N PRO H 128 -59.26 35.68 21.70
CA PRO H 128 -58.04 36.10 22.39
C PRO H 128 -57.98 35.66 23.86
N LEU H 129 -56.79 35.39 24.36
CA LEU H 129 -56.62 35.06 25.77
C LEU H 129 -55.65 36.02 26.46
N ALA H 130 -56.14 37.24 26.73
CA ALA H 130 -55.38 38.25 27.45
C ALA H 130 -55.56 38.06 28.97
N PRO H 131 -54.51 38.35 29.76
CA PRO H 131 -54.54 37.98 31.19
C PRO H 131 -55.49 38.83 32.04
N GLY H 132 -56.07 38.22 33.07
CA GLY H 132 -56.94 38.93 34.03
C GLY H 132 -56.19 39.92 34.90
N SER H 133 -54.97 39.55 35.31
CA SER H 133 -54.08 40.39 36.10
C SER H 133 -52.65 40.35 35.51
N ALA H 134 -51.76 41.22 35.98
CA ALA H 134 -50.37 41.23 35.53
C ALA H 134 -49.50 40.28 36.36
N ALA H 135 -49.67 38.98 36.11
CA ALA H 135 -49.00 37.90 36.87
C ALA H 135 -48.01 37.07 36.03
N GLN H 136 -46.87 36.73 36.64
CA GLN H 136 -45.80 35.96 35.97
C GLN H 136 -44.88 35.21 36.93
N THR H 137 -44.38 34.05 36.49
CA THR H 137 -43.44 33.23 37.28
C THR H 137 -42.01 33.76 37.14
N ASN H 138 -41.69 34.29 35.96
CA ASN H 138 -40.47 35.06 35.76
C ASN H 138 -40.82 36.38 35.09
N SER H 139 -39.83 37.11 34.59
CA SER H 139 -40.11 38.37 33.89
C SER H 139 -40.68 38.14 32.47
N MET H 140 -41.42 37.03 32.33
CA MET H 140 -41.99 36.59 31.05
C MET H 140 -43.52 36.51 31.17
N VAL H 141 -44.24 37.14 30.25
CA VAL H 141 -45.71 37.10 30.25
C VAL H 141 -46.28 36.05 29.25
N THR H 142 -47.34 35.37 29.64
CA THR H 142 -47.99 34.41 28.77
C THR H 142 -49.30 34.94 28.18
N LEU H 143 -49.43 34.82 26.85
CA LEU H 143 -50.66 35.17 26.14
C LEU H 143 -51.13 33.96 25.34
N GLY H 144 -52.33 34.05 24.77
CA GLY H 144 -52.90 32.90 24.10
C GLY H 144 -54.04 33.13 23.12
N CYS H 145 -54.41 32.06 22.43
CA CYS H 145 -55.53 32.06 21.50
C CYS H 145 -56.35 30.81 21.67
N LEU H 146 -57.66 30.98 21.65
CA LEU H 146 -58.58 29.87 21.74
C LEU H 146 -59.27 29.72 20.40
N VAL H 147 -59.08 28.57 19.78
CA VAL H 147 -59.62 28.30 18.46
C VAL H 147 -60.66 27.19 18.63
N LYS H 148 -61.93 27.51 18.44
CA LYS H 148 -62.97 26.52 18.71
C LYS H 148 -64.20 26.51 17.81
N GLY H 149 -64.86 25.35 17.82
CA GLY H 149 -66.07 25.11 17.03
C GLY H 149 -65.80 24.89 15.55
N TYR H 150 -64.66 24.29 15.21
CA TYR H 150 -64.29 24.04 13.82
C TYR H 150 -64.25 22.57 13.41
N PHE H 151 -64.30 22.33 12.11
CA PHE H 151 -64.24 20.99 11.52
C PHE H 151 -63.90 21.10 10.03
N PRO H 152 -62.99 20.24 9.54
CA PRO H 152 -62.25 19.26 10.29
C PRO H 152 -60.87 19.82 10.68
N GLU H 153 -59.99 18.95 11.15
CA GLU H 153 -58.59 19.31 11.32
C GLU H 153 -57.93 19.16 9.94
N PRO H 154 -56.85 19.92 9.68
CA PRO H 154 -56.05 20.72 10.59
C PRO H 154 -56.41 22.19 10.68
N VAL H 155 -55.82 22.84 11.68
CA VAL H 155 -55.73 24.28 11.77
C VAL H 155 -54.27 24.58 12.10
N THR H 156 -53.72 25.65 11.57
CA THR H 156 -52.36 26.06 11.91
C THR H 156 -52.34 27.40 12.63
N VAL H 157 -51.53 27.49 13.68
CA VAL H 157 -51.42 28.71 14.47
C VAL H 157 -49.96 29.17 14.56
N THR H 158 -49.73 30.42 14.15
CA THR H 158 -48.40 31.05 14.27
C THR H 158 -48.56 32.39 14.97
N TRP H 159 -47.44 32.97 15.38
CA TRP H 159 -47.48 34.23 16.11
C TRP H 159 -46.67 35.32 15.46
N ASN H 160 -47.37 36.40 15.08
CA ASN H 160 -46.82 37.54 14.34
C ASN H 160 -46.27 37.12 12.97
N SER H 161 -47.13 36.48 12.17
CA SER H 161 -46.77 35.88 10.87
C SER H 161 -45.82 34.68 10.98
N GLY H 162 -44.98 34.68 12.01
CA GLY H 162 -43.99 33.64 12.23
C GLY H 162 -42.71 34.20 12.82
N SER H 163 -42.67 35.52 13.01
CA SER H 163 -41.51 36.24 13.54
C SER H 163 -41.09 35.73 14.91
N LEU H 164 -42.05 35.13 15.61
CA LEU H 164 -41.90 34.71 17.00
C LEU H 164 -42.51 33.32 17.15
N SER H 165 -41.66 32.34 17.40
CA SER H 165 -42.08 30.93 17.50
C SER H 165 -41.34 30.19 18.61
N SER H 166 -40.39 30.89 19.23
CA SER H 166 -39.73 30.41 20.43
C SER H 166 -40.69 30.57 21.62
N GLY H 167 -40.86 29.49 22.38
CA GLY H 167 -41.75 29.48 23.55
C GLY H 167 -43.22 29.52 23.20
N VAL H 168 -43.59 28.82 22.14
CA VAL H 168 -44.99 28.65 21.77
C VAL H 168 -45.45 27.26 22.15
N HIS H 169 -46.67 27.16 22.63
CA HIS H 169 -47.31 25.87 22.81
C HIS H 169 -48.65 25.88 22.14
N THR H 170 -48.86 24.91 21.26
CA THR H 170 -50.13 24.73 20.60
C THR H 170 -50.50 23.27 20.82
N PHE H 171 -51.60 23.05 21.51
CA PHE H 171 -51.89 21.75 22.07
C PHE H 171 -52.68 20.93 21.07
N PRO H 172 -52.67 19.59 21.21
CA PRO H 172 -53.59 18.78 20.39
C PRO H 172 -55.02 19.33 20.44
N ALA H 173 -55.68 19.42 19.28
CA ALA H 173 -57.10 19.73 19.24
C ALA H 173 -57.90 18.59 19.87
N VAL H 174 -59.10 18.91 20.35
CA VAL H 174 -59.98 17.95 21.03
C VAL H 174 -61.40 18.16 20.55
N LEU H 175 -62.23 17.13 20.67
CA LEU H 175 -63.58 17.12 20.14
C LEU H 175 -64.61 17.80 21.06
N GLN H 176 -65.04 19.02 20.69
CA GLN H 176 -65.97 19.83 21.52
C GLN H 176 -67.29 19.14 21.78
N SER H 177 -68.07 18.88 20.73
CA SER H 177 -69.24 18.01 20.81
C SER H 177 -69.39 17.21 19.53
N ASP H 178 -69.32 17.91 18.39
CA ASP H 178 -68.97 17.29 17.10
C ASP H 178 -68.05 18.24 16.32
N LEU H 179 -67.47 19.22 17.02
CA LEU H 179 -66.52 20.16 16.44
C LEU H 179 -65.19 20.14 17.20
N TYR H 180 -64.14 20.69 16.60
CA TYR H 180 -62.82 20.69 17.24
C TYR H 180 -62.56 21.98 17.99
N THR H 181 -61.75 21.85 19.04
CA THR H 181 -61.31 22.98 19.87
C THR H 181 -59.83 22.81 20.19
N LEU H 182 -59.12 23.92 20.18
CA LEU H 182 -57.68 23.91 20.34
C LEU H 182 -57.24 25.27 20.89
N SER H 183 -56.17 25.28 21.67
CA SER H 183 -55.63 26.54 22.18
C SER H 183 -54.13 26.63 22.00
N SER H 184 -53.62 27.85 22.05
CA SER H 184 -52.21 28.12 21.85
C SER H 184 -51.75 29.20 22.79
N SER H 185 -50.60 28.96 23.43
CA SER H 185 -50.01 29.91 24.35
C SER H 185 -48.66 30.34 23.84
N VAL H 186 -48.31 31.60 24.11
CA VAL H 186 -47.02 32.15 23.75
C VAL H 186 -46.43 32.94 24.92
N THR H 187 -45.26 32.49 25.39
CA THR H 187 -44.54 33.21 26.43
C THR H 187 -43.61 34.25 25.79
N VAL H 188 -43.73 35.50 26.24
CA VAL H 188 -42.98 36.61 25.69
C VAL H 188 -42.53 37.56 26.80
N PRO H 189 -41.22 37.88 26.87
CA PRO H 189 -40.65 38.85 27.80
C PRO H 189 -41.53 40.08 28.06
N SER H 190 -41.60 40.50 29.31
CA SER H 190 -42.53 41.52 29.83
C SER H 190 -42.50 42.88 29.11
N SER H 191 -41.33 43.27 28.62
CA SER H 191 -41.13 44.58 27.99
C SER H 191 -41.80 44.70 26.63
N THR H 192 -41.91 43.56 25.95
CA THR H 192 -42.36 43.51 24.56
C THR H 192 -43.88 43.44 24.37
N TRP H 193 -44.62 43.61 25.47
CA TRP H 193 -46.09 43.63 25.46
C TRP H 193 -46.59 44.30 26.70
N PRO H 194 -47.57 45.22 26.57
CA PRO H 194 -48.32 45.64 25.37
C PRO H 194 -47.52 46.46 24.33
N SER H 195 -46.32 46.92 24.72
CA SER H 195 -45.47 47.74 23.85
C SER H 195 -45.46 47.25 22.40
N GLU H 196 -45.06 46.00 22.20
CA GLU H 196 -44.99 45.40 20.86
C GLU H 196 -46.22 44.54 20.58
N THR H 197 -46.72 44.61 19.35
CA THR H 197 -47.93 43.92 18.93
C THR H 197 -47.74 42.41 18.88
N VAL H 198 -48.59 41.69 19.64
CA VAL H 198 -48.63 40.23 19.56
C VAL H 198 -49.97 39.76 18.97
N THR H 199 -49.88 39.04 17.87
CA THR H 199 -51.05 38.63 17.11
C THR H 199 -50.95 37.14 16.78
N CYS H 200 -52.04 36.38 16.95
CA CYS H 200 -52.03 34.98 16.53
C CYS H 200 -52.68 34.78 15.17
N ASN H 201 -51.99 34.03 14.32
CA ASN H 201 -52.41 33.80 12.94
C ASN H 201 -53.02 32.41 12.79
N VAL H 202 -54.32 32.38 12.55
CA VAL H 202 -55.07 31.13 12.54
C VAL H 202 -55.60 30.89 11.13
N ALA H 203 -55.23 29.75 10.56
CA ALA H 203 -55.70 29.37 9.22
C ALA H 203 -56.44 28.04 9.24
N HIS H 204 -57.60 28.02 8.58
CA HIS H 204 -58.37 26.80 8.36
C HIS H 204 -58.58 26.63 6.88
N PRO H 205 -57.62 25.96 6.21
CA PRO H 205 -57.64 25.79 4.76
C PRO H 205 -58.89 25.06 4.26
N ALA H 206 -59.34 24.04 4.99
CA ALA H 206 -60.53 23.27 4.61
C ALA H 206 -61.81 24.13 4.57
N SER H 207 -61.64 25.43 4.64
CA SER H 207 -62.73 26.39 4.46
C SER H 207 -62.18 27.72 3.98
N SER H 208 -60.87 27.74 3.67
CA SER H 208 -60.18 28.96 3.27
C SER H 208 -60.48 30.10 4.25
N THR H 209 -59.99 29.92 5.47
CA THR H 209 -60.18 30.89 6.54
C THR H 209 -58.83 31.45 6.95
N LYS H 210 -58.77 32.76 7.10
CA LYS H 210 -57.59 33.44 7.62
C LYS H 210 -58.06 34.54 8.56
N VAL H 211 -58.06 34.24 9.85
CA VAL H 211 -58.44 35.20 10.88
C VAL H 211 -57.21 35.59 11.68
N ASP H 212 -57.03 36.89 11.88
CA ASP H 212 -56.02 37.41 12.78
C ASP H 212 -56.66 37.98 14.04
N LYS H 213 -56.05 37.67 15.18
CA LYS H 213 -56.50 38.24 16.44
C LYS H 213 -55.35 38.90 17.16
N LYS H 214 -55.39 40.23 17.22
CA LYS H 214 -54.50 40.99 18.08
C LYS H 214 -55.04 40.93 19.50
N ILE H 215 -54.16 40.59 20.44
CA ILE H 215 -54.55 40.46 21.84
C ILE H 215 -54.22 41.71 22.64
N VAL H 216 -55.27 42.47 22.94
CA VAL H 216 -55.19 43.75 23.65
C VAL H 216 -55.31 43.49 25.16
N PRO H 217 -54.64 44.32 26.00
CA PRO H 217 -54.80 44.25 27.46
C PRO H 217 -56.26 44.26 27.96
N ARG H 218 -56.45 43.85 29.22
CA ARG H 218 -57.78 43.58 29.82
C ARG H 218 -58.43 42.30 29.29
#